data_8I49
#
_entry.id   8I49
#
_cell.length_a   1.00
_cell.length_b   1.00
_cell.length_c   1.00
_cell.angle_alpha   90.00
_cell.angle_beta   90.00
_cell.angle_gamma   90.00
#
_symmetry.space_group_name_H-M   'P 1'
#
loop_
_entity.id
_entity.type
_entity.pdbx_description
1 polymer 'Acyl-acyl carrier protein synthetase'
2 non-polymer "ADENOSINE-5'-TRIPHOSPHATE"
#
_entity_poly.entity_id   1
_entity_poly.type   'polypeptide(L)'
_entity_poly.pdbx_seq_one_letter_code
;MNQYVNDPSNYQLLIKNLLFSPVAFNPEQEIVYANHRRHSYKTFHDRVRQFANALTKMGVKKGDTVAVMDYDSHRYLECY
FAIPMIGAKLHMINVRLSPEQILYTIDHAEDDIILIHEEFLPILDQIKGRIDTVTRYVVLRDDEECEYERLLEQESTEYN
FPDFDENTVATTFYTTGTTGFPKGVFFTHRQLVLHTMGILSTIGTNASQGRLHQGDIYMPITPMFHVHAWGLPYMATMLG
VKQVYPGKYVPDVLLNLIEQEKVTFSHCVPTILHLLLSSPKSKAMDFSGWKVVIGGAALPKALCKSALERDIDVFAGYGM
SETGPILSIVQLTPEQLELDVDQQAEYRSKTGKKVALVEAYIVDEDMNKLPHDGETAGEIVVRAPWLTPNYYKDNKNSKA
LWRGGYLHTGDVAHIDDEGFIKITDRVKDMIKISGEWVSSLELEDILHQHQSVSEVAVIGMPHNKWGEVPLALVTLKEDA
QVTEKELLGFAKDFINKGILAREALLLKVKIVDEIAKTSVGKVDKKELRKLHL
;
_entity_poly.pdbx_strand_id   A,D,E,F,C,B
#
# COMPACT_ATOMS: atom_id res chain seq x y z
N TYR A 4 20.42 2.98 3.69
CA TYR A 4 20.26 1.59 3.25
C TYR A 4 20.46 0.74 4.45
N VAL A 5 19.45 -0.02 4.84
CA VAL A 5 19.60 -0.96 5.95
C VAL A 5 19.66 -2.36 5.37
N ASN A 6 20.78 -3.03 5.64
CA ASN A 6 20.90 -4.39 5.26
C ASN A 6 21.10 -5.33 6.36
N ASP A 7 20.42 -6.47 6.35
CA ASP A 7 20.78 -7.55 7.24
C ASP A 7 22.03 -8.25 6.70
N PRO A 8 22.98 -8.56 7.60
CA PRO A 8 24.18 -9.25 7.15
C PRO A 8 24.01 -10.56 6.46
N SER A 9 22.90 -11.23 6.65
CA SER A 9 22.60 -12.47 5.95
C SER A 9 22.45 -12.25 4.46
N ASN A 10 21.78 -11.17 4.07
CA ASN A 10 21.48 -10.91 2.67
C ASN A 10 22.71 -10.34 1.97
N TYR A 11 23.48 -11.19 1.34
CA TYR A 11 24.76 -10.82 0.73
C TYR A 11 24.50 -10.04 -0.55
N GLN A 12 25.13 -8.88 -0.67
CA GLN A 12 25.07 -8.06 -1.87
C GLN A 12 26.39 -8.18 -2.62
N LEU A 13 26.31 -8.31 -3.95
CA LEU A 13 27.49 -8.43 -4.79
C LEU A 13 28.01 -7.06 -5.18
N LEU A 14 29.03 -6.58 -4.47
CA LEU A 14 29.54 -5.24 -4.67
C LEU A 14 31.00 -5.31 -5.12
N ILE A 15 31.49 -4.23 -5.71
CA ILE A 15 32.86 -4.19 -6.24
C ILE A 15 33.89 -4.15 -5.13
N LYS A 16 33.51 -3.66 -3.96
CA LYS A 16 34.43 -3.66 -2.83
C LYS A 16 34.76 -5.08 -2.38
N ASN A 17 33.81 -6.00 -2.50
CA ASN A 17 34.11 -7.41 -2.23
C ASN A 17 35.13 -7.94 -3.22
N LEU A 18 35.10 -7.43 -4.43
CA LEU A 18 36.10 -7.79 -5.42
C LEU A 18 37.47 -7.32 -5.00
N LEU A 19 37.55 -6.12 -4.42
CA LEU A 19 38.85 -5.61 -3.99
C LEU A 19 39.35 -6.24 -2.69
N PHE A 20 38.48 -6.45 -1.70
CA PHE A 20 38.87 -6.86 -0.36
C PHE A 20 38.57 -8.31 -0.04
N SER A 21 37.93 -9.05 -0.95
CA SER A 21 37.71 -10.49 -0.80
C SER A 21 38.19 -11.18 -2.06
N PRO A 22 39.46 -11.07 -2.38
CA PRO A 22 39.96 -11.54 -3.66
C PRO A 22 40.14 -13.06 -3.69
N VAL A 23 40.58 -13.54 -4.85
CA VAL A 23 41.06 -14.91 -4.93
C VAL A 23 42.44 -15.02 -4.28
N ALA A 24 43.29 -14.02 -4.48
CA ALA A 24 44.60 -14.01 -3.87
C ALA A 24 45.02 -12.57 -3.61
N PHE A 25 45.64 -12.33 -2.46
CA PHE A 25 46.19 -11.02 -2.12
C PHE A 25 47.61 -11.18 -1.62
N ASN A 26 48.56 -10.59 -2.34
CA ASN A 26 49.96 -10.50 -1.90
C ASN A 26 50.30 -9.03 -1.73
N PRO A 27 50.48 -8.53 -0.48
CA PRO A 27 50.73 -7.08 -0.38
C PRO A 27 52.04 -6.57 -0.96
N GLU A 28 52.97 -7.42 -1.36
CA GLU A 28 54.22 -7.05 -1.98
C GLU A 28 54.22 -7.24 -3.49
N GLN A 29 53.10 -7.63 -4.08
CA GLN A 29 52.99 -7.70 -5.52
C GLN A 29 52.93 -6.24 -5.94
N GLU A 30 53.24 -5.86 -7.17
CA GLU A 30 53.39 -4.48 -7.59
C GLU A 30 52.52 -4.10 -8.78
N ILE A 31 52.08 -2.85 -8.78
CA ILE A 31 51.48 -2.15 -9.89
C ILE A 31 52.55 -1.23 -10.48
N VAL A 32 52.80 -1.36 -11.77
CA VAL A 32 53.86 -0.65 -12.47
C VAL A 32 53.24 0.27 -13.51
N TYR A 33 53.46 1.59 -13.44
CA TYR A 33 53.11 2.54 -14.51
C TYR A 33 54.31 2.92 -15.30
N ALA A 34 54.60 2.13 -16.32
CA ALA A 34 55.46 2.44 -17.44
C ALA A 34 56.90 2.59 -16.98
N ASN A 35 57.53 3.76 -17.10
CA ASN A 35 58.78 4.03 -16.40
C ASN A 35 58.60 5.13 -15.41
N HIS A 36 57.39 5.29 -14.93
CA HIS A 36 56.97 6.48 -14.20
C HIS A 36 56.87 6.21 -12.72
N ARG A 37 56.15 5.16 -12.34
CA ARG A 37 55.85 4.90 -10.95
C ARG A 37 55.75 3.40 -10.76
N ARG A 38 55.86 2.96 -9.52
CA ARG A 38 55.84 1.56 -9.19
C ARG A 38 55.55 1.44 -7.70
N HIS A 39 54.50 0.71 -7.33
CA HIS A 39 54.20 0.54 -5.92
C HIS A 39 53.47 -0.77 -5.69
N SER A 40 53.42 -1.21 -4.44
CA SER A 40 52.85 -2.52 -4.14
C SER A 40 51.33 -2.45 -3.95
N TYR A 41 50.71 -3.62 -3.78
CA TYR A 41 49.27 -3.71 -3.58
C TYR A 41 48.81 -3.09 -2.27
N LYS A 42 49.63 -3.06 -1.25
CA LYS A 42 49.32 -2.39 -0.02
C LYS A 42 49.24 -0.90 -0.23
N THR A 43 50.12 -0.28 -1.00
CA THR A 43 49.99 1.11 -1.36
C THR A 43 48.77 1.37 -2.23
N PHE A 44 48.44 0.44 -3.12
CA PHE A 44 47.26 0.58 -3.96
C PHE A 44 45.97 0.61 -3.14
N HIS A 45 45.84 -0.29 -2.16
CA HIS A 45 44.67 -0.22 -1.27
C HIS A 45 44.64 1.09 -0.49
N ASP A 46 45.79 1.53 0.04
CA ASP A 46 45.85 2.80 0.76
C ASP A 46 45.42 3.97 -0.11
N ARG A 47 45.90 3.98 -1.36
CA ARG A 47 45.56 5.06 -2.29
C ARG A 47 44.09 5.04 -2.64
N VAL A 48 43.48 3.87 -2.74
CA VAL A 48 42.05 3.80 -3.02
C VAL A 48 41.26 4.42 -1.87
N ARG A 49 41.64 4.12 -0.63
CA ARG A 49 40.98 4.76 0.51
C ARG A 49 41.21 6.28 0.54
N GLN A 50 42.43 6.72 0.24
CA GLN A 50 42.70 8.15 0.15
C GLN A 50 41.84 8.82 -0.92
N PHE A 51 41.70 8.18 -2.07
CA PHE A 51 40.88 8.72 -3.14
C PHE A 51 39.42 8.81 -2.74
N ALA A 52 38.93 7.84 -1.97
CA ALA A 52 37.58 7.95 -1.44
C ALA A 52 37.45 9.12 -0.49
N ASN A 53 38.44 9.34 0.36
CA ASN A 53 38.43 10.51 1.22
C ASN A 53 38.39 11.80 0.42
N ALA A 54 39.23 11.89 -0.62
CA ALA A 54 39.31 13.11 -1.41
C ALA A 54 38.00 13.38 -2.15
N LEU A 55 37.38 12.33 -2.71
CA LEU A 55 36.12 12.51 -3.40
C LEU A 55 35.02 12.94 -2.44
N THR A 56 34.99 12.37 -1.25
CA THR A 56 34.00 12.79 -0.27
C THR A 56 34.18 14.24 0.11
N LYS A 57 35.44 14.68 0.28
CA LYS A 57 35.71 16.07 0.61
C LYS A 57 35.22 17.03 -0.46
N MET A 58 35.22 16.61 -1.73
CA MET A 58 34.76 17.47 -2.82
C MET A 58 33.25 17.53 -2.94
N GLY A 59 32.50 16.84 -2.11
CA GLY A 59 31.06 16.84 -2.22
C GLY A 59 30.48 15.80 -3.15
N VAL A 60 31.23 14.77 -3.50
CA VAL A 60 30.71 13.70 -4.32
C VAL A 60 29.89 12.75 -3.45
N LYS A 61 28.68 12.45 -3.89
CA LYS A 61 27.70 11.69 -3.12
C LYS A 61 27.36 10.39 -3.85
N LYS A 62 26.46 9.61 -3.29
CA LYS A 62 26.08 8.39 -3.84
C LYS A 62 25.56 8.54 -5.22
N GLY A 63 24.70 9.44 -5.60
CA GLY A 63 24.22 9.37 -6.97
C GLY A 63 25.05 10.09 -8.01
N ASP A 64 26.21 10.64 -7.66
CA ASP A 64 26.89 11.58 -8.52
C ASP A 64 27.66 10.87 -9.64
N THR A 65 28.16 11.67 -10.58
CA THR A 65 28.90 11.17 -11.72
C THR A 65 30.27 11.84 -11.79
N VAL A 66 31.31 11.04 -11.84
CA VAL A 66 32.67 11.52 -12.03
C VAL A 66 33.15 11.00 -13.37
N ALA A 67 33.65 11.89 -14.21
CA ALA A 67 34.08 11.54 -15.55
C ALA A 67 35.60 11.53 -15.61
N VAL A 68 36.16 10.59 -16.35
CA VAL A 68 37.60 10.40 -16.44
C VAL A 68 38.01 10.49 -17.89
N MET A 69 39.07 11.22 -18.26
CA MET A 69 39.65 11.34 -19.58
C MET A 69 41.18 11.22 -19.50
N ASP A 70 41.74 10.00 -19.50
CA ASP A 70 43.16 9.74 -19.45
C ASP A 70 43.59 8.53 -20.21
N TYR A 71 44.89 8.26 -20.37
CA TYR A 71 45.39 7.01 -20.91
C TYR A 71 45.37 5.90 -19.85
N ASP A 72 45.88 4.74 -20.21
CA ASP A 72 45.95 3.61 -19.28
C ASP A 72 47.06 3.82 -18.27
N SER A 73 46.69 3.90 -17.00
CA SER A 73 47.65 4.18 -15.94
C SER A 73 47.08 3.63 -14.64
N HIS A 74 47.87 3.77 -13.58
CA HIS A 74 47.45 3.37 -12.24
C HIS A 74 46.28 4.23 -11.75
N ARG A 75 46.23 5.49 -12.18
CA ARG A 75 45.14 6.36 -11.78
C ARG A 75 43.82 5.86 -12.32
N TYR A 76 43.82 5.40 -13.56
CA TYR A 76 42.61 4.84 -14.13
C TYR A 76 42.18 3.60 -13.38
N LEU A 77 43.14 2.78 -12.94
CA LEU A 77 42.80 1.60 -12.15
C LEU A 77 42.20 1.99 -10.80
N GLU A 78 42.72 3.06 -10.19
CA GLU A 78 42.13 3.52 -8.94
C GLU A 78 40.73 4.08 -9.13
N CYS A 79 40.47 4.70 -10.27
CA CYS A 79 39.12 5.20 -10.54
C CYS A 79 38.13 4.05 -10.74
N TYR A 80 38.60 2.91 -11.25
CA TYR A 80 37.75 1.74 -11.46
C TYR A 80 37.19 1.20 -10.16
N PHE A 81 37.83 1.49 -9.04
CA PHE A 81 37.40 0.99 -7.74
C PHE A 81 36.82 2.10 -6.87
N ALA A 82 37.56 3.19 -6.68
CA ALA A 82 37.16 4.18 -5.69
C ALA A 82 35.80 4.80 -6.03
N ILE A 83 35.54 5.23 -7.27
CA ILE A 83 34.32 5.94 -7.68
C ILE A 83 33.09 5.06 -7.44
N PRO A 84 33.11 3.78 -7.89
CA PRO A 84 31.96 2.93 -7.60
C PRO A 84 31.80 2.55 -6.14
N MET A 85 32.88 2.33 -5.42
CA MET A 85 32.79 1.93 -4.04
C MET A 85 32.22 2.99 -3.13
N ILE A 86 32.31 4.26 -3.44
CA ILE A 86 31.65 5.32 -2.72
C ILE A 86 30.21 5.41 -3.15
N GLY A 87 29.75 4.65 -4.15
CA GLY A 87 28.40 4.75 -4.62
C GLY A 87 28.20 5.66 -5.80
N ALA A 88 29.23 6.36 -6.26
CA ALA A 88 29.12 7.20 -7.43
C ALA A 88 29.22 6.39 -8.71
N LYS A 89 29.11 7.08 -9.84
CA LYS A 89 29.00 6.44 -11.14
C LYS A 89 30.16 6.92 -12.00
N LEU A 90 30.94 5.98 -12.52
CA LEU A 90 32.13 6.29 -13.31
C LEU A 90 31.73 6.41 -14.77
N HIS A 91 31.83 7.61 -15.32
CA HIS A 91 31.57 7.84 -16.72
C HIS A 91 32.89 7.85 -17.47
N MET A 92 33.10 6.85 -18.31
CA MET A 92 34.36 6.70 -19.02
C MET A 92 34.24 7.43 -20.36
N ILE A 93 35.02 8.47 -20.54
CA ILE A 93 34.94 9.32 -21.72
C ILE A 93 35.82 8.75 -22.82
N ASN A 94 35.24 8.63 -24.00
CA ASN A 94 35.91 8.15 -25.20
C ASN A 94 36.63 9.31 -25.85
N VAL A 95 37.95 9.39 -25.67
CA VAL A 95 38.69 10.55 -26.13
C VAL A 95 38.96 10.53 -27.63
N ARG A 96 38.63 9.45 -28.32
CA ARG A 96 38.81 9.41 -29.77
C ARG A 96 37.60 9.92 -30.53
N LEU A 97 36.50 10.24 -29.83
CA LEU A 97 35.39 10.92 -30.46
C LEU A 97 35.77 12.36 -30.77
N SER A 98 34.98 12.99 -31.63
CA SER A 98 35.21 14.40 -31.93
C SER A 98 34.77 15.27 -30.76
N PRO A 99 35.30 16.49 -30.66
CA PRO A 99 34.93 17.36 -29.53
C PRO A 99 33.44 17.59 -29.36
N GLU A 100 32.68 17.69 -30.46
CA GLU A 100 31.24 17.90 -30.36
C GLU A 100 30.53 16.69 -29.75
N GLN A 101 30.94 15.48 -30.13
CA GLN A 101 30.37 14.27 -29.54
C GLN A 101 30.73 14.16 -28.06
N ILE A 102 31.96 14.52 -27.72
CA ILE A 102 32.41 14.48 -26.33
C ILE A 102 31.57 15.44 -25.51
N LEU A 103 31.37 16.64 -26.04
CA LEU A 103 30.53 17.61 -25.35
C LEU A 103 29.12 17.10 -25.19
N TYR A 104 28.58 16.45 -26.22
CA TYR A 104 27.25 15.90 -26.09
C TYR A 104 27.17 14.89 -24.96
N THR A 105 28.15 13.97 -24.86
CA THR A 105 28.06 12.92 -23.85
C THR A 105 28.26 13.48 -22.45
N ILE A 106 29.09 14.51 -22.30
CA ILE A 106 29.23 15.14 -20.99
C ILE A 106 27.92 15.82 -20.59
N ASP A 107 27.27 16.50 -21.52
CA ASP A 107 25.98 17.11 -21.23
C ASP A 107 24.93 16.07 -20.89
N HIS A 108 24.91 14.96 -21.63
CA HIS A 108 23.90 13.93 -21.44
C HIS A 108 24.07 13.22 -20.11
N ALA A 109 25.30 12.89 -19.73
CA ALA A 109 25.54 12.18 -18.48
C ALA A 109 25.43 13.09 -17.26
N GLU A 110 25.63 14.39 -17.41
CA GLU A 110 25.58 15.35 -16.30
C GLU A 110 26.64 15.03 -15.25
N ASP A 111 27.89 15.14 -15.67
CA ASP A 111 29.02 14.89 -14.78
C ASP A 111 29.23 16.02 -13.80
N ASP A 112 29.58 15.71 -12.55
CA ASP A 112 29.87 16.70 -11.55
C ASP A 112 31.35 17.07 -11.56
N ILE A 113 32.27 16.13 -11.67
CA ILE A 113 33.71 16.39 -11.65
C ILE A 113 34.33 15.71 -12.85
N ILE A 114 35.38 16.33 -13.40
CA ILE A 114 36.10 15.77 -14.53
C ILE A 114 37.57 15.67 -14.19
N LEU A 115 38.10 14.45 -14.26
CA LEU A 115 39.53 14.18 -14.16
C LEU A 115 40.08 14.07 -15.58
N ILE A 116 41.01 14.93 -15.93
CA ILE A 116 41.45 15.00 -17.32
C ILE A 116 42.96 15.12 -17.37
N HIS A 117 43.56 14.39 -18.31
CA HIS A 117 44.98 14.45 -18.52
C HIS A 117 45.37 15.75 -19.21
N GLU A 118 46.58 16.22 -18.92
CA GLU A 118 47.02 17.52 -19.41
C GLU A 118 47.02 17.57 -20.94
N GLU A 119 47.44 16.49 -21.59
CA GLU A 119 47.51 16.53 -23.05
C GLU A 119 46.17 16.29 -23.73
N PHE A 120 45.04 16.27 -23.05
CA PHE A 120 43.73 16.30 -23.66
C PHE A 120 43.17 17.65 -23.30
N LEU A 121 43.88 18.56 -22.68
CA LEU A 121 43.35 19.89 -22.43
C LEU A 121 43.02 20.72 -23.65
N PRO A 122 43.67 20.46 -24.81
CA PRO A 122 43.22 21.17 -26.01
C PRO A 122 41.84 20.79 -26.55
N ILE A 123 41.36 19.56 -26.37
CA ILE A 123 40.00 19.19 -26.76
C ILE A 123 39.13 19.94 -25.80
N LEU A 124 39.46 19.98 -24.53
CA LEU A 124 38.57 20.67 -23.61
C LEU A 124 38.45 22.14 -23.91
N ASP A 125 39.53 22.78 -24.37
CA ASP A 125 39.53 24.23 -24.50
C ASP A 125 38.41 24.69 -25.42
N GLN A 126 38.02 23.84 -26.37
CA GLN A 126 37.05 24.25 -27.37
C GLN A 126 35.63 23.80 -27.05
N ILE A 127 35.40 23.13 -25.92
CA ILE A 127 34.04 22.78 -25.55
C ILE A 127 33.79 23.23 -24.12
N LYS A 128 34.72 23.90 -23.46
CA LYS A 128 34.53 24.25 -22.06
C LYS A 128 33.53 25.35 -21.90
N GLY A 129 33.37 26.22 -22.91
CA GLY A 129 32.36 27.24 -22.77
C GLY A 129 30.93 26.73 -22.74
N ARG A 130 30.73 25.49 -23.17
CA ARG A 130 29.37 24.97 -23.24
C ARG A 130 29.06 23.92 -22.20
N ILE A 131 29.94 23.70 -21.22
CA ILE A 131 29.69 22.73 -20.17
C ILE A 131 29.06 23.44 -18.97
N ASP A 132 28.01 22.83 -18.42
CA ASP A 132 27.22 23.53 -17.42
C ASP A 132 27.26 22.83 -16.05
N THR A 133 27.34 21.50 -16.06
CA THR A 133 27.12 20.73 -14.84
C THR A 133 28.39 20.49 -14.04
N VAL A 134 29.56 20.83 -14.56
CA VAL A 134 30.82 20.41 -13.97
C VAL A 134 31.32 21.49 -13.03
N THR A 135 31.58 21.12 -11.79
CA THR A 135 32.05 22.07 -10.78
C THR A 135 33.56 22.05 -10.59
N ARG A 136 34.22 20.93 -10.89
CA ARG A 136 35.65 20.82 -10.74
C ARG A 136 36.37 20.08 -11.81
N TYR A 137 37.52 20.58 -12.23
CA TYR A 137 38.41 19.93 -13.18
C TYR A 137 39.73 19.63 -12.51
N VAL A 138 40.12 18.36 -12.50
CA VAL A 138 41.37 17.91 -11.91
C VAL A 138 42.31 17.52 -13.03
N VAL A 139 43.43 18.23 -13.15
CA VAL A 139 44.39 18.00 -14.22
C VAL A 139 45.41 16.97 -13.77
N LEU A 140 45.57 15.93 -14.57
CA LEU A 140 46.47 14.83 -14.30
C LEU A 140 47.74 14.98 -15.11
N ARG A 141 48.88 14.76 -14.46
CA ARG A 141 50.17 14.87 -15.11
C ARG A 141 50.99 13.63 -14.77
N ASP A 142 52.04 13.41 -15.54
CA ASP A 142 52.90 12.25 -15.34
C ASP A 142 54.10 12.53 -14.45
N ASP A 143 54.13 13.68 -13.76
CA ASP A 143 55.17 14.03 -12.81
C ASP A 143 54.52 14.45 -11.48
N GLU A 144 55.30 15.09 -10.61
CA GLU A 144 54.78 15.51 -9.32
C GLU A 144 53.71 16.59 -9.40
N GLU A 145 53.59 17.27 -10.53
CA GLU A 145 52.65 18.37 -10.59
C GLU A 145 51.22 17.93 -10.82
N CYS A 146 50.93 16.64 -10.83
CA CYS A 146 49.59 16.14 -10.94
C CYS A 146 48.72 16.68 -9.85
N GLU A 147 47.51 17.14 -10.20
CA GLU A 147 46.58 17.58 -9.18
C GLU A 147 45.95 16.41 -8.44
N TYR A 148 45.82 15.24 -9.05
CA TYR A 148 45.33 14.08 -8.39
C TYR A 148 46.26 13.62 -7.32
N GLU A 149 47.56 13.64 -7.58
CA GLU A 149 48.49 13.24 -6.53
C GLU A 149 48.45 14.22 -5.36
N ARG A 150 48.35 15.50 -5.62
CA ARG A 150 48.25 16.47 -4.55
C ARG A 150 46.97 16.27 -3.75
N LEU A 151 45.84 16.01 -4.41
CA LEU A 151 44.61 15.75 -3.69
C LEU A 151 44.73 14.51 -2.82
N LEU A 152 45.38 13.46 -3.32
CA LEU A 152 45.50 12.23 -2.56
C LEU A 152 46.44 12.37 -1.37
N GLU A 153 47.51 13.16 -1.51
CA GLU A 153 48.49 13.27 -0.44
C GLU A 153 47.91 13.81 0.86
N GLN A 154 46.92 14.69 0.81
CA GLN A 154 46.40 15.33 2.01
C GLN A 154 45.22 14.59 2.61
N GLU A 155 45.05 13.31 2.31
CA GLU A 155 43.97 12.53 2.85
C GLU A 155 44.53 11.40 3.71
N SER A 156 43.69 10.84 4.55
CA SER A 156 44.07 9.71 5.37
C SER A 156 43.83 8.41 4.61
N THR A 157 44.58 7.39 5.01
CA THR A 157 44.53 6.07 4.44
C THR A 157 43.40 5.23 5.04
N GLU A 158 42.46 5.85 5.74
CA GLU A 158 41.36 5.15 6.38
C GLU A 158 40.03 5.55 5.76
N TYR A 159 39.15 4.57 5.57
CA TYR A 159 37.83 4.84 5.01
C TYR A 159 36.98 3.60 5.16
N ASN A 160 35.74 3.78 5.64
CA ASN A 160 34.78 2.70 5.79
C ASN A 160 33.80 2.75 4.62
N PHE A 161 33.88 1.78 3.74
CA PHE A 161 33.08 1.81 2.51
C PHE A 161 31.66 1.34 2.78
N PRO A 162 30.66 2.04 2.27
CA PRO A 162 29.27 1.71 2.59
C PRO A 162 28.79 0.40 1.98
N ASP A 163 27.65 -0.06 2.49
CA ASP A 163 26.90 -1.15 1.89
C ASP A 163 25.65 -0.58 1.29
N PHE A 164 25.41 -0.86 0.02
CA PHE A 164 24.18 -0.46 -0.63
C PHE A 164 23.67 -1.64 -1.44
N ASP A 165 22.55 -1.44 -2.11
CA ASP A 165 21.98 -2.47 -2.96
C ASP A 165 22.91 -2.83 -4.12
N GLU A 166 22.92 -4.10 -4.49
CA GLU A 166 23.81 -4.57 -5.55
C GLU A 166 23.37 -4.08 -6.92
N ASN A 167 22.19 -3.49 -7.04
CA ASN A 167 21.67 -3.01 -8.30
C ASN A 167 21.91 -1.53 -8.52
N THR A 168 22.76 -0.91 -7.75
CA THR A 168 23.18 0.44 -7.95
C THR A 168 24.10 0.57 -9.12
N VAL A 169 23.90 1.59 -9.99
CA VAL A 169 24.72 1.71 -11.20
C VAL A 169 26.15 2.07 -10.83
N ALA A 170 27.10 1.40 -11.49
CA ALA A 170 28.52 1.56 -11.23
C ALA A 170 29.26 2.32 -12.32
N THR A 171 29.01 1.99 -13.59
CA THR A 171 29.76 2.60 -14.68
C THR A 171 28.83 2.95 -15.82
N THR A 172 29.27 3.87 -16.67
CA THR A 172 28.58 4.20 -17.90
C THR A 172 29.60 4.65 -18.95
N PHE A 173 29.27 4.38 -20.19
CA PHE A 173 30.04 4.91 -21.31
C PHE A 173 29.14 4.91 -22.54
N TYR A 174 29.57 5.62 -23.57
CA TYR A 174 28.75 5.92 -24.73
C TYR A 174 29.33 5.29 -25.99
N THR A 175 28.44 4.75 -26.82
CA THR A 175 28.84 4.05 -28.03
C THR A 175 28.17 4.72 -29.21
N THR A 176 28.94 4.98 -30.27
CA THR A 176 28.41 5.71 -31.41
C THR A 176 27.48 4.84 -32.25
N GLY A 177 27.95 3.69 -32.70
CA GLY A 177 27.04 2.77 -33.37
C GLY A 177 26.41 3.35 -34.62
N THR A 178 25.13 3.04 -34.81
CA THR A 178 24.41 3.36 -36.04
C THR A 178 23.32 4.40 -35.85
N THR A 179 23.20 5.00 -34.69
CA THR A 179 22.21 6.04 -34.47
C THR A 179 22.79 7.41 -34.79
N GLY A 180 21.98 8.45 -34.60
CA GLY A 180 22.41 9.80 -34.92
C GLY A 180 23.19 10.49 -33.83
N PHE A 181 23.12 9.99 -32.60
CA PHE A 181 23.89 10.47 -31.48
C PHE A 181 24.45 9.29 -30.72
N PRO A 182 25.50 9.47 -29.93
CA PRO A 182 26.00 8.36 -29.12
C PRO A 182 24.97 7.88 -28.11
N LYS A 183 24.98 6.59 -27.84
CA LYS A 183 24.06 5.98 -26.89
C LYS A 183 24.83 5.61 -25.62
N GLY A 184 24.17 5.74 -24.48
CA GLY A 184 24.80 5.46 -23.21
C GLY A 184 24.37 4.13 -22.63
N VAL A 185 25.35 3.31 -22.31
CA VAL A 185 25.13 2.01 -21.66
C VAL A 185 25.58 2.13 -20.23
N PHE A 186 25.04 1.29 -19.36
CA PHE A 186 25.40 1.33 -17.96
C PHE A 186 25.31 -0.08 -17.37
N PHE A 187 26.07 -0.30 -16.31
CA PHE A 187 26.15 -1.59 -15.66
C PHE A 187 26.10 -1.38 -14.16
N THR A 188 25.63 -2.39 -13.44
CA THR A 188 25.55 -2.32 -11.99
C THR A 188 26.74 -3.04 -11.35
N HIS A 189 26.82 -2.94 -10.03
CA HIS A 189 27.84 -3.66 -9.27
C HIS A 189 27.69 -5.16 -9.46
N ARG A 190 26.46 -5.66 -9.36
CA ARG A 190 26.21 -7.08 -9.52
C ARG A 190 26.67 -7.59 -10.87
N GLN A 191 26.39 -6.83 -11.93
CA GLN A 191 26.77 -7.24 -13.28
C GLN A 191 28.27 -7.32 -13.46
N LEU A 192 29.02 -6.36 -12.93
CA LEU A 192 30.47 -6.38 -13.07
C LEU A 192 31.09 -7.50 -12.27
N VAL A 193 30.61 -7.71 -11.04
CA VAL A 193 31.09 -8.82 -10.23
C VAL A 193 30.84 -10.15 -10.92
N LEU A 194 29.65 -10.31 -11.51
CA LEU A 194 29.32 -11.58 -12.15
C LEU A 194 30.09 -11.76 -13.45
N HIS A 195 30.37 -10.67 -14.16
CA HIS A 195 31.21 -10.78 -15.35
C HIS A 195 32.60 -11.27 -14.97
N THR A 196 33.15 -10.75 -13.87
CA THR A 196 34.45 -11.20 -13.40
C THR A 196 34.43 -12.69 -13.06
N MET A 197 33.61 -13.16 -12.22
CA MET A 197 33.55 -14.56 -11.98
C MET A 197 33.16 -15.43 -13.09
N GLY A 198 32.30 -15.02 -14.01
CA GLY A 198 32.00 -15.86 -15.15
C GLY A 198 33.19 -16.05 -16.07
N ILE A 199 33.90 -14.96 -16.38
CA ILE A 199 35.04 -15.12 -17.27
C ILE A 199 36.17 -15.87 -16.58
N LEU A 200 36.37 -15.64 -15.28
CA LEU A 200 37.40 -16.42 -14.59
C LEU A 200 37.08 -17.90 -14.60
N SER A 201 35.80 -18.26 -14.42
CA SER A 201 35.39 -19.65 -14.57
C SER A 201 35.62 -20.20 -15.97
N THR A 202 35.39 -19.39 -17.01
CA THR A 202 35.59 -19.90 -18.36
C THR A 202 37.06 -20.04 -18.73
N ILE A 203 37.82 -18.95 -18.72
CA ILE A 203 39.18 -19.05 -19.22
C ILE A 203 40.17 -19.50 -18.13
N GLY A 204 39.75 -19.54 -16.88
CA GLY A 204 40.63 -20.05 -15.85
C GLY A 204 40.75 -21.56 -15.85
N THR A 205 39.73 -22.26 -16.32
CA THR A 205 39.67 -23.70 -16.23
C THR A 205 40.12 -24.41 -17.50
N ASN A 206 40.59 -23.74 -18.50
CA ASN A 206 41.08 -24.38 -19.67
C ASN A 206 42.20 -25.28 -19.36
N ALA A 207 42.34 -26.40 -20.04
CA ALA A 207 43.34 -27.39 -19.67
C ALA A 207 44.75 -26.83 -19.81
N SER A 208 45.16 -26.43 -21.02
CA SER A 208 46.51 -25.97 -21.21
C SER A 208 46.71 -24.86 -22.25
N GLN A 209 45.72 -24.23 -22.85
CA GLN A 209 45.90 -23.18 -23.82
C GLN A 209 45.08 -22.01 -23.43
N GLY A 210 45.58 -20.84 -23.53
CA GLY A 210 44.83 -19.61 -23.42
C GLY A 210 44.15 -19.41 -22.09
N ARG A 211 44.85 -19.62 -21.00
CA ARG A 211 44.27 -19.50 -19.68
C ARG A 211 44.92 -18.36 -18.93
N LEU A 212 44.12 -17.66 -18.14
CA LEU A 212 44.57 -16.63 -17.23
C LEU A 212 44.59 -17.23 -15.83
N HIS A 213 45.74 -17.14 -15.16
CA HIS A 213 45.87 -17.69 -13.82
C HIS A 213 46.67 -16.76 -12.93
N GLN A 214 46.91 -17.22 -11.70
CA GLN A 214 47.50 -16.39 -10.66
C GLN A 214 48.99 -16.16 -10.83
N GLY A 215 49.65 -16.87 -11.72
CA GLY A 215 51.05 -16.62 -11.97
C GLY A 215 51.36 -15.72 -13.14
N ASP A 216 50.35 -15.11 -13.75
CA ASP A 216 50.52 -14.28 -14.94
C ASP A 216 50.91 -12.85 -14.59
N ILE A 217 51.39 -12.13 -15.60
CA ILE A 217 51.66 -10.71 -15.52
C ILE A 217 50.86 -10.01 -16.61
N TYR A 218 50.01 -9.05 -16.21
CA TYR A 218 48.99 -8.50 -17.09
C TYR A 218 49.37 -7.12 -17.59
N MET A 219 49.26 -6.89 -18.91
CA MET A 219 49.40 -5.53 -19.40
C MET A 219 48.37 -5.24 -20.48
N PRO A 220 47.49 -4.26 -20.26
CA PRO A 220 46.49 -3.95 -21.28
C PRO A 220 47.08 -3.26 -22.51
N ILE A 221 46.53 -3.49 -23.69
CA ILE A 221 46.90 -2.73 -24.90
C ILE A 221 45.59 -2.41 -25.65
N THR A 222 44.46 -2.26 -24.96
CA THR A 222 43.16 -1.87 -25.56
C THR A 222 42.68 -0.85 -24.58
N PRO A 223 42.14 0.31 -25.04
CA PRO A 223 41.82 1.38 -24.07
C PRO A 223 40.97 1.07 -22.88
N MET A 224 41.28 1.70 -21.76
CA MET A 224 40.51 1.48 -20.56
C MET A 224 39.23 2.22 -20.56
N PHE A 225 38.97 3.01 -21.58
CA PHE A 225 37.67 3.65 -21.68
C PHE A 225 36.72 2.94 -22.65
N HIS A 226 37.14 1.86 -23.28
CA HIS A 226 36.28 1.29 -24.31
C HIS A 226 35.20 0.36 -23.77
N VAL A 227 35.56 -0.77 -23.19
CA VAL A 227 34.53 -1.72 -22.75
C VAL A 227 34.84 -2.23 -21.34
N HIS A 228 35.34 -1.37 -20.47
CA HIS A 228 35.93 -1.76 -19.19
C HIS A 228 37.29 -2.41 -19.38
N ALA A 229 37.95 -2.12 -20.50
CA ALA A 229 39.11 -2.88 -20.95
C ALA A 229 38.85 -4.38 -20.91
N TRP A 230 37.73 -4.79 -21.52
CA TRP A 230 37.26 -6.18 -21.55
C TRP A 230 37.10 -6.77 -20.17
N GLY A 231 37.00 -5.94 -19.15
CA GLY A 231 36.88 -6.40 -17.78
C GLY A 231 38.14 -6.95 -17.19
N LEU A 232 39.27 -6.81 -17.87
CA LEU A 232 40.48 -7.51 -17.45
C LEU A 232 41.14 -6.85 -16.26
N PRO A 233 41.11 -5.49 -16.16
CA PRO A 233 41.60 -4.88 -14.97
C PRO A 233 40.91 -5.38 -13.69
N TYR A 234 39.65 -5.73 -13.68
CA TYR A 234 38.97 -6.31 -12.53
C TYR A 234 39.43 -7.73 -12.27
N MET A 235 39.54 -8.59 -13.27
CA MET A 235 40.00 -9.93 -13.10
C MET A 235 41.42 -10.01 -12.67
N ALA A 236 42.30 -9.14 -13.14
CA ALA A 236 43.68 -9.14 -12.69
C ALA A 236 43.77 -8.79 -11.21
N THR A 237 43.09 -7.73 -10.81
CA THR A 237 43.07 -7.36 -9.40
C THR A 237 42.55 -8.50 -8.56
N MET A 238 41.41 -9.10 -8.91
CA MET A 238 40.89 -10.25 -8.21
C MET A 238 41.94 -11.37 -8.10
N LEU A 239 42.77 -11.61 -9.12
CA LEU A 239 43.77 -12.67 -9.01
C LEU A 239 45.02 -12.23 -8.26
N GLY A 240 45.19 -10.94 -8.00
CA GLY A 240 46.35 -10.44 -7.30
C GLY A 240 47.66 -10.58 -8.06
N VAL A 241 47.63 -10.47 -9.37
CA VAL A 241 48.81 -10.64 -10.18
C VAL A 241 49.44 -9.27 -10.44
N LYS A 242 50.67 -9.29 -10.91
CA LYS A 242 51.36 -8.05 -11.26
C LYS A 242 50.69 -7.41 -12.46
N GLN A 243 50.52 -6.08 -12.46
CA GLN A 243 49.83 -5.34 -13.49
C GLN A 243 50.72 -4.25 -13.98
N VAL A 244 51.05 -4.19 -15.26
CA VAL A 244 51.90 -3.19 -15.88
C VAL A 244 51.02 -2.29 -16.78
N TYR A 245 51.03 -0.96 -16.61
CA TYR A 245 50.24 -0.02 -17.40
C TYR A 245 51.17 0.80 -18.28
N PRO A 246 51.00 0.73 -19.60
CA PRO A 246 51.99 1.33 -20.49
C PRO A 246 51.79 2.83 -20.72
N GLY A 247 50.64 3.37 -20.40
CA GLY A 247 50.35 4.77 -20.70
C GLY A 247 49.83 4.93 -22.12
N LYS A 248 50.49 5.77 -22.89
CA LYS A 248 50.16 5.97 -24.30
C LYS A 248 50.86 4.89 -25.14
N TYR A 249 50.11 4.29 -26.06
CA TYR A 249 50.62 3.14 -26.80
C TYR A 249 51.63 3.60 -27.83
N VAL A 250 52.89 3.28 -27.60
CA VAL A 250 53.95 3.43 -28.61
C VAL A 250 54.62 2.07 -28.75
N PRO A 251 54.73 1.53 -29.96
CA PRO A 251 55.22 0.15 -30.10
C PRO A 251 56.57 -0.12 -29.48
N ASP A 252 57.54 0.80 -29.60
CA ASP A 252 58.84 0.56 -28.99
C ASP A 252 58.72 0.46 -27.47
N VAL A 253 57.98 1.39 -26.87
CA VAL A 253 57.78 1.35 -25.43
C VAL A 253 57.06 0.08 -25.02
N LEU A 254 56.06 -0.33 -25.79
CA LEU A 254 55.32 -1.56 -25.47
C LEU A 254 56.22 -2.79 -25.54
N LEU A 255 57.05 -2.89 -26.56
CA LEU A 255 57.95 -4.03 -26.68
C LEU A 255 58.95 -4.06 -25.55
N ASN A 256 59.47 -2.90 -25.17
CA ASN A 256 60.36 -2.85 -24.03
C ASN A 256 59.66 -3.29 -22.75
N LEU A 257 58.41 -2.88 -22.56
CA LEU A 257 57.71 -3.27 -21.34
C LEU A 257 57.48 -4.76 -21.30
N ILE A 258 57.13 -5.36 -22.45
CA ILE A 258 56.97 -6.80 -22.50
C ILE A 258 58.28 -7.50 -22.16
N GLU A 259 59.39 -7.04 -22.73
CA GLU A 259 60.67 -7.69 -22.46
C GLU A 259 61.11 -7.51 -21.01
N GLN A 260 60.97 -6.31 -20.47
CA GLN A 260 61.57 -5.98 -19.19
C GLN A 260 60.71 -6.43 -18.01
N GLU A 261 59.40 -6.25 -18.09
CA GLU A 261 58.53 -6.65 -17.00
C GLU A 261 58.03 -8.07 -17.16
N LYS A 262 58.37 -8.76 -18.25
CA LYS A 262 58.01 -10.15 -18.48
C LYS A 262 56.51 -10.37 -18.50
N VAL A 263 55.83 -9.66 -19.40
CA VAL A 263 54.39 -9.72 -19.52
C VAL A 263 53.98 -11.05 -20.13
N THR A 264 52.89 -11.64 -19.65
CA THR A 264 52.42 -12.92 -20.15
C THR A 264 50.96 -12.94 -20.59
N PHE A 265 50.22 -11.87 -20.40
CA PHE A 265 48.82 -11.83 -20.80
C PHE A 265 48.43 -10.41 -21.20
N SER A 266 47.83 -10.27 -22.37
CA SER A 266 47.43 -8.97 -22.89
C SER A 266 46.17 -9.11 -23.73
N HIS A 267 45.58 -7.98 -24.05
CA HIS A 267 44.54 -7.88 -25.06
C HIS A 267 44.88 -6.71 -25.97
N CYS A 268 44.53 -6.82 -27.24
CA CYS A 268 44.73 -5.73 -28.18
C CYS A 268 43.80 -5.92 -29.36
N VAL A 269 44.03 -5.13 -30.41
CA VAL A 269 43.24 -5.19 -31.64
C VAL A 269 44.20 -5.45 -32.78
N PRO A 270 43.70 -5.93 -33.92
CA PRO A 270 44.62 -6.41 -34.98
C PRO A 270 45.62 -5.38 -35.44
N THR A 271 45.26 -4.10 -35.47
CA THR A 271 46.18 -3.09 -36.00
C THR A 271 47.41 -2.94 -35.12
N ILE A 272 47.22 -2.86 -33.81
CA ILE A 272 48.36 -2.71 -32.91
C ILE A 272 49.21 -3.96 -32.90
N LEU A 273 48.60 -5.13 -32.98
CA LEU A 273 49.37 -6.37 -33.04
C LEU A 273 50.21 -6.41 -34.31
N HIS A 274 49.64 -6.00 -35.44
CA HIS A 274 50.42 -5.94 -36.67
C HIS A 274 51.58 -4.97 -36.53
N LEU A 275 51.35 -3.83 -35.87
CA LEU A 275 52.45 -2.90 -35.63
C LEU A 275 53.55 -3.51 -34.77
N LEU A 276 53.17 -4.22 -33.71
CA LEU A 276 54.18 -4.81 -32.83
C LEU A 276 54.99 -5.88 -33.55
N LEU A 277 54.32 -6.75 -34.31
CA LEU A 277 55.02 -7.83 -34.96
C LEU A 277 55.89 -7.33 -36.09
N SER A 278 55.45 -6.28 -36.80
CA SER A 278 56.20 -5.77 -37.93
C SER A 278 57.27 -4.76 -37.53
N SER A 279 57.41 -4.45 -36.25
CA SER A 279 58.48 -3.57 -35.80
C SER A 279 59.85 -4.25 -35.96
N PRO A 280 60.90 -3.50 -36.25
CA PRO A 280 62.24 -4.12 -36.31
C PRO A 280 62.76 -4.57 -34.95
N LYS A 281 62.51 -3.79 -33.91
CA LYS A 281 62.95 -4.17 -32.57
C LYS A 281 62.33 -5.47 -32.10
N SER A 282 61.26 -5.92 -32.73
CA SER A 282 60.60 -7.16 -32.36
C SER A 282 61.26 -8.40 -32.94
N LYS A 283 62.27 -8.24 -33.80
CA LYS A 283 62.87 -9.41 -34.42
C LYS A 283 63.75 -10.20 -33.46
N ALA A 284 64.28 -9.57 -32.42
CA ALA A 284 65.20 -10.21 -31.50
C ALA A 284 64.54 -10.39 -30.13
N MET A 285 63.24 -10.56 -30.11
CA MET A 285 62.49 -10.63 -28.86
C MET A 285 61.86 -12.00 -28.72
N ASP A 286 61.94 -12.55 -27.52
CA ASP A 286 61.28 -13.81 -27.22
C ASP A 286 59.82 -13.58 -26.88
N PHE A 287 58.94 -14.26 -27.60
CA PHE A 287 57.51 -14.04 -27.51
C PHE A 287 56.75 -15.28 -27.03
N SER A 288 57.45 -16.31 -26.59
CA SER A 288 56.82 -17.63 -26.50
C SER A 288 56.18 -17.88 -25.14
N GLY A 289 55.95 -16.81 -24.39
CA GLY A 289 55.26 -16.95 -23.12
C GLY A 289 54.14 -15.95 -23.01
N TRP A 290 53.77 -15.38 -24.14
CA TRP A 290 52.81 -14.28 -24.23
C TRP A 290 51.51 -14.79 -24.85
N LYS A 291 50.38 -14.28 -24.34
CA LYS A 291 49.04 -14.77 -24.64
C LYS A 291 48.07 -13.65 -24.94
N VAL A 292 48.23 -12.95 -26.06
CA VAL A 292 47.27 -11.91 -26.42
C VAL A 292 45.93 -12.48 -26.87
N VAL A 293 44.85 -11.88 -26.39
CA VAL A 293 43.51 -12.11 -26.92
C VAL A 293 43.12 -10.91 -27.77
N ILE A 294 42.67 -11.15 -29.02
CA ILE A 294 42.33 -10.11 -29.96
C ILE A 294 40.85 -10.00 -30.13
N GLY A 295 40.28 -8.95 -29.58
CA GLY A 295 38.87 -8.70 -29.71
C GLY A 295 38.72 -7.39 -30.38
N GLY A 296 37.49 -6.98 -30.60
CA GLY A 296 37.23 -5.70 -31.19
C GLY A 296 37.08 -5.71 -32.69
N ALA A 297 37.64 -6.67 -33.42
CA ALA A 297 37.47 -6.64 -34.79
C ALA A 297 37.82 -8.02 -35.08
N ALA A 298 37.53 -8.44 -36.27
CA ALA A 298 37.87 -9.73 -36.70
C ALA A 298 39.35 -9.95 -36.83
N LEU A 299 39.90 -10.94 -36.18
CA LEU A 299 41.30 -11.30 -36.33
C LEU A 299 41.51 -11.98 -37.69
N PRO A 300 42.32 -11.42 -38.58
CA PRO A 300 42.54 -12.06 -39.87
C PRO A 300 43.48 -13.26 -39.81
N LYS A 301 43.19 -14.24 -40.66
CA LYS A 301 43.95 -15.49 -40.63
C LYS A 301 45.43 -15.27 -40.92
N ALA A 302 45.75 -14.29 -41.76
CA ALA A 302 47.16 -14.04 -42.08
C ALA A 302 47.91 -13.50 -40.87
N LEU A 303 47.30 -12.57 -40.14
CA LEU A 303 47.89 -12.09 -38.89
C LEU A 303 48.00 -13.20 -37.86
N CYS A 304 46.97 -14.02 -37.74
CA CYS A 304 47.02 -15.14 -36.81
C CYS A 304 48.17 -16.08 -37.14
N LYS A 305 48.35 -16.39 -38.43
CA LYS A 305 49.44 -17.27 -38.82
C LYS A 305 50.79 -16.64 -38.53
N SER A 306 50.95 -15.35 -38.84
CA SER A 306 52.23 -14.70 -38.58
C SER A 306 52.56 -14.67 -37.10
N ALA A 307 51.55 -14.48 -36.25
CA ALA A 307 51.75 -14.52 -34.82
C ALA A 307 52.06 -15.92 -34.31
N LEU A 308 51.46 -16.97 -34.82
CA LEU A 308 51.72 -18.30 -34.34
C LEU A 308 53.05 -18.81 -34.73
N GLU A 309 53.75 -18.21 -35.69
CA GLU A 309 55.11 -18.63 -35.98
C GLU A 309 56.15 -17.96 -35.09
N ARG A 310 55.78 -16.94 -34.34
CA ARG A 310 56.62 -16.39 -33.28
C ARG A 310 56.36 -17.08 -31.95
N ASP A 311 55.47 -18.07 -31.92
CA ASP A 311 55.16 -18.83 -30.72
C ASP A 311 54.27 -18.07 -29.76
N ILE A 312 53.40 -17.21 -30.28
CA ILE A 312 52.48 -16.43 -29.46
C ILE A 312 51.18 -17.20 -29.37
N ASP A 313 50.63 -17.31 -28.16
CA ASP A 313 49.31 -17.92 -27.96
C ASP A 313 48.27 -16.85 -28.21
N VAL A 314 47.90 -16.68 -29.51
CA VAL A 314 46.93 -15.69 -29.98
C VAL A 314 45.57 -16.33 -30.08
N PHE A 315 44.52 -15.65 -29.69
CA PHE A 315 43.17 -16.18 -29.79
C PHE A 315 42.26 -15.02 -29.85
N ALA A 316 41.07 -15.18 -30.39
CA ALA A 316 40.10 -14.14 -30.48
C ALA A 316 38.98 -14.14 -29.47
N GLY A 317 38.28 -13.02 -29.28
CA GLY A 317 37.14 -12.93 -28.41
C GLY A 317 36.14 -11.96 -28.99
N TYR A 318 34.92 -12.06 -28.51
CA TYR A 318 33.80 -11.32 -29.07
C TYR A 318 33.00 -10.61 -27.98
N GLY A 319 32.66 -9.37 -28.24
CA GLY A 319 31.81 -8.59 -27.35
C GLY A 319 31.62 -7.18 -27.82
N MET A 320 30.69 -6.46 -27.22
CA MET A 320 30.32 -5.15 -27.60
C MET A 320 30.10 -4.29 -26.42
N SER A 321 29.81 -3.01 -26.62
CA SER A 321 29.53 -2.08 -25.55
C SER A 321 28.29 -2.45 -24.75
N GLU A 322 27.27 -3.00 -25.39
CA GLU A 322 26.02 -3.34 -24.74
C GLU A 322 26.09 -4.64 -23.96
N THR A 323 27.17 -5.39 -24.06
CA THR A 323 27.19 -6.76 -23.59
C THR A 323 28.43 -7.11 -22.78
N GLY A 324 28.65 -6.48 -21.63
CA GLY A 324 29.66 -6.95 -20.71
C GLY A 324 31.05 -6.35 -20.68
N PRO A 325 31.98 -6.61 -21.63
CA PRO A 325 31.74 -6.97 -23.00
C PRO A 325 31.80 -8.39 -23.44
N ILE A 326 32.18 -9.36 -22.69
CA ILE A 326 32.56 -10.64 -23.28
C ILE A 326 31.35 -11.55 -23.43
N LEU A 327 31.22 -12.14 -24.60
CA LEU A 327 30.20 -13.12 -24.90
C LEU A 327 30.77 -14.45 -25.34
N SER A 328 31.90 -14.46 -26.05
CA SER A 328 32.49 -15.70 -26.53
C SER A 328 33.99 -15.55 -26.68
N ILE A 329 34.70 -16.66 -26.55
CA ILE A 329 36.16 -16.72 -26.72
C ILE A 329 36.49 -18.02 -27.43
N VAL A 330 37.57 -18.08 -28.17
CA VAL A 330 38.09 -19.25 -28.77
C VAL A 330 38.83 -20.06 -27.75
N GLN A 331 38.43 -21.30 -27.46
CA GLN A 331 39.18 -22.18 -26.57
C GLN A 331 39.38 -23.50 -27.29
N LEU A 332 40.62 -24.00 -27.29
CA LEU A 332 41.03 -25.12 -28.13
C LEU A 332 41.22 -26.38 -27.32
N THR A 333 40.68 -27.51 -27.80
CA THR A 333 40.84 -28.80 -27.15
C THR A 333 42.23 -29.38 -27.35
N PRO A 334 42.62 -30.31 -26.47
CA PRO A 334 43.93 -30.91 -26.72
C PRO A 334 44.19 -31.48 -28.08
N GLU A 335 43.18 -31.87 -28.84
CA GLU A 335 43.36 -32.40 -30.17
C GLU A 335 43.54 -31.30 -31.16
N GLN A 336 42.81 -30.20 -31.00
CA GLN A 336 42.96 -29.03 -31.86
C GLN A 336 44.30 -28.35 -31.67
N LEU A 337 44.98 -28.58 -30.55
CA LEU A 337 46.33 -28.08 -30.37
C LEU A 337 47.37 -28.92 -31.07
N GLU A 338 47.00 -30.10 -31.58
CA GLU A 338 47.91 -30.95 -32.33
C GLU A 338 47.99 -30.60 -33.80
N LEU A 339 47.09 -29.74 -34.28
CA LEU A 339 47.02 -29.39 -35.68
C LEU A 339 48.16 -28.46 -36.02
N ASP A 340 48.48 -28.30 -37.31
CA ASP A 340 49.55 -27.40 -37.72
C ASP A 340 49.02 -25.98 -37.88
N VAL A 341 49.93 -25.06 -38.17
CA VAL A 341 49.68 -23.62 -38.02
C VAL A 341 48.50 -23.15 -38.86
N ASP A 342 48.18 -23.87 -39.92
CA ASP A 342 47.06 -23.43 -40.77
C ASP A 342 45.71 -23.86 -40.21
N GLN A 343 45.59 -25.08 -39.80
CA GLN A 343 44.39 -25.47 -39.24
C GLN A 343 44.29 -24.73 -37.94
N GLN A 344 45.35 -24.44 -37.17
CA GLN A 344 45.30 -23.59 -35.97
C GLN A 344 44.76 -22.22 -36.31
N ALA A 345 45.39 -21.54 -37.28
CA ALA A 345 45.01 -20.18 -37.63
C ALA A 345 43.57 -20.08 -38.07
N GLU A 346 43.01 -21.16 -38.60
CA GLU A 346 41.58 -21.19 -38.91
C GLU A 346 40.73 -21.11 -37.64
N TYR A 347 41.02 -21.97 -36.67
CA TYR A 347 40.23 -22.02 -35.45
C TYR A 347 40.41 -20.78 -34.60
N ARG A 348 41.65 -20.30 -34.49
CA ARG A 348 41.94 -19.21 -33.57
C ARG A 348 41.31 -17.90 -34.04
N SER A 349 41.01 -17.78 -35.33
CA SER A 349 40.41 -16.58 -35.88
C SER A 349 38.89 -16.57 -35.81
N LYS A 350 38.27 -17.64 -35.36
CA LYS A 350 36.82 -17.66 -35.23
C LYS A 350 36.39 -16.74 -34.10
N THR A 351 35.09 -16.43 -34.06
CA THR A 351 34.58 -15.57 -33.00
C THR A 351 34.64 -16.27 -31.66
N GLY A 352 34.43 -17.58 -31.66
CA GLY A 352 34.62 -18.40 -30.47
C GLY A 352 33.37 -19.15 -30.08
N LYS A 353 33.45 -19.78 -28.92
CA LYS A 353 32.28 -20.36 -28.29
C LYS A 353 31.81 -19.48 -27.14
N LYS A 354 30.53 -19.55 -26.84
CA LYS A 354 29.97 -18.73 -25.77
C LYS A 354 30.48 -19.18 -24.41
N VAL A 355 30.58 -18.21 -23.49
CA VAL A 355 31.15 -18.41 -22.18
C VAL A 355 30.09 -18.86 -21.18
N ALA A 356 30.50 -19.15 -19.95
CA ALA A 356 29.56 -19.60 -18.94
C ALA A 356 28.42 -18.60 -18.77
N LEU A 357 27.20 -19.14 -18.78
CA LEU A 357 25.97 -18.40 -18.48
C LEU A 357 25.49 -17.51 -19.62
N VAL A 358 25.81 -17.87 -20.86
CA VAL A 358 25.43 -17.10 -22.05
C VAL A 358 24.58 -18.00 -22.93
N GLU A 359 23.52 -17.45 -23.54
CA GLU A 359 22.64 -18.24 -24.39
C GLU A 359 22.99 -18.19 -25.88
N ALA A 360 22.86 -17.04 -26.53
CA ALA A 360 23.39 -16.89 -27.89
C ALA A 360 22.73 -17.81 -28.92
N TYR A 361 21.56 -17.38 -29.41
CA TYR A 361 20.91 -17.98 -30.58
C TYR A 361 21.15 -17.17 -31.85
N ILE A 362 20.98 -17.79 -33.04
CA ILE A 362 21.03 -17.09 -34.36
C ILE A 362 19.59 -17.11 -34.82
N VAL A 363 19.04 -16.00 -35.29
CA VAL A 363 17.62 -15.89 -35.61
C VAL A 363 17.40 -15.19 -36.91
N ASP A 364 16.21 -15.26 -37.46
CA ASP A 364 15.85 -14.51 -38.67
C ASP A 364 15.15 -13.19 -38.32
N GLU A 365 14.58 -12.48 -39.29
CA GLU A 365 14.02 -11.14 -39.08
C GLU A 365 12.74 -11.18 -38.27
N ASP A 366 12.02 -12.30 -38.28
CA ASP A 366 10.80 -12.47 -37.52
C ASP A 366 11.08 -13.28 -36.27
N MET A 367 12.31 -13.44 -35.78
CA MET A 367 12.65 -14.04 -34.49
C MET A 367 12.41 -15.54 -34.46
N ASN A 368 12.69 -16.20 -35.57
CA ASN A 368 12.69 -17.66 -35.65
C ASN A 368 14.11 -18.13 -35.52
N LYS A 369 14.32 -19.23 -34.81
CA LYS A 369 15.66 -19.72 -34.49
C LYS A 369 16.17 -20.61 -35.60
N LEU A 370 17.30 -20.27 -36.17
CA LEU A 370 17.84 -20.96 -37.29
C LEU A 370 18.75 -22.07 -36.84
N PRO A 371 18.88 -23.15 -37.65
CA PRO A 371 19.71 -24.27 -37.24
C PRO A 371 21.19 -23.92 -37.18
N HIS A 372 21.92 -24.66 -36.34
CA HIS A 372 23.36 -24.51 -36.22
C HIS A 372 24.08 -25.51 -37.12
N ASP A 373 23.76 -25.40 -38.41
CA ASP A 373 24.24 -26.34 -39.40
C ASP A 373 25.63 -26.02 -39.90
N GLY A 374 26.08 -24.78 -39.75
CA GLY A 374 27.42 -24.43 -40.17
C GLY A 374 27.46 -23.44 -41.31
N GLU A 375 26.32 -23.16 -41.92
CA GLU A 375 26.25 -22.23 -43.03
C GLU A 375 25.00 -21.33 -43.04
N THR A 376 23.92 -21.73 -42.39
CA THR A 376 22.75 -20.86 -42.31
C THR A 376 23.07 -19.66 -41.42
N ALA A 377 22.88 -18.46 -41.94
CA ALA A 377 23.26 -17.25 -41.23
C ALA A 377 22.03 -16.51 -40.73
N GLY A 378 22.22 -15.75 -39.65
CA GLY A 378 21.16 -14.97 -39.05
C GLY A 378 21.78 -14.06 -38.02
N GLU A 379 20.94 -13.23 -37.42
CA GLU A 379 21.42 -12.29 -36.42
C GLU A 379 21.59 -12.98 -35.07
N ILE A 380 22.67 -12.66 -34.39
CA ILE A 380 22.95 -13.21 -33.07
C ILE A 380 22.15 -12.45 -32.03
N VAL A 381 21.43 -13.18 -31.17
CA VAL A 381 20.69 -12.60 -30.07
C VAL A 381 21.11 -13.35 -28.80
N VAL A 382 21.21 -12.63 -27.69
CA VAL A 382 21.85 -13.19 -26.51
C VAL A 382 21.05 -12.92 -25.24
N ARG A 383 21.30 -13.75 -24.25
CA ARG A 383 20.84 -13.54 -22.88
C ARG A 383 22.03 -13.85 -21.99
N ALA A 384 22.33 -12.96 -21.07
CA ALA A 384 23.47 -13.14 -20.18
C ALA A 384 23.24 -12.35 -18.91
N PRO A 385 24.02 -12.62 -17.87
CA PRO A 385 23.84 -11.90 -16.60
C PRO A 385 24.40 -10.47 -16.61
N TRP A 386 25.06 -10.03 -17.67
CA TRP A 386 25.71 -8.73 -17.65
C TRP A 386 25.42 -7.87 -18.88
N LEU A 387 24.16 -7.75 -19.27
CA LEU A 387 23.76 -6.97 -20.42
C LEU A 387 23.09 -5.68 -19.96
N THR A 388 23.28 -4.61 -20.71
CA THR A 388 22.60 -3.37 -20.38
C THR A 388 21.10 -3.48 -20.68
N PRO A 389 20.23 -3.07 -19.76
CA PRO A 389 18.80 -3.28 -19.98
C PRO A 389 18.18 -2.34 -20.99
N ASN A 390 18.80 -1.21 -21.24
CA ASN A 390 18.30 -0.21 -22.18
C ASN A 390 19.41 0.78 -22.40
N TYR A 391 19.15 1.77 -23.26
CA TYR A 391 20.01 2.92 -23.42
C TYR A 391 19.56 4.03 -22.47
N TYR A 392 20.52 4.69 -21.85
CA TYR A 392 20.21 5.70 -20.87
C TYR A 392 19.39 6.83 -21.49
N LYS A 393 18.29 7.19 -20.83
CA LYS A 393 17.40 8.27 -21.26
C LYS A 393 16.89 8.05 -22.67
N ASP A 394 16.47 6.84 -23.00
CA ASP A 394 16.12 6.49 -24.37
C ASP A 394 15.06 5.40 -24.35
N ASN A 395 14.05 5.54 -25.21
CA ASN A 395 12.91 4.64 -25.21
C ASN A 395 12.76 3.88 -26.53
N LYS A 396 12.67 4.57 -27.65
CA LYS A 396 12.43 3.86 -28.91
C LYS A 396 13.62 2.99 -29.30
N ASN A 397 14.83 3.50 -29.13
CA ASN A 397 16.02 2.70 -29.43
C ASN A 397 16.17 1.54 -28.46
N SER A 398 15.79 1.77 -27.20
CA SER A 398 15.81 0.70 -26.21
C SER A 398 14.84 -0.43 -26.57
N LYS A 399 13.65 -0.09 -27.06
CA LYS A 399 12.70 -1.12 -27.47
C LYS A 399 13.28 -1.98 -28.58
N ALA A 400 13.98 -1.37 -29.52
CA ALA A 400 14.57 -2.13 -30.61
C ALA A 400 15.76 -2.95 -30.15
N LEU A 401 16.46 -2.51 -29.10
CA LEU A 401 17.58 -3.28 -28.58
C LEU A 401 17.13 -4.62 -28.02
N TRP A 402 15.97 -4.66 -27.37
CA TRP A 402 15.50 -5.84 -26.68
C TRP A 402 14.28 -6.48 -27.35
N ARG A 403 14.14 -6.31 -28.66
CA ARG A 403 12.98 -6.82 -29.38
C ARG A 403 12.91 -8.34 -29.30
N GLY A 404 11.73 -8.85 -28.95
CA GLY A 404 11.49 -10.27 -28.86
C GLY A 404 11.97 -10.93 -27.61
N GLY A 405 12.36 -10.17 -26.60
CA GLY A 405 12.86 -10.74 -25.37
C GLY A 405 14.33 -11.14 -25.37
N TYR A 406 15.08 -10.76 -26.40
CA TYR A 406 16.51 -11.04 -26.50
C TYR A 406 17.23 -9.76 -26.87
N LEU A 407 18.51 -9.69 -26.54
CA LEU A 407 19.31 -8.54 -26.92
C LEU A 407 19.88 -8.75 -28.32
N HIS A 408 19.70 -7.76 -29.18
CA HIS A 408 20.09 -7.84 -30.58
C HIS A 408 21.48 -7.24 -30.75
N THR A 409 22.44 -8.05 -31.16
CA THR A 409 23.81 -7.58 -31.27
C THR A 409 24.06 -6.79 -32.54
N GLY A 410 23.29 -7.02 -33.60
CA GLY A 410 23.52 -6.39 -34.88
C GLY A 410 24.54 -7.08 -35.75
N ASP A 411 24.97 -8.29 -35.40
CA ASP A 411 25.97 -9.01 -36.18
C ASP A 411 25.34 -10.27 -36.76
N VAL A 412 25.78 -10.65 -37.95
CA VAL A 412 25.25 -11.77 -38.72
C VAL A 412 26.31 -12.85 -38.77
N ALA A 413 25.94 -14.05 -38.31
CA ALA A 413 26.87 -15.15 -38.17
C ALA A 413 26.15 -16.47 -38.36
N HIS A 414 26.93 -17.52 -38.58
CA HIS A 414 26.46 -18.89 -38.49
C HIS A 414 27.22 -19.60 -37.38
N ILE A 415 26.61 -20.65 -36.84
CA ILE A 415 27.15 -21.42 -35.73
C ILE A 415 27.33 -22.86 -36.17
N ASP A 416 28.45 -23.45 -35.78
CA ASP A 416 28.70 -24.86 -36.03
C ASP A 416 27.92 -25.74 -35.08
N ASP A 417 27.83 -27.02 -35.43
CA ASP A 417 27.19 -28.00 -34.55
C ASP A 417 28.00 -28.24 -33.28
N GLU A 418 29.28 -27.91 -33.29
CA GLU A 418 30.10 -27.98 -32.09
C GLU A 418 30.16 -26.68 -31.32
N GLY A 419 29.53 -25.61 -31.81
CA GLY A 419 29.38 -24.38 -31.07
C GLY A 419 30.26 -23.24 -31.51
N PHE A 420 31.05 -23.41 -32.56
CA PHE A 420 31.88 -22.30 -33.03
C PHE A 420 31.06 -21.30 -33.81
N ILE A 421 31.21 -20.03 -33.46
CA ILE A 421 30.47 -18.93 -34.05
C ILE A 421 31.40 -18.22 -35.02
N LYS A 422 30.91 -17.94 -36.22
CA LYS A 422 31.67 -17.21 -37.22
C LYS A 422 30.85 -16.02 -37.67
N ILE A 423 31.25 -14.82 -37.26
CA ILE A 423 30.55 -13.61 -37.66
C ILE A 423 30.84 -13.33 -39.12
N THR A 424 29.78 -13.10 -39.89
CA THR A 424 29.87 -12.97 -41.35
C THR A 424 29.70 -11.52 -41.82
N ASP A 425 28.90 -10.68 -41.17
CA ASP A 425 28.79 -9.29 -41.53
C ASP A 425 27.97 -8.57 -40.50
N ARG A 426 27.50 -7.37 -40.77
CA ARG A 426 26.55 -6.63 -39.95
C ARG A 426 25.16 -6.77 -40.54
N VAL A 427 24.16 -6.54 -39.70
CA VAL A 427 22.77 -6.62 -40.15
C VAL A 427 22.48 -5.50 -41.14
N LYS A 428 22.93 -4.29 -40.83
CA LYS A 428 22.69 -3.16 -41.71
C LYS A 428 23.44 -3.32 -43.03
N ASP A 429 24.64 -3.88 -42.98
CA ASP A 429 25.48 -3.94 -44.17
C ASP A 429 25.07 -5.04 -45.13
N MET A 430 24.19 -5.95 -44.74
CA MET A 430 23.74 -7.01 -45.61
C MET A 430 23.03 -6.43 -46.82
N ILE A 431 23.38 -6.92 -48.00
CA ILE A 431 22.75 -6.49 -49.24
C ILE A 431 21.47 -7.29 -49.42
N LYS A 432 20.36 -6.60 -49.64
CA LYS A 432 19.06 -7.24 -49.79
C LYS A 432 18.68 -7.31 -51.27
N ILE A 433 19.59 -7.87 -52.07
CA ILE A 433 19.33 -8.04 -53.50
C ILE A 433 18.25 -9.10 -53.67
N SER A 434 17.39 -8.90 -54.67
CA SER A 434 16.34 -9.86 -55.01
C SER A 434 15.60 -10.31 -53.76
N GLY A 435 15.84 -11.55 -53.34
CA GLY A 435 15.24 -12.07 -52.12
C GLY A 435 16.26 -12.56 -51.11
N GLU A 436 17.53 -12.55 -51.50
CA GLU A 436 18.62 -13.12 -50.71
C GLU A 436 19.34 -12.06 -49.90
N TRP A 437 20.32 -12.51 -49.13
CA TRP A 437 21.24 -11.67 -48.36
C TRP A 437 22.67 -12.16 -48.58
N VAL A 438 23.38 -11.52 -49.49
CA VAL A 438 24.81 -11.69 -49.62
C VAL A 438 25.49 -10.78 -48.61
N SER A 439 26.67 -11.20 -48.14
CA SER A 439 27.50 -10.41 -47.26
C SER A 439 28.40 -9.50 -48.03
N SER A 440 28.45 -8.21 -47.71
CA SER A 440 29.42 -7.34 -48.35
C SER A 440 30.85 -7.66 -47.94
N LEU A 441 31.04 -8.34 -46.82
CA LEU A 441 32.38 -8.59 -46.32
C LEU A 441 33.15 -9.56 -47.22
N GLU A 442 32.51 -10.64 -47.66
CA GLU A 442 33.23 -11.60 -48.50
C GLU A 442 33.58 -11.00 -49.85
N LEU A 443 32.67 -10.23 -50.42
CA LEU A 443 32.94 -9.55 -51.68
C LEU A 443 34.07 -8.55 -51.53
N GLU A 444 34.04 -7.75 -50.46
CA GLU A 444 35.12 -6.82 -50.21
C GLU A 444 36.44 -7.55 -50.06
N ASP A 445 36.43 -8.69 -49.37
CA ASP A 445 37.66 -9.44 -49.15
C ASP A 445 38.20 -9.99 -50.46
N ILE A 446 37.31 -10.45 -51.35
CA ILE A 446 37.72 -10.89 -52.68
C ILE A 446 38.36 -9.76 -53.45
N LEU A 447 37.69 -8.60 -53.49
CA LEU A 447 38.18 -7.50 -54.31
C LEU A 447 39.51 -6.98 -53.78
N HIS A 448 39.67 -6.94 -52.45
CA HIS A 448 40.93 -6.46 -51.89
C HIS A 448 42.07 -7.44 -52.10
N GLN A 449 41.78 -8.70 -52.43
CA GLN A 449 42.83 -9.64 -52.76
C GLN A 449 43.61 -9.25 -54.00
N HIS A 450 43.07 -8.33 -54.81
CA HIS A 450 43.73 -7.94 -56.04
C HIS A 450 45.08 -7.32 -55.72
N GLN A 451 46.06 -7.56 -56.60
CA GLN A 451 47.42 -7.05 -56.37
C GLN A 451 47.52 -5.56 -56.64
N SER A 452 46.48 -4.94 -57.20
CA SER A 452 46.50 -3.53 -57.56
C SER A 452 45.56 -2.67 -56.72
N VAL A 453 45.03 -3.21 -55.62
CA VAL A 453 44.02 -2.52 -54.82
C VAL A 453 44.56 -2.29 -53.42
N SER A 454 44.31 -1.09 -52.90
CA SER A 454 44.62 -0.75 -51.51
C SER A 454 43.42 -0.87 -50.59
N GLU A 455 42.26 -0.38 -51.01
CA GLU A 455 41.04 -0.58 -50.24
C GLU A 455 39.84 -0.67 -51.17
N VAL A 456 38.81 -1.34 -50.68
CA VAL A 456 37.52 -1.41 -51.35
C VAL A 456 36.43 -1.32 -50.30
N ALA A 457 35.33 -0.69 -50.66
CA ALA A 457 34.09 -0.75 -49.90
C ALA A 457 33.01 -1.30 -50.81
N VAL A 458 32.08 -2.03 -50.23
CA VAL A 458 30.87 -2.48 -50.93
C VAL A 458 29.68 -1.85 -50.23
N ILE A 459 28.72 -1.31 -51.00
CA ILE A 459 27.57 -0.65 -50.42
C ILE A 459 26.37 -1.10 -51.20
N GLY A 460 25.15 -0.78 -50.77
CA GLY A 460 23.95 -1.12 -51.50
C GLY A 460 23.51 0.07 -52.32
N MET A 461 23.69 0.01 -53.64
CA MET A 461 22.92 0.83 -54.58
C MET A 461 21.57 0.14 -54.79
N PRO A 462 20.55 0.87 -55.32
CA PRO A 462 19.27 0.20 -55.61
C PRO A 462 19.10 -0.29 -57.03
N HIS A 463 18.01 -0.98 -57.29
CA HIS A 463 17.68 -1.41 -58.63
C HIS A 463 16.22 -1.63 -58.50
N ASN A 464 15.49 -1.33 -59.56
CA ASN A 464 14.05 -1.62 -59.54
C ASN A 464 13.85 -3.11 -59.81
N LYS A 465 14.76 -3.76 -60.56
CA LYS A 465 14.55 -5.15 -60.96
C LYS A 465 15.05 -6.15 -59.92
N TRP A 466 16.22 -5.89 -59.35
CA TRP A 466 16.81 -6.75 -58.30
C TRP A 466 16.88 -6.00 -56.95
N GLY A 467 16.07 -4.97 -56.70
CA GLY A 467 16.08 -4.35 -55.37
C GLY A 467 17.43 -3.83 -54.85
N GLU A 468 17.86 -4.16 -53.63
CA GLU A 468 19.11 -3.57 -53.08
C GLU A 468 20.23 -4.36 -53.69
N VAL A 469 20.97 -3.86 -54.66
CA VAL A 469 21.95 -4.61 -55.44
C VAL A 469 23.33 -4.06 -55.11
N PRO A 470 24.38 -4.85 -55.35
CA PRO A 470 25.72 -4.48 -54.90
C PRO A 470 26.33 -3.34 -55.69
N LEU A 471 27.30 -2.67 -55.07
CA LEU A 471 28.11 -1.66 -55.72
C LEU A 471 29.46 -1.56 -55.00
N ALA A 472 30.49 -1.20 -55.75
CA ALA A 472 31.87 -1.20 -55.25
C ALA A 472 32.48 0.19 -55.37
N LEU A 473 33.29 0.56 -54.39
CA LEU A 473 34.25 1.65 -54.49
C LEU A 473 35.64 1.09 -54.27
N VAL A 474 36.57 1.41 -55.17
CA VAL A 474 37.93 0.89 -55.11
C VAL A 474 38.92 2.05 -55.13
N THR A 475 39.99 1.90 -54.36
CA THR A 475 41.09 2.85 -54.34
C THR A 475 42.38 2.14 -54.75
N LEU A 476 43.11 2.73 -55.70
CA LEU A 476 44.31 2.12 -56.25
C LEU A 476 45.57 2.59 -55.51
N LYS A 477 46.66 1.89 -55.78
CA LYS A 477 47.90 2.06 -55.04
C LYS A 477 48.80 3.07 -55.76
N GLU A 478 50.08 3.12 -55.38
CA GLU A 478 51.01 4.06 -55.99
C GLU A 478 51.10 3.83 -57.49
N ASP A 479 50.62 4.80 -58.26
CA ASP A 479 50.71 4.76 -59.73
C ASP A 479 50.08 3.49 -60.30
N ALA A 480 48.95 3.08 -59.72
CA ALA A 480 48.25 1.86 -60.11
C ALA A 480 46.92 2.22 -60.75
N GLN A 481 46.65 1.67 -61.93
CA GLN A 481 45.44 2.00 -62.70
C GLN A 481 44.87 0.72 -63.31
N VAL A 482 43.75 0.26 -62.76
CA VAL A 482 43.00 -0.88 -63.28
C VAL A 482 41.54 -0.46 -63.41
N THR A 483 40.98 -0.60 -64.62
CA THR A 483 39.66 -0.07 -64.90
C THR A 483 38.57 -0.87 -64.19
N GLU A 484 37.33 -0.27 -64.22
CA GLU A 484 36.17 -0.91 -63.69
C GLU A 484 35.83 -2.20 -64.37
N LYS A 485 35.96 -2.29 -65.69
CA LYS A 485 35.63 -3.51 -66.44
C LYS A 485 36.60 -4.63 -66.10
N GLU A 486 37.89 -4.30 -65.98
CA GLU A 486 38.87 -5.29 -65.57
C GLU A 486 38.56 -5.83 -64.18
N LEU A 487 38.20 -4.96 -63.26
CA LEU A 487 37.84 -5.40 -61.91
C LEU A 487 36.61 -6.31 -61.97
N LEU A 488 35.63 -5.90 -62.76
CA LEU A 488 34.44 -6.73 -62.93
C LEU A 488 34.89 -8.12 -63.37
N GLY A 489 35.71 -8.27 -64.42
CA GLY A 489 36.14 -9.58 -64.89
C GLY A 489 36.86 -10.36 -63.83
N PHE A 490 37.78 -9.71 -63.12
CA PHE A 490 38.52 -10.36 -62.04
C PHE A 490 37.56 -10.96 -61.02
N ALA A 491 36.54 -10.20 -60.62
CA ALA A 491 35.56 -10.73 -59.66
C ALA A 491 34.73 -11.84 -60.28
N LYS A 492 34.28 -11.64 -61.52
CA LYS A 492 33.41 -12.60 -62.17
C LYS A 492 34.11 -13.92 -62.39
N ASP A 493 35.44 -13.93 -62.27
CA ASP A 493 36.17 -15.20 -62.34
C ASP A 493 35.62 -16.21 -61.33
N PHE A 494 35.54 -15.82 -60.06
CA PHE A 494 35.39 -16.79 -58.98
C PHE A 494 34.09 -17.57 -59.12
N ILE A 495 33.98 -18.67 -58.38
CA ILE A 495 32.80 -19.53 -58.47
C ILE A 495 32.33 -19.91 -57.08
N ASN A 496 31.25 -20.69 -57.01
CA ASN A 496 30.65 -21.09 -55.74
C ASN A 496 30.00 -19.93 -54.99
N LYS A 497 28.96 -19.34 -55.58
CA LYS A 497 28.16 -18.33 -54.89
C LYS A 497 26.72 -18.41 -55.42
N GLY A 498 25.84 -17.63 -54.79
CA GLY A 498 24.41 -17.76 -55.00
C GLY A 498 23.79 -16.89 -56.08
N ILE A 499 22.51 -16.47 -55.80
CA ILE A 499 21.83 -15.52 -56.65
C ILE A 499 21.76 -16.03 -58.10
N LEU A 500 22.08 -15.20 -59.11
CA LEU A 500 22.17 -15.53 -60.52
C LEU A 500 23.60 -15.89 -60.87
N ALA A 501 23.79 -17.02 -61.52
CA ALA A 501 25.14 -17.47 -61.86
C ALA A 501 25.97 -17.54 -60.58
N ARG A 502 26.92 -16.60 -60.30
CA ARG A 502 27.53 -16.48 -58.99
C ARG A 502 27.51 -14.98 -58.64
N GLU A 503 26.45 -14.20 -58.84
CA GLU A 503 26.45 -12.73 -58.60
C GLU A 503 27.52 -11.91 -59.28
N ALA A 504 27.60 -11.92 -60.62
CA ALA A 504 28.43 -10.95 -61.32
C ALA A 504 27.67 -10.36 -62.51
N LEU A 505 26.78 -9.41 -62.21
CA LEU A 505 26.30 -8.48 -63.22
C LEU A 505 25.98 -7.10 -62.65
N LEU A 506 26.16 -6.89 -61.34
CA LEU A 506 25.72 -5.67 -60.68
C LEU A 506 26.89 -5.05 -59.92
N LEU A 507 28.13 -5.51 -60.17
CA LEU A 507 29.30 -5.07 -59.36
C LEU A 507 29.50 -3.58 -59.40
N LYS A 508 29.34 -2.93 -60.53
CA LYS A 508 29.26 -1.46 -60.58
C LYS A 508 30.44 -0.78 -59.91
N VAL A 509 31.62 -1.37 -60.08
CA VAL A 509 32.82 -0.93 -59.35
C VAL A 509 33.17 0.48 -59.76
N LYS A 510 33.52 1.32 -58.78
CA LYS A 510 33.98 2.67 -59.04
C LYS A 510 35.28 2.93 -58.31
N ILE A 511 36.22 3.59 -58.99
CA ILE A 511 37.50 3.95 -58.41
C ILE A 511 37.34 5.33 -57.78
N VAL A 512 37.68 5.44 -56.50
CA VAL A 512 37.55 6.67 -55.75
C VAL A 512 38.85 6.93 -55.01
N ASP A 513 39.29 8.20 -55.04
CA ASP A 513 40.54 8.56 -54.38
C ASP A 513 40.53 8.17 -52.91
N GLU A 514 39.41 8.35 -52.23
CA GLU A 514 39.32 8.11 -50.80
C GLU A 514 37.97 7.48 -50.47
N ILE A 515 37.91 6.87 -49.30
CA ILE A 515 36.65 6.36 -48.74
C ILE A 515 36.44 7.04 -47.40
N ALA A 516 35.26 7.62 -47.21
CA ALA A 516 34.98 8.37 -45.99
C ALA A 516 35.22 7.50 -44.75
N LYS A 517 35.97 8.04 -43.80
CA LYS A 517 36.35 7.32 -42.61
C LYS A 517 35.99 8.14 -41.37
N THR A 518 35.56 7.44 -40.31
CA THR A 518 35.15 8.14 -39.12
C THR A 518 36.41 8.51 -38.36
N SER A 519 36.24 9.20 -37.25
CA SER A 519 37.35 9.50 -36.35
C SER A 519 37.95 8.25 -35.72
N VAL A 520 37.21 7.14 -35.68
CA VAL A 520 37.70 5.89 -35.12
C VAL A 520 38.53 5.16 -36.16
N GLY A 521 38.38 5.57 -37.42
CA GLY A 521 39.15 4.97 -38.49
C GLY A 521 38.38 3.90 -39.25
N LYS A 522 37.10 3.76 -38.92
CA LYS A 522 36.21 2.81 -39.57
C LYS A 522 35.51 3.50 -40.73
N VAL A 523 35.48 2.82 -41.87
CA VAL A 523 34.88 3.43 -43.05
C VAL A 523 33.44 3.82 -42.78
N ASP A 524 33.00 5.05 -43.12
CA ASP A 524 31.63 5.51 -42.82
C ASP A 524 30.65 4.97 -43.86
N LYS A 525 29.95 3.87 -43.61
CA LYS A 525 29.06 3.34 -44.65
C LYS A 525 27.86 4.28 -44.82
N LYS A 526 27.45 5.00 -43.78
CA LYS A 526 26.29 5.86 -43.87
C LYS A 526 26.55 7.04 -44.81
N GLU A 527 27.64 7.75 -44.60
CA GLU A 527 28.04 8.83 -45.50
C GLU A 527 28.42 8.31 -46.88
N LEU A 528 29.00 7.12 -46.97
CA LEU A 528 29.33 6.57 -48.28
C LEU A 528 28.08 6.38 -49.13
N ARG A 529 26.97 5.94 -48.52
CA ARG A 529 25.70 5.73 -49.26
C ARG A 529 24.93 7.06 -49.34
N LYS A 530 25.25 8.03 -48.50
CA LYS A 530 24.69 9.37 -48.70
C LYS A 530 25.29 10.07 -49.91
N LEU A 531 26.62 10.04 -50.06
CA LEU A 531 27.27 10.76 -51.15
C LEU A 531 26.89 10.19 -52.51
N HIS A 532 27.08 8.89 -52.70
CA HIS A 532 26.98 8.29 -54.02
C HIS A 532 25.54 8.10 -54.47
N LEU A 533 24.57 8.40 -53.62
CA LEU A 533 23.17 8.12 -53.89
C LEU A 533 22.31 8.46 -52.68
N TYR B 4 -17.92 -11.00 0.24
CA TYR B 4 -17.21 -11.27 1.50
C TYR B 4 -16.71 -12.66 1.40
N VAL B 5 -15.39 -12.84 1.48
CA VAL B 5 -14.82 -14.18 1.50
C VAL B 5 -14.33 -14.46 2.91
N ASN B 6 -14.90 -15.51 3.49
CA ASN B 6 -14.44 -15.96 4.76
C ASN B 6 -13.92 -17.32 4.80
N ASP B 7 -12.80 -17.53 5.47
CA ASP B 7 -12.38 -18.88 5.79
C ASP B 7 -13.22 -19.42 6.94
N PRO B 8 -13.68 -20.67 6.82
CA PRO B 8 -14.48 -21.25 7.90
C PRO B 8 -13.86 -21.31 9.26
N SER B 9 -12.55 -21.23 9.36
CA SER B 9 -11.88 -21.19 10.65
C SER B 9 -12.19 -19.90 11.40
N ASN B 10 -12.24 -18.78 10.70
CA ASN B 10 -12.44 -17.49 11.33
C ASN B 10 -13.91 -17.28 11.63
N TYR B 11 -14.31 -17.60 12.87
CA TYR B 11 -15.71 -17.57 13.27
C TYR B 11 -16.15 -16.13 13.46
N GLN B 12 -17.26 -15.78 12.83
CA GLN B 12 -17.89 -14.48 12.98
C GLN B 12 -19.13 -14.61 13.85
N LEU B 13 -19.31 -13.65 14.78
CA LEU B 13 -20.45 -13.65 15.69
C LEU B 13 -21.63 -12.95 15.04
N LEU B 14 -22.56 -13.72 14.49
CA LEU B 14 -23.69 -13.17 13.76
C LEU B 14 -24.98 -13.57 14.44
N ILE B 15 -26.06 -12.84 14.14
CA ILE B 15 -27.36 -13.07 14.77
C ILE B 15 -28.00 -14.37 14.28
N LYS B 16 -27.64 -14.81 13.08
CA LYS B 16 -28.15 -16.08 12.58
C LYS B 16 -27.65 -17.25 13.41
N ASN B 17 -26.43 -17.15 13.94
CA ASN B 17 -25.96 -18.18 14.86
C ASN B 17 -26.78 -18.20 16.13
N LEU B 18 -27.29 -17.05 16.52
CA LEU B 18 -28.19 -16.97 17.65
C LEU B 18 -29.49 -17.70 17.36
N LEU B 19 -29.99 -17.58 16.14
CA LEU B 19 -31.23 -18.27 15.80
C LEU B 19 -31.05 -19.76 15.55
N PHE B 20 -29.99 -20.17 14.87
CA PHE B 20 -29.81 -21.55 14.41
C PHE B 20 -28.78 -22.34 15.20
N SER B 21 -28.10 -21.73 16.17
CA SER B 21 -27.19 -22.44 17.08
C SER B 21 -27.56 -22.07 18.50
N PRO B 22 -28.78 -22.39 18.93
CA PRO B 22 -29.28 -21.90 20.21
C PRO B 22 -28.71 -22.71 21.37
N VAL B 23 -29.12 -22.30 22.57
CA VAL B 23 -28.89 -23.14 23.75
C VAL B 23 -29.86 -24.31 23.74
N ALA B 24 -31.10 -24.09 23.32
CA ALA B 24 -32.09 -25.16 23.24
C ALA B 24 -33.06 -24.84 22.12
N PHE B 25 -33.43 -25.86 21.36
CA PHE B 25 -34.44 -25.75 20.31
C PHE B 25 -35.46 -26.86 20.45
N ASN B 26 -36.71 -26.51 20.70
CA ASN B 26 -37.84 -27.44 20.69
C ASN B 26 -38.79 -27.02 19.58
N PRO B 27 -38.88 -27.78 18.46
CA PRO B 27 -39.77 -27.26 17.39
C PRO B 27 -41.25 -27.22 17.69
N GLU B 28 -41.72 -27.78 18.79
CA GLU B 28 -43.11 -27.73 19.22
C GLU B 28 -43.37 -26.71 20.32
N GLN B 29 -42.38 -25.94 20.71
CA GLN B 29 -42.59 -24.86 21.65
C GLN B 29 -43.33 -23.82 20.84
N GLU B 30 -44.07 -22.88 21.41
CA GLU B 30 -44.94 -21.97 20.70
C GLU B 30 -44.65 -20.50 20.98
N ILE B 31 -44.89 -19.69 19.95
CA ILE B 31 -44.98 -18.24 20.01
C ILE B 31 -46.45 -17.88 19.96
N VAL B 32 -46.91 -17.11 20.95
CA VAL B 32 -48.30 -16.75 21.11
C VAL B 32 -48.45 -15.24 20.96
N TYR B 33 -49.25 -14.76 20.00
CA TYR B 33 -49.65 -13.35 19.91
C TYR B 33 -51.05 -13.16 20.40
N ALA B 34 -51.16 -12.92 21.71
CA ALA B 34 -52.29 -12.36 22.40
C ALA B 34 -53.47 -13.31 22.33
N ASN B 35 -54.59 -12.95 21.70
CA ASN B 35 -55.62 -13.93 21.35
C ASN B 35 -55.76 -14.04 19.86
N HIS B 36 -54.69 -13.73 19.17
CA HIS B 36 -54.73 -13.50 17.72
C HIS B 36 -54.18 -14.68 16.96
N ARG B 37 -52.98 -15.11 17.32
CA ARG B 37 -52.27 -16.12 16.54
C ARG B 37 -51.43 -16.94 17.50
N ARG B 38 -51.03 -18.12 17.05
CA ARG B 38 -50.27 -19.04 17.88
C ARG B 38 -49.62 -20.04 16.95
N HIS B 39 -48.30 -20.17 17.01
CA HIS B 39 -47.64 -21.15 16.15
C HIS B 39 -46.33 -21.60 16.79
N SER B 40 -45.78 -22.71 16.30
CA SER B 40 -44.62 -23.29 16.94
C SER B 40 -43.31 -22.68 16.41
N TYR B 41 -42.19 -23.08 17.01
CA TYR B 41 -40.89 -22.58 16.61
C TYR B 41 -40.48 -23.03 15.21
N LYS B 42 -40.95 -24.15 14.73
CA LYS B 42 -40.72 -24.59 13.39
C LYS B 42 -41.41 -23.67 12.41
N THR B 43 -42.62 -23.22 12.65
CA THR B 43 -43.27 -22.22 11.84
C THR B 43 -42.56 -20.88 11.91
N PHE B 44 -42.05 -20.52 13.08
CA PHE B 44 -41.30 -19.28 13.23
C PHE B 44 -40.03 -19.26 12.37
N HIS B 45 -39.27 -20.34 12.38
CA HIS B 45 -38.11 -20.41 11.49
C HIS B 45 -38.52 -20.34 10.02
N ASP B 46 -39.58 -21.06 9.64
CA ASP B 46 -40.06 -21.01 8.25
C ASP B 46 -40.47 -19.59 7.86
N ARG B 47 -41.16 -18.89 8.75
CA ARG B 47 -41.60 -17.53 8.48
C ARG B 47 -40.44 -16.57 8.36
N VAL B 48 -39.38 -16.79 9.15
CA VAL B 48 -38.21 -15.93 9.03
C VAL B 48 -37.56 -16.10 7.66
N ARG B 49 -37.46 -17.34 7.18
CA ARG B 49 -36.93 -17.55 5.83
C ARG B 49 -37.84 -16.95 4.76
N GLN B 50 -39.16 -17.09 4.91
CA GLN B 50 -40.09 -16.46 3.98
C GLN B 50 -39.93 -14.94 3.97
N PHE B 51 -39.77 -14.34 5.14
CA PHE B 51 -39.59 -12.91 5.22
C PHE B 51 -38.30 -12.47 4.55
N ALA B 52 -37.24 -13.27 4.66
CA ALA B 52 -36.02 -12.97 3.93
C ALA B 52 -36.26 -13.02 2.42
N ASN B 53 -37.01 -14.02 1.96
CA ASN B 53 -37.34 -14.09 0.54
C ASN B 53 -38.12 -12.85 0.11
N ALA B 54 -39.11 -12.43 0.90
CA ALA B 54 -39.94 -11.29 0.53
C ALA B 54 -39.13 -10.00 0.51
N LEU B 55 -38.24 -9.82 1.48
CA LEU B 55 -37.41 -8.62 1.48
C LEU B 55 -36.47 -8.59 0.29
N THR B 56 -35.88 -9.73 -0.04
CA THR B 56 -35.02 -9.78 -1.21
C THR B 56 -35.78 -9.44 -2.49
N LYS B 57 -37.00 -9.95 -2.61
CA LYS B 57 -37.81 -9.65 -3.78
C LYS B 57 -38.12 -8.16 -3.92
N MET B 58 -38.22 -7.43 -2.81
CA MET B 58 -38.49 -6.00 -2.85
C MET B 58 -37.26 -5.15 -3.16
N GLY B 59 -36.11 -5.76 -3.37
CA GLY B 59 -34.92 -4.98 -3.65
C GLY B 59 -34.15 -4.52 -2.43
N VAL B 60 -34.38 -5.13 -1.27
CA VAL B 60 -33.60 -4.80 -0.08
C VAL B 60 -32.26 -5.51 -0.13
N LYS B 61 -31.19 -4.76 0.08
CA LYS B 61 -29.82 -5.24 -0.08
C LYS B 61 -29.09 -5.16 1.25
N LYS B 62 -27.82 -5.52 1.24
CA LYS B 62 -27.05 -5.53 2.41
C LYS B 62 -27.00 -4.19 3.05
N GLY B 63 -26.78 -3.06 2.43
CA GLY B 63 -26.67 -1.87 3.25
C GLY B 63 -27.95 -1.16 3.58
N ASP B 64 -29.11 -1.69 3.23
CA ASP B 64 -30.35 -0.92 3.24
C ASP B 64 -30.92 -0.82 4.65
N THR B 65 -31.94 0.02 4.78
CA THR B 65 -32.60 0.27 6.06
C THR B 65 -34.09 0.01 5.93
N VAL B 66 -34.61 -0.85 6.80
CA VAL B 66 -36.03 -1.13 6.89
C VAL B 66 -36.50 -0.61 8.24
N ALA B 67 -37.55 0.20 8.24
CA ALA B 67 -38.06 0.81 9.45
C ALA B 67 -39.36 0.13 9.85
N VAL B 68 -39.55 -0.05 11.15
CA VAL B 68 -40.70 -0.76 11.68
C VAL B 68 -41.44 0.15 12.65
N MET B 69 -42.76 0.27 12.59
CA MET B 69 -43.63 1.02 13.48
C MET B 69 -44.84 0.18 13.88
N ASP B 70 -44.73 -0.67 14.91
CA ASP B 70 -45.81 -1.50 15.41
C ASP B 70 -45.77 -1.73 16.88
N TYR B 71 -46.78 -2.37 17.49
CA TYR B 71 -46.75 -2.82 18.87
C TYR B 71 -45.95 -4.12 19.00
N ASP B 72 -45.91 -4.67 20.21
CA ASP B 72 -45.22 -5.93 20.46
C ASP B 72 -46.02 -7.10 19.92
N SER B 73 -45.45 -7.82 18.97
CA SER B 73 -46.14 -8.91 18.31
C SER B 73 -45.10 -9.88 17.75
N HIS B 74 -45.58 -10.96 17.16
CA HIS B 74 -44.73 -11.94 16.50
C HIS B 74 -44.03 -11.33 15.29
N ARG B 75 -44.69 -10.37 14.62
CA ARG B 75 -44.09 -9.73 13.46
C ARG B 75 -42.86 -8.94 13.87
N TYR B 76 -42.92 -8.25 15.00
CA TYR B 76 -41.76 -7.53 15.48
C TYR B 76 -40.63 -8.48 15.81
N LEU B 77 -40.95 -9.66 16.36
CA LEU B 77 -39.92 -10.65 16.63
C LEU B 77 -39.29 -11.16 15.35
N GLU B 78 -40.08 -11.34 14.31
CA GLU B 78 -39.52 -11.76 13.03
C GLU B 78 -38.64 -10.68 12.42
N CYS B 79 -38.99 -9.41 12.62
CA CYS B 79 -38.14 -8.34 12.11
C CYS B 79 -36.80 -8.28 12.84
N TYR B 80 -36.77 -8.68 14.12
CA TYR B 80 -35.55 -8.69 14.91
C TYR B 80 -34.51 -9.65 14.34
N PHE B 81 -34.93 -10.63 13.57
CA PHE B 81 -34.03 -11.61 13.00
C PHE B 81 -33.86 -11.45 11.50
N ALA B 82 -34.96 -11.42 10.75
CA ALA B 82 -34.86 -11.46 9.30
C ALA B 82 -34.08 -10.27 8.74
N ILE B 83 -34.36 -9.04 9.15
CA ILE B 83 -33.75 -7.81 8.60
C ILE B 83 -32.24 -7.83 8.80
N PRO B 84 -31.76 -8.12 10.04
CA PRO B 84 -30.30 -8.20 10.20
C PRO B 84 -29.65 -9.39 9.52
N MET B 85 -30.29 -10.53 9.46
CA MET B 85 -29.71 -11.70 8.86
C MET B 85 -29.51 -11.58 7.36
N ILE B 86 -30.27 -10.77 6.66
CA ILE B 86 -30.04 -10.48 5.26
C ILE B 86 -28.96 -9.44 5.13
N GLY B 87 -28.45 -8.86 6.22
CA GLY B 87 -27.45 -7.82 6.12
C GLY B 87 -28.00 -6.42 6.16
N ALA B 88 -29.32 -6.24 6.18
CA ALA B 88 -29.90 -4.91 6.29
C ALA B 88 -29.88 -4.41 7.72
N LYS B 89 -30.38 -3.20 7.91
CA LYS B 89 -30.29 -2.49 9.18
C LYS B 89 -31.70 -2.18 9.65
N LEU B 90 -32.03 -2.62 10.86
CA LEU B 90 -33.37 -2.46 11.42
C LEU B 90 -33.44 -1.14 12.16
N HIS B 91 -34.22 -0.21 11.66
CA HIS B 91 -34.44 1.07 12.32
C HIS B 91 -35.74 0.99 13.10
N MET B 92 -35.65 1.02 14.42
CA MET B 92 -36.80 0.88 15.27
C MET B 92 -37.36 2.27 15.57
N ILE B 93 -38.56 2.53 15.11
CA ILE B 93 -39.17 3.85 15.21
C ILE B 93 -39.90 3.98 16.54
N ASN B 94 -39.61 5.05 17.25
CA ASN B 94 -40.24 5.38 18.53
C ASN B 94 -41.56 6.09 18.25
N VAL B 95 -42.67 5.36 18.40
CA VAL B 95 -43.97 5.91 18.01
C VAL B 95 -44.53 6.87 19.05
N ARG B 96 -43.89 7.02 20.20
CA ARG B 96 -44.36 7.98 21.19
C ARG B 96 -43.75 9.36 21.01
N LEU B 97 -42.82 9.53 20.08
CA LEU B 97 -42.34 10.84 19.71
C LEU B 97 -43.43 11.58 18.95
N SER B 98 -43.26 12.90 18.84
CA SER B 98 -44.20 13.68 18.06
C SER B 98 -43.97 13.45 16.57
N PRO B 99 -44.97 13.73 15.73
CA PRO B 99 -44.80 13.49 14.29
C PRO B 99 -43.61 14.20 13.67
N GLU B 100 -43.27 15.42 14.11
CA GLU B 100 -42.13 16.12 13.56
C GLU B 100 -40.81 15.42 13.88
N GLN B 101 -40.67 14.93 15.11
CA GLN B 101 -39.47 14.17 15.48
C GLN B 101 -39.39 12.87 14.71
N ILE B 102 -40.52 12.19 14.51
CA ILE B 102 -40.56 10.94 13.77
C ILE B 102 -40.11 11.20 12.35
N LEU B 103 -40.64 12.27 11.75
CA LEU B 103 -40.23 12.63 10.40
C LEU B 103 -38.74 12.94 10.34
N TYR B 104 -38.23 13.64 11.33
CA TYR B 104 -36.80 13.91 11.35
C TYR B 104 -35.99 12.63 11.36
N THR B 105 -36.37 11.65 12.19
CA THR B 105 -35.54 10.44 12.30
C THR B 105 -35.65 9.58 11.05
N ILE B 106 -36.81 9.57 10.39
CA ILE B 106 -36.93 8.86 9.12
C ILE B 106 -36.04 9.50 8.06
N ASP B 107 -36.04 10.83 8.01
CA ASP B 107 -35.17 11.52 7.06
C ASP B 107 -33.70 11.26 7.36
N HIS B 108 -33.33 11.29 8.64
CA HIS B 108 -31.94 11.12 9.05
C HIS B 108 -31.43 9.72 8.75
N ALA B 109 -32.23 8.70 9.05
CA ALA B 109 -31.81 7.32 8.82
C ALA B 109 -31.86 6.91 7.36
N GLU B 110 -32.68 7.56 6.55
CA GLU B 110 -32.85 7.24 5.12
C GLU B 110 -33.35 5.81 4.93
N ASP B 111 -34.56 5.58 5.42
CA ASP B 111 -35.18 4.27 5.32
C ASP B 111 -35.66 3.99 3.90
N ASP B 112 -35.54 2.76 3.42
CA ASP B 112 -36.01 2.37 2.12
C ASP B 112 -37.44 1.85 2.20
N ILE B 113 -37.80 1.03 3.19
CA ILE B 113 -39.14 0.47 3.32
C ILE B 113 -39.62 0.72 4.73
N ILE B 114 -40.93 0.93 4.88
CA ILE B 114 -41.55 1.15 6.18
C ILE B 114 -42.67 0.15 6.38
N LEU B 115 -42.55 -0.64 7.45
CA LEU B 115 -43.61 -1.52 7.92
C LEU B 115 -44.35 -0.79 9.03
N ILE B 116 -45.63 -0.57 8.86
CA ILE B 116 -46.37 0.29 9.78
C ILE B 116 -47.71 -0.33 10.10
N HIS B 117 -48.09 -0.28 11.37
CA HIS B 117 -49.38 -0.78 11.79
C HIS B 117 -50.49 0.18 11.37
N GLU B 118 -51.67 -0.38 11.13
CA GLU B 118 -52.77 0.40 10.59
C GLU B 118 -53.16 1.55 11.53
N GLU B 119 -53.15 1.31 12.83
CA GLU B 119 -53.56 2.36 13.75
C GLU B 119 -52.48 3.38 14.04
N PHE B 120 -51.36 3.41 13.36
CA PHE B 120 -50.40 4.49 13.41
C PHE B 120 -50.48 5.15 12.06
N LEU B 121 -51.38 4.80 11.15
CA LEU B 121 -51.49 5.51 9.90
C LEU B 121 -51.90 6.97 10.00
N PRO B 122 -52.59 7.39 11.08
CA PRO B 122 -52.83 8.83 11.22
C PRO B 122 -51.60 9.69 11.52
N ILE B 123 -50.57 9.19 12.18
CA ILE B 123 -49.33 9.94 12.39
C ILE B 123 -48.73 10.03 11.01
N LEU B 124 -48.74 8.94 10.25
CA LEU B 124 -48.09 9.02 8.95
C LEU B 124 -48.76 10.03 8.03
N ASP B 125 -50.09 10.15 8.12
CA ASP B 125 -50.81 10.95 7.13
C ASP B 125 -50.30 12.38 7.12
N GLN B 126 -49.78 12.86 8.26
CA GLN B 126 -49.38 14.24 8.35
C GLN B 126 -47.89 14.46 8.15
N ILE B 127 -47.12 13.43 7.87
CA ILE B 127 -45.70 13.62 7.56
C ILE B 127 -45.37 12.90 6.26
N LYS B 128 -46.32 12.31 5.57
CA LYS B 128 -46.01 11.53 4.38
C LYS B 128 -45.66 12.43 3.23
N GLY B 129 -46.17 13.67 3.20
CA GLY B 129 -45.76 14.53 2.11
C GLY B 129 -44.30 14.94 2.14
N ARG B 130 -43.63 14.76 3.27
CA ARG B 130 -42.26 15.20 3.39
C ARG B 130 -41.24 14.07 3.42
N ILE B 131 -41.67 12.83 3.16
CA ILE B 131 -40.74 11.71 3.14
C ILE B 131 -40.27 11.47 1.71
N ASP B 132 -38.96 11.26 1.56
CA ASP B 132 -38.38 11.24 0.22
C ASP B 132 -37.77 9.88 -0.12
N THR B 133 -37.21 9.21 0.87
CA THR B 133 -36.37 8.04 0.62
C THR B 133 -37.15 6.74 0.58
N VAL B 134 -38.42 6.73 0.94
CA VAL B 134 -39.15 5.49 1.17
C VAL B 134 -39.87 5.10 -0.11
N THR B 135 -39.62 3.88 -0.57
CA THR B 135 -40.24 3.37 -1.79
C THR B 135 -41.46 2.50 -1.54
N ARG B 136 -41.57 1.87 -0.37
CA ARG B 136 -42.69 1.02 -0.05
C ARG B 136 -43.19 1.11 1.35
N TYR B 137 -44.50 1.12 1.52
CA TYR B 137 -45.17 1.09 2.82
C TYR B 137 -45.99 -0.19 2.92
N VAL B 138 -45.72 -0.98 3.94
CA VAL B 138 -46.42 -2.24 4.18
C VAL B 138 -47.29 -2.05 5.41
N VAL B 139 -48.60 -2.16 5.23
CA VAL B 139 -49.56 -1.93 6.31
C VAL B 139 -49.83 -3.24 7.02
N LEU B 140 -49.66 -3.24 8.33
CA LEU B 140 -49.83 -4.40 9.18
C LEU B 140 -51.17 -4.33 9.88
N ARG B 141 -51.88 -5.46 9.90
CA ARG B 141 -53.18 -5.54 10.53
C ARG B 141 -53.21 -6.77 11.42
N ASP B 142 -54.18 -6.82 12.32
CA ASP B 142 -54.31 -7.93 13.25
C ASP B 142 -55.24 -9.02 12.76
N ASP B 143 -55.66 -8.98 11.50
CA ASP B 143 -56.49 -10.01 10.87
C ASP B 143 -55.82 -10.47 9.57
N GLU B 144 -56.59 -11.16 8.72
CA GLU B 144 -56.03 -11.67 7.47
C GLU B 144 -55.67 -10.58 6.48
N GLU B 145 -56.15 -9.35 6.67
CA GLU B 145 -55.90 -8.34 5.67
C GLU B 145 -54.53 -7.70 5.81
N CYS B 146 -53.66 -8.19 6.69
CA CYS B 146 -52.32 -7.71 6.81
C CYS B 146 -51.58 -7.83 5.51
N GLU B 147 -50.86 -6.78 5.12
CA GLU B 147 -50.05 -6.88 3.92
C GLU B 147 -48.78 -7.69 4.16
N TYR B 148 -48.27 -7.75 5.38
CA TYR B 148 -47.14 -8.56 5.69
C TYR B 148 -47.47 -10.01 5.57
N GLU B 149 -48.62 -10.43 6.02
CA GLU B 149 -48.98 -11.83 5.87
C GLU B 149 -49.14 -12.21 4.40
N ARG B 150 -49.73 -11.34 3.59
CA ARG B 150 -49.86 -11.60 2.18
C ARG B 150 -48.49 -11.68 1.53
N LEU B 151 -47.56 -10.79 1.86
CA LEU B 151 -46.22 -10.86 1.30
C LEU B 151 -45.53 -12.16 1.68
N LEU B 152 -45.70 -12.60 2.93
CA LEU B 152 -45.04 -13.82 3.38
C LEU B 152 -45.62 -15.07 2.73
N GLU B 153 -46.93 -15.10 2.50
CA GLU B 153 -47.58 -16.29 1.97
C GLU B 153 -47.04 -16.72 0.62
N GLN B 154 -46.63 -15.78 -0.24
CA GLN B 154 -46.21 -16.10 -1.59
C GLN B 154 -44.72 -16.34 -1.72
N GLU B 155 -44.05 -16.66 -0.63
CA GLU B 155 -42.62 -16.93 -0.65
C GLU B 155 -42.36 -18.37 -0.24
N SER B 156 -41.18 -18.86 -0.56
CA SER B 156 -40.78 -20.19 -0.17
C SER B 156 -40.14 -20.15 1.21
N THR B 157 -40.20 -21.29 1.89
CA THR B 157 -39.64 -21.49 3.20
C THR B 157 -38.15 -21.80 3.16
N GLU B 158 -37.49 -21.57 2.04
CA GLU B 158 -36.07 -21.86 1.90
C GLU B 158 -35.28 -20.58 1.69
N TYR B 159 -34.12 -20.49 2.31
CA TYR B 159 -33.25 -19.33 2.16
C TYR B 159 -31.90 -19.64 2.76
N ASN B 160 -30.83 -19.32 2.04
CA ASN B 160 -29.47 -19.49 2.52
C ASN B 160 -28.93 -18.14 2.98
N PHE B 161 -28.74 -18.00 4.28
CA PHE B 161 -28.37 -16.71 4.85
C PHE B 161 -26.87 -16.46 4.69
N PRO B 162 -26.48 -15.27 4.26
CA PRO B 162 -25.07 -15.01 3.97
C PRO B 162 -24.18 -14.96 5.21
N ASP B 163 -22.88 -15.03 4.95
CA ASP B 163 -21.85 -14.76 5.95
C ASP B 163 -21.20 -13.44 5.61
N PHE B 164 -21.16 -12.53 6.58
CA PHE B 164 -20.47 -11.27 6.41
C PHE B 164 -19.66 -11.01 7.67
N ASP B 165 -18.97 -9.89 7.68
CA ASP B 165 -18.19 -9.49 8.85
C ASP B 165 -19.07 -9.26 10.06
N GLU B 166 -18.57 -9.61 11.24
CA GLU B 166 -19.34 -9.47 12.46
C GLU B 166 -19.52 -8.02 12.88
N ASN B 167 -18.83 -7.10 12.24
CA ASN B 167 -18.91 -5.69 12.57
C ASN B 167 -19.88 -4.92 11.68
N THR B 168 -20.71 -5.60 10.93
CA THR B 168 -21.76 -4.98 10.17
C THR B 168 -22.87 -4.50 11.04
N VAL B 169 -23.39 -3.28 10.81
CA VAL B 169 -24.42 -2.71 11.67
C VAL B 169 -25.72 -3.49 11.52
N ALA B 170 -26.36 -3.77 12.65
CA ALA B 170 -27.58 -4.56 12.70
C ALA B 170 -28.82 -3.74 13.02
N THR B 171 -28.76 -2.86 14.00
CA THR B 171 -29.94 -2.12 14.44
C THR B 171 -29.58 -0.67 14.68
N THR B 172 -30.60 0.19 14.65
CA THR B 172 -30.44 1.59 15.01
C THR B 172 -31.76 2.08 15.61
N PHE B 173 -31.66 3.04 16.52
CA PHE B 173 -32.81 3.74 17.04
C PHE B 173 -32.34 5.08 17.59
N TYR B 174 -33.29 5.97 17.83
CA TYR B 174 -33.01 7.36 18.16
C TYR B 174 -33.48 7.70 19.56
N THR B 175 -32.67 8.46 20.27
CA THR B 175 -32.96 8.84 21.65
C THR B 175 -32.98 10.34 21.76
N THR B 176 -34.01 10.88 22.41
CA THR B 176 -34.17 12.33 22.49
C THR B 176 -33.17 12.96 23.44
N GLY B 177 -33.12 12.52 24.69
CA GLY B 177 -32.07 12.99 25.57
C GLY B 177 -32.10 14.49 25.79
N THR B 178 -30.91 15.09 25.83
CA THR B 178 -30.74 16.49 26.21
C THR B 178 -30.27 17.37 25.07
N THR B 179 -30.18 16.85 23.86
CA THR B 179 -29.78 17.67 22.73
C THR B 179 -31.01 18.29 22.07
N GLY B 180 -30.77 19.05 20.99
CA GLY B 180 -31.85 19.73 20.30
C GLY B 180 -32.59 18.90 19.28
N PHE B 181 -32.00 17.78 18.86
CA PHE B 181 -32.63 16.83 17.96
C PHE B 181 -32.35 15.44 18.49
N PRO B 182 -33.15 14.44 18.10
CA PRO B 182 -32.86 13.06 18.52
C PRO B 182 -31.52 12.58 17.97
N LYS B 183 -30.85 11.75 18.76
CA LYS B 183 -29.56 11.19 18.39
C LYS B 183 -29.73 9.72 18.02
N GLY B 184 -28.97 9.26 17.05
CA GLY B 184 -29.07 7.89 16.59
C GLY B 184 -27.95 7.02 17.09
N VAL B 185 -28.31 5.92 17.73
CA VAL B 185 -27.36 4.93 18.22
C VAL B 185 -27.46 3.71 17.31
N PHE B 186 -26.41 2.92 17.26
CA PHE B 186 -26.40 1.74 16.43
C PHE B 186 -25.52 0.67 17.06
N PHE B 187 -25.81 -0.57 16.72
CA PHE B 187 -25.10 -1.72 17.27
C PHE B 187 -24.82 -2.70 16.15
N THR B 188 -23.76 -3.49 16.32
CA THR B 188 -23.41 -4.48 15.33
C THR B 188 -23.91 -5.86 15.73
N HIS B 189 -23.72 -6.83 14.83
CA HIS B 189 -24.06 -8.22 15.12
C HIS B 189 -23.27 -8.73 16.30
N ARG B 190 -21.96 -8.46 16.32
CA ARG B 190 -21.11 -8.92 17.40
C ARG B 190 -21.58 -8.39 18.74
N GLN B 191 -21.95 -7.11 18.80
CA GLN B 191 -22.39 -6.50 20.05
C GLN B 191 -23.66 -7.12 20.58
N LEU B 192 -24.63 -7.40 19.71
CA LEU B 192 -25.88 -7.99 20.16
C LEU B 192 -25.68 -9.42 20.63
N VAL B 193 -24.89 -10.20 19.88
CA VAL B 193 -24.59 -11.56 20.30
C VAL B 193 -23.89 -11.57 21.65
N LEU B 194 -22.95 -10.65 21.86
CA LEU B 194 -22.21 -10.63 23.12
C LEU B 194 -23.08 -10.13 24.26
N HIS B 195 -24.00 -9.22 23.98
CA HIS B 195 -24.95 -8.80 25.01
C HIS B 195 -25.81 -9.97 25.46
N THR B 196 -26.26 -10.79 24.52
CA THR B 196 -27.03 -11.98 24.84
C THR B 196 -26.23 -12.93 25.72
N MET B 197 -25.11 -13.40 25.35
CA MET B 197 -24.34 -14.23 26.20
C MET B 197 -23.85 -13.63 27.45
N GLY B 198 -23.53 -12.36 27.54
CA GLY B 198 -23.16 -11.79 28.81
C GLY B 198 -24.28 -11.75 29.81
N ILE B 199 -25.47 -11.34 29.38
CA ILE B 199 -26.57 -11.30 30.33
C ILE B 199 -27.02 -12.71 30.70
N LEU B 200 -26.99 -13.65 29.77
CA LEU B 200 -27.33 -15.02 30.13
C LEU B 200 -26.35 -15.59 31.15
N SER B 201 -25.06 -15.28 31.00
CA SER B 201 -24.08 -15.66 32.02
C SER B 201 -24.35 -15.00 33.36
N THR B 202 -24.78 -13.75 33.39
CA THR B 202 -25.02 -13.09 34.66
C THR B 202 -26.29 -13.59 35.35
N ILE B 203 -27.44 -13.42 34.72
CA ILE B 203 -28.68 -13.75 35.43
C ILE B 203 -29.03 -15.23 35.32
N GLY B 204 -28.37 -15.98 34.44
CA GLY B 204 -28.64 -17.39 34.37
C GLY B 204 -28.01 -18.19 35.50
N THR B 205 -26.93 -17.70 36.07
CA THR B 205 -26.17 -18.43 37.06
C THR B 205 -26.51 -18.06 38.50
N ASN B 206 -27.46 -17.22 38.77
CA ASN B 206 -27.84 -16.91 40.08
C ASN B 206 -28.30 -18.10 40.81
N ALA B 207 -28.04 -18.21 42.09
CA ALA B 207 -28.33 -19.43 42.82
C ALA B 207 -29.83 -19.73 42.84
N SER B 208 -30.63 -18.84 43.41
CA SER B 208 -32.06 -19.12 43.52
C SER B 208 -32.99 -17.91 43.41
N GLN B 209 -32.59 -16.70 43.11
CA GLN B 209 -33.47 -15.56 42.98
C GLN B 209 -33.24 -14.89 41.69
N GLY B 210 -34.25 -14.48 41.02
CA GLY B 210 -34.17 -13.61 39.87
C GLY B 210 -33.37 -14.16 38.70
N ARG B 211 -33.61 -15.41 38.33
CA ARG B 211 -32.87 -16.05 37.26
C ARG B 211 -33.79 -16.35 36.10
N LEU B 212 -33.26 -16.22 34.90
CA LEU B 212 -33.92 -16.60 33.67
C LEU B 212 -33.34 -17.93 33.22
N HIS B 213 -34.18 -18.92 33.00
CA HIS B 213 -33.73 -20.23 32.59
C HIS B 213 -34.64 -20.82 31.53
N GLN B 214 -34.34 -22.05 31.14
CA GLN B 214 -34.99 -22.69 30.00
C GLN B 214 -36.41 -23.16 30.29
N GLY B 215 -36.82 -23.17 31.54
CA GLY B 215 -38.19 -23.53 31.86
C GLY B 215 -39.15 -22.38 32.00
N ASP B 216 -38.74 -21.16 31.70
CA ASP B 216 -39.56 -19.97 31.91
C ASP B 216 -40.48 -19.71 30.72
N ILE B 217 -41.47 -18.85 30.94
CA ILE B 217 -42.36 -18.34 29.91
C ILE B 217 -42.26 -16.82 29.90
N TYR B 218 -41.91 -16.25 28.76
CA TYR B 218 -41.52 -14.85 28.66
C TYR B 218 -42.61 -13.99 28.05
N MET B 219 -42.93 -12.86 28.70
CA MET B 219 -43.82 -11.91 28.06
C MET B 219 -43.33 -10.49 28.28
N PRO B 220 -43.00 -9.76 27.23
CA PRO B 220 -42.53 -8.38 27.40
C PRO B 220 -43.65 -7.43 27.82
N ILE B 221 -43.35 -6.40 28.61
CA ILE B 221 -44.31 -5.33 28.92
C ILE B 221 -43.53 -4.00 28.84
N THR B 222 -42.48 -3.90 28.02
CA THR B 222 -41.71 -2.65 27.82
C THR B 222 -41.55 -2.64 26.33
N PRO B 223 -41.75 -1.49 25.64
CA PRO B 223 -41.76 -1.53 24.16
C PRO B 223 -40.62 -2.15 23.43
N MET B 224 -40.92 -2.81 22.33
CA MET B 224 -39.88 -3.43 21.54
C MET B 224 -39.15 -2.48 20.70
N PHE B 225 -39.55 -1.21 20.70
CA PHE B 225 -38.76 -0.22 19.99
C PHE B 225 -37.86 0.59 20.90
N HIS B 226 -37.85 0.34 22.21
CA HIS B 226 -37.08 1.23 23.07
C HIS B 226 -35.60 0.90 23.16
N VAL B 227 -35.22 -0.25 23.71
CA VAL B 227 -33.81 -0.55 23.87
C VAL B 227 -33.48 -1.97 23.42
N HIS B 228 -34.13 -2.43 22.36
CA HIS B 228 -34.14 -3.84 21.96
C HIS B 228 -35.03 -4.66 22.88
N ALA B 229 -35.98 -4.01 23.55
CA ALA B 229 -36.71 -4.61 24.66
C ALA B 229 -35.77 -5.23 25.67
N TRP B 230 -34.76 -4.46 26.11
CA TRP B 230 -33.72 -4.89 27.02
C TRP B 230 -32.97 -6.11 26.55
N GLY B 231 -33.04 -6.42 25.26
CA GLY B 231 -32.41 -7.58 24.69
C GLY B 231 -33.08 -8.87 25.03
N LEU B 232 -34.26 -8.84 25.62
CA LEU B 232 -34.86 -10.07 26.16
C LEU B 232 -35.45 -10.94 25.07
N PRO B 233 -36.05 -10.33 24.00
CA PRO B 233 -36.48 -11.15 22.89
C PRO B 233 -35.35 -12.02 22.30
N TYR B 234 -34.12 -11.58 22.25
CA TYR B 234 -33.00 -12.38 21.78
C TYR B 234 -32.64 -13.49 22.76
N MET B 235 -32.57 -13.22 24.06
CA MET B 235 -32.28 -14.21 25.04
C MET B 235 -33.35 -15.24 25.17
N ALA B 236 -34.61 -14.89 25.03
CA ALA B 236 -35.68 -15.88 25.07
C ALA B 236 -35.58 -16.83 23.90
N THR B 237 -35.41 -16.29 22.70
CA THR B 237 -35.25 -17.13 21.53
C THR B 237 -34.07 -18.06 21.70
N MET B 238 -32.90 -17.56 22.09
CA MET B 238 -31.74 -18.38 22.38
C MET B 238 -32.08 -19.51 23.36
N LEU B 239 -32.90 -19.27 24.40
CA LEU B 239 -33.23 -20.33 25.33
C LEU B 239 -34.31 -21.27 24.84
N GLY B 240 -35.01 -20.90 23.77
CA GLY B 240 -36.08 -21.73 23.23
C GLY B 240 -37.29 -21.86 24.12
N VAL B 241 -37.61 -20.83 24.87
CA VAL B 241 -38.74 -20.89 25.79
C VAL B 241 -39.97 -20.32 25.10
N LYS B 242 -41.12 -20.58 25.70
CA LYS B 242 -42.37 -20.04 25.19
C LYS B 242 -42.40 -18.52 25.33
N GLN B 243 -42.87 -17.81 24.30
CA GLN B 243 -42.89 -16.36 24.25
C GLN B 243 -44.28 -15.91 23.97
N VAL B 244 -44.88 -15.09 24.83
CA VAL B 244 -46.21 -14.54 24.69
C VAL B 244 -46.12 -13.03 24.39
N TYR B 245 -46.72 -12.52 23.31
CA TYR B 245 -46.69 -11.11 22.94
C TYR B 245 -48.06 -10.51 23.12
N PRO B 246 -48.20 -9.49 23.96
CA PRO B 246 -49.53 -9.02 24.33
C PRO B 246 -50.13 -8.03 23.34
N GLY B 247 -49.34 -7.45 22.45
CA GLY B 247 -49.83 -6.41 21.56
C GLY B 247 -49.79 -5.04 22.21
N LYS B 248 -50.94 -4.38 22.25
CA LYS B 248 -51.07 -3.10 22.92
C LYS B 248 -51.35 -3.33 24.40
N TYR B 249 -50.64 -2.59 25.26
CA TYR B 249 -50.70 -2.86 26.70
C TYR B 249 -52.02 -2.34 27.25
N VAL B 250 -52.89 -3.26 27.64
CA VAL B 250 -54.08 -2.95 28.42
C VAL B 250 -54.04 -3.83 29.68
N PRO B 251 -54.16 -3.25 30.87
CA PRO B 251 -53.94 -4.05 32.09
C PRO B 251 -54.83 -5.29 32.21
N ASP B 252 -56.10 -5.21 31.84
CA ASP B 252 -56.95 -6.39 31.93
C ASP B 252 -56.45 -7.50 31.01
N VAL B 253 -56.12 -7.14 29.77
CA VAL B 253 -55.60 -8.12 28.83
C VAL B 253 -54.30 -8.70 29.34
N LEU B 254 -53.42 -7.86 29.90
CA LEU B 254 -52.15 -8.33 30.41
C LEU B 254 -52.33 -9.31 31.57
N LEU B 255 -53.23 -9.00 32.49
CA LEU B 255 -53.47 -9.89 33.63
C LEU B 255 -54.04 -11.21 33.16
N ASN B 256 -54.95 -11.17 32.19
CA ASN B 256 -55.46 -12.41 31.63
C ASN B 256 -54.37 -13.22 30.97
N LEU B 257 -53.45 -12.58 30.26
CA LEU B 257 -52.39 -13.33 29.60
C LEU B 257 -51.47 -13.98 30.62
N ILE B 258 -51.16 -13.26 31.69
CA ILE B 258 -50.35 -13.84 32.76
C ILE B 258 -51.05 -15.04 33.36
N GLU B 259 -52.34 -14.94 33.64
CA GLU B 259 -53.05 -16.05 34.26
C GLU B 259 -53.16 -17.24 33.31
N GLN B 260 -53.50 -16.99 32.06
CA GLN B 260 -53.87 -18.06 31.14
C GLN B 260 -52.66 -18.73 30.51
N GLU B 261 -51.66 -17.96 30.12
CA GLU B 261 -50.46 -18.54 29.52
C GLU B 261 -49.40 -18.88 30.53
N LYS B 262 -49.62 -18.57 31.81
CA LYS B 262 -48.70 -18.92 32.91
C LYS B 262 -47.32 -18.29 32.72
N VAL B 263 -47.30 -16.96 32.61
CA VAL B 263 -46.07 -16.23 32.38
C VAL B 263 -45.24 -16.22 33.65
N THR B 264 -43.92 -16.35 33.52
CA THR B 264 -43.04 -16.37 34.67
C THR B 264 -41.89 -15.37 34.62
N PHE B 265 -41.72 -14.64 33.53
CA PHE B 265 -40.64 -13.66 33.43
C PHE B 265 -41.09 -12.50 32.56
N SER B 266 -40.92 -11.27 33.06
CA SER B 266 -41.33 -10.08 32.34
C SER B 266 -40.38 -8.94 32.67
N HIS B 267 -40.49 -7.87 31.90
CA HIS B 267 -39.89 -6.59 32.23
C HIS B 267 -40.94 -5.51 32.03
N CYS B 268 -40.89 -4.47 32.85
CA CYS B 268 -41.81 -3.35 32.68
C CYS B 268 -41.20 -2.12 33.36
N VAL B 269 -42.02 -1.08 33.50
CA VAL B 269 -41.61 0.17 34.14
C VAL B 269 -42.56 0.43 35.29
N PRO B 270 -42.18 1.27 36.25
CA PRO B 270 -42.97 1.37 37.49
C PRO B 270 -44.42 1.74 37.27
N THR B 271 -44.73 2.56 36.26
CA THR B 271 -46.11 3.00 36.07
C THR B 271 -47.03 1.84 35.70
N ILE B 272 -46.60 1.00 34.76
CA ILE B 272 -47.42 -0.13 34.34
C ILE B 272 -47.55 -1.15 35.45
N LEU B 273 -46.48 -1.36 36.22
CA LEU B 273 -46.57 -2.28 37.35
C LEU B 273 -47.55 -1.76 38.40
N HIS B 274 -47.53 -0.46 38.67
CA HIS B 274 -48.51 0.10 39.59
C HIS B 274 -49.92 -0.09 39.08
N LEU B 275 -50.11 0.08 37.77
CA LEU B 275 -51.44 -0.16 37.18
C LEU B 275 -51.88 -1.61 37.33
N LEU B 276 -50.97 -2.56 37.10
CA LEU B 276 -51.34 -3.96 37.21
C LEU B 276 -51.68 -4.33 38.65
N LEU B 277 -50.87 -3.88 39.60
CA LEU B 277 -51.11 -4.27 40.99
C LEU B 277 -52.35 -3.59 41.55
N SER B 278 -52.64 -2.37 41.13
CA SER B 278 -53.79 -1.64 41.64
C SER B 278 -55.08 -1.95 40.90
N SER B 279 -55.05 -2.81 39.90
CA SER B 279 -56.27 -3.22 39.22
C SER B 279 -57.13 -4.07 40.14
N PRO B 280 -58.46 -4.00 40.03
CA PRO B 280 -59.31 -4.90 40.84
C PRO B 280 -59.22 -6.36 40.43
N LYS B 281 -59.14 -6.63 39.12
CA LYS B 281 -59.02 -8.00 38.65
C LYS B 281 -57.77 -8.69 39.17
N SER B 282 -56.79 -7.93 39.65
CA SER B 282 -55.56 -8.49 40.16
C SER B 282 -55.66 -8.98 41.59
N LYS B 283 -56.80 -8.75 42.26
CA LYS B 283 -56.88 -9.16 43.66
C LYS B 283 -57.04 -10.65 43.84
N ALA B 284 -57.54 -11.36 42.84
CA ALA B 284 -57.79 -12.78 42.93
C ALA B 284 -56.84 -13.57 42.04
N MET B 285 -55.64 -13.04 41.85
CA MET B 285 -54.69 -13.64 40.93
C MET B 285 -53.46 -14.11 41.68
N ASP B 286 -52.99 -15.31 41.35
CA ASP B 286 -51.77 -15.82 41.93
C ASP B 286 -50.56 -15.26 41.19
N PHE B 287 -49.65 -14.65 41.95
CA PHE B 287 -48.52 -13.93 41.38
C PHE B 287 -47.18 -14.51 41.80
N SER B 288 -47.17 -15.67 42.45
CA SER B 288 -46.00 -16.09 43.21
C SER B 288 -45.02 -16.90 42.38
N GLY B 289 -45.15 -16.82 41.06
CA GLY B 289 -44.22 -17.49 40.19
C GLY B 289 -43.70 -16.56 39.12
N TRP B 290 -43.93 -15.27 39.33
CA TRP B 290 -43.66 -14.22 38.37
C TRP B 290 -42.46 -13.40 38.81
N LYS B 291 -41.63 -12.99 37.85
CA LYS B 291 -40.34 -12.37 38.09
C LYS B 291 -40.10 -11.14 37.22
N VAL B 292 -40.84 -10.05 37.46
CA VAL B 292 -40.61 -8.84 36.70
C VAL B 292 -39.31 -8.14 37.10
N VAL B 293 -38.56 -7.69 36.09
CA VAL B 293 -37.43 -6.78 36.28
C VAL B 293 -37.88 -5.39 35.84
N ILE B 294 -37.67 -4.38 36.71
CA ILE B 294 -38.11 -3.02 36.47
C ILE B 294 -36.95 -2.14 36.14
N GLY B 295 -36.82 -1.76 34.89
CA GLY B 295 -35.78 -0.87 34.45
C GLY B 295 -36.43 0.33 33.89
N GLY B 296 -35.63 1.27 33.43
CA GLY B 296 -36.16 2.45 32.81
C GLY B 296 -36.38 3.62 33.73
N ALA B 297 -36.58 3.42 35.04
CA ALA B 297 -36.75 4.51 35.85
C ALA B 297 -36.47 3.90 37.14
N ALA B 298 -36.29 4.72 38.13
CA ALA B 298 -36.06 4.23 39.43
C ALA B 298 -37.26 3.53 40.02
N LEU B 299 -37.10 2.30 40.47
CA LEU B 299 -38.15 1.57 41.15
C LEU B 299 -38.32 2.14 42.57
N PRO B 300 -39.47 2.68 42.92
CA PRO B 300 -39.66 3.22 44.27
C PRO B 300 -39.88 2.14 45.32
N LYS B 301 -39.36 2.43 46.52
CA LYS B 301 -39.40 1.45 47.59
C LYS B 301 -40.82 1.07 47.97
N ALA B 302 -41.76 2.00 47.85
CA ALA B 302 -43.15 1.69 48.21
C ALA B 302 -43.76 0.70 47.22
N LEU B 303 -43.52 0.90 45.93
CA LEU B 303 -43.96 -0.05 44.93
C LEU B 303 -43.28 -1.40 45.11
N CYS B 304 -41.98 -1.40 45.39
CA CYS B 304 -41.28 -2.65 45.62
C CYS B 304 -41.88 -3.40 46.80
N LYS B 305 -42.19 -2.70 47.89
CA LYS B 305 -42.78 -3.35 49.05
C LYS B 305 -44.16 -3.90 48.73
N SER B 306 -44.98 -3.13 48.00
CA SER B 306 -46.32 -3.61 47.68
C SER B 306 -46.27 -4.83 46.78
N ALA B 307 -45.30 -4.88 45.87
CA ALA B 307 -45.12 -6.05 45.03
C ALA B 307 -44.59 -7.25 45.80
N LEU B 308 -43.71 -7.11 46.75
CA LEU B 308 -43.18 -8.23 47.49
C LEU B 308 -44.16 -8.81 48.43
N GLU B 309 -45.26 -8.15 48.76
CA GLU B 309 -46.29 -8.79 49.58
C GLU B 309 -47.28 -9.61 48.77
N ARG B 310 -47.28 -9.49 47.45
CA ARG B 310 -48.00 -10.40 46.57
C ARG B 310 -47.14 -11.59 46.16
N ASP B 311 -45.91 -11.68 46.67
CA ASP B 311 -45.00 -12.78 46.40
C ASP B 311 -44.39 -12.69 45.01
N ILE B 312 -44.17 -11.48 44.50
CA ILE B 312 -43.57 -11.26 43.19
C ILE B 312 -42.09 -11.08 43.39
N ASP B 313 -41.29 -11.76 42.57
CA ASP B 313 -39.84 -11.59 42.57
C ASP B 313 -39.51 -10.39 41.70
N VAL B 314 -39.58 -9.18 42.32
CA VAL B 314 -39.34 -7.89 41.67
C VAL B 314 -37.91 -7.48 41.87
N PHE B 315 -37.25 -6.94 40.88
CA PHE B 315 -35.89 -6.48 41.01
C PHE B 315 -35.68 -5.44 39.98
N ALA B 316 -34.72 -4.56 40.16
CA ALA B 316 -34.41 -3.53 39.22
C ALA B 316 -33.23 -3.74 38.32
N GLY B 317 -33.13 -3.00 37.21
CA GLY B 317 -32.00 -3.07 36.32
C GLY B 317 -31.74 -1.69 35.74
N TYR B 318 -30.55 -1.51 35.21
CA TYR B 318 -30.09 -0.22 34.77
C TYR B 318 -29.49 -0.29 33.37
N GLY B 319 -29.85 0.67 32.53
CA GLY B 319 -29.29 0.80 31.21
C GLY B 319 -29.92 1.92 30.42
N MET B 320 -29.33 2.26 29.28
CA MET B 320 -29.73 3.36 28.47
C MET B 320 -29.67 3.01 27.04
N SER B 321 -30.09 3.91 26.17
CA SER B 321 -30.04 3.71 24.74
C SER B 321 -28.63 3.53 24.20
N GLU B 322 -27.67 4.22 24.77
CA GLU B 322 -26.28 4.17 24.32
C GLU B 322 -25.53 2.94 24.78
N THR B 323 -26.12 2.13 25.66
CA THR B 323 -25.37 1.11 26.36
C THR B 323 -26.07 -0.25 26.41
N GLY B 324 -26.29 -0.88 25.27
CA GLY B 324 -26.70 -2.27 25.25
C GLY B 324 -28.17 -2.67 25.13
N PRO B 325 -29.05 -2.53 26.14
CA PRO B 325 -28.99 -1.58 27.22
C PRO B 325 -28.47 -1.97 28.56
N ILE B 326 -28.16 -3.17 28.88
CA ILE B 326 -28.01 -3.54 30.28
C ILE B 326 -26.58 -3.30 30.76
N LEU B 327 -26.47 -2.67 31.91
CA LEU B 327 -25.20 -2.43 32.58
C LEU B 327 -25.16 -3.03 33.98
N SER B 328 -26.28 -3.05 34.70
CA SER B 328 -26.29 -3.58 36.05
C SER B 328 -27.68 -4.10 36.39
N ILE B 329 -27.73 -5.08 37.29
CA ILE B 329 -28.96 -5.67 37.79
C ILE B 329 -28.79 -5.95 39.27
N VAL B 330 -29.87 -5.94 40.04
CA VAL B 330 -29.87 -6.31 41.42
C VAL B 330 -29.89 -7.80 41.53
N GLN B 331 -28.88 -8.43 42.16
CA GLN B 331 -28.89 -9.86 42.41
C GLN B 331 -28.60 -10.07 43.89
N LEU B 332 -29.41 -10.90 44.55
CA LEU B 332 -29.42 -11.02 46.00
C LEU B 332 -28.79 -12.32 46.46
N THR B 333 -27.92 -12.26 47.47
CA THR B 333 -27.28 -13.44 48.03
C THR B 333 -28.23 -14.22 48.92
N PRO B 334 -27.91 -15.51 49.14
CA PRO B 334 -28.79 -16.23 50.03
C PRO B 334 -29.06 -15.64 51.40
N GLU B 335 -28.20 -14.80 51.91
CA GLU B 335 -28.41 -14.16 53.20
C GLU B 335 -29.32 -12.98 53.06
N GLN B 336 -29.19 -12.22 51.98
CA GLN B 336 -30.07 -11.10 51.71
C GLN B 336 -31.49 -11.53 51.41
N LEU B 337 -31.69 -12.79 51.02
CA LEU B 337 -33.02 -13.33 50.86
C LEU B 337 -33.68 -13.72 52.17
N GLU B 338 -32.92 -13.74 53.27
CA GLU B 338 -33.46 -14.03 54.59
C GLU B 338 -34.03 -12.82 55.28
N LEU B 339 -33.80 -11.62 54.75
CA LEU B 339 -34.22 -10.38 55.36
C LEU B 339 -35.72 -10.22 55.18
N ASP B 340 -36.37 -9.35 55.95
CA ASP B 340 -37.80 -9.12 55.81
C ASP B 340 -38.06 -8.06 54.73
N VAL B 341 -39.34 -7.83 54.46
CA VAL B 341 -39.77 -7.13 53.25
C VAL B 341 -39.20 -5.73 53.16
N ASP B 342 -38.83 -5.15 54.29
CA ASP B 342 -38.30 -3.78 54.25
C ASP B 342 -36.81 -3.76 53.88
N GLN B 343 -36.04 -4.59 54.49
CA GLN B 343 -34.70 -4.62 54.13
C GLN B 343 -34.66 -5.18 52.73
N GLN B 344 -35.52 -6.10 52.28
CA GLN B 344 -35.61 -6.54 50.89
C GLN B 344 -35.89 -5.37 49.97
N ALA B 345 -36.95 -4.63 50.23
CA ALA B 345 -37.37 -3.54 49.37
C ALA B 345 -36.29 -2.47 49.24
N GLU B 346 -35.42 -2.35 50.24
CA GLU B 346 -34.28 -1.45 50.11
C GLU B 346 -33.30 -1.96 49.06
N TYR B 347 -32.91 -3.22 49.13
CA TYR B 347 -31.93 -3.76 48.20
C TYR B 347 -32.47 -3.87 46.78
N ARG B 348 -33.72 -4.30 46.66
CA ARG B 348 -34.28 -4.59 45.35
C ARG B 348 -34.47 -3.31 44.54
N SER B 349 -34.58 -2.17 45.20
CA SER B 349 -34.78 -0.90 44.53
C SER B 349 -33.48 -0.21 44.12
N LYS B 350 -32.32 -0.77 44.47
CA LYS B 350 -31.07 -0.19 44.06
C LYS B 350 -30.87 -0.37 42.56
N THR B 351 -29.91 0.37 42.00
CA THR B 351 -29.65 0.26 40.57
C THR B 351 -29.04 -1.10 40.25
N GLY B 352 -28.23 -1.65 41.15
CA GLY B 352 -27.74 -3.01 41.05
C GLY B 352 -26.23 -3.06 41.05
N LYS B 353 -25.72 -4.26 40.80
CA LYS B 353 -24.31 -4.44 40.54
C LYS B 353 -24.06 -4.64 39.05
N LYS B 354 -22.86 -4.28 38.61
CA LYS B 354 -22.53 -4.40 37.20
C LYS B 354 -22.45 -5.87 36.77
N VAL B 355 -22.77 -6.12 35.51
CA VAL B 355 -22.85 -7.45 34.94
C VAL B 355 -21.50 -7.90 34.39
N ALA B 356 -21.43 -9.14 33.92
CA ALA B 356 -20.18 -9.65 33.38
C ALA B 356 -19.65 -8.76 32.28
N LEU B 357 -18.37 -8.42 32.38
CA LEU B 357 -17.61 -7.71 31.36
C LEU B 357 -17.89 -6.21 31.33
N VAL B 358 -18.27 -5.62 32.45
CA VAL B 358 -18.60 -4.20 32.55
C VAL B 358 -17.65 -3.58 33.58
N GLU B 359 -17.16 -2.37 33.30
CA GLU B 359 -16.23 -1.71 34.22
C GLU B 359 -16.90 -0.76 35.21
N ALA B 360 -17.50 0.34 34.76
CA ALA B 360 -18.34 1.16 35.64
C ALA B 360 -17.56 1.79 36.81
N TYR B 361 -16.90 2.91 36.53
CA TYR B 361 -16.34 3.78 37.56
C TYR B 361 -17.22 5.00 37.84
N ILE B 362 -17.06 5.65 39.01
CA ILE B 362 -17.74 6.95 39.35
C ILE B 362 -16.62 7.96 39.31
N VAL B 363 -16.80 9.09 38.66
CA VAL B 363 -15.72 10.05 38.46
C VAL B 363 -16.17 11.45 38.72
N ASP B 364 -15.25 12.39 38.83
CA ASP B 364 -15.59 13.81 38.97
C ASP B 364 -15.54 14.54 37.62
N GLU B 365 -15.62 15.85 37.57
CA GLU B 365 -15.73 16.62 36.33
C GLU B 365 -14.45 16.61 35.53
N ASP B 366 -13.30 16.41 36.20
CA ASP B 366 -12.02 16.35 35.55
C ASP B 366 -11.56 14.91 35.41
N MET B 367 -12.43 13.89 35.50
CA MET B 367 -12.13 12.49 35.20
C MET B 367 -11.20 11.86 36.23
N ASN B 368 -11.37 12.22 37.49
CA ASN B 368 -10.70 11.57 38.61
C ASN B 368 -11.66 10.56 39.20
N LYS B 369 -11.14 9.41 39.61
CA LYS B 369 -11.97 8.31 40.07
C LYS B 369 -12.24 8.45 41.57
N LEU B 370 -13.49 8.50 41.95
CA LEU B 370 -13.88 8.72 43.28
C LEU B 370 -14.02 7.42 44.04
N PRO B 371 -13.80 7.45 45.38
CA PRO B 371 -13.88 6.19 46.13
C PRO B 371 -15.28 5.62 46.19
N HIS B 372 -15.36 4.30 46.36
CA HIS B 372 -16.62 3.60 46.52
C HIS B 372 -16.96 3.45 48.00
N ASP B 373 -17.04 4.59 48.66
CA ASP B 373 -17.23 4.64 50.10
C ASP B 373 -18.68 4.50 50.51
N GLY B 374 -19.63 4.77 49.62
CA GLY B 374 -21.02 4.61 49.94
C GLY B 374 -21.79 5.92 49.96
N GLU B 375 -21.10 7.04 49.86
CA GLU B 375 -21.74 8.35 49.87
C GLU B 375 -21.11 9.37 48.93
N THR B 376 -19.85 9.22 48.55
CA THR B 376 -19.26 10.13 47.57
C THR B 376 -19.90 9.91 46.20
N ALA B 377 -20.44 10.97 45.62
CA ALA B 377 -21.16 10.85 44.37
C ALA B 377 -20.35 11.43 43.21
N GLY B 378 -20.62 10.91 42.02
CA GLY B 378 -19.96 11.35 40.81
C GLY B 378 -20.67 10.73 39.63
N GLU B 379 -20.23 11.10 38.43
CA GLU B 379 -20.85 10.60 37.23
C GLU B 379 -20.34 9.20 36.92
N ILE B 380 -21.26 8.33 36.51
CA ILE B 380 -20.92 6.96 36.13
C ILE B 380 -20.36 6.95 34.72
N VAL B 381 -19.21 6.31 34.54
CA VAL B 381 -18.59 6.13 33.24
C VAL B 381 -18.29 4.64 33.08
N VAL B 382 -18.46 4.11 31.87
CA VAL B 382 -18.47 2.67 31.67
C VAL B 382 -17.62 2.26 30.49
N ARG B 383 -17.21 1.00 30.52
CA ARG B 383 -16.60 0.32 29.39
C ARG B 383 -17.24 -1.06 29.32
N ALA B 384 -17.72 -1.45 28.16
CA ALA B 384 -18.38 -2.72 27.99
C ALA B 384 -18.27 -3.16 26.55
N PRO B 385 -18.56 -4.43 26.26
CA PRO B 385 -18.47 -4.93 24.89
C PRO B 385 -19.61 -4.50 23.98
N TRP B 386 -20.63 -3.80 24.48
CA TRP B 386 -21.80 -3.50 23.68
C TRP B 386 -22.24 -2.05 23.76
N LEU B 387 -21.32 -1.11 23.61
CA LEU B 387 -21.63 0.31 23.69
C LEU B 387 -21.57 0.92 22.30
N THR B 388 -22.41 1.90 22.02
CA THR B 388 -22.34 2.57 20.74
C THR B 388 -21.09 3.44 20.67
N PRO B 389 -20.33 3.39 19.57
CA PRO B 389 -19.07 4.13 19.52
C PRO B 389 -19.23 5.62 19.34
N ASN B 390 -20.36 6.05 18.81
CA ASN B 390 -20.62 7.47 18.56
C ASN B 390 -22.09 7.59 18.23
N TYR B 391 -22.54 8.81 17.99
CA TYR B 391 -23.86 9.08 17.44
C TYR B 391 -23.78 9.13 15.93
N TYR B 392 -24.78 8.55 15.28
CA TYR B 392 -24.77 8.46 13.84
C TYR B 392 -24.74 9.86 13.21
N LYS B 393 -23.83 10.07 12.26
CA LYS B 393 -23.69 11.33 11.54
C LYS B 393 -23.47 12.51 12.48
N ASP B 394 -22.63 12.36 13.47
CA ASP B 394 -22.48 13.36 14.53
C ASP B 394 -21.06 13.32 15.06
N ASN B 395 -20.48 14.50 15.26
CA ASN B 395 -19.08 14.60 15.66
C ASN B 395 -18.90 15.26 17.02
N LYS B 396 -19.40 16.48 17.21
CA LYS B 396 -19.16 17.17 18.46
C LYS B 396 -19.85 16.47 19.64
N ASN B 397 -21.08 16.02 19.45
CA ASN B 397 -21.77 15.30 20.50
C ASN B 397 -21.12 13.94 20.77
N SER B 398 -20.60 13.31 19.71
CA SER B 398 -19.89 12.05 19.88
C SER B 398 -18.62 12.23 20.69
N LYS B 399 -17.89 13.32 20.47
CA LYS B 399 -16.68 13.58 21.26
C LYS B 399 -17.02 13.69 22.74
N ALA B 400 -18.13 14.34 23.06
CA ALA B 400 -18.52 14.51 24.45
C ALA B 400 -19.03 13.20 25.05
N LEU B 401 -19.58 12.31 24.22
CA LEU B 401 -20.05 11.03 24.72
C LEU B 401 -18.89 10.18 25.23
N TRP B 402 -17.74 10.23 24.57
CA TRP B 402 -16.62 9.38 24.90
C TRP B 402 -15.44 10.13 25.50
N ARG B 403 -15.71 11.25 26.18
CA ARG B 403 -14.65 12.07 26.73
C ARG B 403 -13.84 11.32 27.77
N GLY B 404 -12.52 11.38 27.65
CA GLY B 404 -11.62 10.74 28.57
C GLY B 404 -11.42 9.26 28.38
N GLY B 405 -11.88 8.70 27.27
CA GLY B 405 -11.75 7.28 27.03
C GLY B 405 -12.80 6.40 27.66
N TYR B 406 -13.86 6.98 28.22
CA TYR B 406 -14.95 6.24 28.83
C TYR B 406 -16.26 6.79 28.30
N LEU B 407 -17.31 5.98 28.34
CA LEU B 407 -18.62 6.43 27.93
C LEU B 407 -19.33 7.08 29.10
N HIS B 408 -19.86 8.28 28.88
CA HIS B 408 -20.47 9.09 29.93
C HIS B 408 -21.98 8.84 29.92
N THR B 409 -22.50 8.31 31.01
CA THR B 409 -23.92 7.96 31.05
C THR B 409 -24.80 9.16 31.34
N GLY B 410 -24.28 10.19 32.01
CA GLY B 410 -25.07 11.31 32.41
C GLY B 410 -25.81 11.14 33.72
N ASP B 411 -25.52 10.10 34.49
CA ASP B 411 -26.20 9.85 35.75
C ASP B 411 -25.21 9.96 36.90
N VAL B 412 -25.68 10.44 38.04
CA VAL B 412 -24.88 10.72 39.21
C VAL B 412 -25.26 9.73 40.30
N ALA B 413 -24.28 8.98 40.79
CA ALA B 413 -24.51 7.90 41.73
C ALA B 413 -23.31 7.74 42.65
N HIS B 414 -23.52 7.03 43.75
CA HIS B 414 -22.45 6.52 44.58
C HIS B 414 -22.50 5.00 44.58
N ILE B 415 -21.35 4.39 44.86
CA ILE B 415 -21.20 2.94 44.84
C ILE B 415 -20.76 2.49 46.22
N ASP B 416 -21.34 1.38 46.67
CA ASP B 416 -20.94 0.75 47.93
C ASP B 416 -19.63 0.01 47.78
N ASP B 417 -19.02 -0.31 48.93
CA ASP B 417 -17.82 -1.13 48.93
C ASP B 417 -18.09 -2.56 48.48
N GLU B 418 -19.33 -3.00 48.55
CA GLU B 418 -19.71 -4.32 48.04
C GLU B 418 -20.22 -4.28 46.61
N GLY B 419 -20.30 -3.10 45.99
CA GLY B 419 -20.58 -2.98 44.58
C GLY B 419 -21.97 -2.51 44.23
N PHE B 420 -22.81 -2.20 45.21
CA PHE B 420 -24.15 -1.72 44.89
C PHE B 420 -24.11 -0.26 44.46
N ILE B 421 -24.76 0.02 43.34
CA ILE B 421 -24.80 1.34 42.73
C ILE B 421 -26.15 1.96 43.05
N LYS B 422 -26.15 3.20 43.49
CA LYS B 422 -27.38 3.93 43.78
C LYS B 422 -27.35 5.23 43.00
N ILE B 423 -28.17 5.33 41.95
CA ILE B 423 -28.24 6.54 41.15
C ILE B 423 -28.97 7.61 41.94
N THR B 424 -28.35 8.78 42.03
CA THR B 424 -28.83 9.88 42.87
C THR B 424 -29.49 11.00 42.06
N ASP B 425 -29.06 11.32 40.84
CA ASP B 425 -29.72 12.30 40.02
C ASP B 425 -29.11 12.29 38.65
N ARG B 426 -29.35 13.28 37.83
CA ARG B 426 -28.71 13.50 36.54
C ARG B 426 -27.60 14.52 36.68
N VAL B 427 -26.66 14.48 35.75
CA VAL B 427 -25.55 15.45 35.77
C VAL B 427 -26.07 16.85 35.50
N LYS B 428 -26.96 17.00 34.52
CA LYS B 428 -27.50 18.31 34.20
C LYS B 428 -28.37 18.84 35.33
N ASP B 429 -29.11 17.96 36.00
CA ASP B 429 -30.06 18.41 37.00
C ASP B 429 -29.42 18.78 38.32
N MET B 430 -28.15 18.47 38.53
CA MET B 430 -27.46 18.80 39.77
C MET B 430 -27.42 20.30 39.94
N ILE B 431 -27.77 20.77 41.13
CA ILE B 431 -27.72 22.19 41.44
C ILE B 431 -26.30 22.55 41.86
N LYS B 432 -25.74 23.56 41.22
CA LYS B 432 -24.35 23.99 41.48
C LYS B 432 -24.34 25.22 42.38
N ILE B 433 -25.04 25.10 43.52
CA ILE B 433 -25.07 26.19 44.50
C ILE B 433 -23.69 26.32 45.12
N SER B 434 -23.30 27.55 45.42
CA SER B 434 -22.03 27.84 46.09
C SER B 434 -20.89 27.05 45.45
N GLY B 435 -20.40 26.03 46.14
CA GLY B 435 -19.37 25.17 45.59
C GLY B 435 -19.77 23.70 45.56
N GLU B 436 -20.94 23.39 46.11
CA GLU B 436 -21.40 22.03 46.27
C GLU B 436 -22.34 21.60 45.15
N TRP B 437 -22.76 20.34 45.22
CA TRP B 437 -23.77 19.75 44.35
C TRP B 437 -24.80 19.00 45.17
N VAL B 438 -25.92 19.65 45.46
CA VAL B 438 -27.08 18.97 46.00
C VAL B 438 -27.85 18.35 44.85
N SER B 439 -28.55 17.24 45.13
CA SER B 439 -29.42 16.58 44.20
C SER B 439 -30.80 17.17 44.24
N SER B 440 -31.38 17.53 43.10
CA SER B 440 -32.77 17.96 43.09
C SER B 440 -33.73 16.83 43.40
N LEU B 441 -33.30 15.58 43.23
CA LEU B 441 -34.20 14.45 43.43
C LEU B 441 -34.61 14.30 44.88
N GLU B 442 -33.66 14.39 45.81
CA GLU B 442 -34.00 14.20 47.21
C GLU B 442 -34.89 15.31 47.72
N LEU B 443 -34.63 16.54 47.30
CA LEU B 443 -35.48 17.66 47.68
C LEU B 443 -36.88 17.50 47.10
N GLU B 444 -36.97 17.12 45.83
CA GLU B 444 -38.28 16.87 45.24
C GLU B 444 -39.02 15.79 46.00
N ASP B 445 -38.30 14.73 46.39
CA ASP B 445 -38.93 13.63 47.10
C ASP B 445 -39.44 14.06 48.46
N ILE B 446 -38.68 14.91 49.16
CA ILE B 446 -39.11 15.48 50.43
C ILE B 446 -40.38 16.29 50.23
N LEU B 447 -40.37 17.20 49.25
CA LEU B 447 -41.50 18.11 49.08
C LEU B 447 -42.75 17.33 48.68
N HIS B 448 -42.60 16.32 47.84
CA HIS B 448 -43.76 15.52 47.42
C HIS B 448 -44.31 14.68 48.55
N GLN B 449 -43.54 14.44 49.61
CA GLN B 449 -44.07 13.71 50.76
C GLN B 449 -45.20 14.45 51.45
N HIS B 450 -45.36 15.75 51.17
CA HIS B 450 -46.41 16.52 51.82
C HIS B 450 -47.78 15.96 51.48
N GLN B 451 -48.69 16.02 52.45
CA GLN B 451 -50.03 15.46 52.25
C GLN B 451 -50.90 16.33 51.36
N SER B 452 -50.43 17.53 51.01
CA SER B 452 -51.21 18.47 50.22
C SER B 452 -50.63 18.71 48.83
N VAL B 453 -49.66 17.90 48.39
CA VAL B 453 -48.94 18.13 47.13
C VAL B 453 -49.18 16.95 46.20
N SER B 454 -49.42 17.26 44.93
CA SER B 454 -49.53 16.27 43.87
C SER B 454 -48.23 16.10 43.10
N GLU B 455 -47.58 17.20 42.72
CA GLU B 455 -46.28 17.11 42.09
C GLU B 455 -45.43 18.32 42.46
N VAL B 456 -44.13 18.13 42.40
CA VAL B 456 -43.16 19.20 42.57
C VAL B 456 -42.03 18.98 41.58
N ALA B 457 -41.48 20.09 41.08
CA ALA B 457 -40.23 20.08 40.34
C ALA B 457 -39.26 20.99 41.07
N VAL B 458 -37.98 20.65 41.03
CA VAL B 458 -36.92 21.53 41.51
C VAL B 458 -36.04 21.88 40.33
N ILE B 459 -35.66 23.17 40.19
CA ILE B 459 -34.87 23.61 39.05
C ILE B 459 -33.80 24.53 39.60
N GLY B 460 -32.83 24.95 38.81
CA GLY B 460 -31.83 25.89 39.25
C GLY B 460 -32.20 27.28 38.78
N MET B 461 -32.65 28.13 39.71
CA MET B 461 -32.59 29.59 39.53
C MET B 461 -31.18 30.05 39.85
N PRO B 462 -30.78 31.27 39.42
CA PRO B 462 -29.45 31.77 39.79
C PRO B 462 -29.40 32.64 41.01
N HIS B 463 -28.20 33.02 41.42
CA HIS B 463 -28.04 33.96 42.50
C HIS B 463 -26.66 34.46 42.25
N ASN B 464 -26.42 35.72 42.53
CA ASN B 464 -25.07 36.26 42.39
C ASN B 464 -24.26 35.82 43.60
N LYS B 465 -24.89 35.63 44.77
CA LYS B 465 -24.14 35.34 46.00
C LYS B 465 -23.84 33.86 46.19
N TRP B 466 -24.82 33.00 45.91
CA TRP B 466 -24.67 31.54 46.02
C TRP B 466 -24.78 30.89 44.62
N GLY B 467 -24.52 31.59 43.52
CA GLY B 467 -24.52 30.90 42.21
C GLY B 467 -25.79 30.13 41.82
N GLU B 468 -25.71 28.87 41.38
CA GLU B 468 -26.92 28.15 40.90
C GLU B 468 -27.64 27.69 42.13
N VAL B 469 -28.73 28.29 42.55
CA VAL B 469 -29.39 28.04 43.84
C VAL B 469 -30.74 27.42 43.55
N PRO B 470 -31.30 26.71 44.53
CA PRO B 470 -32.51 25.92 44.29
C PRO B 470 -33.77 26.76 44.11
N LEU B 471 -34.75 26.17 43.43
CA LEU B 471 -36.09 26.74 43.30
C LEU B 471 -37.10 25.64 43.09
N ALA B 472 -38.32 25.87 43.55
CA ALA B 472 -39.37 24.86 43.57
C ALA B 472 -40.58 25.33 42.76
N LEU B 473 -41.21 24.39 42.06
CA LEU B 473 -42.57 24.54 41.55
C LEU B 473 -43.43 23.44 42.16
N VAL B 474 -44.58 23.82 42.71
CA VAL B 474 -45.47 22.89 43.39
C VAL B 474 -46.87 22.98 42.78
N THR B 475 -47.53 21.84 42.65
CA THR B 475 -48.91 21.77 42.20
C THR B 475 -49.76 21.11 43.29
N LEU B 476 -50.87 21.75 43.63
CA LEU B 476 -51.73 21.29 44.71
C LEU B 476 -52.85 20.38 44.19
N LYS B 477 -53.51 19.72 45.14
CA LYS B 477 -54.47 18.66 44.84
C LYS B 477 -55.89 19.26 44.77
N GLU B 478 -56.90 18.39 44.79
CA GLU B 478 -58.28 18.86 44.71
C GLU B 478 -58.60 19.81 45.86
N ASP B 479 -58.83 21.07 45.52
CA ASP B 479 -59.22 22.09 46.51
C ASP B 479 -58.22 22.18 47.65
N ALA B 480 -56.94 22.10 47.32
CA ALA B 480 -55.85 22.13 48.29
C ALA B 480 -55.04 23.41 48.12
N GLN B 481 -54.83 24.14 49.21
CA GLN B 481 -54.14 25.43 49.18
C GLN B 481 -53.20 25.53 50.37
N VAL B 482 -51.89 25.43 50.09
CA VAL B 482 -50.84 25.62 51.08
C VAL B 482 -49.83 26.62 50.51
N THR B 483 -49.57 27.70 51.25
CA THR B 483 -48.76 28.79 50.73
C THR B 483 -47.29 28.40 50.61
N GLU B 484 -46.54 29.29 49.89
CA GLU B 484 -45.13 29.14 49.74
C GLU B 484 -44.37 29.18 51.05
N LYS B 485 -44.76 30.04 51.98
CA LYS B 485 -44.08 30.16 53.26
C LYS B 485 -44.27 28.92 54.11
N GLU B 486 -45.50 28.38 54.10
CA GLU B 486 -45.76 27.12 54.80
C GLU B 486 -44.92 25.99 54.24
N LEU B 487 -44.82 25.89 52.91
CA LEU B 487 -43.98 24.87 52.31
C LEU B 487 -42.53 25.05 52.72
N LEU B 488 -42.08 26.31 52.68
CA LEU B 488 -40.71 26.60 53.13
C LEU B 488 -40.54 26.02 54.53
N GLY B 489 -41.40 26.34 55.49
CA GLY B 489 -41.25 25.85 56.86
C GLY B 489 -41.24 24.33 56.93
N PHE B 490 -42.17 23.70 56.22
CA PHE B 490 -42.22 22.24 56.18
C PHE B 490 -40.89 21.65 55.74
N ALA B 491 -40.30 22.22 54.69
CA ALA B 491 -39.00 21.72 54.24
C ALA B 491 -37.90 22.03 55.25
N LYS B 492 -37.90 23.25 55.78
CA LYS B 492 -36.86 23.68 56.70
C LYS B 492 -36.88 22.85 57.97
N ASP B 493 -37.98 22.13 58.23
CA ASP B 493 -38.00 21.22 59.36
C ASP B 493 -36.83 20.26 59.33
N PHE B 494 -36.65 19.55 58.22
CA PHE B 494 -35.81 18.35 58.21
C PHE B 494 -34.37 18.70 58.57
N ILE B 495 -33.58 17.68 58.88
CA ILE B 495 -32.19 17.89 59.28
C ILE B 495 -31.28 16.90 58.56
N ASN B 496 -29.97 16.99 58.83
CA ASN B 496 -28.97 16.14 58.18
C ASN B 496 -28.80 16.46 56.69
N LYS B 497 -28.35 17.68 56.39
CA LYS B 497 -27.98 18.05 55.02
C LYS B 497 -26.86 19.07 55.07
N GLY B 498 -26.33 19.40 53.89
CA GLY B 498 -25.10 20.18 53.78
C GLY B 498 -25.24 21.68 53.68
N ILE B 499 -24.30 22.28 52.89
CA ILE B 499 -24.36 23.70 52.58
C ILE B 499 -24.41 24.56 53.86
N LEU B 500 -25.30 25.54 53.97
CA LEU B 500 -25.54 26.38 55.13
C LEU B 500 -26.68 25.76 55.95
N ALA B 501 -26.45 25.61 57.26
CA ALA B 501 -27.46 25.00 58.11
C ALA B 501 -27.83 23.63 57.55
N ARG B 502 -29.02 23.44 56.91
CA ARG B 502 -29.29 22.24 56.12
C ARG B 502 -29.91 22.73 54.80
N GLU B 503 -29.42 23.75 54.10
CA GLU B 503 -30.07 24.30 52.88
C GLU B 503 -31.53 24.68 52.95
N ALA B 504 -31.89 25.62 53.83
CA ALA B 504 -33.23 26.21 53.77
C ALA B 504 -33.15 27.72 53.91
N LEU B 505 -32.76 28.40 52.82
CA LEU B 505 -33.05 29.82 52.66
C LEU B 505 -33.30 30.21 51.21
N LEU B 506 -33.25 29.28 50.26
CA LEU B 506 -33.30 29.58 48.84
C LEU B 506 -34.41 28.77 48.18
N LEU B 507 -35.29 28.15 48.98
CA LEU B 507 -36.30 27.21 48.41
C LEU B 507 -37.21 27.86 47.40
N LYS B 508 -37.64 29.10 47.59
CA LYS B 508 -38.28 29.88 46.53
C LYS B 508 -39.46 29.15 45.89
N VAL B 509 -40.21 28.43 46.71
CA VAL B 509 -41.26 27.54 46.21
C VAL B 509 -42.34 28.36 45.51
N LYS B 510 -42.80 27.88 44.36
CA LYS B 510 -43.89 28.52 43.65
C LYS B 510 -44.95 27.48 43.29
N ILE B 511 -46.21 27.86 43.47
CA ILE B 511 -47.34 26.99 43.13
C ILE B 511 -47.71 27.27 41.68
N VAL B 512 -47.75 26.22 40.87
CA VAL B 512 -48.06 26.33 39.45
C VAL B 512 -49.12 25.30 39.09
N ASP B 513 -50.09 25.73 38.30
CA ASP B 513 -51.17 24.83 37.90
C ASP B 513 -50.63 23.56 37.26
N GLU B 514 -49.60 23.69 36.42
CA GLU B 514 -49.09 22.56 35.67
C GLU B 514 -47.57 22.66 35.59
N ILE B 515 -46.94 21.53 35.28
CA ILE B 515 -45.52 21.47 35.01
C ILE B 515 -45.34 20.90 33.60
N ALA B 516 -44.58 21.60 32.77
CA ALA B 516 -44.41 21.20 31.38
C ALA B 516 -43.91 19.76 31.29
N LYS B 517 -44.59 18.97 30.46
CA LYS B 517 -44.27 17.56 30.32
C LYS B 517 -44.08 17.23 28.85
N THR B 518 -43.14 16.31 28.58
CA THR B 518 -42.84 15.96 27.22
C THR B 518 -43.91 15.00 26.76
N SER B 519 -43.83 14.59 25.50
CA SER B 519 -44.70 13.55 24.97
C SER B 519 -44.47 12.19 25.62
N VAL B 520 -43.30 11.98 26.24
CA VAL B 520 -42.99 10.73 26.92
C VAL B 520 -43.60 10.74 28.31
N GLY B 521 -43.96 11.94 28.79
CA GLY B 521 -44.57 12.07 30.09
C GLY B 521 -43.59 12.48 31.16
N LYS B 522 -42.36 12.77 30.77
CA LYS B 522 -41.31 13.20 31.67
C LYS B 522 -41.31 14.72 31.72
N VAL B 523 -41.24 15.26 32.95
CA VAL B 523 -41.29 16.70 33.12
C VAL B 523 -40.19 17.37 32.31
N ASP B 524 -40.47 18.42 31.52
CA ASP B 524 -39.48 19.09 30.66
C ASP B 524 -38.62 20.05 31.49
N LYS B 525 -37.45 19.66 31.99
CA LYS B 525 -36.68 20.59 32.82
C LYS B 525 -36.15 21.75 31.96
N LYS B 526 -35.91 21.52 30.66
CA LYS B 526 -35.34 22.56 29.81
C LYS B 526 -36.34 23.70 29.60
N GLU B 527 -37.57 23.36 29.21
CA GLU B 527 -38.63 24.37 29.09
C GLU B 527 -39.02 24.95 30.44
N LEU B 528 -38.97 24.16 31.50
CA LEU B 528 -39.29 24.69 32.82
C LEU B 528 -38.34 25.82 33.21
N ARG B 529 -37.05 25.68 32.89
CA ARG B 529 -36.04 26.73 33.20
C ARG B 529 -36.05 27.80 32.10
N LYS B 530 -36.58 27.51 30.92
CA LYS B 530 -36.79 28.56 29.93
C LYS B 530 -37.92 29.51 30.33
N LEU B 531 -39.06 28.98 30.77
CA LEU B 531 -40.22 29.81 31.08
C LEU B 531 -39.95 30.72 32.27
N HIS B 532 -39.53 30.13 33.40
CA HIS B 532 -39.47 30.86 34.66
C HIS B 532 -38.26 31.79 34.74
N LEU B 533 -37.37 31.77 33.75
CA LEU B 533 -36.12 32.50 33.80
C LEU B 533 -35.27 32.18 32.58
N TYR C 4 0.46 20.21 5.55
CA TYR C 4 0.36 20.17 4.09
C TYR C 4 1.69 20.59 3.56
N VAL C 5 2.35 19.70 2.82
CA VAL C 5 3.62 20.07 2.19
C VAL C 5 3.35 20.23 0.70
N ASN C 6 3.64 21.43 0.22
CA ASN C 6 3.56 21.68 -1.19
C ASN C 6 4.81 22.09 -1.82
N ASP C 7 5.12 21.53 -2.98
CA ASP C 7 6.18 22.10 -3.79
C ASP C 7 5.67 23.36 -4.49
N PRO C 8 6.48 24.43 -4.50
CA PRO C 8 6.07 25.64 -5.16
C PRO C 8 5.72 25.56 -6.61
N SER C 9 6.18 24.54 -7.31
CA SER C 9 5.81 24.33 -8.71
C SER C 9 4.34 24.00 -8.85
N ASN C 10 3.80 23.19 -7.94
CA ASN C 10 2.42 22.73 -8.05
C ASN C 10 1.47 23.81 -7.55
N TYR C 11 0.96 24.61 -8.46
CA TYR C 11 0.14 25.77 -8.12
C TYR C 11 -1.25 25.32 -7.69
N GLN C 12 -1.70 25.79 -6.54
CA GLN C 12 -3.03 25.53 -6.03
C GLN C 12 -3.89 26.77 -6.20
N LEU C 13 -5.13 26.58 -6.65
CA LEU C 13 -6.06 27.68 -6.86
C LEU C 13 -6.80 28.00 -5.57
N LEU C 14 -6.34 29.02 -4.85
CA LEU C 14 -6.90 29.36 -3.55
C LEU C 14 -7.49 30.77 -3.60
N ILE C 15 -8.36 31.07 -2.64
CA ILE C 15 -9.05 32.37 -2.60
C ILE C 15 -8.11 33.49 -2.23
N LYS C 16 -7.03 33.18 -1.51
CA LYS C 16 -6.05 34.19 -1.17
C LYS C 16 -5.34 34.72 -2.41
N ASN C 17 -5.14 33.88 -3.42
CA ASN C 17 -4.60 34.36 -4.69
C ASN C 17 -5.55 35.33 -5.35
N LEU C 18 -6.83 35.13 -5.14
CA LEU C 18 -7.83 36.05 -5.63
C LEU C 18 -7.70 37.40 -4.95
N LEU C 19 -7.42 37.40 -3.65
CA LEU C 19 -7.26 38.68 -2.94
C LEU C 19 -5.92 39.37 -3.21
N PHE C 20 -4.82 38.62 -3.26
CA PHE C 20 -3.48 39.18 -3.30
C PHE C 20 -2.81 39.07 -4.66
N SER C 21 -3.44 38.44 -5.65
CA SER C 21 -2.96 38.40 -7.03
C SER C 21 -4.08 38.82 -7.95
N PRO C 22 -4.57 40.05 -7.80
CA PRO C 22 -5.77 40.47 -8.51
C PRO C 22 -5.48 40.82 -9.96
N VAL C 23 -6.53 41.19 -10.67
CA VAL C 23 -6.38 41.82 -11.98
C VAL C 23 -5.89 43.26 -11.82
N ALA C 24 -6.40 43.96 -10.81
CA ALA C 24 -5.97 45.32 -10.54
C ALA C 24 -6.09 45.59 -9.06
N PHE C 25 -5.11 46.29 -8.50
CA PHE C 25 -5.13 46.71 -7.10
C PHE C 25 -4.78 48.19 -7.02
N ASN C 26 -5.71 49.00 -6.54
CA ASN C 26 -5.48 50.41 -6.21
C ASN C 26 -5.68 50.60 -4.72
N PRO C 27 -4.60 50.84 -3.93
CA PRO C 27 -4.86 50.93 -2.48
C PRO C 27 -5.68 52.11 -2.01
N GLU C 28 -5.99 53.09 -2.84
CA GLU C 28 -6.83 54.23 -2.52
C GLU C 28 -8.25 54.10 -3.06
N GLN C 29 -8.60 52.98 -3.67
CA GLN C 29 -9.97 52.75 -4.08
C GLN C 29 -10.68 52.48 -2.77
N GLU C 30 -12.00 52.63 -2.66
CA GLU C 30 -12.73 52.58 -1.40
C GLU C 30 -13.86 51.56 -1.40
N ILE C 31 -14.09 50.99 -0.22
CA ILE C 31 -15.25 50.22 0.15
C ILE C 31 -16.14 51.11 0.99
N VAL C 32 -17.40 51.24 0.59
CA VAL C 32 -18.36 52.15 1.22
C VAL C 32 -19.49 51.33 1.80
N TYR C 33 -19.74 51.40 3.11
CA TYR C 33 -20.95 50.85 3.75
C TYR C 33 -21.94 51.91 4.06
N ALA C 34 -22.79 52.20 3.08
CA ALA C 34 -24.04 52.91 3.18
C ALA C 34 -23.80 54.35 3.57
N ASN C 35 -24.25 54.83 4.72
CA ASN C 35 -23.78 56.11 5.27
C ASN C 35 -23.04 55.90 6.55
N HIS C 36 -22.48 54.72 6.70
CA HIS C 36 -21.98 54.26 7.98
C HIS C 36 -20.47 54.33 8.06
N ARG C 37 -19.79 53.77 7.07
CA ARG C 37 -18.35 53.64 7.12
C ARG C 37 -17.82 53.73 5.69
N ARG C 38 -16.53 54.00 5.57
CA ARG C 38 -15.90 54.18 4.29
C ARG C 38 -14.41 54.04 4.49
N HIS C 39 -13.76 53.13 3.78
CA HIS C 39 -12.32 52.98 3.92
C HIS C 39 -11.72 52.43 2.64
N SER C 40 -10.40 52.54 2.50
CA SER C 40 -9.75 52.15 1.25
C SER C 40 -9.41 50.67 1.22
N TYR C 41 -8.92 50.20 0.08
CA TYR C 41 -8.53 48.81 -0.09
C TYR C 41 -7.34 48.41 0.78
N LYS C 42 -6.47 49.31 1.12
CA LYS C 42 -5.38 49.05 2.02
C LYS C 42 -5.91 48.78 3.41
N THR C 43 -6.88 49.50 3.90
CA THR C 43 -7.54 49.19 5.16
C THR C 43 -8.28 47.87 5.10
N PHE C 44 -8.91 47.56 3.97
CA PHE C 44 -9.61 46.30 3.80
C PHE C 44 -8.66 45.10 3.91
N HIS C 45 -7.50 45.16 3.26
CA HIS C 45 -6.52 44.09 3.42
C HIS C 45 -6.04 43.98 4.88
N ASP C 46 -5.76 45.12 5.52
CA ASP C 46 -5.36 45.10 6.93
C ASP C 46 -6.42 44.46 7.82
N ARG C 47 -7.68 44.81 7.59
CA ARG C 47 -8.77 44.27 8.38
C ARG C 47 -8.94 42.78 8.16
N VAL C 48 -8.70 42.31 6.93
CA VAL C 48 -8.79 40.87 6.68
C VAL C 48 -7.72 40.12 7.48
N ARG C 49 -6.50 40.67 7.52
CA ARG C 49 -5.46 40.04 8.34
C ARG C 49 -5.79 40.10 9.82
N GLN C 50 -6.34 41.23 10.29
CA GLN C 50 -6.77 41.32 11.68
C GLN C 50 -7.85 40.30 12.02
N PHE C 51 -8.79 40.12 11.11
CA PHE C 51 -9.86 39.15 11.32
C PHE C 51 -9.31 37.74 11.37
N ALA C 52 -8.30 37.43 10.56
CA ALA C 52 -7.64 36.14 10.67
C ALA C 52 -6.97 35.96 12.03
N ASN C 53 -6.32 37.01 12.52
CA ASN C 53 -5.74 36.94 13.86
C ASN C 53 -6.80 36.68 14.91
N ALA C 54 -7.92 37.41 14.83
CA ALA C 54 -8.97 37.26 15.83
C ALA C 54 -9.59 35.87 15.80
N LEU C 55 -9.82 35.33 14.61
CA LEU C 55 -10.38 33.98 14.51
C LEU C 55 -9.42 32.94 15.06
N THR C 56 -8.13 33.09 14.76
CA THR C 56 -7.15 32.16 15.32
C THR C 56 -7.13 32.21 16.84
N LYS C 57 -7.22 33.42 17.40
CA LYS C 57 -7.23 33.57 18.85
C LYS C 57 -8.43 32.88 19.49
N MET C 58 -9.56 32.80 18.79
CA MET C 58 -10.75 32.15 19.33
C MET C 58 -10.71 30.63 19.21
N GLY C 59 -9.65 30.05 18.69
CA GLY C 59 -9.60 28.62 18.54
C GLY C 59 -10.20 28.07 17.27
N VAL C 60 -10.39 28.90 16.25
CA VAL C 60 -10.89 28.41 14.97
C VAL C 60 -9.75 27.80 14.18
N LYS C 61 -9.95 26.58 13.68
CA LYS C 61 -8.92 25.79 13.03
C LYS C 61 -9.29 25.53 11.58
N LYS C 62 -8.48 24.77 10.88
CA LYS C 62 -8.70 24.48 9.54
C LYS C 62 -10.01 23.81 9.32
N GLY C 63 -10.47 22.83 10.02
CA GLY C 63 -11.73 22.24 9.60
C GLY C 63 -12.99 22.87 10.12
N ASP C 64 -12.91 23.99 10.83
CA ASP C 64 -14.03 24.48 11.61
C ASP C 64 -15.05 25.21 10.74
N THR C 65 -16.19 25.53 11.33
CA THR C 65 -17.28 26.20 10.65
C THR C 65 -17.65 27.47 11.40
N VAL C 66 -17.65 28.59 10.71
CA VAL C 66 -18.10 29.86 11.24
C VAL C 66 -19.35 30.27 10.47
N ALA C 67 -20.41 30.59 11.18
CA ALA C 67 -21.68 30.91 10.57
C ALA C 67 -21.92 32.41 10.68
N VAL C 68 -22.49 33.00 9.64
CA VAL C 68 -22.71 34.45 9.57
C VAL C 68 -24.19 34.69 9.34
N MET C 69 -24.82 35.63 10.07
CA MET C 69 -26.20 36.07 9.93
C MET C 69 -26.27 37.60 9.97
N ASP C 70 -26.07 38.29 8.84
CA ASP C 70 -26.14 39.73 8.72
C ASP C 70 -26.66 40.22 7.41
N TYR C 71 -26.90 41.52 7.23
CA TYR C 71 -27.21 42.11 5.93
C TYR C 71 -25.95 42.31 5.10
N ASP C 72 -26.09 42.91 3.93
CA ASP C 72 -24.95 43.20 3.07
C ASP C 72 -24.14 44.37 3.59
N SER C 73 -22.90 44.12 3.94
CA SER C 73 -22.04 45.12 4.54
C SER C 73 -20.59 44.75 4.26
N HIS C 74 -19.69 45.63 4.71
CA HIS C 74 -18.26 45.38 4.60
C HIS C 74 -17.84 44.18 5.44
N ARG C 75 -18.53 43.93 6.56
CA ARG C 75 -18.20 42.80 7.40
C ARG C 75 -18.46 41.49 6.67
N TYR C 76 -19.56 41.43 5.93
CA TYR C 76 -19.83 40.24 5.16
C TYR C 76 -18.78 40.03 4.09
N LEU C 77 -18.29 41.11 3.49
CA LEU C 77 -17.23 40.98 2.50
C LEU C 77 -15.94 40.48 3.14
N GLU C 78 -15.64 40.93 4.35
CA GLU C 78 -14.47 40.42 5.04
C GLU C 78 -14.61 38.95 5.42
N CYS C 79 -15.83 38.51 5.74
CA CYS C 79 -16.03 37.09 6.03
C CYS C 79 -15.86 36.23 4.78
N TYR C 80 -16.15 36.77 3.60
CA TYR C 80 -15.99 36.05 2.35
C TYR C 80 -14.54 35.67 2.08
N PHE C 81 -13.60 36.38 2.67
CA PHE C 81 -12.19 36.12 2.46
C PHE C 81 -11.53 35.52 3.68
N ALA C 82 -11.66 36.15 4.85
CA ALA C 82 -10.87 35.73 6.00
C ALA C 82 -11.18 34.29 6.40
N ILE C 83 -12.44 33.87 6.51
CA ILE C 83 -12.84 32.54 6.99
C ILE C 83 -12.29 31.45 6.10
N PRO C 84 -12.44 31.57 4.75
CA PRO C 84 -11.83 30.54 3.89
C PRO C 84 -10.31 30.58 3.84
N MET C 85 -9.69 31.73 3.91
CA MET C 85 -8.27 31.82 3.83
C MET C 85 -7.55 31.23 5.01
N ILE C 86 -8.14 31.14 6.17
CA ILE C 86 -7.61 30.44 7.32
C ILE C 86 -7.86 28.96 7.17
N GLY C 87 -8.61 28.50 6.16
CA GLY C 87 -8.91 27.10 6.04
C GLY C 87 -10.24 26.69 6.62
N ALA C 88 -10.96 27.60 7.28
CA ALA C 88 -12.27 27.28 7.82
C ALA C 88 -13.35 27.34 6.73
N LYS C 89 -14.58 27.06 7.14
CA LYS C 89 -15.68 26.89 6.21
C LYS C 89 -16.76 27.89 6.57
N LEU C 90 -17.16 28.72 5.61
CA LEU C 90 -18.12 29.79 5.83
C LEU C 90 -19.51 29.25 5.58
N HIS C 91 -20.32 29.16 6.61
CA HIS C 91 -21.71 28.74 6.49
C HIS C 91 -22.57 29.97 6.44
N MET C 92 -23.20 30.21 5.30
CA MET C 92 -24.01 31.41 5.11
C MET C 92 -25.44 31.08 5.48
N ILE C 93 -25.95 31.71 6.51
CA ILE C 93 -27.27 31.42 7.06
C ILE C 93 -28.31 32.25 6.33
N ASN C 94 -29.35 31.58 5.87
CA ASN C 94 -30.49 32.18 5.19
C ASN C 94 -31.47 32.70 6.24
N VAL C 95 -31.46 34.01 6.47
CA VAL C 95 -32.26 34.58 7.56
C VAL C 95 -33.73 34.70 7.20
N ARG C 96 -34.13 34.43 5.97
CA ARG C 96 -35.54 34.46 5.61
C ARG C 96 -36.24 33.14 5.82
N LEU C 97 -35.51 32.09 6.19
CA LEU C 97 -36.13 30.85 6.61
C LEU C 97 -36.79 31.04 7.98
N SER C 98 -37.67 30.11 8.32
CA SER C 98 -38.30 30.15 9.63
C SER C 98 -37.30 29.73 10.70
N PRO C 99 -37.55 30.12 11.96
CA PRO C 99 -36.60 29.76 13.03
C PRO C 99 -36.32 28.27 13.16
N GLU C 100 -37.32 27.40 12.94
CA GLU C 100 -37.09 25.96 13.03
C GLU C 100 -36.14 25.46 11.94
N GLN C 101 -36.30 25.97 10.71
CA GLN C 101 -35.39 25.60 9.64
C GLN C 101 -33.98 26.11 9.91
N ILE C 102 -33.87 27.31 10.44
CA ILE C 102 -32.58 27.90 10.76
C ILE C 102 -31.89 27.04 11.80
N LEU C 103 -32.63 26.66 12.83
CA LEU C 103 -32.10 25.79 13.87
C LEU C 103 -31.66 24.46 13.27
N TYR C 104 -32.45 23.90 12.37
CA TYR C 104 -32.04 22.66 11.74
C TYR C 104 -30.71 22.80 11.01
N THR C 105 -30.53 23.89 10.24
CA THR C 105 -29.30 24.01 9.45
C THR C 105 -28.09 24.28 10.33
N ILE C 106 -28.28 25.00 11.43
CA ILE C 106 -27.17 25.19 12.37
C ILE C 106 -26.77 23.86 13.00
N ASP C 107 -27.75 23.05 13.39
CA ASP C 107 -27.44 21.74 13.94
C ASP C 107 -26.76 20.85 12.91
N HIS C 108 -27.23 20.87 11.66
CA HIS C 108 -26.70 20.01 10.61
C HIS C 108 -25.27 20.39 10.25
N ALA C 109 -24.98 21.69 10.13
CA ALA C 109 -23.65 22.12 9.76
C ALA C 109 -22.65 22.02 10.91
N GLU C 110 -23.11 22.06 12.16
CA GLU C 110 -22.24 22.01 13.33
C GLU C 110 -21.29 23.20 13.38
N ASP C 111 -21.86 24.39 13.49
CA ASP C 111 -21.09 25.61 13.54
C ASP C 111 -20.40 25.78 14.89
N ASP C 112 -19.17 26.28 14.91
CA ASP C 112 -18.46 26.56 16.12
C ASP C 112 -18.71 27.97 16.61
N ILE C 113 -18.73 28.98 15.75
CA ILE C 113 -18.94 30.38 16.14
C ILE C 113 -20.02 30.96 15.25
N ILE C 114 -20.82 31.86 15.82
CA ILE C 114 -21.88 32.53 15.08
C ILE C 114 -21.69 34.04 15.19
N LEU C 115 -21.56 34.69 14.05
CA LEU C 115 -21.58 36.14 13.92
C LEU C 115 -22.98 36.55 13.53
N ILE C 116 -23.63 37.35 14.36
CA ILE C 116 -25.03 37.65 14.16
C ILE C 116 -25.30 39.12 14.38
N HIS C 117 -26.11 39.70 13.51
CA HIS C 117 -26.50 41.09 13.66
C HIS C 117 -27.51 41.26 14.78
N GLU C 118 -27.47 42.43 15.42
CA GLU C 118 -28.28 42.67 16.59
C GLU C 118 -29.77 42.52 16.28
N GLU C 119 -30.22 42.99 15.13
CA GLU C 119 -31.64 42.92 14.83
C GLU C 119 -32.08 41.56 14.32
N PHE C 120 -31.30 40.51 14.37
CA PHE C 120 -31.74 39.15 14.14
C PHE C 120 -31.62 38.47 15.48
N LEU C 121 -31.31 39.13 16.58
CA LEU C 121 -31.29 38.49 17.87
C LEU C 121 -32.63 37.95 18.35
N PRO C 122 -33.76 38.50 17.90
CA PRO C 122 -35.03 37.87 18.26
C PRO C 122 -35.30 36.50 17.65
N ILE C 123 -34.79 36.18 16.47
CA ILE C 123 -34.93 34.84 15.89
C ILE C 123 -34.07 33.98 16.76
N LEU C 124 -32.88 34.43 17.14
CA LEU C 124 -32.05 33.56 17.93
C LEU C 124 -32.65 33.24 19.28
N ASP C 125 -33.35 34.19 19.88
CA ASP C 125 -33.81 34.01 21.26
C ASP C 125 -34.67 32.78 21.39
N GLN C 126 -35.35 32.39 20.32
CA GLN C 126 -36.28 31.29 20.40
C GLN C 126 -35.72 29.97 19.91
N ILE C 127 -34.45 29.92 19.51
CA ILE C 127 -33.85 28.65 19.13
C ILE C 127 -32.53 28.50 19.88
N LYS C 128 -32.15 29.40 20.75
CA LYS C 128 -30.85 29.32 21.41
C LYS C 128 -30.83 28.21 22.42
N GLY C 129 -31.97 27.86 23.02
CA GLY C 129 -31.94 26.75 23.96
C GLY C 129 -31.64 25.40 23.33
N ARG C 130 -31.74 25.30 22.01
CA ARG C 130 -31.54 24.01 21.37
C ARG C 130 -30.26 23.92 20.57
N ILE C 131 -29.38 24.91 20.66
CA ILE C 131 -28.11 24.86 19.95
C ILE C 131 -27.03 24.28 20.85
N ASP C 132 -26.23 23.38 20.30
CA ASP C 132 -25.32 22.61 21.14
C ASP C 132 -23.87 22.85 20.79
N THR C 133 -23.58 23.08 19.51
CA THR C 133 -22.20 23.07 19.03
C THR C 133 -21.53 24.42 19.09
N VAL C 134 -22.24 25.49 19.40
CA VAL C 134 -21.73 26.84 19.24
C VAL C 134 -21.12 27.30 20.55
N THR C 135 -19.86 27.72 20.51
CA THR C 135 -19.16 28.18 21.69
C THR C 135 -19.16 29.70 21.85
N ARG C 136 -19.27 30.45 20.75
CA ARG C 136 -19.27 31.89 20.82
C ARG C 136 -20.23 32.58 19.91
N TYR C 137 -20.89 33.62 20.40
CA TYR C 137 -21.76 34.48 19.63
C TYR C 137 -21.20 35.89 19.61
N VAL C 138 -20.97 36.41 18.41
CA VAL C 138 -20.44 37.75 18.23
C VAL C 138 -21.54 38.62 17.66
N VAL C 139 -21.95 39.64 18.42
CA VAL C 139 -23.05 40.51 18.04
C VAL C 139 -22.51 41.68 17.24
N LEU C 140 -23.08 41.88 16.06
CA LEU C 140 -22.67 42.91 15.12
C LEU C 140 -23.64 44.08 15.20
N ARG C 141 -23.10 45.29 15.24
CA ARG C 141 -23.90 46.50 15.31
C ARG C 141 -23.40 47.49 14.26
N ASP C 142 -24.23 48.47 13.96
CA ASP C 142 -23.87 49.47 12.96
C ASP C 142 -23.22 50.71 13.54
N ASP C 143 -22.82 50.68 14.81
CA ASP C 143 -22.09 51.76 15.47
C ASP C 143 -20.82 51.19 16.12
N GLU C 144 -20.22 51.98 17.02
CA GLU C 144 -18.98 51.53 17.68
C GLU C 144 -19.18 50.35 18.61
N GLU C 145 -20.42 50.05 18.99
CA GLU C 145 -20.60 48.99 19.98
C GLU C 145 -20.56 47.59 19.36
N CYS C 146 -20.25 47.46 18.07
CA CYS C 146 -20.08 46.18 17.45
C CYS C 146 -19.05 45.36 18.15
N GLU C 147 -19.34 44.08 18.40
CA GLU C 147 -18.33 43.20 19.00
C GLU C 147 -17.29 42.79 17.98
N TYR C 148 -17.61 42.74 16.69
CA TYR C 148 -16.65 42.44 15.68
C TYR C 148 -15.63 43.53 15.57
N GLU C 149 -16.03 44.78 15.64
CA GLU C 149 -15.03 45.84 15.58
C GLU C 149 -14.12 45.81 16.78
N ARG C 150 -14.65 45.54 17.97
CA ARG C 150 -13.82 45.43 19.15
C ARG C 150 -12.85 44.27 19.01
N LEU C 151 -13.29 43.11 18.52
CA LEU C 151 -12.38 41.99 18.32
C LEU C 151 -11.28 42.34 17.33
N LEU C 152 -11.61 43.05 16.26
CA LEU C 152 -10.62 43.38 15.25
C LEU C 152 -9.61 44.41 15.76
N GLU C 153 -10.04 45.36 16.58
CA GLU C 153 -9.15 46.43 17.02
C GLU C 153 -7.94 45.92 17.79
N GLN C 154 -8.08 44.83 18.54
CA GLN C 154 -7.00 44.35 19.40
C GLN C 154 -6.11 43.32 18.72
N GLU C 155 -6.10 43.29 17.40
CA GLU C 155 -5.26 42.35 16.66
C GLU C 155 -4.26 43.11 15.83
N SER C 156 -3.21 42.42 15.41
CA SER C 156 -2.22 43.01 14.54
C SER C 156 -2.64 42.85 13.08
N THR C 157 -2.12 43.75 12.25
CA THR C 157 -2.37 43.78 10.84
C THR C 157 -1.46 42.82 10.06
N GLU C 158 -0.81 41.89 10.74
CA GLU C 158 0.09 40.94 10.11
C GLU C 158 -0.44 39.52 10.24
N TYR C 159 -0.31 38.74 9.18
CA TYR C 159 -0.75 37.35 9.19
C TYR C 159 -0.22 36.66 7.95
N ASN C 160 0.35 35.47 8.12
CA ASN C 160 0.85 34.65 7.02
C ASN C 160 -0.18 33.56 6.72
N PHE C 161 -0.83 33.67 5.58
CA PHE C 161 -1.93 32.76 5.25
C PHE C 161 -1.40 31.43 4.73
N PRO C 162 -1.92 30.31 5.21
CA PRO C 162 -1.37 29.00 4.84
C PRO C 162 -1.63 28.62 3.39
N ASP C 163 -0.89 27.61 2.95
CA ASP C 163 -1.13 26.91 1.69
C ASP C 163 -1.70 25.55 2.01
N PHE C 164 -2.84 25.23 1.42
CA PHE C 164 -3.41 23.90 1.54
C PHE C 164 -3.86 23.46 0.16
N ASP C 165 -4.44 22.26 0.11
CA ASP C 165 -4.96 21.72 -1.13
C ASP C 165 -6.10 22.58 -1.67
N GLU C 166 -6.18 22.71 -3.00
CA GLU C 166 -7.21 23.53 -3.61
C GLU C 166 -8.59 22.90 -3.49
N ASN C 167 -8.69 21.67 -3.06
CA ASN C 167 -9.97 20.98 -2.93
C ASN C 167 -10.54 21.03 -1.53
N THR C 168 -10.03 21.87 -0.68
CA THR C 168 -10.58 22.12 0.63
C THR C 168 -11.84 22.90 0.56
N VAL C 169 -12.88 22.51 1.32
CA VAL C 169 -14.17 23.18 1.23
C VAL C 169 -14.08 24.60 1.79
N ALA C 170 -14.67 25.54 1.08
CA ALA C 170 -14.63 26.95 1.41
C ALA C 170 -15.94 27.49 1.95
N THR C 171 -17.06 27.17 1.33
CA THR C 171 -18.35 27.74 1.72
C THR C 171 -19.42 26.67 1.72
N THR C 172 -20.49 26.92 2.46
CA THR C 172 -21.68 26.07 2.44
C THR C 172 -22.90 26.93 2.71
N PHE C 173 -24.02 26.52 2.13
CA PHE C 173 -25.32 27.11 2.44
C PHE C 173 -26.40 26.10 2.10
N TYR C 174 -27.60 26.36 2.58
CA TYR C 174 -28.69 25.39 2.52
C TYR C 174 -29.82 25.91 1.67
N THR C 175 -30.41 25.03 0.88
CA THR C 175 -31.47 25.38 -0.04
C THR C 175 -32.69 24.52 0.27
N THR C 176 -33.86 25.16 0.35
CA THR C 176 -35.08 24.44 0.73
C THR C 176 -35.58 23.53 -0.38
N GLY C 177 -35.82 24.09 -1.57
CA GLY C 177 -36.14 23.23 -2.69
C GLY C 177 -37.41 22.43 -2.47
N THR C 178 -37.38 21.17 -2.93
CA THR C 178 -38.55 20.32 -2.96
C THR C 178 -38.48 19.13 -2.01
N THR C 179 -37.45 19.06 -1.17
CA THR C 179 -37.36 17.98 -0.20
C THR C 179 -38.04 18.38 1.10
N GLY C 180 -38.00 17.48 2.08
CA GLY C 180 -38.66 17.71 3.35
C GLY C 180 -37.84 18.51 4.35
N PHE C 181 -36.54 18.62 4.14
CA PHE C 181 -35.64 19.43 4.94
C PHE C 181 -34.72 20.18 4.01
N PRO C 182 -34.13 21.30 4.47
CA PRO C 182 -33.14 21.99 3.63
C PRO C 182 -31.94 21.12 3.31
N LYS C 183 -31.39 21.30 2.12
CA LYS C 183 -30.23 20.55 1.66
C LYS C 183 -29.01 21.47 1.67
N GLY C 184 -27.86 20.91 2.00
CA GLY C 184 -26.64 21.68 2.08
C GLY C 184 -25.74 21.47 0.90
N VAL C 185 -25.36 22.57 0.26
CA VAL C 185 -24.43 22.55 -0.87
C VAL C 185 -23.12 23.12 -0.37
N PHE C 186 -22.02 22.77 -1.04
CA PHE C 186 -20.71 23.26 -0.65
C PHE C 186 -19.83 23.38 -1.88
N PHE C 187 -18.85 24.26 -1.78
CA PHE C 187 -17.93 24.54 -2.87
C PHE C 187 -16.52 24.61 -2.33
N THR C 188 -15.55 24.32 -3.17
CA THR C 188 -14.16 24.38 -2.78
C THR C 188 -13.52 25.70 -3.23
N HIS C 189 -12.27 25.89 -2.80
CA HIS C 189 -11.49 27.05 -3.24
C HIS C 189 -11.33 27.06 -4.76
N ARG C 190 -10.98 25.91 -5.32
CA ARG C 190 -10.78 25.80 -6.76
C ARG C 190 -12.04 26.20 -7.52
N GLN C 191 -13.20 25.72 -7.06
CA GLN C 191 -14.46 26.02 -7.74
C GLN C 191 -14.79 27.49 -7.73
N LEU C 192 -14.57 28.17 -6.61
CA LEU C 192 -14.89 29.60 -6.53
C LEU C 192 -13.93 30.41 -7.38
N VAL C 193 -12.65 30.08 -7.34
CA VAL C 193 -11.67 30.77 -8.18
C VAL C 193 -12.02 30.59 -9.65
N LEU C 194 -12.40 29.38 -10.05
CA LEU C 194 -12.71 29.14 -11.46
C LEU C 194 -14.01 29.79 -11.86
N HIS C 195 -14.97 29.88 -10.95
CA HIS C 195 -16.20 30.60 -11.25
C HIS C 195 -15.90 32.08 -11.52
N THR C 196 -15.02 32.67 -10.71
CA THR C 196 -14.60 34.04 -10.92
C THR C 196 -13.95 34.23 -12.29
N MET C 197 -12.93 33.56 -12.63
CA MET C 197 -12.37 33.67 -13.94
C MET C 197 -13.22 33.27 -15.06
N GLY C 198 -14.10 32.30 -14.96
CA GLY C 198 -14.98 32.00 -16.06
C GLY C 198 -15.97 33.08 -16.35
N ILE C 199 -16.59 33.64 -15.31
CA ILE C 199 -17.56 34.70 -15.57
C ILE C 199 -16.86 35.97 -16.03
N LEU C 200 -15.67 36.27 -15.49
CA LEU C 200 -14.96 37.44 -16.00
C LEU C 200 -14.59 37.28 -17.47
N SER C 201 -14.20 36.08 -17.88
CA SER C 201 -13.98 35.82 -19.31
C SER C 201 -15.24 35.98 -20.13
N THR C 202 -16.40 35.57 -19.62
CA THR C 202 -17.62 35.68 -20.40
C THR C 202 -18.12 37.12 -20.51
N ILE C 203 -18.44 37.75 -19.37
CA ILE C 203 -19.07 39.06 -19.47
C ILE C 203 -18.03 40.18 -19.57
N GLY C 204 -16.76 39.90 -19.35
CA GLY C 204 -15.76 40.92 -19.53
C GLY C 204 -15.43 41.21 -20.98
N THR C 205 -15.62 40.24 -21.85
CA THR C 205 -15.20 40.35 -23.24
C THR C 205 -16.32 40.75 -24.18
N ASN C 206 -17.50 41.04 -23.73
CA ASN C 206 -18.54 41.49 -24.58
C ASN C 206 -18.18 42.73 -25.27
N ALA C 207 -18.61 42.92 -26.50
CA ALA C 207 -18.16 44.06 -27.28
C ALA C 207 -18.58 45.38 -26.65
N SER C 208 -19.88 45.62 -26.52
CA SER C 208 -20.34 46.90 -26.00
C SER C 208 -21.61 46.86 -25.14
N GLN C 209 -22.22 45.76 -24.76
CA GLN C 209 -23.40 45.73 -23.94
C GLN C 209 -23.19 44.82 -22.80
N GLY C 210 -23.62 45.18 -21.64
CA GLY C 210 -23.69 44.30 -20.49
C GLY C 210 -22.36 43.73 -20.05
N ARG C 211 -21.34 44.55 -19.94
CA ARG C 211 -20.01 44.09 -19.57
C ARG C 211 -19.62 44.68 -18.23
N LEU C 212 -18.91 43.88 -17.45
CA LEU C 212 -18.31 44.31 -16.19
C LEU C 212 -16.83 44.53 -16.44
N HIS C 213 -16.33 45.71 -16.10
CA HIS C 213 -14.94 46.03 -16.31
C HIS C 213 -14.38 46.81 -15.13
N GLN C 214 -13.11 47.22 -15.27
CA GLN C 214 -12.37 47.80 -14.17
C GLN C 214 -12.75 49.23 -13.86
N GLY C 215 -13.53 49.88 -14.70
CA GLY C 215 -14.00 51.21 -14.40
C GLY C 215 -15.37 51.30 -13.76
N ASP C 216 -15.98 50.18 -13.40
CA ASP C 216 -17.33 50.15 -12.87
C ASP C 216 -17.35 50.40 -11.36
N ILE C 217 -18.55 50.70 -10.86
CA ILE C 217 -18.82 50.81 -9.43
C ILE C 217 -19.93 49.83 -9.08
N TYR C 218 -19.65 48.93 -8.14
CA TYR C 218 -20.51 47.77 -7.89
C TYR C 218 -21.35 47.94 -6.63
N MET C 219 -22.65 47.68 -6.73
CA MET C 219 -23.46 47.63 -5.53
C MET C 219 -24.44 46.46 -5.58
N PRO C 220 -24.34 45.50 -4.66
CA PRO C 220 -25.28 44.38 -4.68
C PRO C 220 -26.68 44.77 -4.24
N ILE C 221 -27.73 44.13 -4.79
CA ILE C 221 -29.10 44.30 -4.31
C ILE C 221 -29.74 42.90 -4.27
N THR C 222 -28.96 41.83 -4.07
CA THR C 222 -29.48 40.46 -3.96
C THR C 222 -28.70 39.96 -2.78
N PRO C 223 -29.33 39.24 -1.81
CA PRO C 223 -28.60 38.89 -0.58
C PRO C 223 -27.28 38.21 -0.68
N MET C 224 -26.37 38.55 0.22
CA MET C 224 -25.07 37.92 0.23
C MET C 224 -25.08 36.58 0.83
N PHE C 225 -26.21 36.13 1.34
CA PHE C 225 -26.30 34.76 1.81
C PHE C 225 -26.95 33.82 0.82
N HIS C 226 -27.39 34.29 -0.34
CA HIS C 226 -28.15 33.41 -1.20
C HIS C 226 -27.31 32.49 -2.08
N VAL C 227 -26.53 33.03 -3.00
CA VAL C 227 -25.76 32.17 -3.90
C VAL C 227 -24.33 32.65 -4.06
N HIS C 228 -23.74 33.15 -2.97
CA HIS C 228 -22.48 33.89 -3.00
C HIS C 228 -22.68 35.30 -3.55
N ALA C 229 -23.92 35.80 -3.48
CA ALA C 229 -24.31 37.00 -4.22
C ALA C 229 -23.91 36.91 -5.68
N TRP C 230 -24.28 35.79 -6.32
CA TRP C 230 -23.95 35.49 -7.71
C TRP C 230 -22.46 35.52 -7.98
N GLY C 231 -21.64 35.43 -6.94
CA GLY C 231 -20.21 35.49 -7.08
C GLY C 231 -19.66 36.86 -7.37
N LEU C 232 -20.49 37.90 -7.29
CA LEU C 232 -20.06 39.20 -7.76
C LEU C 232 -19.13 39.90 -6.79
N PRO C 233 -19.34 39.73 -5.46
CA PRO C 233 -18.37 40.26 -4.54
C PRO C 233 -16.94 39.76 -4.79
N TYR C 234 -16.72 38.55 -5.24
CA TYR C 234 -15.39 38.05 -5.60
C TYR C 234 -14.87 38.69 -6.87
N MET C 235 -15.67 38.80 -7.92
CA MET C 235 -15.26 39.42 -9.14
C MET C 235 -15.00 40.88 -8.99
N ALA C 236 -15.74 41.60 -8.18
CA ALA C 236 -15.47 43.02 -7.96
C ALA C 236 -14.14 43.21 -7.26
N THR C 237 -13.91 42.45 -6.21
CA THR C 237 -12.62 42.52 -5.52
C THR C 237 -11.49 42.21 -6.47
N MET C 238 -11.56 41.13 -7.23
CA MET C 238 -10.57 40.82 -8.24
C MET C 238 -10.33 41.99 -9.19
N LEU C 239 -11.36 42.73 -9.60
CA LEU C 239 -11.14 43.85 -10.50
C LEU C 239 -10.67 45.11 -9.81
N GLY C 240 -10.72 45.16 -8.48
CA GLY C 240 -10.30 46.32 -7.73
C GLY C 240 -11.15 47.56 -7.93
N VAL C 241 -12.44 47.38 -8.13
CA VAL C 241 -13.33 48.51 -8.38
C VAL C 241 -13.96 48.93 -7.06
N LYS C 242 -14.56 50.12 -7.07
CA LYS C 242 -15.25 50.63 -5.90
C LYS C 242 -16.48 49.78 -5.61
N GLN C 243 -16.74 49.46 -4.34
CA GLN C 243 -17.83 48.60 -3.93
C GLN C 243 -18.64 49.31 -2.91
N VAL C 244 -19.93 49.50 -3.12
CA VAL C 244 -20.87 50.16 -2.22
C VAL C 244 -21.83 49.11 -1.63
N TYR C 245 -21.96 48.99 -0.30
CA TYR C 245 -22.83 48.02 0.36
C TYR C 245 -23.98 48.76 1.03
N PRO C 246 -25.22 48.48 0.65
CA PRO C 246 -26.33 49.31 1.11
C PRO C 246 -26.87 48.92 2.47
N GLY C 247 -26.54 47.75 2.99
CA GLY C 247 -27.10 47.28 4.24
C GLY C 247 -28.45 46.61 4.03
N LYS C 248 -29.47 47.10 4.72
CA LYS C 248 -30.82 46.61 4.54
C LYS C 248 -31.48 47.33 3.38
N TYR C 249 -32.16 46.58 2.51
CA TYR C 249 -32.67 47.14 1.26
C TYR C 249 -33.89 47.98 1.57
N VAL C 250 -33.76 49.29 1.42
CA VAL C 250 -34.88 50.22 1.42
C VAL C 250 -34.81 51.03 0.13
N PRO C 251 -35.88 51.08 -0.67
CA PRO C 251 -35.76 51.72 -1.99
C PRO C 251 -35.26 53.14 -1.99
N ASP C 252 -35.70 53.98 -1.05
CA ASP C 252 -35.19 55.35 -1.02
C ASP C 252 -33.70 55.39 -0.77
N VAL C 253 -33.23 54.61 0.20
CA VAL C 253 -31.81 54.55 0.48
C VAL C 253 -31.05 54.03 -0.72
N LEU C 254 -31.58 53.01 -1.39
CA LEU C 254 -30.91 52.45 -2.56
C LEU C 254 -30.81 53.47 -3.69
N LEU C 255 -31.88 54.21 -3.95
CA LEU C 255 -31.85 55.21 -5.02
C LEU C 255 -30.86 56.31 -4.69
N ASN C 256 -30.82 56.73 -3.43
CA ASN C 256 -29.83 57.72 -3.04
C ASN C 256 -28.42 57.20 -3.21
N LEU C 257 -28.17 55.93 -2.89
CA LEU C 257 -26.82 55.40 -3.05
C LEU C 257 -26.42 55.35 -4.51
N ILE C 258 -27.36 54.95 -5.38
CA ILE C 258 -27.08 54.95 -6.81
C ILE C 258 -26.75 56.36 -7.29
N GLU C 259 -27.53 57.35 -6.87
CA GLU C 259 -27.28 58.71 -7.33
C GLU C 259 -25.97 59.27 -6.79
N GLN C 260 -25.69 59.05 -5.51
CA GLN C 260 -24.59 59.73 -4.84
C GLN C 260 -23.26 59.05 -5.07
N GLU C 261 -23.22 57.72 -5.03
CA GLU C 261 -21.97 57.01 -5.25
C GLU C 261 -21.74 56.66 -6.71
N LYS C 262 -22.70 56.96 -7.58
CA LYS C 262 -22.56 56.75 -9.03
C LYS C 262 -22.36 55.29 -9.37
N VAL C 263 -23.30 54.45 -8.95
CA VAL C 263 -23.23 53.01 -9.17
C VAL C 263 -23.49 52.71 -10.63
N THR C 264 -22.75 51.73 -11.18
CA THR C 264 -22.91 51.37 -12.58
C THR C 264 -23.15 49.89 -12.84
N PHE C 265 -23.11 49.04 -11.82
CA PHE C 265 -23.34 47.62 -11.99
C PHE C 265 -24.00 47.04 -10.75
N SER C 266 -25.09 46.32 -10.94
CA SER C 266 -25.84 45.73 -9.83
C SER C 266 -26.46 44.42 -10.27
N HIS C 267 -26.96 43.67 -9.30
CA HIS C 267 -27.83 42.53 -9.54
C HIS C 267 -29.00 42.65 -8.59
N CYS C 268 -30.17 42.20 -9.03
CA CYS C 268 -31.34 42.18 -8.16
C CYS C 268 -32.34 41.17 -8.70
N VAL C 269 -33.56 41.21 -8.16
CA VAL C 269 -34.64 40.32 -8.57
C VAL C 269 -35.80 41.19 -9.01
N PRO C 270 -36.74 40.64 -9.79
CA PRO C 270 -37.76 41.49 -10.41
C PRO C 270 -38.56 42.33 -9.43
N THR C 271 -38.84 41.83 -8.23
CA THR C 271 -39.68 42.57 -7.30
C THR C 271 -39.01 43.85 -6.84
N ILE C 272 -37.73 43.79 -6.47
CA ILE C 272 -37.02 44.98 -6.01
C ILE C 272 -36.85 45.97 -7.15
N LEU C 273 -36.59 45.48 -8.36
CA LEU C 273 -36.47 46.37 -9.50
C LEU C 273 -37.78 47.09 -9.77
N HIS C 274 -38.90 46.37 -9.68
CA HIS C 274 -40.20 47.02 -9.83
C HIS C 274 -40.41 48.08 -8.77
N LEU C 275 -40.00 47.79 -7.53
CA LEU C 275 -40.11 48.78 -6.47
C LEU C 275 -39.26 50.02 -6.76
N LEU C 276 -38.04 49.83 -7.24
CA LEU C 276 -37.17 50.97 -7.53
C LEU C 276 -37.73 51.83 -8.65
N LEU C 277 -38.19 51.19 -9.73
CA LEU C 277 -38.67 51.96 -10.88
C LEU C 277 -39.99 52.64 -10.58
N SER C 278 -40.85 52.02 -9.77
CA SER C 278 -42.15 52.60 -9.45
C SER C 278 -42.11 53.58 -8.29
N SER C 279 -40.95 53.81 -7.69
CA SER C 279 -40.85 54.81 -6.64
C SER C 279 -41.00 56.21 -7.22
N PRO C 280 -41.57 57.16 -6.47
CA PRO C 280 -41.65 58.54 -6.96
C PRO C 280 -40.31 59.23 -7.03
N LYS C 281 -39.43 59.00 -6.06
CA LYS C 281 -38.11 59.61 -6.08
C LYS C 281 -37.30 59.19 -7.28
N SER C 282 -37.68 58.12 -7.96
CA SER C 282 -36.97 57.64 -9.12
C SER C 282 -37.33 58.38 -10.40
N LYS C 283 -38.32 59.28 -10.36
CA LYS C 283 -38.73 59.94 -11.59
C LYS C 283 -37.74 60.99 -12.05
N ALA C 284 -36.93 61.54 -11.16
CA ALA C 284 -36.00 62.61 -11.47
C ALA C 284 -34.57 62.12 -11.39
N MET C 285 -34.35 60.84 -11.67
CA MET C 285 -33.04 60.24 -11.51
C MET C 285 -32.51 59.77 -12.86
N ASP C 286 -31.24 60.04 -13.11
CA ASP C 286 -30.60 59.55 -14.32
C ASP C 286 -30.15 58.11 -14.14
N PHE C 287 -30.58 57.26 -15.05
CA PHE C 287 -30.38 55.83 -14.94
C PHE C 287 -29.56 55.26 -16.09
N SER C 288 -28.98 56.10 -16.93
CA SER C 288 -28.53 55.65 -18.24
C SER C 288 -27.08 55.17 -18.22
N GLY C 289 -26.56 54.89 -17.03
CA GLY C 289 -25.22 54.35 -16.93
C GLY C 289 -25.20 53.13 -16.03
N TRP C 290 -26.38 52.59 -15.77
CA TRP C 290 -26.60 51.52 -14.82
C TRP C 290 -26.92 50.22 -15.56
N LYS C 291 -26.41 49.10 -15.05
CA LYS C 291 -26.44 47.81 -15.72
C LYS C 291 -26.86 46.69 -14.80
N VAL C 292 -28.12 46.66 -14.36
CA VAL C 292 -28.58 45.56 -13.52
C VAL C 292 -28.73 44.26 -14.29
N VAL C 293 -28.27 43.16 -13.70
CA VAL C 293 -28.57 41.81 -14.16
C VAL C 293 -29.61 41.21 -13.23
N ILE C 294 -30.71 40.67 -13.79
CA ILE C 294 -31.83 40.14 -13.04
C ILE C 294 -31.83 38.65 -13.09
N GLY C 295 -31.47 38.01 -11.99
CA GLY C 295 -31.48 36.58 -11.91
C GLY C 295 -32.40 36.21 -10.82
N GLY C 296 -32.55 34.93 -10.57
CA GLY C 296 -33.38 34.47 -9.49
C GLY C 296 -34.80 34.18 -9.86
N ALA C 297 -35.37 34.77 -10.91
CA ALA C 297 -36.67 34.47 -11.22
C ALA C 297 -36.70 34.95 -12.59
N ALA C 298 -37.73 34.59 -13.31
CA ALA C 298 -37.90 35.03 -14.63
C ALA C 298 -38.15 36.51 -14.73
N LEU C 299 -37.37 37.23 -15.50
CA LEU C 299 -37.60 38.64 -15.76
C LEU C 299 -38.78 38.79 -16.71
N PRO C 300 -39.87 39.45 -16.30
CA PRO C 300 -41.00 39.61 -17.20
C PRO C 300 -40.79 40.68 -18.27
N LYS C 301 -41.37 40.43 -19.44
CA LYS C 301 -41.15 41.31 -20.57
C LYS C 301 -41.65 42.72 -20.30
N ALA C 302 -42.72 42.86 -19.51
CA ALA C 302 -43.25 44.19 -19.23
C ALA C 302 -42.28 44.98 -18.36
N LEU C 303 -41.71 44.35 -17.34
CA LEU C 303 -40.69 45.01 -16.53
C LEU C 303 -39.46 45.33 -17.36
N CYS C 304 -39.03 44.42 -18.22
CA CYS C 304 -37.89 44.67 -19.08
C CYS C 304 -38.14 45.88 -19.97
N LYS C 305 -39.33 45.98 -20.55
CA LYS C 305 -39.65 47.11 -21.40
C LYS C 305 -39.67 48.42 -20.60
N SER C 306 -40.27 48.39 -19.41
CA SER C 306 -40.33 49.62 -18.61
C SER C 306 -38.93 50.08 -18.21
N ALA C 307 -38.04 49.13 -17.91
CA ALA C 307 -36.67 49.48 -17.60
C ALA C 307 -35.89 49.99 -18.82
N LEU C 308 -36.08 49.47 -20.01
CA LEU C 308 -35.36 49.92 -21.16
C LEU C 308 -35.79 51.26 -21.62
N GLU C 309 -36.93 51.79 -21.20
CA GLU C 309 -37.28 53.15 -21.55
C GLU C 309 -36.69 54.20 -20.62
N ARG C 310 -36.14 53.79 -19.48
CA ARG C 310 -35.34 54.65 -18.63
C ARG C 310 -33.86 54.60 -19.01
N ASP C 311 -33.51 53.84 -20.04
CA ASP C 311 -32.14 53.73 -20.54
C ASP C 311 -31.28 52.86 -19.64
N ILE C 312 -31.86 51.85 -19.01
CA ILE C 312 -31.14 50.93 -18.15
C ILE C 312 -30.73 49.74 -18.98
N ASP C 313 -29.47 49.32 -18.86
CA ASP C 313 -28.98 48.11 -19.52
C ASP C 313 -29.35 46.93 -18.64
N VAL C 314 -30.59 46.43 -18.81
CA VAL C 314 -31.15 45.31 -18.04
C VAL C 314 -30.94 44.02 -18.80
N PHE C 315 -30.59 42.94 -18.15
CA PHE C 315 -30.41 41.67 -18.80
C PHE C 315 -30.61 40.63 -17.76
N ALA C 316 -30.95 39.42 -18.16
CA ALA C 316 -31.16 38.33 -17.25
C ALA C 316 -30.05 37.32 -17.11
N GLY C 317 -30.04 36.52 -16.04
CA GLY C 317 -29.08 35.47 -15.85
C GLY C 317 -29.73 34.31 -15.14
N TYR C 318 -29.09 33.16 -15.23
CA TYR C 318 -29.67 31.92 -14.74
C TYR C 318 -28.67 31.16 -13.88
N GLY C 319 -29.17 30.65 -12.75
CA GLY C 319 -28.38 29.80 -11.87
C GLY C 319 -29.12 29.42 -10.63
N MET C 320 -28.58 28.47 -9.88
CA MET C 320 -29.20 27.92 -8.73
C MET C 320 -28.23 27.71 -7.64
N SER C 321 -28.67 27.28 -6.48
CA SER C 321 -27.79 26.99 -5.35
C SER C 321 -26.80 25.88 -5.62
N GLU C 322 -27.18 24.88 -6.40
CA GLU C 322 -26.33 23.75 -6.69
C GLU C 322 -25.28 24.03 -7.76
N THR C 323 -25.35 25.17 -8.43
CA THR C 323 -24.58 25.39 -9.63
C THR C 323 -23.87 26.75 -9.68
N GLY C 324 -22.93 26.99 -8.78
CA GLY C 324 -22.05 28.12 -8.93
C GLY C 324 -22.33 29.45 -8.22
N PRO C 325 -23.30 30.31 -8.61
CA PRO C 325 -24.52 29.96 -9.31
C PRO C 325 -24.64 30.14 -10.77
N ILE C 326 -23.74 30.70 -11.51
CA ILE C 326 -24.07 31.17 -12.84
C ILE C 326 -23.87 30.06 -13.87
N LEU C 327 -24.86 29.89 -14.72
CA LEU C 327 -24.82 28.96 -15.84
C LEU C 327 -25.01 29.64 -17.17
N SER C 328 -25.83 30.68 -17.25
CA SER C 328 -26.09 31.36 -18.51
C SER C 328 -26.45 32.82 -18.26
N ILE C 329 -26.16 33.66 -19.24
CA ILE C 329 -26.48 35.09 -19.22
C ILE C 329 -26.92 35.49 -20.62
N VAL C 330 -27.76 36.50 -20.74
CA VAL C 330 -28.14 37.08 -21.98
C VAL C 330 -27.06 38.01 -22.46
N GLN C 331 -26.45 37.77 -23.63
CA GLN C 331 -25.49 38.70 -24.21
C GLN C 331 -25.91 38.98 -25.64
N LEU C 332 -25.95 40.26 -26.01
CA LEU C 332 -26.57 40.71 -27.25
C LEU C 332 -25.52 41.11 -28.28
N THR C 333 -25.69 40.68 -29.53
CA THR C 333 -24.77 41.04 -30.61
C THR C 333 -25.02 42.46 -31.10
N PRO C 334 -24.01 43.03 -31.76
CA PRO C 334 -24.26 44.36 -32.28
C PRO C 334 -25.49 44.56 -33.14
N GLU C 335 -26.00 43.53 -33.77
CA GLU C 335 -27.20 43.64 -34.58
C GLU C 335 -28.43 43.60 -33.72
N GLN C 336 -28.43 42.77 -32.69
CA GLN C 336 -29.53 42.71 -31.75
C GLN C 336 -29.67 43.97 -30.92
N LEU C 337 -28.62 44.77 -30.82
CA LEU C 337 -28.70 46.07 -30.18
C LEU C 337 -29.33 47.14 -31.07
N GLU C 338 -29.50 46.86 -32.36
CA GLU C 338 -30.16 47.77 -33.28
C GLU C 338 -31.67 47.67 -33.27
N LEU C 339 -32.22 46.64 -32.63
CA LEU C 339 -33.64 46.39 -32.62
C LEU C 339 -34.32 47.39 -31.71
N ASP C 340 -35.64 47.56 -31.82
CA ASP C 340 -36.37 48.48 -30.95
C ASP C 340 -36.76 47.77 -29.65
N VAL C 341 -37.36 48.55 -28.75
CA VAL C 341 -37.50 48.15 -27.35
C VAL C 341 -38.27 46.85 -27.19
N ASP C 342 -39.11 46.51 -28.17
CA ASP C 342 -39.89 45.29 -28.03
C ASP C 342 -39.09 44.05 -28.43
N GLN C 343 -38.41 44.11 -29.53
CA GLN C 343 -37.65 43.01 -29.89
C GLN C 343 -36.53 42.94 -28.87
N GLN C 344 -35.98 44.05 -28.32
CA GLN C 344 -35.01 44.02 -27.23
C GLN C 344 -35.58 43.30 -26.02
N ALA C 345 -36.74 43.74 -25.53
CA ALA C 345 -37.33 43.18 -24.34
C ALA C 345 -37.61 41.70 -24.46
N GLU C 346 -37.82 41.21 -25.69
CA GLU C 346 -37.94 39.78 -25.91
C GLU C 346 -36.63 39.06 -25.61
N TYR C 347 -35.54 39.53 -26.20
CA TYR C 347 -34.24 38.87 -26.02
C TYR C 347 -33.72 38.98 -24.61
N ARG C 348 -33.86 40.17 -24.01
CA ARG C 348 -33.26 40.42 -22.72
C ARG C 348 -33.92 39.62 -21.62
N SER C 349 -35.15 39.18 -21.82
CA SER C 349 -35.89 38.40 -20.84
C SER C 349 -35.65 36.90 -20.95
N LYS C 350 -34.88 36.44 -21.93
CA LYS C 350 -34.59 35.03 -22.05
C LYS C 350 -33.65 34.60 -20.93
N THR C 351 -33.53 33.30 -20.73
CA THR C 351 -32.64 32.79 -19.71
C THR C 351 -31.18 33.05 -20.06
N GLY C 352 -30.85 32.99 -21.36
CA GLY C 352 -29.56 33.40 -21.86
C GLY C 352 -28.86 32.28 -22.60
N LYS C 353 -27.61 32.54 -22.94
CA LYS C 353 -26.73 31.51 -23.45
C LYS C 353 -25.76 31.05 -22.38
N LYS C 354 -25.30 29.82 -22.48
CA LYS C 354 -24.38 29.28 -21.49
C LYS C 354 -23.03 29.96 -21.56
N VAL C 355 -22.36 30.04 -20.41
CA VAL C 355 -21.11 30.75 -20.24
C VAL C 355 -19.92 29.85 -20.54
N ALA C 356 -18.72 30.42 -20.50
CA ALA C 356 -17.53 29.63 -20.78
C ALA C 356 -17.44 28.41 -19.88
N LEU C 357 -17.20 27.26 -20.50
CA LEU C 357 -16.93 25.99 -19.83
C LEU C 357 -18.17 25.30 -19.27
N VAL C 358 -19.32 25.53 -19.88
CA VAL C 358 -20.59 24.96 -19.45
C VAL C 358 -21.15 24.14 -20.60
N GLU C 359 -21.74 22.97 -20.30
CA GLU C 359 -22.28 22.10 -21.33
C GLU C 359 -23.78 22.31 -21.61
N ALA C 360 -24.65 21.98 -20.66
CA ALA C 360 -26.06 22.37 -20.78
C ALA C 360 -26.77 21.70 -21.97
N TYR C 361 -27.19 20.46 -21.77
CA TYR C 361 -28.12 19.77 -22.67
C TYR C 361 -29.56 19.80 -22.17
N ILE C 362 -30.55 19.59 -23.07
CA ILE C 362 -31.99 19.43 -22.68
C ILE C 362 -32.27 17.97 -22.94
N VAL C 363 -32.90 17.26 -22.02
CA VAL C 363 -33.06 15.81 -22.11
C VAL C 363 -34.45 15.39 -21.75
N ASP C 364 -34.82 14.16 -22.05
CA ASP C 364 -36.13 13.61 -21.64
C ASP C 364 -35.99 12.79 -20.34
N GLU C 365 -37.02 12.07 -19.93
CA GLU C 365 -37.05 11.37 -18.64
C GLU C 365 -36.10 10.19 -18.58
N ASP C 366 -35.78 9.60 -19.74
CA ASP C 366 -34.86 8.50 -19.84
C ASP C 366 -33.50 8.97 -20.31
N MET C 367 -33.15 10.27 -20.24
CA MET C 367 -31.80 10.79 -20.49
C MET C 367 -31.40 10.72 -21.95
N ASN C 368 -32.36 10.96 -22.84
CA ASN C 368 -32.12 11.12 -24.27
C ASN C 368 -32.06 12.60 -24.56
N LYS C 369 -31.15 13.00 -25.45
CA LYS C 369 -30.90 14.40 -25.72
C LYS C 369 -31.84 14.89 -26.81
N LEU C 370 -32.60 15.92 -26.51
CA LEU C 370 -33.59 16.42 -27.39
C LEU C 370 -33.02 17.51 -28.29
N PRO C 371 -33.59 17.67 -29.50
CA PRO C 371 -33.02 18.66 -30.42
C PRO C 371 -33.23 20.09 -29.94
N HIS C 372 -32.33 20.96 -30.39
CA HIS C 372 -32.43 22.40 -30.09
C HIS C 372 -33.17 23.13 -31.21
N ASP C 373 -34.40 22.68 -31.43
CA ASP C 373 -35.22 23.16 -32.54
C ASP C 373 -35.93 24.46 -32.21
N GLY C 374 -36.11 24.78 -30.94
CA GLY C 374 -36.75 26.01 -30.58
C GLY C 374 -38.08 25.84 -29.88
N GLU C 375 -38.59 24.62 -29.86
CA GLU C 375 -39.87 24.33 -29.21
C GLU C 375 -39.94 23.00 -28.47
N THR C 376 -39.09 22.03 -28.79
CA THR C 376 -39.06 20.79 -28.02
C THR C 376 -38.50 21.06 -26.63
N ALA C 377 -39.26 20.69 -25.61
CA ALA C 377 -38.87 20.98 -24.24
C ALA C 377 -38.40 19.74 -23.51
N GLY C 378 -37.55 19.95 -22.51
CA GLY C 378 -37.02 18.87 -21.71
C GLY C 378 -36.29 19.48 -20.53
N GLU C 379 -35.79 18.62 -19.66
CA GLU C 379 -35.10 19.08 -18.48
C GLU C 379 -33.66 19.45 -18.82
N ILE C 380 -33.19 20.56 -18.25
CA ILE C 380 -31.83 21.01 -18.46
C ILE C 380 -30.90 20.24 -17.55
N VAL C 381 -29.83 19.69 -18.12
CA VAL C 381 -28.79 18.99 -17.37
C VAL C 381 -27.46 19.62 -17.76
N VAL C 382 -26.55 19.75 -16.80
CA VAL C 382 -25.36 20.56 -17.00
C VAL C 382 -24.11 19.85 -16.52
N ARG C 383 -22.98 20.30 -17.07
CA ARG C 383 -21.65 19.95 -16.59
C ARG C 383 -20.85 21.23 -16.59
N ALA C 384 -20.20 21.53 -15.48
CA ALA C 384 -19.43 22.76 -15.35
C ALA C 384 -18.35 22.56 -14.31
N PRO C 385 -17.38 23.47 -14.26
CA PRO C 385 -16.30 23.33 -13.28
C PRO C 385 -16.68 23.72 -11.86
N TRP C 386 -17.89 24.21 -11.61
CA TRP C 386 -18.23 24.72 -10.29
C TRP C 386 -19.58 24.22 -9.77
N LEU C 387 -19.82 22.92 -9.85
CA LEU C 387 -21.07 22.32 -9.40
C LEU C 387 -20.84 21.55 -8.11
N THR C 388 -21.81 21.55 -7.22
CA THR C 388 -21.69 20.78 -6.00
C THR C 388 -21.77 19.29 -6.32
N PRO C 389 -20.87 18.46 -5.78
CA PRO C 389 -20.86 17.04 -6.16
C PRO C 389 -21.99 16.23 -5.54
N ASN C 390 -22.55 16.70 -4.44
CA ASN C 390 -23.61 15.99 -3.75
C ASN C 390 -24.19 16.96 -2.73
N TYR C 391 -25.20 16.51 -2.00
CA TYR C 391 -25.72 17.22 -0.84
C TYR C 391 -24.98 16.75 0.41
N TYR C 392 -24.66 17.68 1.27
CA TYR C 392 -23.88 17.35 2.46
C TYR C 392 -24.64 16.35 3.34
N LYS C 393 -23.95 15.28 3.74
CA LYS C 393 -24.51 14.24 4.61
C LYS C 393 -25.76 13.61 4.02
N ASP C 394 -25.76 13.32 2.73
CA ASP C 394 -26.96 12.88 2.04
C ASP C 394 -26.59 11.95 0.90
N ASN C 395 -27.32 10.86 0.75
CA ASN C 395 -26.99 9.84 -0.22
C ASN C 395 -28.07 9.65 -1.28
N LYS C 396 -29.30 9.36 -0.88
CA LYS C 396 -30.33 9.09 -1.87
C LYS C 396 -30.66 10.33 -2.70
N ASN C 397 -30.76 11.48 -2.07
CA ASN C 397 -31.01 12.72 -2.82
C ASN C 397 -29.82 13.09 -3.69
N SER C 398 -28.62 12.81 -3.21
CA SER C 398 -27.43 13.04 -4.02
C SER C 398 -27.41 12.18 -5.27
N LYS C 399 -27.82 10.92 -5.16
CA LYS C 399 -27.87 10.05 -6.34
C LYS C 399 -28.82 10.62 -7.38
N ALA C 400 -29.95 11.16 -6.94
CA ALA C 400 -30.92 11.72 -7.88
C ALA C 400 -30.43 13.03 -8.48
N LEU C 401 -29.60 13.77 -7.74
CA LEU C 401 -29.06 15.02 -8.26
C LEU C 401 -28.15 14.77 -9.47
N TRP C 402 -27.38 13.70 -9.46
CA TRP C 402 -26.40 13.43 -10.50
C TRP C 402 -26.76 12.23 -11.37
N ARG C 403 -28.04 11.95 -11.51
CA ARG C 403 -28.48 10.78 -12.28
C ARG C 403 -28.07 10.89 -13.75
N GLY C 404 -27.47 9.81 -14.25
CA GLY C 404 -27.05 9.74 -15.63
C GLY C 404 -25.74 10.42 -15.94
N GLY C 405 -24.98 10.83 -14.94
CA GLY C 405 -23.73 11.51 -15.16
C GLY C 405 -23.82 12.99 -15.42
N TYR C 406 -24.98 13.61 -15.23
CA TYR C 406 -25.18 15.03 -15.39
C TYR C 406 -25.92 15.56 -14.18
N LEU C 407 -25.77 16.85 -13.93
CA LEU C 407 -26.49 17.49 -12.83
C LEU C 407 -27.86 17.94 -13.30
N HIS C 408 -28.88 17.56 -12.56
CA HIS C 408 -30.27 17.83 -12.92
C HIS C 408 -30.73 19.12 -12.25
N THR C 409 -31.07 20.12 -13.05
CA THR C 409 -31.44 21.40 -12.50
C THR C 409 -32.89 21.44 -12.01
N GLY C 410 -33.75 20.60 -12.56
CA GLY C 410 -35.15 20.64 -12.22
C GLY C 410 -35.97 21.64 -13.00
N ASP C 411 -35.43 22.24 -14.06
CA ASP C 411 -36.14 23.22 -14.85
C ASP C 411 -36.35 22.70 -16.25
N VAL C 412 -37.46 23.07 -16.86
CA VAL C 412 -37.90 22.58 -18.17
C VAL C 412 -37.83 23.75 -19.15
N ALA C 413 -37.07 23.56 -20.22
CA ALA C 413 -36.80 24.63 -21.18
C ALA C 413 -36.61 24.04 -22.56
N HIS C 414 -36.69 24.91 -23.56
CA HIS C 414 -36.23 24.61 -24.91
C HIS C 414 -35.10 25.55 -25.27
N ILE C 415 -34.27 25.11 -26.21
CA ILE C 415 -33.09 25.83 -26.65
C ILE C 415 -33.22 26.14 -28.14
N ASP C 416 -32.85 27.36 -28.52
CA ASP C 416 -32.81 27.74 -29.93
C ASP C 416 -31.59 27.14 -30.63
N ASP C 417 -31.64 27.17 -31.96
CA ASP C 417 -30.50 26.73 -32.75
C ASP C 417 -29.31 27.67 -32.61
N GLU C 418 -29.54 28.91 -32.19
CA GLU C 418 -28.47 29.85 -31.91
C GLU C 418 -28.02 29.84 -30.46
N GLY C 419 -28.65 29.04 -29.60
CA GLY C 419 -28.19 28.83 -28.26
C GLY C 419 -28.97 29.53 -27.16
N PHE C 420 -30.05 30.23 -27.50
CA PHE C 420 -30.83 30.88 -26.47
C PHE C 420 -31.72 29.87 -25.76
N ILE C 421 -31.69 29.92 -24.43
CA ILE C 421 -32.43 29.00 -23.56
C ILE C 421 -33.62 29.75 -23.02
N LYS C 422 -34.78 29.12 -23.06
CA LYS C 422 -36.01 29.70 -22.53
C LYS C 422 -36.61 28.70 -21.56
N ILE C 423 -36.52 29.01 -20.26
CA ILE C 423 -37.09 28.14 -19.24
C ILE C 423 -38.62 28.25 -19.28
N THR C 424 -39.28 27.10 -19.34
CA THR C 424 -40.73 27.04 -19.54
C THR C 424 -41.47 26.67 -18.26
N ASP C 425 -40.94 25.84 -17.36
CA ASP C 425 -41.59 25.54 -16.10
C ASP C 425 -40.65 24.75 -15.25
N ARG C 426 -41.12 24.12 -14.19
CA ARG C 426 -40.38 23.18 -13.36
C ARG C 426 -40.76 21.75 -13.76
N VAL C 427 -39.86 20.82 -13.42
CA VAL C 427 -40.12 19.42 -13.73
C VAL C 427 -41.30 18.91 -12.91
N LYS C 428 -41.31 19.25 -11.62
CA LYS C 428 -42.39 18.80 -10.76
C LYS C 428 -43.72 19.43 -11.13
N ASP C 429 -43.69 20.69 -11.57
CA ASP C 429 -44.93 21.41 -11.84
C ASP C 429 -45.57 21.03 -13.16
N MET C 430 -44.88 20.31 -14.02
CA MET C 430 -45.44 19.90 -15.30
C MET C 430 -46.64 19.02 -15.08
N ILE C 431 -47.73 19.31 -15.80
CA ILE C 431 -48.94 18.51 -15.71
C ILE C 431 -48.79 17.32 -16.65
N LYS C 432 -49.02 16.12 -16.12
CA LYS C 432 -48.88 14.89 -16.90
C LYS C 432 -50.25 14.38 -17.35
N ILE C 433 -51.01 15.28 -17.99
CA ILE C 433 -52.32 14.90 -18.52
C ILE C 433 -52.12 13.94 -19.67
N SER C 434 -53.03 12.96 -19.79
CA SER C 434 -53.02 12.00 -20.89
C SER C 434 -51.62 11.44 -21.10
N GLY C 435 -50.96 11.85 -22.18
CA GLY C 435 -49.61 11.44 -22.45
C GLY C 435 -48.65 12.60 -22.59
N GLU C 436 -49.17 13.82 -22.57
CA GLU C 436 -48.42 15.03 -22.85
C GLU C 436 -47.95 15.71 -21.56
N TRP C 437 -47.21 16.80 -21.75
CA TRP C 437 -46.76 17.69 -20.67
C TRP C 437 -47.05 19.14 -21.06
N VAL C 438 -48.16 19.67 -20.60
CA VAL C 438 -48.40 21.10 -20.67
C VAL C 438 -47.71 21.77 -19.49
N SER C 439 -47.31 23.03 -19.68
CA SER C 439 -46.73 23.84 -18.64
C SER C 439 -47.79 24.55 -17.86
N SER C 440 -47.77 24.48 -16.54
CA SER C 440 -48.70 25.29 -15.75
C SER C 440 -48.40 26.78 -15.84
N LEU C 441 -47.18 27.16 -16.23
CA LEU C 441 -46.81 28.56 -16.23
C LEU C 441 -47.55 29.34 -17.31
N GLU C 442 -47.67 28.78 -18.52
CA GLU C 442 -48.34 29.53 -19.58
C GLU C 442 -49.82 29.67 -19.29
N LEU C 443 -50.44 28.63 -18.74
CA LEU C 443 -51.85 28.70 -18.37
C LEU C 443 -52.06 29.73 -17.26
N GLU C 444 -51.19 29.71 -16.24
CA GLU C 444 -51.28 30.69 -15.17
C GLU C 444 -51.14 32.10 -15.74
N ASP C 445 -50.22 32.28 -16.69
CA ASP C 445 -49.98 33.60 -17.25
C ASP C 445 -51.20 34.08 -18.04
N ILE C 446 -51.84 33.16 -18.77
CA ILE C 446 -53.08 33.48 -19.48
C ILE C 446 -54.15 33.92 -18.49
N LEU C 447 -54.37 33.11 -17.45
CA LEU C 447 -55.47 33.40 -16.53
C LEU C 447 -55.23 34.71 -15.79
N HIS C 448 -53.98 34.99 -15.42
CA HIS C 448 -53.68 36.23 -14.71
C HIS C 448 -53.81 37.45 -15.61
N GLN C 449 -53.81 37.27 -16.93
CA GLN C 449 -54.05 38.39 -17.83
C GLN C 449 -55.43 39.00 -17.66
N HIS C 450 -56.35 38.28 -17.03
CA HIS C 450 -57.70 38.78 -16.87
C HIS C 450 -57.70 40.07 -16.06
N GLN C 451 -58.60 40.99 -16.42
CA GLN C 451 -58.66 42.29 -15.75
C GLN C 451 -59.27 42.19 -14.37
N SER C 452 -59.82 41.04 -13.98
CA SER C 452 -60.49 40.88 -12.70
C SER C 452 -59.75 39.93 -11.76
N VAL C 453 -58.51 39.56 -12.07
CA VAL C 453 -57.76 38.56 -11.31
C VAL C 453 -56.52 39.20 -10.71
N SER C 454 -56.24 38.87 -9.44
CA SER C 454 -55.02 39.28 -8.76
C SER C 454 -53.96 38.19 -8.79
N GLU C 455 -54.34 36.95 -8.50
CA GLU C 455 -53.40 35.85 -8.62
C GLU C 455 -54.13 34.59 -9.03
N VAL C 456 -53.40 33.68 -9.66
CA VAL C 456 -53.88 32.35 -9.99
C VAL C 456 -52.75 31.36 -9.76
N ALA C 457 -53.11 30.17 -9.32
CA ALA C 457 -52.21 29.02 -9.31
C ALA C 457 -52.84 27.93 -10.15
N VAL C 458 -52.01 27.13 -10.82
CA VAL C 458 -52.44 25.94 -11.52
C VAL C 458 -51.76 24.74 -10.86
N ILE C 459 -52.52 23.67 -10.59
CA ILE C 459 -51.96 22.51 -9.90
C ILE C 459 -52.46 21.29 -10.65
N GLY C 460 -51.98 20.10 -10.33
CA GLY C 460 -52.48 18.88 -10.94
C GLY C 460 -53.47 18.23 -10.01
N MET C 461 -54.76 18.30 -10.36
CA MET C 461 -55.75 17.34 -9.86
C MET C 461 -55.66 16.07 -10.70
N PRO C 462 -56.20 14.93 -10.21
CA PRO C 462 -56.19 13.72 -11.03
C PRO C 462 -57.42 13.47 -11.85
N HIS C 463 -57.40 12.43 -12.67
CA HIS C 463 -58.55 12.03 -13.43
C HIS C 463 -58.22 10.62 -13.74
N ASN C 464 -59.21 9.75 -13.76
CA ASN C 464 -58.96 8.37 -14.16
C ASN C 464 -58.88 8.32 -15.68
N LYS C 465 -59.56 9.22 -16.40
CA LYS C 465 -59.61 9.12 -17.87
C LYS C 465 -58.45 9.84 -18.56
N TRP C 466 -58.08 11.01 -18.07
CA TRP C 466 -56.96 11.80 -18.61
C TRP C 466 -55.82 11.92 -17.55
N GLY C 467 -55.71 11.02 -16.58
CA GLY C 467 -54.56 11.09 -15.66
C GLY C 467 -54.34 12.42 -14.92
N GLU C 468 -53.13 12.99 -14.92
CA GLU C 468 -52.88 14.22 -14.11
C GLU C 468 -53.42 15.36 -14.92
N VAL C 469 -54.57 15.94 -14.60
CA VAL C 469 -55.28 16.91 -15.41
C VAL C 469 -55.24 18.25 -14.68
N PRO C 470 -55.42 19.35 -15.42
CA PRO C 470 -55.22 20.68 -14.84
C PRO C 470 -56.32 21.09 -13.86
N LEU C 471 -55.97 22.03 -12.97
CA LEU C 471 -56.93 22.66 -12.07
C LEU C 471 -56.41 24.04 -11.69
N ALA C 472 -57.34 24.95 -11.44
CA ALA C 472 -57.03 26.36 -11.19
C ALA C 472 -57.52 26.79 -9.83
N LEU C 473 -56.74 27.65 -9.17
CA LEU C 473 -57.21 28.46 -8.04
C LEU C 473 -57.03 29.92 -8.42
N VAL C 474 -58.08 30.72 -8.24
CA VAL C 474 -58.08 32.13 -8.61
C VAL C 474 -58.46 32.97 -7.40
N THR C 475 -57.81 34.14 -7.27
CA THR C 475 -58.14 35.12 -6.25
C THR C 475 -58.53 36.43 -6.92
N LEU C 476 -59.66 36.99 -6.51
CA LEU C 476 -60.21 38.19 -7.12
C LEU C 476 -59.74 39.45 -6.38
N LYS C 477 -59.98 40.59 -7.02
CA LYS C 477 -59.45 41.88 -6.58
C LYS C 477 -60.48 42.58 -5.69
N GLU C 478 -60.27 43.87 -5.45
CA GLU C 478 -61.18 44.63 -4.59
C GLU C 478 -62.59 44.59 -5.16
N ASP C 479 -63.50 43.94 -4.44
CA ASP C 479 -64.92 43.89 -4.82
C ASP C 479 -65.10 43.36 -6.23
N ALA C 480 -64.33 42.34 -6.59
CA ALA C 480 -64.35 41.75 -7.92
C ALA C 480 -64.90 40.33 -7.83
N GLN C 481 -65.89 40.01 -8.67
CA GLN C 481 -66.56 38.70 -8.63
C GLN C 481 -66.80 38.23 -10.07
N VAL C 482 -66.03 37.22 -10.49
CA VAL C 482 -66.20 36.56 -11.77
C VAL C 482 -66.24 35.05 -11.52
N THR C 483 -67.30 34.40 -11.99
CA THR C 483 -67.54 33.01 -11.66
C THR C 483 -66.54 32.09 -12.37
N GLU C 484 -66.56 30.80 -11.90
CA GLU C 484 -65.76 29.77 -12.51
C GLU C 484 -66.09 29.52 -13.94
N LYS C 485 -67.37 29.53 -14.32
CA LYS C 485 -67.79 29.26 -15.69
C LYS C 485 -67.33 30.38 -16.62
N GLU C 486 -67.44 31.62 -16.17
CA GLU C 486 -66.94 32.76 -16.95
C GLU C 486 -65.44 32.64 -17.17
N LEU C 487 -64.69 32.28 -16.14
CA LEU C 487 -63.25 32.10 -16.29
C LEU C 487 -62.96 30.98 -17.30
N LEU C 488 -63.70 29.88 -17.16
CA LEU C 488 -63.55 28.79 -18.11
C LEU C 488 -63.71 29.35 -19.51
N GLY C 489 -64.79 30.08 -19.83
CA GLY C 489 -65.01 30.59 -21.17
C GLY C 489 -63.89 31.50 -21.63
N PHE C 490 -63.46 32.41 -20.74
CA PHE C 490 -62.36 33.32 -21.06
C PHE C 490 -61.12 32.54 -21.49
N ALA C 491 -60.77 31.47 -20.75
CA ALA C 491 -59.62 30.66 -21.13
C ALA C 491 -59.88 29.90 -22.43
N LYS C 492 -61.07 29.31 -22.55
CA LYS C 492 -61.39 28.50 -23.71
C LYS C 492 -61.37 29.33 -24.98
N ASP C 493 -61.42 30.65 -24.85
CA ASP C 493 -61.29 31.50 -26.02
C ASP C 493 -60.03 31.19 -26.81
N PHE C 494 -58.88 31.18 -26.15
CA PHE C 494 -57.60 31.25 -26.86
C PHE C 494 -57.41 30.04 -27.75
N ILE C 495 -56.43 30.12 -28.66
CA ILE C 495 -56.20 29.03 -29.62
C ILE C 495 -54.70 28.75 -29.70
N ASN C 496 -54.34 27.77 -30.53
CA ASN C 496 -52.95 27.34 -30.68
C ASN C 496 -52.40 26.65 -29.44
N LYS C 497 -52.98 25.49 -29.09
CA LYS C 497 -52.44 24.65 -28.03
C LYS C 497 -52.76 23.19 -28.35
N GLY C 498 -52.22 22.29 -27.53
CA GLY C 498 -52.23 20.86 -27.83
C GLY C 498 -53.39 20.05 -27.29
N ILE C 499 -53.06 18.77 -26.92
CA ILE C 499 -54.00 17.91 -26.27
C ILE C 499 -55.30 17.75 -27.11
N LEU C 500 -56.48 17.88 -26.51
CA LEU C 500 -57.80 17.87 -27.16
C LEU C 500 -58.22 19.30 -27.45
N ALA C 501 -58.63 19.56 -28.69
CA ALA C 501 -59.01 20.91 -29.08
C ALA C 501 -57.86 21.86 -28.78
N ARG C 502 -57.92 22.71 -27.73
CA ARG C 502 -56.74 23.44 -27.24
C ARG C 502 -56.73 23.28 -25.72
N GLU C 503 -56.96 22.12 -25.10
CA GLU C 503 -57.07 21.98 -23.62
C GLU C 503 -58.04 22.88 -22.88
N ALA C 504 -59.34 22.83 -23.20
CA ALA C 504 -60.33 23.47 -22.35
C ALA C 504 -61.51 22.55 -22.12
N LEU C 505 -61.34 21.59 -21.22
CA LEU C 505 -62.46 20.91 -20.58
C LEU C 505 -62.18 20.50 -19.15
N LEU C 506 -60.99 20.77 -18.62
CA LEU C 506 -60.55 20.27 -17.33
C LEU C 506 -60.09 21.42 -16.44
N LEU C 507 -60.38 22.67 -16.85
CA LEU C 507 -59.83 23.86 -16.13
C LEU C 507 -60.22 23.90 -14.68
N LYS C 508 -61.46 23.54 -14.31
CA LYS C 508 -61.81 23.28 -12.91
C LYS C 508 -61.46 24.46 -11.99
N VAL C 509 -61.63 25.68 -12.50
CA VAL C 509 -61.17 26.87 -11.81
C VAL C 509 -61.92 27.03 -10.49
N LYS C 510 -61.19 27.37 -9.43
CA LYS C 510 -61.81 27.64 -8.14
C LYS C 510 -61.31 28.98 -7.61
N ILE C 511 -62.22 29.76 -7.05
CA ILE C 511 -61.89 31.04 -6.45
C ILE C 511 -61.57 30.79 -4.98
N VAL C 512 -60.39 31.25 -4.55
CA VAL C 512 -59.93 31.04 -3.20
C VAL C 512 -59.42 32.37 -2.65
N ASP C 513 -59.78 32.66 -1.40
CA ASP C 513 -59.37 33.91 -0.77
C ASP C 513 -57.86 34.10 -0.82
N GLU C 514 -57.11 33.03 -0.58
CA GLU C 514 -55.67 33.10 -0.49
C GLU C 514 -55.05 31.88 -1.14
N ILE C 515 -53.77 31.99 -1.47
CA ILE C 515 -52.97 30.86 -1.94
C ILE C 515 -51.79 30.70 -0.99
N ALA C 516 -51.60 29.49 -0.47
CA ALA C 516 -50.54 29.25 0.50
C ALA C 516 -49.19 29.70 -0.04
N LYS C 517 -48.48 30.48 0.77
CA LYS C 517 -47.20 31.04 0.38
C LYS C 517 -46.15 30.72 1.44
N THR C 518 -44.91 30.47 0.98
CA THR C 518 -43.87 30.10 1.89
C THR C 518 -43.37 31.37 2.53
N SER C 519 -42.42 31.23 3.44
CA SER C 519 -41.75 32.38 4.04
C SER C 519 -40.93 33.18 3.04
N VAL C 520 -40.56 32.57 1.91
CA VAL C 520 -39.80 33.26 0.86
C VAL C 520 -40.75 34.06 -0.01
N GLY C 521 -42.04 33.75 0.07
CA GLY C 521 -43.04 34.47 -0.69
C GLY C 521 -43.44 33.76 -1.96
N LYS C 522 -42.93 32.54 -2.14
CA LYS C 522 -43.25 31.71 -3.28
C LYS C 522 -44.43 30.83 -2.95
N VAL C 523 -45.40 30.76 -3.87
CA VAL C 523 -46.61 29.99 -3.61
C VAL C 523 -46.25 28.54 -3.29
N ASP C 524 -46.80 27.94 -2.22
CA ASP C 524 -46.45 26.56 -1.83
C ASP C 524 -47.22 25.54 -2.68
N LYS C 525 -46.66 25.01 -3.75
CA LYS C 525 -47.44 24.09 -4.59
C LYS C 525 -47.67 22.78 -3.82
N LYS C 526 -46.77 22.40 -2.90
CA LYS C 526 -46.91 21.13 -2.19
C LYS C 526 -48.11 21.17 -1.26
N GLU C 527 -48.20 22.20 -0.41
CA GLU C 527 -49.35 22.37 0.45
C GLU C 527 -50.63 22.68 -0.34
N LEU C 528 -50.51 23.38 -1.46
CA LEU C 528 -51.69 23.64 -2.28
C LEU C 528 -52.32 22.35 -2.76
N ARG C 529 -51.51 21.36 -3.15
CA ARG C 529 -52.03 20.05 -3.63
C ARG C 529 -52.31 19.14 -2.44
N LYS C 530 -51.76 19.42 -1.26
CA LYS C 530 -52.16 18.70 -0.06
C LYS C 530 -53.57 19.09 0.38
N LEU C 531 -53.87 20.39 0.44
CA LEU C 531 -55.15 20.86 0.94
C LEU C 531 -56.30 20.42 0.04
N HIS C 532 -56.22 20.73 -1.24
CA HIS C 532 -57.35 20.58 -2.15
C HIS C 532 -57.58 19.13 -2.56
N LEU C 533 -56.70 18.22 -2.15
CA LEU C 533 -56.74 16.84 -2.61
C LEU C 533 -55.53 16.06 -2.08
N TYR D 4 -8.72 5.43 -18.33
CA TYR D 4 -8.96 6.53 -17.40
C TYR D 4 -10.40 6.48 -17.05
N VAL D 5 -10.73 6.28 -15.78
CA VAL D 5 -12.13 6.32 -15.35
C VAL D 5 -12.34 7.62 -14.58
N ASN D 6 -13.26 8.42 -15.10
CA ASN D 6 -13.65 9.60 -14.40
C ASN D 6 -15.05 9.67 -14.01
N ASP D 7 -15.33 10.11 -12.79
CA ASP D 7 -16.69 10.47 -12.44
C ASP D 7 -17.01 11.83 -13.04
N PRO D 8 -18.21 11.96 -13.63
CA PRO D 8 -18.60 13.25 -14.20
C PRO D 8 -18.60 14.43 -13.30
N SER D 9 -18.68 14.24 -12.00
CA SER D 9 -18.60 15.33 -11.05
C SER D 9 -17.22 15.98 -11.06
N ASN D 10 -16.17 15.18 -11.16
CA ASN D 10 -14.81 15.70 -11.09
C ASN D 10 -14.41 16.30 -12.42
N TYR D 11 -14.56 17.60 -12.55
CA TYR D 11 -14.33 18.31 -13.80
C TYR D 11 -12.85 18.43 -14.06
N GLN D 12 -12.42 18.03 -15.25
CA GLN D 12 -11.04 18.15 -15.70
C GLN D 12 -10.94 19.29 -16.69
N LEU D 13 -9.91 20.12 -16.57
CA LEU D 13 -9.69 21.26 -17.46
C LEU D 13 -8.90 20.81 -18.68
N LEU D 14 -9.60 20.57 -19.79
CA LEU D 14 -8.99 20.04 -21.00
C LEU D 14 -9.17 21.04 -22.13
N ILE D 15 -8.34 20.90 -23.17
CA ILE D 15 -8.37 21.83 -24.31
C ILE D 15 -9.62 21.64 -25.16
N LYS D 16 -10.21 20.45 -25.14
CA LYS D 16 -11.44 20.22 -25.87
C LYS D 16 -12.59 21.05 -25.30
N ASN D 17 -12.59 21.28 -23.99
CA ASN D 17 -13.58 22.19 -23.41
C ASN D 17 -13.38 23.60 -23.93
N LEU D 18 -12.16 23.96 -24.22
CA LEU D 18 -11.87 25.24 -24.82
C LEU D 18 -12.46 25.33 -26.21
N LEU D 19 -12.40 24.24 -26.97
CA LEU D 19 -12.96 24.26 -28.32
C LEU D 19 -14.47 24.15 -28.34
N PHE D 20 -15.07 23.30 -27.51
CA PHE D 20 -16.49 22.97 -27.58
C PHE D 20 -17.33 23.61 -26.48
N SER D 21 -16.72 24.31 -25.53
CA SER D 21 -17.45 25.08 -24.51
C SER D 21 -16.91 26.50 -24.50
N PRO D 22 -17.05 27.22 -25.61
CA PRO D 22 -16.39 28.51 -25.75
C PRO D 22 -17.16 29.61 -25.01
N VAL D 23 -16.60 30.81 -25.08
CA VAL D 23 -17.35 32.00 -24.68
C VAL D 23 -18.40 32.34 -25.73
N ALA D 24 -18.06 32.18 -27.00
CA ALA D 24 -19.02 32.44 -28.07
C ALA D 24 -18.69 31.53 -29.24
N PHE D 25 -19.72 31.00 -29.88
CA PHE D 25 -19.57 30.19 -31.10
C PHE D 25 -20.54 30.67 -32.16
N ASN D 26 -20.02 31.16 -33.27
CA ASN D 26 -20.81 31.49 -34.45
C ASN D 26 -20.38 30.58 -35.59
N PRO D 27 -21.22 29.61 -36.02
CA PRO D 27 -20.70 28.70 -37.07
C PRO D 27 -20.45 29.32 -38.43
N GLU D 28 -20.84 30.56 -38.69
CA GLU D 28 -20.60 31.27 -39.93
C GLU D 28 -19.47 32.27 -39.83
N GLN D 29 -18.79 32.35 -38.70
CA GLN D 29 -17.61 33.19 -38.58
C GLN D 29 -16.57 32.45 -39.38
N GLU D 30 -15.50 33.06 -39.88
CA GLU D 30 -14.55 32.46 -40.80
C GLU D 30 -13.11 32.50 -40.31
N ILE D 31 -12.37 31.47 -40.70
CA ILE D 31 -10.92 31.38 -40.64
C ILE D 31 -10.39 31.62 -42.05
N VAL D 32 -9.49 32.58 -42.18
CA VAL D 32 -8.96 33.01 -43.46
C VAL D 32 -7.47 32.73 -43.50
N TYR D 33 -6.97 31.92 -44.45
CA TYR D 33 -5.54 31.76 -44.73
C TYR D 33 -5.13 32.52 -45.93
N ALA D 34 -4.78 33.79 -45.72
CA ALA D 34 -4.03 34.65 -46.60
C ALA D 34 -4.83 34.95 -47.86
N ASN D 35 -4.41 34.54 -49.04
CA ASN D 35 -5.27 34.54 -50.22
C ASN D 35 -5.50 33.14 -50.72
N HIS D 36 -5.39 32.19 -49.81
CA HIS D 36 -5.28 30.79 -50.17
C HIS D 36 -6.57 30.05 -49.91
N ARG D 37 -7.12 30.18 -48.71
CA ARG D 37 -8.26 29.40 -48.31
C ARG D 37 -9.09 30.23 -47.35
N ARG D 38 -10.34 29.84 -47.17
CA ARG D 38 -11.27 30.58 -46.33
C ARG D 38 -12.42 29.64 -46.02
N HIS D 39 -12.71 29.42 -44.74
CA HIS D 39 -13.82 28.55 -44.39
C HIS D 39 -14.37 28.93 -43.02
N SER D 40 -15.58 28.47 -42.71
CA SER D 40 -16.23 28.89 -41.48
C SER D 40 -15.83 28.02 -40.29
N TYR D 41 -16.31 28.40 -39.10
CA TYR D 41 -16.01 27.67 -37.88
C TYR D 41 -16.62 26.28 -37.86
N LYS D 42 -17.71 26.04 -38.53
CA LYS D 42 -18.30 24.74 -38.67
C LYS D 42 -17.39 23.84 -39.47
N THR D 43 -16.78 24.29 -40.55
CA THR D 43 -15.79 23.53 -41.27
C THR D 43 -14.54 23.29 -40.44
N PHE D 44 -14.13 24.27 -39.63
CA PHE D 44 -12.98 24.12 -38.76
C PHE D 44 -13.19 23.00 -37.73
N HIS D 45 -14.35 22.96 -37.09
CA HIS D 45 -14.63 21.85 -36.18
C HIS D 45 -14.64 20.51 -36.91
N ASP D 46 -15.27 20.45 -38.09
CA ASP D 46 -15.28 19.22 -38.88
C ASP D 46 -13.86 18.76 -39.22
N ARG D 47 -13.01 19.71 -39.62
CA ARG D 47 -11.64 19.38 -39.98
C ARG D 47 -10.84 18.90 -38.78
N VAL D 48 -11.11 19.46 -37.61
CA VAL D 48 -10.42 18.98 -36.41
C VAL D 48 -10.77 17.54 -36.12
N ARG D 49 -12.05 17.18 -36.26
CA ARG D 49 -12.45 15.79 -36.08
C ARG D 49 -11.84 14.88 -37.15
N GLN D 50 -11.80 15.33 -38.40
CA GLN D 50 -11.15 14.56 -39.46
C GLN D 50 -9.68 14.35 -39.16
N PHE D 51 -9.00 15.37 -38.68
CA PHE D 51 -7.58 15.26 -38.34
C PHE D 51 -7.36 14.28 -37.21
N ALA D 52 -8.27 14.24 -36.24
CA ALA D 52 -8.19 13.22 -35.19
C ALA D 52 -8.35 11.82 -35.77
N ASN D 53 -9.29 11.65 -36.71
CA ASN D 53 -9.43 10.37 -37.37
C ASN D 53 -8.15 9.98 -38.10
N ALA D 54 -7.56 10.91 -38.84
CA ALA D 54 -6.37 10.61 -39.61
C ALA D 54 -5.20 10.26 -38.71
N LEU D 55 -5.02 10.98 -37.62
CA LEU D 55 -3.94 10.67 -36.69
C LEU D 55 -4.13 9.31 -36.05
N THR D 56 -5.36 8.97 -35.67
CA THR D 56 -5.61 7.65 -35.11
C THR D 56 -5.29 6.56 -36.11
N LYS D 57 -5.66 6.77 -37.38
CA LYS D 57 -5.37 5.78 -38.41
C LYS D 57 -3.88 5.54 -38.59
N MET D 58 -3.05 6.56 -38.35
CA MET D 58 -1.60 6.43 -38.49
C MET D 58 -0.94 5.74 -37.30
N GLY D 59 -1.69 5.36 -36.28
CA GLY D 59 -1.10 4.74 -35.11
C GLY D 59 -0.63 5.69 -34.05
N VAL D 60 -1.09 6.94 -34.05
CA VAL D 60 -0.75 7.89 -33.00
C VAL D 60 -1.62 7.62 -31.79
N LYS D 61 -0.99 7.50 -30.63
CA LYS D 61 -1.63 7.10 -29.38
C LYS D 61 -1.53 8.22 -28.35
N LYS D 62 -2.04 7.98 -27.17
CA LYS D 62 -2.03 8.93 -26.15
C LYS D 62 -0.66 9.39 -25.82
N GLY D 63 0.37 8.62 -25.65
CA GLY D 63 1.61 9.24 -25.24
C GLY D 63 2.51 9.77 -26.33
N ASP D 64 2.07 9.74 -27.59
CA ASP D 64 2.98 9.94 -28.71
C ASP D 64 3.28 11.42 -28.93
N THR D 65 4.25 11.68 -29.80
CA THR D 65 4.68 13.04 -30.12
C THR D 65 4.59 13.27 -31.62
N VAL D 66 3.88 14.32 -32.00
CA VAL D 66 3.79 14.76 -33.39
C VAL D 66 4.46 16.12 -33.48
N ALA D 67 5.39 16.25 -34.42
CA ALA D 67 6.17 17.47 -34.57
C ALA D 67 5.68 18.22 -35.80
N VAL D 68 5.64 19.54 -35.71
CA VAL D 68 5.12 20.40 -36.76
C VAL D 68 6.19 21.39 -37.16
N MET D 69 6.47 21.61 -38.45
CA MET D 69 7.39 22.58 -38.99
C MET D 69 6.74 23.33 -40.17
N ASP D 70 5.98 24.40 -39.91
CA ASP D 70 5.32 25.21 -40.92
C ASP D 70 5.22 26.65 -40.56
N TYR D 71 4.76 27.54 -41.46
CA TYR D 71 4.44 28.91 -41.14
C TYR D 71 3.07 29.02 -40.47
N ASP D 72 2.63 30.24 -40.20
CA ASP D 72 1.32 30.47 -39.60
C ASP D 72 0.21 30.26 -40.60
N SER D 73 -0.65 29.30 -40.34
CA SER D 73 -1.71 28.93 -41.27
C SER D 73 -2.83 28.27 -40.48
N HIS D 74 -3.90 27.94 -41.20
CA HIS D 74 -5.02 27.21 -40.61
C HIS D 74 -4.61 25.81 -40.16
N ARG D 75 -3.64 25.20 -40.85
CA ARG D 75 -3.18 23.88 -40.48
C ARG D 75 -2.51 23.91 -39.13
N TYR D 76 -1.73 24.94 -38.87
CA TYR D 76 -1.11 25.07 -37.56
C TYR D 76 -2.16 25.25 -36.47
N LEU D 77 -3.23 25.98 -36.77
CA LEU D 77 -4.31 26.13 -35.80
C LEU D 77 -5.01 24.81 -35.54
N GLU D 78 -5.19 23.99 -36.57
CA GLU D 78 -5.78 22.68 -36.36
C GLU D 78 -4.87 21.76 -35.55
N CYS D 79 -3.56 21.89 -35.70
CA CYS D 79 -2.64 21.09 -34.91
C CYS D 79 -2.67 21.51 -33.44
N TYR D 80 -2.97 22.78 -33.16
CA TYR D 80 -3.05 23.28 -31.78
C TYR D 80 -4.17 22.60 -31.00
N PHE D 81 -5.16 22.06 -31.69
CA PHE D 81 -6.28 21.42 -31.03
C PHE D 81 -6.28 19.92 -31.20
N ALA D 82 -6.17 19.42 -32.43
CA ALA D 82 -6.37 18.00 -32.68
C ALA D 82 -5.34 17.15 -31.95
N ILE D 83 -4.04 17.47 -32.00
CA ILE D 83 -2.94 16.67 -31.43
C ILE D 83 -3.12 16.53 -29.93
N PRO D 84 -3.36 17.66 -29.19
CA PRO D 84 -3.60 17.50 -27.75
C PRO D 84 -4.92 16.83 -27.39
N MET D 85 -5.98 17.04 -28.13
CA MET D 85 -7.25 16.47 -27.82
C MET D 85 -7.29 14.96 -27.97
N ILE D 86 -6.47 14.34 -28.78
CA ILE D 86 -6.31 12.92 -28.87
C ILE D 86 -5.43 12.43 -27.74
N GLY D 87 -4.83 13.31 -26.94
CA GLY D 87 -3.93 12.87 -25.90
C GLY D 87 -2.47 12.88 -26.28
N ALA D 88 -2.14 13.17 -27.54
CA ALA D 88 -0.74 13.25 -27.94
C ALA D 88 -0.12 14.58 -27.56
N LYS D 89 1.15 14.73 -27.88
CA LYS D 89 1.95 15.86 -27.43
C LYS D 89 2.46 16.60 -28.65
N LEU D 90 2.18 17.89 -28.74
CA LEU D 90 2.54 18.71 -29.89
C LEU D 90 3.93 19.30 -29.65
N HIS D 91 4.90 18.87 -30.44
CA HIS D 91 6.24 19.42 -30.38
C HIS D 91 6.38 20.47 -31.46
N MET D 92 6.52 21.72 -31.05
CA MET D 92 6.60 22.83 -32.00
C MET D 92 8.06 23.08 -32.33
N ILE D 93 8.43 22.87 -33.58
CA ILE D 93 9.82 22.95 -34.01
C ILE D 93 10.14 24.37 -34.41
N ASN D 94 11.24 24.89 -33.87
CA ASN D 94 11.75 26.23 -34.14
C ASN D 94 12.58 26.18 -35.41
N VAL D 95 12.01 26.64 -36.52
CA VAL D 95 12.67 26.50 -37.82
C VAL D 95 13.78 27.52 -38.02
N ARG D 96 13.95 28.47 -37.12
CA ARG D 96 15.04 29.43 -37.26
C ARG D 96 16.31 28.96 -36.58
N LEU D 97 16.29 27.84 -35.88
CA LEU D 97 17.50 27.23 -35.37
C LEU D 97 18.29 26.63 -36.53
N SER D 98 19.57 26.35 -36.27
CA SER D 98 20.39 25.71 -37.28
C SER D 98 20.00 24.24 -37.42
N PRO D 99 20.31 23.63 -38.56
CA PRO D 99 19.94 22.22 -38.76
C PRO D 99 20.44 21.27 -37.68
N GLU D 100 21.64 21.49 -37.14
CA GLU D 100 22.16 20.61 -36.08
C GLU D 100 21.33 20.72 -34.81
N GLN D 101 20.93 21.94 -34.43
CA GLN D 101 20.08 22.12 -33.26
C GLN D 101 18.70 21.50 -33.48
N ILE D 102 18.17 21.63 -34.69
CA ILE D 102 16.86 21.07 -35.01
C ILE D 102 16.94 19.55 -34.89
N LEU D 103 18.01 18.97 -35.43
CA LEU D 103 18.20 17.53 -35.31
C LEU D 103 18.32 17.11 -33.87
N TYR D 104 19.04 17.89 -33.06
CA TYR D 104 19.13 17.56 -31.65
C TYR D 104 17.77 17.52 -30.99
N THR D 105 16.91 18.52 -31.25
CA THR D 105 15.64 18.59 -30.55
C THR D 105 14.69 17.50 -31.02
N ILE D 106 14.76 17.11 -32.30
CA ILE D 106 13.96 16.00 -32.79
C ILE D 106 14.40 14.70 -32.11
N ASP D 107 15.71 14.49 -31.99
CA ASP D 107 16.21 13.31 -31.30
C ASP D 107 15.80 13.30 -29.83
N HIS D 108 15.89 14.46 -29.17
CA HIS D 108 15.59 14.56 -27.75
C HIS D 108 14.12 14.32 -27.46
N ALA D 109 13.24 14.90 -28.26
CA ALA D 109 11.81 14.74 -28.05
C ALA D 109 11.28 13.39 -28.47
N GLU D 110 11.94 12.70 -29.39
CA GLU D 110 11.52 11.41 -29.90
C GLU D 110 10.15 11.49 -30.58
N ASP D 111 10.11 12.26 -31.66
CA ASP D 111 8.88 12.44 -32.42
C ASP D 111 8.54 11.20 -33.23
N ASP D 112 7.27 10.85 -33.33
CA ASP D 112 6.82 9.74 -34.14
C ASP D 112 6.48 10.19 -35.55
N ILE D 113 5.81 11.33 -35.75
CA ILE D 113 5.41 11.80 -37.07
C ILE D 113 5.85 13.26 -37.18
N ILE D 114 6.22 13.66 -38.40
CA ILE D 114 6.64 15.03 -38.67
C ILE D 114 5.79 15.58 -39.81
N LEU D 115 5.09 16.68 -39.52
CA LEU D 115 4.39 17.48 -40.52
C LEU D 115 5.29 18.63 -40.90
N ILE D 116 5.65 18.73 -42.18
CA ILE D 116 6.67 19.68 -42.58
C ILE D 116 6.24 20.35 -43.87
N HIS D 117 6.44 21.66 -43.94
CA HIS D 117 6.14 22.41 -45.14
C HIS D 117 7.19 22.15 -46.22
N GLU D 118 6.75 22.23 -47.47
CA GLU D 118 7.62 21.87 -48.58
C GLU D 118 8.87 22.73 -48.63
N GLU D 119 8.75 24.02 -48.35
CA GLU D 119 9.92 24.89 -48.43
C GLU D 119 10.82 24.81 -47.21
N PHE D 120 10.66 23.90 -46.28
CA PHE D 120 11.62 23.61 -45.24
C PHE D 120 12.17 22.25 -45.57
N LEU D 121 11.84 21.61 -46.68
CA LEU D 121 12.45 20.34 -47.03
C LEU D 121 13.95 20.37 -47.25
N PRO D 122 14.54 21.52 -47.62
CA PRO D 122 16.00 21.54 -47.69
C PRO D 122 16.74 21.47 -46.35
N ILE D 123 16.18 21.93 -45.24
CA ILE D 123 16.80 21.77 -43.93
C ILE D 123 16.69 20.30 -43.65
N LEU D 124 15.55 19.69 -43.94
CA LEU D 124 15.43 18.28 -43.61
C LEU D 124 16.42 17.43 -44.37
N ASP D 125 16.71 17.78 -45.63
CA ASP D 125 17.50 16.89 -46.47
C ASP D 125 18.86 16.62 -45.85
N GLN D 126 19.36 17.54 -45.04
CA GLN D 126 20.70 17.40 -44.50
C GLN D 126 20.73 16.85 -43.08
N ILE D 127 19.59 16.51 -42.50
CA ILE D 127 19.58 15.89 -41.18
C ILE D 127 18.72 14.64 -41.24
N LYS D 128 18.17 14.24 -42.37
CA LYS D 128 17.27 13.10 -42.41
C LYS D 128 18.01 11.81 -42.25
N GLY D 129 19.29 11.75 -42.64
CA GLY D 129 20.01 10.51 -42.41
C GLY D 129 20.24 10.17 -40.95
N ARG D 130 20.08 11.14 -40.06
CA ARG D 130 20.36 10.90 -38.66
C ARG D 130 19.13 10.83 -37.78
N ILE D 131 17.94 10.82 -38.37
CA ILE D 131 16.71 10.72 -37.58
C ILE D 131 16.29 9.26 -37.48
N ASP D 132 15.91 8.84 -36.27
CA ASP D 132 15.70 7.43 -36.03
C ASP D 132 14.26 7.11 -35.64
N THR D 133 13.61 8.02 -34.93
CA THR D 133 12.34 7.71 -34.29
C THR D 133 11.14 8.00 -35.17
N VAL D 134 11.31 8.63 -36.32
CA VAL D 134 10.20 9.16 -37.10
C VAL D 134 9.77 8.12 -38.12
N THR D 135 8.50 7.76 -38.11
CA THR D 135 7.97 6.78 -39.04
C THR D 135 7.28 7.39 -40.24
N ARG D 136 6.76 8.61 -40.13
CA ARG D 136 6.09 9.26 -41.23
C ARG D 136 6.36 10.72 -41.39
N TYR D 137 6.54 11.18 -42.62
CA TYR D 137 6.70 12.57 -42.97
C TYR D 137 5.54 13.01 -43.86
N VAL D 138 4.81 14.02 -43.43
CA VAL D 138 3.69 14.56 -44.18
C VAL D 138 4.08 15.92 -44.71
N VAL D 139 4.11 16.04 -46.04
CA VAL D 139 4.55 17.27 -46.69
C VAL D 139 3.34 18.17 -46.92
N LEU D 140 3.45 19.40 -46.45
CA LEU D 140 2.39 20.39 -46.53
C LEU D 140 2.67 21.36 -47.66
N ARG D 141 1.65 21.67 -48.45
CA ARG D 141 1.77 22.58 -49.57
C ARG D 141 0.64 23.58 -49.51
N ASP D 142 0.79 24.67 -50.24
CA ASP D 142 -0.22 25.73 -50.25
C ASP D 142 -1.23 25.58 -51.37
N ASP D 143 -1.25 24.45 -52.07
CA ASP D 143 -2.23 24.14 -53.11
C ASP D 143 -2.87 22.78 -52.81
N GLU D 144 -3.53 22.21 -53.82
CA GLU D 144 -4.22 20.93 -53.62
C GLU D 144 -3.27 19.77 -53.39
N GLU D 145 -1.98 19.92 -53.70
CA GLU D 145 -1.09 18.78 -53.59
C GLU D 145 -0.62 18.54 -52.16
N CYS D 146 -1.12 19.26 -51.18
CA CYS D 146 -0.79 19.03 -49.80
C CYS D 146 -1.12 17.62 -49.40
N GLU D 147 -0.21 16.96 -48.69
CA GLU D 147 -0.50 15.63 -48.19
C GLU D 147 -1.43 15.68 -46.99
N TYR D 148 -1.44 16.74 -46.21
CA TYR D 148 -2.35 16.90 -45.12
C TYR D 148 -3.76 17.00 -45.61
N GLU D 149 -4.00 17.75 -46.67
CA GLU D 149 -5.36 17.83 -47.18
C GLU D 149 -5.83 16.49 -47.71
N ARG D 150 -4.98 15.74 -48.38
CA ARG D 150 -5.35 14.44 -48.86
C ARG D 150 -5.65 13.51 -47.69
N LEU D 151 -4.84 13.52 -46.64
CA LEU D 151 -5.14 12.70 -45.47
C LEU D 151 -6.47 13.06 -44.84
N LEU D 152 -6.77 14.35 -44.75
CA LEU D 152 -8.01 14.78 -44.14
C LEU D 152 -9.24 14.43 -44.97
N GLU D 153 -9.13 14.48 -46.30
CA GLU D 153 -10.28 14.26 -47.15
C GLU D 153 -10.88 12.87 -46.99
N GLN D 154 -10.07 11.85 -46.70
CA GLN D 154 -10.56 10.48 -46.64
C GLN D 154 -10.98 10.06 -45.24
N GLU D 155 -11.29 11.00 -44.37
CA GLU D 155 -11.73 10.69 -43.02
C GLU D 155 -13.15 11.19 -42.82
N SER D 156 -13.80 10.68 -41.79
CA SER D 156 -15.13 11.12 -41.44
C SER D 156 -15.04 12.31 -40.50
N THR D 157 -16.10 13.11 -40.51
CA THR D 157 -16.25 14.29 -39.68
C THR D 157 -16.75 13.95 -38.28
N GLU D 158 -16.69 12.69 -37.88
CA GLU D 158 -17.16 12.27 -36.56
C GLU D 158 -16.00 11.75 -35.73
N TYR D 159 -15.99 12.09 -34.45
CA TYR D 159 -14.96 11.62 -33.54
C TYR D 159 -15.38 11.93 -32.12
N ASN D 160 -15.25 10.96 -31.22
CA ASN D 160 -15.55 11.15 -29.80
C ASN D 160 -14.24 11.32 -29.05
N PHE D 161 -14.00 12.53 -28.55
CA PHE D 161 -12.72 12.85 -27.93
C PHE D 161 -12.66 12.34 -26.50
N PRO D 162 -11.57 11.70 -26.10
CA PRO D 162 -11.51 11.07 -24.77
C PRO D 162 -11.46 12.07 -23.62
N ASP D 163 -11.70 11.55 -22.43
CA ASP D 163 -11.47 12.26 -21.18
C ASP D 163 -10.26 11.64 -20.50
N PHE D 164 -9.30 12.46 -20.15
CA PHE D 164 -8.14 12.00 -19.41
C PHE D 164 -7.87 13.01 -18.30
N ASP D 165 -6.84 12.75 -17.52
CA ASP D 165 -6.43 13.65 -16.46
C ASP D 165 -5.99 15.01 -17.01
N GLU D 166 -6.30 16.07 -16.28
CA GLU D 166 -5.97 17.41 -16.74
C GLU D 166 -4.47 17.69 -16.68
N ASN D 167 -3.69 16.81 -16.07
CA ASN D 167 -2.26 16.99 -15.94
C ASN D 167 -1.46 16.26 -17.00
N THR D 168 -2.11 15.80 -18.05
CA THR D 168 -1.44 15.23 -19.18
C THR D 168 -0.75 16.25 -20.01
N VAL D 169 0.49 16.00 -20.44
CA VAL D 169 1.25 17.00 -21.19
C VAL D 169 0.63 17.24 -22.56
N ALA D 170 0.52 18.50 -22.94
CA ALA D 170 -0.11 18.91 -24.18
C ALA D 170 0.88 19.39 -25.23
N THR D 171 1.83 20.24 -24.86
CA THR D 171 2.75 20.84 -25.83
C THR D 171 4.16 20.83 -25.28
N THR D 172 5.13 20.93 -26.19
CA THR D 172 6.52 21.09 -25.83
C THR D 172 7.22 21.90 -26.92
N PHE D 173 8.22 22.65 -26.52
CA PHE D 173 9.11 23.33 -27.45
C PHE D 173 10.42 23.61 -26.74
N TYR D 174 11.44 23.95 -27.51
CA TYR D 174 12.81 24.05 -27.03
C TYR D 174 13.32 25.47 -27.13
N THR D 175 14.05 25.90 -26.11
CA THR D 175 14.57 27.25 -26.03
C THR D 175 16.07 27.19 -25.89
N THR D 176 16.78 28.00 -26.67
CA THR D 176 18.24 27.94 -26.68
C THR D 176 18.83 28.57 -25.41
N GLY D 177 18.50 29.82 -25.14
CA GLY D 177 18.91 30.39 -23.86
C GLY D 177 20.42 30.44 -23.70
N THR D 178 20.88 30.15 -22.49
CA THR D 178 22.28 30.32 -22.10
C THR D 178 23.00 29.02 -21.82
N THR D 179 22.36 27.88 -22.06
CA THR D 179 23.03 26.61 -21.86
C THR D 179 23.73 26.16 -23.14
N GLY D 180 24.35 24.98 -23.09
CA GLY D 180 25.10 24.48 -24.23
C GLY D 180 24.27 23.75 -25.26
N PHE D 181 23.06 23.33 -24.90
CA PHE D 181 22.10 22.70 -25.80
C PHE D 181 20.74 23.31 -25.55
N PRO D 182 19.82 23.23 -26.51
CA PRO D 182 18.46 23.72 -26.26
C PRO D 182 17.78 22.95 -25.14
N LYS D 183 16.94 23.66 -24.39
CA LYS D 183 16.21 23.08 -23.28
C LYS D 183 14.75 22.93 -23.67
N GLY D 184 14.11 21.86 -23.20
CA GLY D 184 12.72 21.60 -23.55
C GLY D 184 11.78 21.94 -22.41
N VAL D 185 10.79 22.76 -22.72
CA VAL D 185 9.73 23.13 -21.79
C VAL D 185 8.47 22.42 -22.20
N PHE D 186 7.56 22.22 -21.27
CA PHE D 186 6.32 21.54 -21.57
C PHE D 186 5.21 22.09 -20.69
N PHE D 187 3.98 21.97 -21.15
CA PHE D 187 2.82 22.47 -20.45
C PHE D 187 1.71 21.43 -20.53
N THR D 188 0.82 21.45 -19.55
CA THR D 188 -0.29 20.52 -19.52
C THR D 188 -1.56 21.18 -20.05
N HIS D 189 -2.62 20.38 -20.18
CA HIS D 189 -3.93 20.89 -20.57
C HIS D 189 -4.43 21.92 -19.58
N ARG D 190 -4.31 21.62 -18.28
CA ARG D 190 -4.77 22.53 -17.25
C ARG D 190 -4.08 23.87 -17.35
N GLN D 191 -2.76 23.87 -17.56
CA GLN D 191 -2.00 25.10 -17.63
C GLN D 191 -2.41 25.96 -18.81
N LEU D 192 -2.65 25.36 -19.97
CA LEU D 192 -3.05 26.15 -21.15
C LEU D 192 -4.43 26.72 -20.97
N VAL D 193 -5.36 25.91 -20.46
CA VAL D 193 -6.72 26.40 -20.20
C VAL D 193 -6.69 27.56 -19.21
N LEU D 194 -5.88 27.45 -18.16
CA LEU D 194 -5.83 28.50 -17.16
C LEU D 194 -5.14 29.74 -17.68
N HIS D 195 -4.15 29.58 -18.55
CA HIS D 195 -3.53 30.73 -19.19
C HIS D 195 -4.55 31.49 -20.02
N THR D 196 -5.38 30.76 -20.76
CA THR D 196 -6.43 31.39 -21.55
C THR D 196 -7.40 32.17 -20.67
N MET D 197 -8.02 31.61 -19.71
CA MET D 197 -8.86 32.35 -18.85
C MET D 197 -8.22 33.40 -18.02
N GLY D 198 -7.00 33.27 -17.58
CA GLY D 198 -6.36 34.35 -16.86
C GLY D 198 -6.10 35.57 -17.72
N ILE D 199 -5.60 35.37 -18.92
CA ILE D 199 -5.35 36.53 -19.77
C ILE D 199 -6.66 37.15 -20.25
N LEU D 200 -7.67 36.33 -20.53
CA LEU D 200 -8.94 36.93 -20.91
C LEU D 200 -9.53 37.75 -19.77
N SER D 201 -9.40 37.30 -18.53
CA SER D 201 -9.80 38.11 -17.39
C SER D 201 -9.00 39.39 -17.27
N THR D 202 -7.70 39.37 -17.55
CA THR D 202 -6.91 40.58 -17.43
C THR D 202 -7.19 41.58 -18.55
N ILE D 203 -6.95 41.21 -19.80
CA ILE D 203 -7.06 42.21 -20.86
C ILE D 203 -8.49 42.34 -21.37
N GLY D 204 -9.38 41.43 -21.01
CA GLY D 204 -10.77 41.59 -21.41
C GLY D 204 -11.52 42.63 -20.63
N THR D 205 -11.12 42.89 -19.40
CA THR D 205 -11.85 43.76 -18.50
C THR D 205 -11.31 45.19 -18.46
N ASN D 206 -10.34 45.56 -19.24
CA ASN D 206 -9.87 46.89 -19.27
C ASN D 206 -10.95 47.83 -19.66
N ALA D 207 -10.96 49.02 -19.12
CA ALA D 207 -12.07 49.93 -19.35
C ALA D 207 -12.19 50.32 -20.82
N SER D 208 -11.17 50.95 -21.39
CA SER D 208 -11.26 51.40 -22.77
C SER D 208 -9.96 51.37 -23.58
N GLN D 209 -8.83 50.83 -23.15
CA GLN D 209 -7.61 50.79 -23.92
C GLN D 209 -7.09 49.41 -23.93
N GLY D 210 -6.63 48.93 -25.03
CA GLY D 210 -5.88 47.70 -25.13
C GLY D 210 -6.62 46.46 -24.68
N ARG D 211 -7.86 46.30 -25.13
CA ARG D 211 -8.67 45.17 -24.71
C ARG D 211 -8.97 44.28 -25.90
N LEU D 212 -9.00 42.99 -25.65
CA LEU D 212 -9.41 41.98 -26.61
C LEU D 212 -10.84 41.57 -26.28
N HIS D 213 -11.73 41.65 -27.24
CA HIS D 213 -13.12 41.30 -27.02
C HIS D 213 -13.68 40.55 -28.21
N GLN D 214 -14.98 40.24 -28.13
CA GLN D 214 -15.64 39.36 -29.09
C GLN D 214 -15.91 40.00 -30.43
N GLY D 215 -15.75 41.30 -30.55
CA GLY D 215 -15.91 41.95 -31.83
C GLY D 215 -14.65 42.18 -32.62
N ASP D 216 -13.51 41.66 -32.18
CA ASP D 216 -12.22 41.90 -32.80
C ASP D 216 -11.97 40.93 -33.95
N ILE D 217 -10.98 41.26 -34.76
CA ILE D 217 -10.47 40.41 -35.83
C ILE D 217 -8.97 40.20 -35.59
N TYR D 218 -8.55 38.95 -35.45
CA TYR D 218 -7.22 38.61 -34.96
C TYR D 218 -6.29 38.17 -36.08
N MET D 219 -5.09 38.73 -36.13
CA MET D 219 -4.10 38.20 -37.04
C MET D 219 -2.72 38.16 -36.39
N PRO D 220 -2.13 36.97 -36.24
CA PRO D 220 -0.80 36.88 -35.62
C PRO D 220 0.30 37.43 -36.50
N ILE D 221 1.35 38.01 -35.94
CA ILE D 221 2.56 38.40 -36.70
C ILE D 221 3.77 38.00 -35.83
N THR D 222 3.67 36.96 -34.99
CA THR D 222 4.79 36.47 -34.17
C THR D 222 4.65 34.99 -34.37
N PRO D 223 5.75 34.23 -34.61
CA PRO D 223 5.59 32.81 -34.97
C PRO D 223 4.77 31.92 -34.09
N MET D 224 4.05 30.99 -34.70
CA MET D 224 3.25 30.06 -33.94
C MET D 224 4.03 28.98 -33.33
N PHE D 225 5.33 28.92 -33.60
CA PHE D 225 6.16 27.96 -32.91
C PHE D 225 6.93 28.54 -31.74
N HIS D 226 6.80 29.83 -31.44
CA HIS D 226 7.67 30.40 -30.42
C HIS D 226 7.17 30.20 -29.00
N VAL D 227 6.03 30.78 -28.63
CA VAL D 227 5.58 30.65 -27.24
C VAL D 227 4.10 30.31 -27.17
N HIS D 228 3.62 29.47 -28.08
CA HIS D 228 2.20 29.25 -28.31
C HIS D 228 1.58 30.43 -29.04
N ALA D 229 2.39 31.21 -29.75
CA ALA D 229 1.98 32.52 -30.26
C ALA D 229 1.35 33.36 -29.16
N TRP D 230 2.03 33.47 -28.03
CA TRP D 230 1.57 34.18 -26.84
C TRP D 230 0.22 33.69 -26.34
N GLY D 231 -0.19 32.49 -26.74
CA GLY D 231 -1.45 31.93 -26.37
C GLY D 231 -2.64 32.55 -27.06
N LEU D 232 -2.40 33.39 -28.06
CA LEU D 232 -3.51 34.16 -28.63
C LEU D 232 -4.39 33.35 -29.55
N PRO D 233 -3.81 32.38 -30.32
CA PRO D 233 -4.67 31.50 -31.06
C PRO D 233 -5.71 30.77 -30.20
N TYR D 234 -5.44 30.39 -28.98
CA TYR D 234 -6.40 29.78 -28.07
C TYR D 234 -7.45 30.78 -27.61
N MET D 235 -7.08 31.99 -27.21
CA MET D 235 -8.00 32.99 -26.80
C MET D 235 -8.88 33.47 -27.90
N ALA D 236 -8.40 33.57 -29.12
CA ALA D 236 -9.25 33.96 -30.24
C ALA D 236 -10.30 32.91 -30.51
N THR D 237 -9.89 31.65 -30.57
CA THR D 237 -10.86 30.58 -30.76
C THR D 237 -11.90 30.58 -29.67
N MET D 238 -11.50 30.65 -28.40
CA MET D 238 -12.43 30.76 -27.28
C MET D 238 -13.42 31.92 -27.50
N LEU D 239 -12.99 33.08 -28.04
CA LEU D 239 -13.92 34.17 -28.23
C LEU D 239 -14.76 34.04 -29.49
N GLY D 240 -14.42 33.12 -30.38
CA GLY D 240 -15.15 32.93 -31.62
C GLY D 240 -15.06 34.07 -32.59
N VAL D 241 -13.93 34.75 -32.64
CA VAL D 241 -13.77 35.89 -33.51
C VAL D 241 -13.13 35.44 -34.82
N LYS D 242 -13.19 36.30 -35.82
CA LYS D 242 -12.56 36.02 -37.09
C LYS D 242 -11.05 35.98 -36.94
N GLN D 243 -10.37 35.02 -37.56
CA GLN D 243 -8.94 34.81 -37.46
C GLN D 243 -8.34 34.79 -38.82
N VAL D 244 -7.39 35.67 -39.13
CA VAL D 244 -6.71 35.76 -40.40
C VAL D 244 -5.25 35.29 -40.23
N TYR D 245 -4.77 34.31 -41.02
CA TYR D 245 -3.41 33.79 -40.94
C TYR D 245 -2.63 34.19 -42.17
N PRO D 246 -1.54 34.93 -42.01
CA PRO D 246 -0.88 35.52 -43.17
C PRO D 246 0.08 34.58 -43.88
N GLY D 247 0.48 33.50 -43.27
CA GLY D 247 1.48 32.61 -43.84
C GLY D 247 2.90 33.08 -43.53
N LYS D 248 3.70 33.30 -44.56
CA LYS D 248 5.04 33.84 -44.42
C LYS D 248 4.97 35.36 -44.36
N TYR D 249 5.69 35.96 -43.42
CA TYR D 249 5.56 37.39 -43.16
C TYR D 249 6.27 38.15 -44.25
N VAL D 250 5.50 38.83 -45.09
CA VAL D 250 6.01 39.81 -46.04
C VAL D 250 5.26 41.11 -45.79
N PRO D 251 5.94 42.23 -45.57
CA PRO D 251 5.24 43.46 -45.16
C PRO D 251 4.13 43.90 -46.11
N ASP D 252 4.33 43.83 -47.42
CA ASP D 252 3.26 44.24 -48.34
C ASP D 252 2.03 43.36 -48.16
N VAL D 253 2.24 42.04 -48.10
CA VAL D 253 1.13 41.12 -47.91
C VAL D 253 0.44 41.39 -46.59
N LEU D 254 1.22 41.65 -45.53
CA LEU D 254 0.64 41.92 -44.22
C LEU D 254 -0.20 43.19 -44.22
N LEU D 255 0.30 44.25 -44.85
CA LEU D 255 -0.45 45.49 -44.90
C LEU D 255 -1.74 45.32 -45.69
N ASN D 256 -1.67 44.58 -46.79
CA ASN D 256 -2.89 44.30 -47.54
C ASN D 256 -3.88 43.50 -46.71
N LEU D 257 -3.41 42.54 -45.93
CA LEU D 257 -4.34 41.75 -45.12
C LEU D 257 -5.00 42.60 -44.06
N ILE D 258 -4.23 43.50 -43.44
CA ILE D 258 -4.81 44.42 -42.47
C ILE D 258 -5.86 45.29 -43.12
N GLU D 259 -5.58 45.84 -44.29
CA GLU D 259 -6.55 46.72 -44.95
C GLU D 259 -7.79 45.96 -45.39
N GLN D 260 -7.61 44.78 -45.97
CA GLN D 260 -8.71 44.10 -46.65
C GLN D 260 -9.57 43.31 -45.69
N GLU D 261 -8.97 42.61 -44.73
CA GLU D 261 -9.73 41.83 -43.78
C GLU D 261 -10.11 42.62 -42.53
N LYS D 262 -9.66 43.87 -42.42
CA LYS D 262 -10.00 44.77 -41.32
C LYS D 262 -9.57 44.21 -39.97
N VAL D 263 -8.28 43.95 -39.85
CA VAL D 263 -7.70 43.37 -38.63
C VAL D 263 -7.69 44.43 -37.54
N THR D 264 -7.98 44.01 -36.30
CA THR D 264 -8.01 44.94 -35.18
C THR D 264 -7.17 44.52 -34.00
N PHE D 265 -6.56 43.35 -34.01
CA PHE D 265 -5.72 42.89 -32.90
C PHE D 265 -4.60 42.02 -33.42
N SER D 266 -3.36 42.34 -33.02
CA SER D 266 -2.20 41.59 -33.46
C SER D 266 -1.15 41.57 -32.36
N HIS D 267 -0.15 40.74 -32.54
CA HIS D 267 1.07 40.78 -31.77
C HIS D 267 2.25 40.70 -32.73
N CYS D 268 3.34 41.36 -32.39
CA CYS D 268 4.55 41.27 -33.20
C CYS D 268 5.74 41.66 -32.35
N VAL D 269 6.88 41.86 -33.01
CA VAL D 269 8.14 42.24 -32.34
C VAL D 269 8.59 43.55 -32.98
N PRO D 270 9.46 44.29 -32.30
CA PRO D 270 9.78 45.65 -32.77
C PRO D 270 10.29 45.71 -34.19
N THR D 271 11.05 44.72 -34.65
CA THR D 271 11.63 44.79 -35.99
C THR D 271 10.56 44.77 -37.07
N ILE D 272 9.60 43.85 -36.94
CA ILE D 272 8.55 43.75 -37.95
C ILE D 272 7.65 44.98 -37.92
N LEU D 273 7.39 45.51 -36.72
CA LEU D 273 6.59 46.73 -36.63
C LEU D 273 7.30 47.90 -37.29
N HIS D 274 8.60 48.02 -37.08
CA HIS D 274 9.36 49.06 -37.77
C HIS D 274 9.30 48.89 -39.27
N LEU D 275 9.37 47.64 -39.75
CA LEU D 275 9.24 47.40 -41.18
C LEU D 275 7.87 47.81 -41.71
N LEU D 276 6.81 47.49 -40.98
CA LEU D 276 5.47 47.83 -41.44
C LEU D 276 5.28 49.34 -41.48
N LEU D 277 5.71 50.04 -40.43
CA LEU D 277 5.47 51.48 -40.38
C LEU D 277 6.33 52.22 -41.38
N SER D 278 7.55 51.74 -41.64
CA SER D 278 8.45 52.41 -42.57
C SER D 278 8.23 52.01 -44.02
N SER D 279 7.29 51.13 -44.30
CA SER D 279 6.97 50.78 -45.69
C SER D 279 6.31 51.97 -46.39
N PRO D 280 6.53 52.14 -47.69
CA PRO D 280 5.82 53.21 -48.41
C PRO D 280 4.32 52.95 -48.56
N LYS D 281 3.93 51.71 -48.80
CA LYS D 281 2.52 51.38 -48.94
C LYS D 281 1.73 51.68 -47.67
N SER D 282 2.41 51.85 -46.54
CA SER D 282 1.75 52.13 -45.28
C SER D 282 1.40 53.60 -45.09
N LYS D 283 1.82 54.47 -46.01
CA LYS D 283 1.56 55.89 -45.82
C LYS D 283 0.11 56.27 -46.06
N ALA D 284 -0.61 55.49 -46.85
CA ALA D 284 -1.99 55.80 -47.21
C ALA D 284 -2.95 54.81 -46.58
N MET D 285 -2.59 54.30 -45.40
CA MET D 285 -3.37 53.26 -44.75
C MET D 285 -3.92 53.78 -43.43
N ASP D 286 -5.19 53.49 -43.17
CA ASP D 286 -5.78 53.83 -41.89
C ASP D 286 -5.44 52.79 -40.85
N PHE D 287 -4.88 53.25 -39.73
CA PHE D 287 -4.35 52.39 -38.70
C PHE D 287 -5.05 52.56 -37.37
N SER D 288 -6.15 53.31 -37.32
CA SER D 288 -6.63 53.84 -36.04
C SER D 288 -7.61 52.90 -35.37
N GLY D 289 -7.64 51.64 -35.79
CA GLY D 289 -8.50 50.67 -35.15
C GLY D 289 -7.73 49.42 -34.82
N TRP D 290 -6.41 49.53 -34.87
CA TRP D 290 -5.49 48.42 -34.73
C TRP D 290 -4.78 48.48 -33.38
N LYS D 291 -4.56 47.32 -32.76
CA LYS D 291 -4.07 47.20 -31.39
C LYS D 291 -2.96 46.18 -31.25
N VAL D 292 -1.79 46.44 -31.80
CA VAL D 292 -0.67 45.52 -31.65
C VAL D 292 -0.10 45.53 -30.22
N VAL D 293 0.16 44.35 -29.68
CA VAL D 293 0.94 44.17 -28.47
C VAL D 293 2.34 43.70 -28.86
N ILE D 294 3.39 44.38 -28.37
CA ILE D 294 4.77 44.09 -28.71
C ILE D 294 5.46 43.41 -27.59
N GLY D 295 5.72 42.13 -27.72
CA GLY D 295 6.43 41.37 -26.73
C GLY D 295 7.65 40.84 -27.37
N GLY D 296 8.44 40.12 -26.62
CA GLY D 296 9.62 39.50 -27.16
C GLY D 296 10.87 40.30 -27.05
N ALA D 297 10.82 41.63 -26.95
CA ALA D 297 12.00 42.33 -26.83
C ALA D 297 11.47 43.59 -26.32
N ALA D 298 12.34 44.42 -25.83
CA ALA D 298 11.95 45.69 -25.36
C ALA D 298 11.45 46.60 -26.45
N LEU D 299 10.26 47.14 -26.30
CA LEU D 299 9.72 48.12 -27.23
C LEU D 299 10.43 49.45 -27.02
N PRO D 300 11.13 49.99 -28.00
CA PRO D 300 11.81 51.28 -27.82
C PRO D 300 10.87 52.47 -27.88
N LYS D 301 11.19 53.49 -27.08
CA LYS D 301 10.31 54.64 -26.96
C LYS D 301 10.15 55.37 -28.29
N ALA D 302 11.17 55.36 -29.14
CA ALA D 302 11.06 56.04 -30.43
C ALA D 302 10.06 55.34 -31.34
N LEU D 303 10.12 54.00 -31.39
CA LEU D 303 9.14 53.23 -32.14
C LEU D 303 7.74 53.42 -31.57
N CYS D 304 7.61 53.40 -30.24
CA CYS D 304 6.31 53.62 -29.62
C CYS D 304 5.74 54.97 -30.01
N LYS D 305 6.57 56.02 -29.99
CA LYS D 305 6.10 57.34 -30.36
C LYS D 305 5.69 57.40 -31.83
N SER D 306 6.49 56.79 -32.71
CA SER D 306 6.15 56.82 -34.12
C SER D 306 4.85 56.09 -34.40
N ALA D 307 4.61 54.99 -33.68
CA ALA D 307 3.35 54.27 -33.81
C ALA D 307 2.17 55.03 -33.24
N LEU D 308 2.29 55.75 -32.14
CA LEU D 308 1.18 56.47 -31.56
C LEU D 308 0.80 57.66 -32.36
N GLU D 309 1.62 58.15 -33.29
CA GLU D 309 1.18 59.25 -34.16
C GLU D 309 0.42 58.77 -35.37
N ARG D 310 0.41 57.49 -35.67
CA ARG D 310 -0.48 56.89 -36.66
C ARG D 310 -1.79 56.44 -36.04
N ASP D 311 -1.98 56.67 -34.74
CA ASP D 311 -3.19 56.32 -34.02
C ASP D 311 -3.30 54.83 -33.74
N ILE D 312 -2.18 54.16 -33.54
CA ILE D 312 -2.14 52.74 -33.25
C ILE D 312 -2.13 52.58 -31.74
N ASP D 313 -2.97 51.69 -31.22
CA ASP D 313 -2.97 51.35 -29.80
C ASP D 313 -1.89 50.30 -29.57
N VAL D 314 -0.63 50.79 -29.38
CA VAL D 314 0.55 49.95 -29.18
C VAL D 314 0.80 49.79 -27.70
N PHE D 315 1.17 48.61 -27.24
CA PHE D 315 1.47 48.38 -25.85
C PHE D 315 2.39 47.23 -25.79
N ALA D 316 3.15 47.09 -24.73
CA ALA D 316 4.06 45.99 -24.54
C ALA D 316 3.63 44.88 -23.64
N GLY D 317 4.25 43.70 -23.73
CA GLY D 317 3.97 42.60 -22.84
C GLY D 317 5.25 41.82 -22.60
N TYR D 318 5.24 41.03 -21.54
CA TYR D 318 6.43 40.35 -21.08
C TYR D 318 6.16 38.86 -20.83
N GLY D 319 7.09 38.03 -21.29
CA GLY D 319 7.02 36.60 -21.04
C GLY D 319 8.14 35.85 -21.72
N MET D 320 8.31 34.60 -21.38
CA MET D 320 9.37 33.77 -21.84
C MET D 320 8.89 32.41 -22.16
N SER D 321 9.76 31.55 -22.69
CA SER D 321 9.42 30.18 -22.99
C SER D 321 9.03 29.36 -21.76
N GLU D 322 9.65 29.63 -20.62
CA GLU D 322 9.40 28.89 -19.41
C GLU D 322 8.12 29.31 -18.69
N THR D 323 7.48 30.39 -19.13
CA THR D 323 6.44 31.02 -18.34
C THR D 323 5.18 31.36 -19.13
N GLY D 324 4.48 30.38 -19.67
CA GLY D 324 3.16 30.61 -20.21
C GLY D 324 2.94 30.86 -21.69
N PRO D 325 3.26 32.03 -22.30
CA PRO D 325 4.29 32.96 -21.89
C PRO D 325 3.95 34.18 -21.13
N ILE D 326 2.76 34.56 -20.86
CA ILE D 326 2.49 35.92 -20.43
C ILE D 326 2.62 36.05 -18.92
N LEU D 327 3.32 37.06 -18.47
CA LEU D 327 3.47 37.40 -17.07
C LEU D 327 2.99 38.81 -16.76
N SER D 328 3.17 39.75 -17.69
CA SER D 328 2.77 41.14 -17.43
C SER D 328 2.44 41.83 -18.75
N ILE D 329 1.56 42.82 -18.67
CA ILE D 329 1.16 43.64 -19.81
C ILE D 329 1.01 45.07 -19.33
N VAL D 330 1.21 46.06 -20.19
CA VAL D 330 0.97 47.43 -19.92
C VAL D 330 -0.50 47.71 -20.04
N GLN D 331 -1.18 48.17 -18.98
CA GLN D 331 -2.58 48.58 -19.08
C GLN D 331 -2.69 49.97 -18.47
N LEU D 332 -3.35 50.88 -19.17
CA LEU D 332 -3.34 52.31 -18.86
C LEU D 332 -4.66 52.75 -18.27
N THR D 333 -4.61 53.52 -17.19
CA THR D 333 -5.81 54.07 -16.56
C THR D 333 -6.40 55.24 -17.34
N PRO D 334 -7.68 55.51 -17.10
CA PRO D 334 -8.22 56.66 -17.82
C PRO D 334 -7.48 57.97 -17.71
N GLU D 335 -6.70 58.18 -16.67
CA GLU D 335 -5.94 59.41 -16.51
C GLU D 335 -4.68 59.34 -17.31
N GLN D 336 -4.03 58.18 -17.36
CA GLN D 336 -2.84 57.99 -18.17
C GLN D 336 -3.13 58.06 -19.66
N LEU D 337 -4.38 57.87 -20.07
CA LEU D 337 -4.77 58.07 -21.44
C LEU D 337 -4.97 59.53 -21.81
N GLU D 338 -4.98 60.42 -20.83
CA GLU D 338 -5.09 61.85 -21.06
C GLU D 338 -3.75 62.51 -21.35
N LEU D 339 -2.64 61.81 -21.13
CA LEU D 339 -1.32 62.36 -21.29
C LEU D 339 -1.01 62.50 -22.76
N ASP D 340 0.01 63.29 -23.13
CA ASP D 340 0.40 63.43 -24.51
C ASP D 340 1.37 62.33 -24.92
N VAL D 341 1.73 62.33 -26.20
CA VAL D 341 2.36 61.18 -26.83
C VAL D 341 3.67 60.81 -26.16
N ASP D 342 4.32 61.75 -25.49
CA ASP D 342 5.60 61.44 -24.85
C ASP D 342 5.41 60.75 -23.50
N GLN D 343 4.55 61.26 -22.69
CA GLN D 343 4.32 60.63 -21.48
C GLN D 343 3.66 59.32 -21.82
N GLN D 344 2.80 59.18 -22.83
CA GLN D 344 2.25 57.91 -23.29
C GLN D 344 3.36 56.94 -23.66
N ALA D 345 4.24 57.35 -24.56
CA ALA D 345 5.30 56.48 -25.05
C ALA D 345 6.21 56.00 -23.94
N GLU D 346 6.32 56.77 -22.86
CA GLU D 346 7.06 56.28 -21.69
C GLU D 346 6.36 55.10 -21.04
N TYR D 347 5.06 55.23 -20.76
CA TYR D 347 4.32 54.17 -20.09
C TYR D 347 4.17 52.94 -20.95
N ARG D 348 3.87 53.13 -22.24
CA ARG D 348 3.54 52.03 -23.11
C ARG D 348 4.75 51.14 -23.36
N SER D 349 5.96 51.67 -23.20
CA SER D 349 7.17 50.92 -23.42
C SER D 349 7.66 50.17 -22.19
N LYS D 350 7.00 50.30 -21.05
CA LYS D 350 7.40 49.57 -19.87
C LYS D 350 7.06 48.09 -20.04
N THR D 351 7.63 47.25 -19.18
CA THR D 351 7.35 45.83 -19.26
C THR D 351 5.91 45.52 -18.88
N GLY D 352 5.35 46.29 -17.95
CA GLY D 352 3.95 46.24 -17.62
C GLY D 352 3.71 45.91 -16.16
N LYS D 353 2.45 45.69 -15.85
CA LYS D 353 2.07 45.14 -14.55
C LYS D 353 1.71 43.67 -14.67
N LYS D 354 1.89 42.93 -13.59
CA LYS D 354 1.60 41.50 -13.61
C LYS D 354 0.11 41.24 -13.76
N VAL D 355 -0.21 40.12 -14.39
CA VAL D 355 -1.58 39.74 -14.73
C VAL D 355 -2.23 38.96 -13.59
N ALA D 356 -3.49 38.63 -13.75
CA ALA D 356 -4.20 37.89 -12.72
C ALA D 356 -3.47 36.59 -12.37
N LEU D 357 -3.29 36.38 -11.07
CA LEU D 357 -2.77 35.14 -10.51
C LEU D 357 -1.25 35.00 -10.64
N VAL D 358 -0.53 36.11 -10.70
CA VAL D 358 0.93 36.11 -10.85
C VAL D 358 1.52 36.83 -9.64
N GLU D 359 2.63 36.32 -9.11
CA GLU D 359 3.26 36.92 -7.94
C GLU D 359 4.36 37.94 -8.27
N ALA D 360 5.48 37.49 -8.84
CA ALA D 360 6.47 38.45 -9.37
C ALA D 360 7.10 39.33 -8.29
N TYR D 361 8.11 38.79 -7.61
CA TYR D 361 9.00 39.56 -6.74
C TYR D 361 10.33 39.89 -7.42
N ILE D 362 11.05 40.93 -6.92
CA ILE D 362 12.45 41.25 -7.39
C ILE D 362 13.31 40.85 -6.21
N VAL D 363 14.40 40.14 -6.41
CA VAL D 363 15.20 39.59 -5.33
C VAL D 363 16.66 39.78 -5.58
N ASP D 364 17.48 39.59 -4.57
CA ASP D 364 18.95 39.64 -4.74
C ASP D 364 19.54 38.23 -4.92
N GLU D 365 20.85 38.06 -4.89
CA GLU D 365 21.52 36.80 -5.21
C GLU D 365 21.27 35.74 -4.15
N ASP D 366 21.01 36.16 -2.90
CA ASP D 366 20.73 35.25 -1.81
C ASP D 366 19.25 35.18 -1.55
N MET D 367 18.34 35.58 -2.46
CA MET D 367 16.90 35.36 -2.38
C MET D 367 16.25 36.23 -1.30
N ASN D 368 16.74 37.45 -1.13
CA ASN D 368 16.12 38.46 -0.29
C ASN D 368 15.29 39.36 -1.18
N LYS D 369 14.12 39.77 -0.69
CA LYS D 369 13.18 40.52 -1.49
C LYS D 369 13.48 42.02 -1.39
N LEU D 370 13.71 42.66 -2.51
CA LEU D 370 14.10 44.01 -2.56
C LEU D 370 12.89 44.92 -2.65
N PRO D 371 13.01 46.17 -2.13
CA PRO D 371 11.84 47.06 -2.14
C PRO D 371 11.44 47.49 -3.54
N HIS D 372 10.16 47.82 -3.69
CA HIS D 372 9.64 48.33 -4.96
C HIS D 372 9.66 49.86 -4.95
N ASP D 373 10.86 50.39 -4.77
CA ASP D 373 11.06 51.82 -4.61
C ASP D 373 11.12 52.56 -5.94
N GLY D 374 11.43 51.86 -7.03
CA GLY D 374 11.47 52.51 -8.33
C GLY D 374 12.85 52.54 -8.94
N GLU D 375 13.87 52.18 -8.19
CA GLU D 375 15.23 52.17 -8.68
C GLU D 375 16.10 51.00 -8.18
N THR D 376 15.76 50.37 -7.08
CA THR D 376 16.51 49.20 -6.64
C THR D 376 16.24 48.04 -7.59
N ALA D 377 17.30 47.47 -8.16
CA ALA D 377 17.16 46.42 -9.15
C ALA D 377 17.53 45.06 -8.59
N GLY D 378 16.95 44.03 -9.18
CA GLY D 378 17.20 42.66 -8.77
C GLY D 378 16.57 41.74 -9.79
N GLU D 379 16.77 40.45 -9.60
CA GLU D 379 16.24 39.47 -10.53
C GLU D 379 14.77 39.22 -10.25
N ILE D 380 13.98 39.12 -11.31
CA ILE D 380 12.56 38.83 -11.20
C ILE D 380 12.35 37.34 -10.99
N VAL D 381 11.56 36.99 -9.98
CA VAL D 381 11.20 35.61 -9.70
C VAL D 381 9.69 35.56 -9.59
N VAL D 382 9.08 34.48 -10.09
CA VAL D 382 7.63 34.46 -10.27
C VAL D 382 7.02 33.17 -9.78
N ARG D 383 5.72 33.26 -9.48
CA ARG D 383 4.88 32.10 -9.21
C ARG D 383 3.59 32.33 -9.99
N ALA D 384 3.16 31.36 -10.76
CA ALA D 384 1.96 31.49 -11.56
C ALA D 384 1.39 30.11 -11.82
N PRO D 385 0.15 30.04 -12.29
CA PRO D 385 -0.48 28.74 -12.57
C PRO D 385 0.00 28.07 -13.85
N TRP D 386 0.85 28.70 -14.65
CA TRP D 386 1.22 28.14 -15.94
C TRP D 386 2.72 28.16 -16.22
N LEU D 387 3.52 27.71 -15.26
CA LEU D 387 4.97 27.69 -15.41
C LEU D 387 5.44 26.26 -15.61
N THR D 388 6.49 26.07 -16.40
CA THR D 388 7.04 24.73 -16.58
C THR D 388 7.74 24.29 -15.29
N PRO D 389 7.50 23.07 -14.81
CA PRO D 389 8.08 22.66 -13.53
C PRO D 389 9.56 22.34 -13.60
N ASN D 390 10.08 22.04 -14.76
CA ASN D 390 11.48 21.69 -14.94
C ASN D 390 11.75 21.68 -16.44
N TYR D 391 12.99 21.41 -16.80
CA TYR D 391 13.36 21.15 -18.18
C TYR D 391 13.26 19.65 -18.45
N TYR D 392 12.76 19.31 -19.61
CA TYR D 392 12.54 17.91 -19.94
C TYR D 392 13.85 17.14 -19.94
N LYS D 393 13.88 16.00 -19.25
CA LYS D 393 15.05 15.13 -19.17
C LYS D 393 16.27 15.86 -18.63
N ASP D 394 16.10 16.66 -17.59
CA ASP D 394 17.16 17.53 -17.11
C ASP D 394 17.01 17.74 -15.61
N ASN D 395 18.13 17.67 -14.89
CA ASN D 395 18.09 17.73 -13.44
C ASN D 395 18.85 18.93 -12.88
N LYS D 396 20.12 19.09 -13.21
CA LYS D 396 20.90 20.18 -12.61
C LYS D 396 20.38 21.55 -13.07
N ASN D 397 20.06 21.69 -14.35
CA ASN D 397 19.52 22.94 -14.85
C ASN D 397 18.13 23.20 -14.29
N SER D 398 17.36 22.15 -14.10
CA SER D 398 16.04 22.28 -13.49
C SER D 398 16.14 22.78 -12.05
N LYS D 399 17.11 22.28 -11.28
CA LYS D 399 17.29 22.75 -9.92
C LYS D 399 17.57 24.25 -9.88
N ALA D 400 18.38 24.72 -10.83
CA ALA D 400 18.71 26.14 -10.86
C ALA D 400 17.53 26.98 -11.35
N LEU D 401 16.65 26.39 -12.17
CA LEU D 401 15.47 27.13 -12.62
C LEU D 401 14.54 27.47 -11.46
N TRP D 402 14.40 26.57 -10.50
CA TRP D 402 13.44 26.73 -9.41
C TRP D 402 14.11 26.96 -8.06
N ARG D 403 15.30 27.55 -8.05
CA ARG D 403 16.04 27.77 -6.81
C ARG D 403 15.29 28.69 -5.87
N GLY D 404 15.18 28.26 -4.61
CA GLY D 404 14.53 29.04 -3.59
C GLY D 404 13.03 28.96 -3.58
N GLY D 405 12.42 28.07 -4.34
CA GLY D 405 10.98 27.96 -4.41
C GLY D 405 10.29 28.90 -5.36
N TYR D 406 11.04 29.61 -6.20
CA TYR D 406 10.49 30.52 -7.19
C TYR D 406 11.15 30.24 -8.52
N LEU D 407 10.47 30.60 -9.60
CA LEU D 407 11.04 30.44 -10.93
C LEU D 407 11.88 31.66 -11.28
N HIS D 408 13.10 31.42 -11.72
CA HIS D 408 14.07 32.49 -12.00
C HIS D 408 14.01 32.84 -13.49
N THR D 409 13.62 34.07 -13.79
CA THR D 409 13.46 34.47 -15.18
C THR D 409 14.78 34.81 -15.85
N GLY D 410 15.78 35.22 -15.10
CA GLY D 410 17.03 35.66 -15.66
C GLY D 410 17.06 37.11 -16.09
N ASP D 411 16.07 37.91 -15.74
CA ASP D 411 16.02 39.31 -16.12
C ASP D 411 16.10 40.18 -14.88
N VAL D 412 16.74 41.34 -15.04
CA VAL D 412 17.02 42.27 -13.95
C VAL D 412 16.18 43.52 -14.17
N ALA D 413 15.37 43.86 -13.17
CA ALA D 413 14.41 44.95 -13.29
C ALA D 413 14.19 45.60 -11.94
N HIS D 414 13.61 46.78 -11.95
CA HIS D 414 13.05 47.41 -10.77
C HIS D 414 11.56 47.60 -10.96
N ILE D 415 10.83 47.67 -9.85
CA ILE D 415 9.39 47.79 -9.83
C ILE D 415 9.00 49.08 -9.14
N ASP D 416 8.01 49.78 -9.70
CA ASP D 416 7.47 50.97 -9.08
C ASP D 416 6.56 50.62 -7.91
N ASP D 417 6.26 51.63 -7.10
CA ASP D 417 5.31 51.46 -6.00
C ASP D 417 3.90 51.25 -6.51
N GLU D 418 3.61 51.64 -7.75
CA GLU D 418 2.31 51.39 -8.35
C GLU D 418 2.29 50.09 -9.17
N GLY D 419 3.40 49.39 -9.27
CA GLY D 419 3.43 48.07 -9.87
C GLY D 419 4.02 47.98 -11.25
N PHE D 420 4.53 49.08 -11.81
CA PHE D 420 5.13 49.01 -13.13
C PHE D 420 6.53 48.42 -13.05
N ILE D 421 6.79 47.45 -13.91
CA ILE D 421 8.05 46.73 -13.97
C ILE D 421 8.84 47.26 -15.14
N LYS D 422 10.12 47.55 -14.92
CA LYS D 422 11.00 48.01 -15.97
C LYS D 422 12.22 47.10 -16.00
N ILE D 423 12.31 46.26 -17.03
CA ILE D 423 13.45 45.36 -17.17
C ILE D 423 14.67 46.17 -17.58
N THR D 424 15.77 45.98 -16.86
CA THR D 424 16.98 46.78 -17.02
C THR D 424 18.09 46.02 -17.73
N ASP D 425 18.24 44.70 -17.57
CA ASP D 425 19.24 43.94 -18.30
C ASP D 425 19.02 42.48 -18.04
N ARG D 426 19.97 41.63 -18.37
CA ARG D 426 19.98 40.22 -18.03
C ARG D 426 20.88 39.99 -16.81
N VAL D 427 20.65 38.88 -16.13
CA VAL D 427 21.47 38.55 -14.97
C VAL D 427 22.90 38.26 -15.38
N LYS D 428 23.06 37.48 -16.45
CA LYS D 428 24.39 37.14 -16.93
C LYS D 428 25.12 38.37 -17.47
N ASP D 429 24.40 39.28 -18.11
CA ASP D 429 25.05 40.41 -18.75
C ASP D 429 25.45 41.50 -17.79
N MET D 430 25.01 41.46 -16.54
CA MET D 430 25.37 42.47 -15.56
C MET D 430 26.86 42.45 -15.33
N ILE D 431 27.47 43.63 -15.35
CA ILE D 431 28.91 43.77 -15.09
C ILE D 431 29.12 43.81 -13.59
N LYS D 432 30.00 42.95 -13.09
CA LYS D 432 30.28 42.86 -11.66
C LYS D 432 31.58 43.59 -11.32
N ILE D 433 31.65 44.86 -11.75
CA ILE D 433 32.80 45.69 -11.44
C ILE D 433 32.83 45.98 -9.95
N SER D 434 34.03 46.03 -9.38
CA SER D 434 34.21 46.37 -7.97
C SER D 434 33.25 45.59 -7.09
N GLY D 435 32.24 46.26 -6.56
CA GLY D 435 31.21 45.61 -5.77
C GLY D 435 29.82 45.83 -6.30
N GLU D 436 29.69 46.65 -7.33
CA GLU D 436 28.41 47.07 -7.87
C GLU D 436 28.00 46.24 -9.08
N TRP D 437 26.81 46.54 -9.60
CA TRP D 437 26.27 45.98 -10.83
C TRP D 437 25.72 47.10 -11.71
N VAL D 438 26.52 47.55 -12.66
CA VAL D 438 26.04 48.40 -13.73
C VAL D 438 25.41 47.53 -14.81
N SER D 439 24.42 48.09 -15.52
CA SER D 439 23.80 47.44 -16.64
C SER D 439 24.55 47.72 -17.91
N SER D 440 24.88 46.70 -18.70
CA SER D 440 25.46 46.95 -20.00
C SER D 440 24.48 47.60 -20.97
N LEU D 441 23.19 47.48 -20.71
CA LEU D 441 22.20 47.99 -21.65
C LEU D 441 22.21 49.50 -21.72
N GLU D 442 22.27 50.19 -20.57
CA GLU D 442 22.25 51.64 -20.60
C GLU D 442 23.50 52.21 -21.24
N LEU D 443 24.65 51.60 -20.97
CA LEU D 443 25.90 52.02 -21.59
C LEU D 443 25.86 51.81 -23.09
N GLU D 444 25.37 50.64 -23.52
CA GLU D 444 25.23 50.37 -24.95
C GLU D 444 24.31 51.40 -25.59
N ASP D 445 23.22 51.75 -24.91
CA ASP D 445 22.26 52.69 -25.46
C ASP D 445 22.87 54.07 -25.59
N ILE D 446 23.67 54.48 -24.61
CA ILE D 446 24.41 55.74 -24.69
C ILE D 446 25.34 55.74 -25.88
N LEU D 447 26.16 54.69 -26.00
CA LEU D 447 27.17 54.67 -27.06
C LEU D 447 26.53 54.65 -28.43
N HIS D 448 25.42 53.91 -28.58
CA HIS D 448 24.74 53.85 -29.87
C HIS D 448 24.07 55.17 -30.23
N GLN D 449 23.84 56.06 -29.26
CA GLN D 449 23.28 57.36 -29.57
C GLN D 449 24.21 58.19 -30.44
N HIS D 450 25.48 57.81 -30.54
CA HIS D 450 26.43 58.59 -31.31
C HIS D 450 26.00 58.62 -32.77
N GLN D 451 26.25 59.75 -33.44
CA GLN D 451 25.84 59.92 -34.83
C GLN D 451 26.74 59.15 -35.80
N SER D 452 27.83 58.57 -35.31
CA SER D 452 28.78 57.87 -36.15
C SER D 452 28.83 56.37 -35.88
N VAL D 453 27.89 55.83 -35.14
CA VAL D 453 27.90 54.43 -34.70
C VAL D 453 26.69 53.70 -35.26
N SER D 454 26.91 52.49 -35.77
CA SER D 454 25.85 51.60 -36.22
C SER D 454 25.47 50.59 -35.15
N GLU D 455 26.44 49.95 -34.50
CA GLU D 455 26.14 49.06 -33.39
C GLU D 455 27.27 49.11 -32.38
N VAL D 456 26.92 48.77 -31.14
CA VAL D 456 27.88 48.60 -30.06
C VAL D 456 27.44 47.41 -29.22
N ALA D 457 28.41 46.69 -28.70
CA ALA D 457 28.20 45.71 -27.66
C ALA D 457 29.06 46.09 -26.46
N VAL D 458 28.56 45.80 -25.27
CA VAL D 458 29.34 45.94 -24.04
C VAL D 458 29.49 44.56 -23.43
N ILE D 459 30.70 44.20 -22.98
CA ILE D 459 30.94 42.86 -22.43
C ILE D 459 31.77 43.07 -21.19
N GLY D 460 31.99 42.03 -20.39
CA GLY D 460 32.86 42.13 -19.23
C GLY D 460 34.23 41.60 -19.56
N MET D 461 35.21 42.51 -19.70
CA MET D 461 36.63 42.15 -19.54
C MET D 461 36.94 42.09 -18.05
N PRO D 462 38.07 41.45 -17.66
CA PRO D 462 38.43 41.46 -16.23
C PRO D 462 39.40 42.53 -15.82
N HIS D 463 39.67 42.63 -14.53
CA HIS D 463 40.66 43.54 -14.03
C HIS D 463 40.97 42.93 -12.72
N ASN D 464 42.23 43.00 -12.29
CA ASN D 464 42.57 42.51 -10.97
C ASN D 464 42.16 43.55 -9.94
N LYS D 465 42.15 44.85 -10.30
CA LYS D 465 41.88 45.90 -9.31
C LYS D 465 40.40 46.19 -9.12
N TRP D 466 39.64 46.23 -10.21
CA TRP D 466 38.19 46.47 -10.18
C TRP D 466 37.42 45.21 -10.68
N GLY D 467 37.99 44.01 -10.61
CA GLY D 467 37.20 42.82 -10.98
C GLY D 467 36.55 42.81 -12.38
N GLU D 468 35.26 42.51 -12.52
CA GLU D 468 34.65 42.39 -13.88
C GLU D 468 34.39 43.80 -14.33
N VAL D 469 35.15 44.38 -15.23
CA VAL D 469 35.10 45.80 -15.59
C VAL D 469 34.60 45.88 -17.03
N PRO D 470 34.07 47.04 -17.42
CA PRO D 470 33.40 47.16 -18.71
C PRO D 470 34.37 47.16 -19.88
N LEU D 471 33.84 46.80 -21.06
CA LEU D 471 34.56 46.90 -22.32
C LEU D 471 33.57 47.04 -23.47
N ALA D 472 33.98 47.74 -24.52
CA ALA D 472 33.10 48.09 -25.63
C ALA D 472 33.64 47.53 -26.94
N LEU D 473 32.73 47.09 -27.80
CA LEU D 473 33.01 46.88 -29.22
C LEU D 473 32.07 47.78 -30.02
N VAL D 474 32.63 48.54 -30.96
CA VAL D 474 31.87 49.49 -31.77
C VAL D 474 32.08 49.20 -33.24
N THR D 475 31.02 49.34 -34.02
CA THR D 475 31.07 49.22 -35.47
C THR D 475 30.62 50.53 -36.10
N LEU D 476 31.40 51.05 -37.04
CA LEU D 476 31.16 52.34 -37.68
C LEU D 476 30.34 52.19 -38.95
N LYS D 477 29.85 53.32 -39.44
CA LYS D 477 28.90 53.36 -40.54
C LYS D 477 29.64 53.54 -41.87
N GLU D 478 28.90 53.88 -42.93
CA GLU D 478 29.53 54.06 -44.24
C GLU D 478 30.60 55.13 -44.19
N ASP D 479 31.86 54.72 -44.37
CA ASP D 479 33.00 55.64 -44.42
C ASP D 479 33.07 56.52 -43.18
N ALA D 480 32.80 55.92 -42.03
CA ALA D 480 32.78 56.63 -40.74
C ALA D 480 33.94 56.13 -39.88
N GLN D 481 34.74 57.07 -39.35
CA GLN D 481 35.94 56.73 -38.56
C GLN D 481 36.01 57.66 -37.36
N VAL D 482 35.74 57.12 -36.18
CA VAL D 482 35.89 57.83 -34.91
C VAL D 482 36.70 56.94 -33.97
N THR D 483 37.80 57.47 -33.45
CA THR D 483 38.74 56.67 -32.68
C THR D 483 38.17 56.27 -31.32
N GLU D 484 38.90 55.30 -30.68
CA GLU D 484 38.57 54.87 -29.35
C GLU D 484 38.64 55.96 -28.32
N LYS D 485 39.62 56.85 -28.40
CA LYS D 485 39.77 57.93 -27.42
C LYS D 485 38.63 58.93 -27.54
N GLU D 486 38.24 59.25 -28.78
CA GLU D 486 37.10 60.13 -29.00
C GLU D 486 35.83 59.54 -28.42
N LEU D 487 35.61 58.24 -28.63
CA LEU D 487 34.44 57.57 -28.06
C LEU D 487 34.48 57.64 -26.54
N LEU D 488 35.67 57.36 -25.99
CA LEU D 488 35.83 57.46 -24.54
C LEU D 488 35.36 58.84 -24.11
N GLY D 489 35.87 59.93 -24.69
CA GLY D 489 35.48 61.27 -24.26
C GLY D 489 33.99 61.52 -24.39
N PHE D 490 33.41 61.09 -25.52
CA PHE D 490 31.97 61.25 -25.72
C PHE D 490 31.20 60.59 -24.58
N ALA D 491 31.58 59.38 -24.19
CA ALA D 491 30.89 58.70 -23.09
C ALA D 491 31.17 59.42 -21.76
N LYS D 492 32.43 59.80 -21.53
CA LYS D 492 32.80 60.40 -20.27
C LYS D 492 32.10 61.73 -20.06
N ASP D 493 31.54 62.29 -21.13
CA ASP D 493 30.75 63.50 -20.98
C ASP D 493 29.65 63.33 -19.94
N PHE D 494 28.82 62.29 -20.10
CA PHE D 494 27.54 62.23 -19.40
C PHE D 494 27.74 62.22 -17.89
N ILE D 495 26.66 62.46 -17.15
CA ILE D 495 26.75 62.53 -15.70
C ILE D 495 25.59 61.73 -15.07
N ASN D 496 25.55 61.70 -13.75
CA ASN D 496 24.55 60.93 -13.01
C ASN D 496 24.70 59.43 -13.16
N LYS D 497 25.82 58.89 -12.67
CA LYS D 497 26.02 57.45 -12.60
C LYS D 497 26.90 57.12 -11.39
N GLY D 498 27.07 55.82 -11.13
CA GLY D 498 27.68 55.37 -9.89
C GLY D 498 29.18 55.13 -9.91
N ILE D 499 29.60 54.09 -9.13
CA ILE D 499 30.97 53.64 -9.12
C ILE D 499 31.93 54.80 -8.78
N LEU D 500 33.02 54.99 -9.53
CA LEU D 500 33.98 56.08 -9.42
C LEU D 500 33.60 57.19 -10.38
N ALA D 501 33.53 58.42 -9.87
CA ALA D 501 33.11 59.54 -10.71
C ALA D 501 31.75 59.23 -11.33
N ARG D 502 31.65 58.89 -12.64
CA ARG D 502 30.43 58.33 -13.21
C ARG D 502 30.86 57.13 -14.07
N GLU D 503 31.76 56.23 -13.66
CA GLU D 503 32.27 55.12 -14.51
C GLU D 503 32.83 55.48 -15.87
N ALA D 504 33.89 56.31 -15.94
CA ALA D 504 34.62 56.47 -17.19
C ALA D 504 36.12 56.42 -16.92
N LEU D 505 36.64 55.20 -16.75
CA LEU D 505 38.07 54.95 -16.92
C LEU D 505 38.36 53.55 -17.46
N LEU D 506 37.34 52.74 -17.72
CA LEU D 506 37.52 51.33 -18.07
C LEU D 506 36.79 51.02 -19.37
N LEU D 507 36.35 52.07 -20.11
CA LEU D 507 35.50 51.84 -21.31
C LEU D 507 36.15 50.99 -22.35
N LYS D 508 37.45 51.14 -22.62
CA LYS D 508 38.21 50.16 -23.40
C LYS D 508 37.57 49.87 -24.77
N VAL D 509 37.02 50.92 -25.37
CA VAL D 509 36.22 50.76 -26.59
C VAL D 509 37.10 50.24 -27.71
N LYS D 510 36.57 49.28 -28.47
CA LYS D 510 37.27 48.75 -29.63
C LYS D 510 36.34 48.77 -30.83
N ILE D 511 36.87 49.17 -31.98
CA ILE D 511 36.12 49.19 -33.23
C ILE D 511 36.32 47.84 -33.91
N VAL D 512 35.22 47.18 -34.23
CA VAL D 512 35.24 45.86 -34.84
C VAL D 512 34.31 45.86 -36.04
N ASP D 513 34.78 45.25 -37.14
CA ASP D 513 33.98 45.22 -38.36
C ASP D 513 32.61 44.61 -38.12
N GLU D 514 32.54 43.57 -37.31
CA GLU D 514 31.30 42.85 -37.08
C GLU D 514 31.20 42.43 -35.62
N ILE D 515 29.98 42.13 -35.20
CA ILE D 515 29.73 41.53 -33.88
C ILE D 515 29.03 40.20 -34.09
N ALA D 516 29.56 39.15 -33.48
CA ALA D 516 29.02 37.81 -33.68
C ALA D 516 27.53 37.78 -33.35
N LYS D 517 26.75 37.22 -34.27
CA LYS D 517 25.30 37.17 -34.15
C LYS D 517 24.83 35.74 -34.32
N THR D 518 23.78 35.37 -33.57
CA THR D 518 23.29 34.02 -33.63
C THR D 518 22.42 33.92 -34.86
N SER D 519 21.90 32.74 -35.11
CA SER D 519 20.92 32.54 -36.18
C SER D 519 19.61 33.27 -35.94
N VAL D 520 19.31 33.63 -34.68
CA VAL D 520 18.10 34.36 -34.34
C VAL D 520 18.31 35.84 -34.61
N GLY D 521 19.57 36.25 -34.74
CA GLY D 521 19.90 37.63 -35.01
C GLY D 521 20.28 38.41 -33.77
N LYS D 522 20.38 37.71 -32.64
CA LYS D 522 20.77 38.31 -31.37
C LYS D 522 22.28 38.19 -31.22
N VAL D 523 22.90 39.30 -30.80
CA VAL D 523 24.35 39.32 -30.69
C VAL D 523 24.81 38.21 -29.74
N ASP D 524 25.81 37.39 -30.11
CA ASP D 524 26.27 36.27 -29.26
C ASP D 524 27.20 36.78 -28.16
N LYS D 525 26.72 37.04 -26.95
CA LYS D 525 27.62 37.57 -25.92
C LYS D 525 28.63 36.49 -25.50
N LYS D 526 28.26 35.20 -25.59
CA LYS D 526 29.15 34.14 -25.14
C LYS D 526 30.37 34.03 -26.05
N GLU D 527 30.16 33.96 -27.35
CA GLU D 527 31.26 33.96 -28.30
C GLU D 527 32.00 35.29 -28.32
N LEU D 528 31.30 36.40 -28.10
CA LEU D 528 31.99 37.69 -28.05
C LEU D 528 33.02 37.72 -26.94
N ARG D 529 32.71 37.15 -25.78
CA ARG D 529 33.66 37.11 -24.63
C ARG D 529 34.61 35.92 -24.78
N LYS D 530 34.29 34.94 -25.60
CA LYS D 530 35.26 33.90 -25.94
C LYS D 530 36.38 34.43 -26.84
N LEU D 531 36.02 35.17 -27.89
CA LEU D 531 37.01 35.63 -28.86
C LEU D 531 37.98 36.62 -28.24
N HIS D 532 37.45 37.69 -27.63
CA HIS D 532 38.27 38.81 -27.20
C HIS D 532 39.06 38.52 -25.93
N LEU D 533 38.84 37.37 -25.31
CA LEU D 533 39.41 37.05 -24.01
C LEU D 533 38.90 35.71 -23.51
N TYR E 4 0.85 -1.28 20.93
CA TYR E 4 -0.55 -1.51 20.53
C TYR E 4 -1.31 -0.30 20.93
N VAL E 5 -1.91 0.39 19.96
CA VAL E 5 -2.76 1.54 20.28
C VAL E 5 -4.20 1.12 20.06
N ASN E 6 -4.98 1.21 21.15
CA ASN E 6 -6.37 0.98 21.05
C ASN E 6 -7.23 2.10 21.41
N ASP E 7 -8.27 2.36 20.64
CA ASP E 7 -9.30 3.26 21.08
C ASP E 7 -10.19 2.55 22.09
N PRO E 8 -10.53 3.23 23.19
CA PRO E 8 -11.40 2.61 24.20
C PRO E 8 -12.74 2.14 23.73
N SER E 9 -13.25 2.64 22.63
CA SER E 9 -14.51 2.17 22.08
C SER E 9 -14.40 0.73 21.59
N ASN E 10 -13.28 0.39 20.96
CA ASN E 10 -13.11 -0.93 20.38
C ASN E 10 -12.74 -1.95 21.46
N TYR E 11 -13.75 -2.64 21.98
CA TYR E 11 -13.58 -3.54 23.10
C TYR E 11 -12.90 -4.82 22.63
N GLN E 12 -11.83 -5.20 23.32
CA GLN E 12 -11.12 -6.45 23.07
C GLN E 12 -11.46 -7.45 24.16
N LEU E 13 -11.70 -8.71 23.76
CA LEU E 13 -12.04 -9.78 24.70
C LEU E 13 -10.77 -10.42 25.23
N LEU E 14 -10.36 -10.02 26.43
CA LEU E 14 -9.12 -10.47 27.02
C LEU E 14 -9.39 -11.21 28.31
N ILE E 15 -8.44 -12.03 28.76
CA ILE E 15 -8.60 -12.85 29.96
C ILE E 15 -8.60 -12.01 31.22
N LYS E 16 -7.96 -10.84 31.17
CA LYS E 16 -7.97 -9.95 32.32
C LYS E 16 -9.38 -9.43 32.61
N ASN E 17 -10.19 -9.23 31.58
CA ASN E 17 -11.59 -8.87 31.80
C ASN E 17 -12.32 -9.99 32.50
N LEU E 18 -11.93 -11.22 32.25
CA LEU E 18 -12.49 -12.35 32.93
C LEU E 18 -12.14 -12.31 34.41
N LEU E 19 -10.92 -11.90 34.74
CA LEU E 19 -10.53 -11.83 36.15
C LEU E 19 -11.10 -10.61 36.88
N PHE E 20 -11.12 -9.43 36.23
CA PHE E 20 -11.45 -8.18 36.88
C PHE E 20 -12.83 -7.64 36.53
N SER E 21 -13.56 -8.29 35.62
CA SER E 21 -14.94 -7.93 35.31
C SER E 21 -15.79 -9.18 35.41
N PRO E 22 -15.87 -9.79 36.58
CA PRO E 22 -16.50 -11.10 36.72
C PRO E 22 -18.03 -10.98 36.75
N VAL E 23 -18.67 -12.14 36.85
CA VAL E 23 -20.08 -12.18 37.17
C VAL E 23 -20.30 -11.85 38.64
N ALA E 24 -19.43 -12.34 39.51
CA ALA E 24 -19.51 -12.04 40.94
C ALA E 24 -18.12 -12.05 41.53
N PHE E 25 -17.85 -11.10 42.42
CA PHE E 25 -16.60 -11.04 43.16
C PHE E 25 -16.88 -10.85 44.64
N ASN E 26 -16.48 -11.82 45.45
CA ASN E 26 -16.51 -11.71 46.91
C ASN E 26 -15.09 -11.79 47.43
N PRO E 27 -14.50 -10.68 47.94
CA PRO E 27 -13.09 -10.80 48.34
C PRO E 27 -12.80 -11.70 49.52
N GLU E 28 -13.78 -12.20 50.25
CA GLU E 28 -13.62 -13.13 51.35
C GLU E 28 -13.94 -14.56 50.98
N GLN E 29 -14.24 -14.85 49.73
CA GLN E 29 -14.41 -16.21 49.27
C GLN E 29 -13.02 -16.76 49.26
N GLU E 30 -12.77 -18.07 49.32
CA GLU E 30 -11.47 -18.67 49.49
C GLU E 30 -11.09 -19.66 48.40
N ILE E 31 -9.80 -19.71 48.11
CA ILE E 31 -9.14 -20.74 47.34
C ILE E 31 -8.42 -21.64 48.32
N VAL E 32 -8.68 -22.94 48.25
CA VAL E 32 -8.16 -23.93 49.18
C VAL E 32 -7.27 -24.90 48.42
N TYR E 33 -5.99 -25.03 48.77
CA TYR E 33 -5.10 -26.10 48.28
C TYR E 33 -4.93 -27.17 49.30
N ALA E 34 -5.83 -28.14 49.26
CA ALA E 34 -5.73 -29.44 49.87
C ALA E 34 -5.72 -29.33 51.38
N ASN E 35 -4.65 -29.73 52.07
CA ASN E 35 -4.47 -29.36 53.47
C ASN E 35 -3.27 -28.48 53.64
N HIS E 36 -2.93 -27.77 52.59
CA HIS E 36 -1.64 -27.10 52.47
C HIS E 36 -1.77 -25.60 52.69
N ARG E 37 -2.68 -24.96 51.98
CA ARG E 37 -2.78 -23.52 51.99
C ARG E 37 -4.24 -23.15 51.80
N ARG E 38 -4.57 -21.92 52.14
CA ARG E 38 -5.94 -21.43 52.08
C ARG E 38 -5.88 -19.92 52.12
N HIS E 39 -6.45 -19.25 51.13
CA HIS E 39 -6.45 -17.80 51.15
C HIS E 39 -7.64 -17.26 50.37
N SER E 40 -7.96 -15.99 50.56
CA SER E 40 -9.16 -15.42 49.96
C SER E 40 -8.89 -14.92 48.54
N TYR E 41 -9.96 -14.48 47.87
CA TYR E 41 -9.87 -13.96 46.51
C TYR E 41 -9.07 -12.65 46.42
N LYS E 42 -9.06 -11.85 47.46
CA LYS E 42 -8.25 -10.67 47.52
C LYS E 42 -6.79 -11.03 47.52
N THR E 43 -6.35 -12.03 48.25
CA THR E 43 -4.99 -12.52 48.18
C THR E 43 -4.67 -13.11 46.84
N PHE E 44 -5.62 -13.80 46.21
CA PHE E 44 -5.41 -14.37 44.89
C PHE E 44 -5.16 -13.28 43.84
N HIS E 45 -5.94 -12.21 43.85
CA HIS E 45 -5.66 -11.10 42.94
C HIS E 45 -4.28 -10.47 43.21
N ASP E 46 -3.94 -10.26 44.49
CA ASP E 46 -2.63 -9.73 44.83
C ASP E 46 -1.50 -10.61 44.33
N ARG E 47 -1.65 -11.92 44.50
CA ARG E 47 -0.64 -12.87 44.06
C ARG E 47 -0.50 -12.88 42.55
N VAL E 48 -1.61 -12.71 41.84
CA VAL E 48 -1.52 -12.66 40.38
C VAL E 48 -0.71 -11.45 39.93
N ARG E 49 -0.95 -10.29 40.57
CA ARG E 49 -0.14 -9.12 40.25
C ARG E 49 1.33 -9.30 40.63
N GLN E 50 1.60 -9.92 41.78
CA GLN E 50 2.98 -10.23 42.16
C GLN E 50 3.65 -11.15 41.14
N PHE E 51 2.93 -12.15 40.67
CA PHE E 51 3.48 -13.08 39.70
C PHE E 51 3.78 -12.38 38.38
N ALA E 52 2.94 -11.41 38.00
CA ALA E 52 3.25 -10.60 36.82
C ALA E 52 4.52 -9.79 37.02
N ASN E 53 4.69 -9.22 38.21
CA ASN E 53 5.93 -8.50 38.51
C ASN E 53 7.14 -9.43 38.41
N ALA E 54 7.03 -10.62 38.98
CA ALA E 54 8.15 -11.55 38.99
C ALA E 54 8.50 -12.00 37.58
N LEU E 55 7.50 -12.28 36.76
CA LEU E 55 7.76 -12.70 35.38
C LEU E 55 8.41 -11.57 34.59
N THR E 56 7.94 -10.35 34.77
CA THR E 56 8.57 -9.22 34.09
C THR E 56 10.02 -9.07 34.50
N LYS E 57 10.31 -9.22 35.79
CA LYS E 57 11.68 -9.12 36.26
C LYS E 57 12.59 -10.17 35.64
N MET E 58 12.08 -11.34 35.30
CA MET E 58 12.89 -12.39 34.69
C MET E 58 13.11 -12.19 33.19
N GLY E 59 12.60 -11.13 32.60
CA GLY E 59 12.76 -10.92 31.19
C GLY E 59 11.72 -11.58 30.31
N VAL E 60 10.58 -11.96 30.86
CA VAL E 60 9.50 -12.53 30.04
C VAL E 60 8.74 -11.40 29.37
N LYS E 61 8.55 -11.52 28.06
CA LYS E 61 7.97 -10.47 27.23
C LYS E 61 6.67 -10.95 26.61
N LYS E 62 6.07 -10.12 25.79
CA LYS E 62 4.85 -10.45 25.17
C LYS E 62 4.94 -11.68 24.36
N GLY E 63 5.90 -11.96 23.52
CA GLY E 63 5.77 -13.16 22.75
C GLY E 63 6.29 -14.44 23.37
N ASP E 64 6.72 -14.42 24.62
CA ASP E 64 7.50 -15.51 25.17
C ASP E 64 6.62 -16.68 25.59
N THR E 65 7.26 -17.79 25.93
CA THR E 65 6.58 -19.01 26.34
C THR E 65 7.07 -19.45 27.70
N VAL E 66 6.15 -19.64 28.63
CA VAL E 66 6.44 -20.18 29.94
C VAL E 66 5.75 -21.53 30.04
N ALA E 67 6.50 -22.56 30.42
CA ALA E 67 5.99 -23.91 30.49
C ALA E 67 5.80 -24.30 31.95
N VAL E 68 4.73 -25.04 32.23
CA VAL E 68 4.36 -25.42 33.59
C VAL E 68 4.27 -26.93 33.65
N MET E 69 4.84 -27.59 34.65
CA MET E 69 4.77 -29.02 34.93
C MET E 69 4.47 -29.26 36.42
N ASP E 70 3.20 -29.26 36.85
CA ASP E 70 2.79 -29.50 38.21
C ASP E 70 1.47 -30.19 38.33
N TYR E 71 1.03 -30.59 39.53
CA TYR E 71 -0.31 -31.09 39.76
C TYR E 71 -1.31 -29.94 39.88
N ASP E 72 -2.57 -30.26 40.18
CA ASP E 72 -3.60 -29.26 40.35
C ASP E 72 -3.44 -28.54 41.68
N SER E 73 -3.21 -27.25 41.62
CA SER E 73 -2.95 -26.45 42.82
C SER E 73 -3.31 -25.00 42.52
N HIS E 74 -3.18 -24.16 43.56
CA HIS E 74 -3.40 -22.74 43.41
C HIS E 74 -2.37 -22.10 42.49
N ARG E 75 -1.16 -22.65 42.46
CA ARG E 75 -0.13 -22.11 41.58
C ARG E 75 -0.51 -22.30 40.12
N TYR E 76 -1.08 -23.44 39.79
CA TYR E 76 -1.53 -23.66 38.44
C TYR E 76 -2.65 -22.70 38.07
N LEU E 77 -3.54 -22.39 39.02
CA LEU E 77 -4.59 -21.41 38.76
C LEU E 77 -4.02 -20.03 38.53
N GLU E 78 -2.97 -19.67 39.28
CA GLU E 78 -2.33 -18.38 39.05
C GLU E 78 -1.63 -18.32 37.70
N CYS E 79 -1.07 -19.44 37.24
CA CYS E 79 -0.45 -19.45 35.92
C CYS E 79 -1.48 -19.30 34.82
N TYR E 80 -2.71 -19.78 35.03
CA TYR E 80 -3.79 -19.65 34.06
C TYR E 80 -4.14 -18.20 33.76
N PHE E 81 -3.83 -17.30 34.67
CA PHE E 81 -4.16 -15.89 34.50
C PHE E 81 -2.92 -15.04 34.26
N ALA E 82 -1.91 -15.14 35.12
CA ALA E 82 -0.79 -14.21 35.05
C ALA E 82 -0.06 -14.30 33.73
N ILE E 83 0.30 -15.50 33.23
CA ILE E 83 1.11 -15.70 32.01
C ILE E 83 0.41 -15.10 30.81
N PRO E 84 -0.90 -15.40 30.59
CA PRO E 84 -1.58 -14.76 29.45
C PRO E 84 -1.82 -13.27 29.61
N MET E 85 -2.08 -12.78 30.79
CA MET E 85 -2.35 -11.40 30.99
C MET E 85 -1.15 -10.49 30.76
N ILE E 86 0.06 -10.96 30.89
CA ILE E 86 1.26 -10.25 30.52
C ILE E 86 1.48 -10.35 29.03
N GLY E 87 0.68 -11.12 28.29
CA GLY E 87 0.90 -11.28 26.88
C GLY E 87 1.73 -12.50 26.51
N ALA E 88 2.25 -13.24 27.47
CA ALA E 88 2.99 -14.45 27.17
C ALA E 88 2.07 -15.63 26.88
N LYS E 89 2.66 -16.77 26.58
CA LYS E 89 1.93 -17.93 26.10
C LYS E 89 2.19 -19.08 27.08
N LEU E 90 1.13 -19.65 27.62
CA LEU E 90 1.22 -20.71 28.63
C LEU E 90 1.26 -22.05 27.91
N HIS E 91 2.39 -22.74 28.00
CA HIS E 91 2.52 -24.07 27.43
C HIS E 91 2.31 -25.08 28.54
N MET E 92 1.22 -25.83 28.46
CA MET E 92 0.87 -26.79 29.49
C MET E 92 1.47 -28.13 29.13
N ILE E 93 2.40 -28.60 29.95
CA ILE E 93 3.15 -29.82 29.68
C ILE E 93 2.39 -31.02 30.21
N ASN E 94 2.22 -32.02 29.36
CA ASN E 94 1.55 -33.27 29.69
C ASN E 94 2.57 -34.19 30.35
N VAL E 95 2.51 -34.31 31.68
CA VAL E 95 3.52 -35.07 32.41
C VAL E 95 3.33 -36.58 32.31
N ARG E 96 2.25 -37.05 31.72
CA ARG E 96 2.06 -38.48 31.55
C ARG E 96 2.64 -39.00 30.25
N LEU E 97 3.15 -38.13 29.39
CA LEU E 97 3.90 -38.57 28.23
C LEU E 97 5.26 -39.11 28.67
N SER E 98 5.90 -39.85 27.77
CA SER E 98 7.23 -40.34 28.05
C SER E 98 8.25 -39.20 27.99
N PRO E 99 9.41 -39.36 28.64
CA PRO E 99 10.41 -38.29 28.62
C PRO E 99 10.83 -37.83 27.24
N GLU E 100 10.93 -38.74 26.26
CA GLU E 100 11.31 -38.34 24.90
C GLU E 100 10.25 -37.45 24.25
N GLN E 101 8.97 -37.78 24.44
CA GLN E 101 7.91 -36.94 23.91
C GLN E 101 7.88 -35.58 24.60
N ILE E 102 8.12 -35.55 25.90
CA ILE E 102 8.14 -34.31 26.65
C ILE E 102 9.26 -33.44 26.13
N LEU E 103 10.43 -34.03 25.93
CA LEU E 103 11.56 -33.30 25.37
C LEU E 103 11.23 -32.77 23.98
N TYR E 104 10.58 -33.58 23.16
CA TYR E 104 10.19 -33.10 21.84
C TYR E 104 9.29 -31.87 21.94
N THR E 105 8.29 -31.89 22.82
CA THR E 105 7.34 -30.77 22.87
C THR E 105 7.99 -29.51 23.44
N ILE E 106 8.92 -29.67 24.37
CA ILE E 106 9.65 -28.51 24.88
C ILE E 106 10.51 -27.90 23.78
N ASP E 107 11.18 -28.75 22.99
CA ASP E 107 11.97 -28.23 21.87
C ASP E 107 11.09 -27.56 20.83
N HIS E 108 9.93 -28.16 20.53
CA HIS E 108 9.05 -27.63 19.51
C HIS E 108 8.44 -26.29 19.90
N ALA E 109 8.00 -26.16 21.15
CA ALA E 109 7.39 -24.92 21.61
C ALA E 109 8.39 -23.82 21.87
N GLU E 110 9.65 -24.15 22.16
CA GLU E 110 10.70 -23.18 22.46
C GLU E 110 10.36 -22.36 23.71
N ASP E 111 10.27 -23.06 24.83
CA ASP E 111 9.96 -22.42 26.10
C ASP E 111 11.15 -21.63 26.63
N ASP E 112 10.90 -20.48 27.24
CA ASP E 112 11.94 -19.68 27.85
C ASP E 112 12.13 -20.05 29.31
N ILE E 113 11.07 -20.27 30.09
CA ILE E 113 11.17 -20.59 31.51
C ILE E 113 10.32 -21.82 31.77
N ILE E 114 10.75 -22.64 32.71
CA ILE E 114 10.02 -23.85 33.09
C ILE E 114 9.77 -23.83 34.59
N LEU E 115 8.50 -23.87 34.96
CA LEU E 115 8.07 -24.07 36.34
C LEU E 115 7.77 -25.53 36.53
N ILE E 116 8.47 -26.19 37.45
CA ILE E 116 8.38 -27.64 37.54
C ILE E 116 8.30 -28.05 39.00
N HIS E 117 7.42 -29.00 39.30
CA HIS E 117 7.30 -29.52 40.64
C HIS E 117 8.47 -30.43 40.97
N GLU E 118 8.83 -30.46 42.25
CA GLU E 118 10.01 -31.19 42.69
C GLU E 118 9.92 -32.68 42.34
N GLU E 119 8.76 -33.28 42.49
CA GLU E 119 8.66 -34.70 42.23
C GLU E 119 8.52 -35.04 40.75
N PHE E 120 8.69 -34.14 39.81
CA PHE E 120 8.82 -34.43 38.40
C PHE E 120 10.26 -34.11 38.08
N LEU E 121 11.14 -33.77 39.00
CA LEU E 121 12.53 -33.56 38.67
C LEU E 121 13.28 -34.76 38.15
N PRO E 122 12.85 -36.01 38.48
CA PRO E 122 13.50 -37.15 37.84
C PRO E 122 13.23 -37.32 36.33
N ILE E 123 12.10 -36.90 35.80
CA ILE E 123 11.86 -36.94 34.36
C ILE E 123 12.79 -35.91 33.79
N LEU E 124 12.90 -34.75 34.43
CA LEU E 124 13.76 -33.74 33.85
C LEU E 124 15.22 -34.17 33.80
N ASP E 125 15.68 -34.92 34.80
CA ASP E 125 17.10 -35.21 34.90
C ASP E 125 17.61 -35.92 33.66
N GLN E 126 16.73 -36.65 32.98
CA GLN E 126 17.16 -37.44 31.84
C GLN E 126 16.91 -36.78 30.51
N ILE E 127 16.39 -35.56 30.47
CA ILE E 127 16.23 -34.85 29.21
C ILE E 127 16.83 -33.45 29.35
N LYS E 128 17.43 -33.10 30.46
CA LYS E 128 17.93 -31.74 30.65
C LYS E 128 19.15 -31.50 29.82
N GLY E 129 19.94 -32.53 29.51
CA GLY E 129 21.09 -32.28 28.66
C GLY E 129 20.75 -31.88 27.24
N ARG E 130 19.51 -32.11 26.82
CA ARG E 130 19.15 -31.83 25.44
C ARG E 130 18.24 -30.62 25.28
N ILE E 131 18.01 -29.86 26.35
CA ILE E 131 17.18 -28.67 26.24
C ILE E 131 18.05 -27.45 25.98
N ASP E 132 17.62 -26.61 25.05
CA ASP E 132 18.49 -25.54 24.57
C ASP E 132 17.92 -24.15 24.87
N THR E 133 16.60 -24.02 24.81
CA THR E 133 15.97 -22.71 24.81
C THR E 133 15.65 -22.19 26.19
N VAL E 134 15.80 -23.00 27.24
CA VAL E 134 15.28 -22.65 28.56
C VAL E 134 16.38 -21.98 29.36
N THR E 135 16.10 -20.79 29.88
CA THR E 135 17.05 -20.03 30.65
C THR E 135 16.87 -20.18 32.16
N ARG E 136 15.66 -20.48 32.62
CA ARG E 136 15.40 -20.63 34.03
C ARG E 136 14.49 -21.76 34.40
N TYR E 137 14.81 -22.47 35.47
CA TYR E 137 13.97 -23.51 36.04
C TYR E 137 13.58 -23.12 37.45
N VAL E 138 12.28 -23.06 37.70
CA VAL E 138 11.74 -22.71 39.01
C VAL E 138 11.13 -23.97 39.62
N VAL E 139 11.69 -24.40 40.74
CA VAL E 139 11.26 -25.62 41.40
C VAL E 139 10.16 -25.31 42.40
N LEU E 140 9.04 -26.00 42.26
CA LEU E 140 7.86 -25.80 43.09
C LEU E 140 7.79 -26.89 44.15
N ARG E 141 7.50 -26.49 45.38
CA ARG E 141 7.39 -27.41 46.49
C ARG E 141 6.11 -27.12 47.24
N ASP E 142 5.69 -28.08 48.07
CA ASP E 142 4.46 -27.95 48.82
C ASP E 142 4.67 -27.38 50.23
N ASP E 143 5.86 -26.86 50.52
CA ASP E 143 6.17 -26.20 51.78
C ASP E 143 6.77 -24.82 51.50
N GLU E 144 7.40 -24.23 52.52
CA GLU E 144 7.98 -22.90 52.35
C GLU E 144 9.17 -22.87 51.40
N GLU E 145 9.76 -24.01 51.09
CA GLU E 145 10.97 -23.98 50.28
C GLU E 145 10.67 -23.84 48.79
N CYS E 146 9.42 -23.63 48.38
CA CYS E 146 9.08 -23.39 47.02
C CYS E 146 9.82 -22.21 46.47
N GLU E 147 10.38 -22.33 45.27
CA GLU E 147 11.03 -21.18 44.66
C GLU E 147 10.01 -20.20 44.10
N TYR E 148 8.81 -20.63 43.73
CA TYR E 148 7.78 -19.75 43.29
C TYR E 148 7.31 -18.87 44.41
N GLU E 149 7.15 -19.40 45.59
CA GLU E 149 6.74 -18.55 46.71
C GLU E 149 7.81 -17.51 47.03
N ARG E 150 9.08 -17.90 46.99
CA ARG E 150 10.13 -16.95 47.24
C ARG E 150 10.15 -15.87 46.17
N LEU E 151 9.98 -16.22 44.90
CA LEU E 151 9.92 -15.21 43.85
C LEU E 151 8.76 -14.26 44.05
N LEU E 152 7.61 -14.78 44.46
CA LEU E 152 6.44 -13.93 44.64
C LEU E 152 6.58 -13.00 45.83
N GLU E 153 7.21 -13.45 46.91
CA GLU E 153 7.30 -12.65 48.12
C GLU E 153 8.01 -11.32 47.92
N GLN E 154 8.99 -11.26 47.02
CA GLN E 154 9.80 -10.06 46.87
C GLN E 154 9.27 -9.13 45.79
N GLU E 155 8.00 -9.24 45.44
CA GLU E 155 7.39 -8.38 44.44
C GLU E 155 6.29 -7.55 45.07
N SER E 156 5.91 -6.48 44.40
CA SER E 156 4.82 -5.65 44.85
C SER E 156 3.49 -6.18 44.32
N THR E 157 2.44 -5.85 45.04
CA THR E 157 1.07 -6.24 44.73
C THR E 157 0.44 -5.31 43.70
N GLU E 158 1.22 -4.49 43.01
CA GLU E 158 0.72 -3.56 42.02
C GLU E 158 1.21 -3.91 40.64
N TYR E 159 0.34 -3.79 39.64
CA TYR E 159 0.72 -4.07 38.26
C TYR E 159 -0.39 -3.59 37.34
N ASN E 160 -0.03 -2.87 36.29
CA ASN E 160 -0.97 -2.40 35.28
C ASN E 160 -0.91 -3.31 34.06
N PHE E 161 -1.96 -4.08 33.85
CA PHE E 161 -1.94 -5.09 32.80
C PHE E 161 -2.21 -4.47 31.42
N PRO E 162 -1.44 -4.81 30.41
CA PRO E 162 -1.58 -4.16 29.11
C PRO E 162 -2.86 -4.51 28.37
N ASP E 163 -3.14 -3.70 27.36
CA ASP E 163 -4.19 -3.98 26.37
C ASP E 163 -3.51 -4.36 25.07
N PHE E 164 -3.88 -5.51 24.52
CA PHE E 164 -3.39 -5.92 23.22
C PHE E 164 -4.57 -6.44 22.42
N ASP E 165 -4.30 -6.87 21.21
CA ASP E 165 -5.32 -7.46 20.35
C ASP E 165 -5.88 -8.74 20.95
N GLU E 166 -7.18 -8.96 20.77
CA GLU E 166 -7.84 -10.13 21.32
C GLU E 166 -7.42 -11.42 20.63
N ASN E 167 -6.71 -11.33 19.52
CA ASN E 167 -6.29 -12.49 18.77
C ASN E 167 -4.87 -12.92 19.09
N THR E 168 -4.30 -12.43 20.15
CA THR E 168 -3.03 -12.89 20.64
C THR E 168 -3.10 -14.23 21.28
N VAL E 169 -2.15 -15.14 20.98
CA VAL E 169 -2.23 -16.50 21.49
C VAL E 169 -2.03 -16.52 23.01
N ALA E 170 -2.85 -17.29 23.70
CA ALA E 170 -2.84 -17.36 25.15
C ALA E 170 -2.27 -18.67 25.68
N THR E 171 -2.68 -19.81 25.13
CA THR E 171 -2.27 -21.10 25.66
C THR E 171 -1.91 -22.04 24.52
N THR E 172 -1.12 -23.06 24.85
CA THR E 172 -0.81 -24.13 23.91
C THR E 172 -0.59 -25.42 24.70
N PHE E 173 -0.92 -26.54 24.07
CA PHE E 173 -0.60 -27.85 24.60
C PHE E 173 -0.59 -28.83 23.45
N TYR E 174 -0.03 -30.01 23.69
CA TYR E 174 0.26 -30.98 22.66
C TYR E 174 -0.55 -32.25 22.86
N THR E 175 -1.05 -32.80 21.76
CA THR E 175 -1.88 -33.98 21.79
C THR E 175 -1.25 -35.06 20.93
N THR E 176 -1.18 -36.28 21.46
CA THR E 176 -0.49 -37.36 20.75
C THR E 176 -1.31 -37.86 19.57
N GLY E 177 -2.55 -38.28 19.81
CA GLY E 177 -3.41 -38.61 18.69
C GLY E 177 -2.87 -39.75 17.84
N THR E 178 -3.04 -39.62 16.53
CA THR E 178 -2.74 -40.68 15.59
C THR E 178 -1.57 -40.39 14.67
N THR E 179 -0.86 -39.28 14.89
CA THR E 179 0.30 -38.98 14.08
C THR E 179 1.56 -39.57 14.70
N GLY E 180 2.70 -39.33 14.06
CA GLY E 180 3.96 -39.88 14.53
C GLY E 180 4.65 -39.07 15.60
N PHE E 181 4.26 -37.82 15.77
CA PHE E 181 4.76 -36.95 16.83
C PHE E 181 3.57 -36.21 17.43
N PRO E 182 3.70 -35.71 18.65
CA PRO E 182 2.61 -34.90 19.21
C PRO E 182 2.36 -33.64 18.41
N LYS E 183 1.10 -33.23 18.35
CA LYS E 183 0.68 -32.04 17.63
C LYS E 183 0.35 -30.94 18.62
N GLY E 184 0.65 -29.70 18.26
CA GLY E 184 0.42 -28.58 19.14
C GLY E 184 -0.81 -27.78 18.74
N VAL E 185 -1.71 -27.59 19.68
CA VAL E 185 -2.90 -26.78 19.49
C VAL E 185 -2.71 -25.49 20.27
N PHE E 186 -3.41 -24.44 19.88
CA PHE E 186 -3.30 -23.17 20.55
C PHE E 186 -4.62 -22.42 20.47
N PHE E 187 -4.83 -21.54 21.43
CA PHE E 187 -6.06 -20.78 21.52
C PHE E 187 -5.72 -19.33 21.85
N THR E 188 -6.59 -18.42 21.47
CA THR E 188 -6.38 -17.01 21.74
C THR E 188 -7.19 -16.56 22.96
N HIS E 189 -6.97 -15.31 23.36
CA HIS E 189 -7.75 -14.73 24.44
C HIS E 189 -9.23 -14.70 24.12
N ARG E 190 -9.57 -14.29 22.90
CA ARG E 190 -10.96 -14.22 22.48
C ARG E 190 -11.63 -15.58 22.57
N GLN E 191 -10.94 -16.63 22.12
CA GLN E 191 -11.52 -17.97 22.14
C GLN E 191 -11.78 -18.46 23.54
N LEU E 192 -10.88 -18.22 24.47
CA LEU E 192 -11.08 -18.69 25.85
C LEU E 192 -12.20 -17.92 26.53
N VAL E 193 -12.25 -16.60 26.33
CA VAL E 193 -13.33 -15.80 26.89
C VAL E 193 -14.67 -16.26 26.34
N LEU E 194 -14.74 -16.55 25.04
CA LEU E 194 -16.01 -16.95 24.45
C LEU E 194 -16.39 -18.36 24.87
N HIS E 195 -15.42 -19.23 25.08
CA HIS E 195 -15.72 -20.55 25.61
C HIS E 195 -16.34 -20.45 27.00
N THR E 196 -15.80 -19.57 27.83
CA THR E 196 -16.36 -19.33 29.16
C THR E 196 -17.79 -18.84 29.08
N MET E 197 -18.11 -17.78 28.44
CA MET E 197 -19.46 -17.38 28.29
C MET E 197 -20.36 -18.28 27.57
N GLY E 198 -19.94 -19.03 26.57
CA GLY E 198 -20.83 -19.97 25.94
C GLY E 198 -21.23 -21.11 26.85
N ILE E 199 -20.28 -21.68 27.57
CA ILE E 199 -20.65 -22.78 28.45
C ILE E 199 -21.46 -22.28 29.64
N LEU E 200 -21.15 -21.08 30.15
CA LEU E 200 -21.97 -20.55 31.23
C LEU E 200 -23.41 -20.32 30.77
N SER E 201 -23.59 -19.84 29.55
CA SER E 201 -24.93 -19.73 28.98
C SER E 201 -25.61 -21.08 28.84
N THR E 202 -24.89 -22.13 28.45
CA THR E 202 -25.53 -23.42 28.27
C THR E 202 -25.88 -24.07 29.60
N ILE E 203 -24.89 -24.36 30.44
CA ILE E 203 -25.19 -25.14 31.63
C ILE E 203 -25.67 -24.26 32.79
N GLY E 204 -25.54 -22.95 32.67
CA GLY E 204 -26.07 -22.08 33.72
C GLY E 204 -27.57 -21.94 33.69
N THR E 205 -28.19 -22.10 32.53
CA THR E 205 -29.60 -21.83 32.36
C THR E 205 -30.46 -23.07 32.42
N ASN E 206 -29.95 -24.24 32.71
CA ASN E 206 -30.74 -25.40 32.85
C ASN E 206 -31.73 -25.24 33.92
N ALA E 207 -32.91 -25.80 33.78
CA ALA E 207 -33.98 -25.55 34.74
C ALA E 207 -33.61 -26.07 36.14
N SER E 208 -33.37 -27.38 36.27
CA SER E 208 -33.10 -27.92 37.60
C SER E 208 -32.11 -29.09 37.65
N GLN E 209 -31.42 -29.52 36.62
CA GLN E 209 -30.49 -30.62 36.67
C GLN E 209 -29.21 -30.20 36.07
N GLY E 210 -28.12 -30.54 36.65
CA GLY E 210 -26.79 -30.40 36.06
C GLY E 210 -26.39 -28.98 35.73
N ARG E 211 -26.61 -28.05 36.64
CA ARG E 211 -26.30 -26.65 36.40
C ARG E 211 -25.18 -26.21 37.31
N LEU E 212 -24.33 -25.35 36.79
CA LEU E 212 -23.27 -24.68 37.54
C LEU E 212 -23.74 -23.26 37.83
N HIS E 213 -23.74 -22.87 39.10
CA HIS E 213 -24.18 -21.55 39.49
C HIS E 213 -23.28 -20.96 40.56
N GLN E 214 -23.66 -19.78 41.04
CA GLN E 214 -22.81 -18.99 41.93
C GLN E 214 -22.77 -19.51 43.35
N GLY E 215 -23.64 -20.44 43.71
CA GLY E 215 -23.59 -21.03 45.03
C GLY E 215 -22.83 -22.32 45.14
N ASP E 216 -22.15 -22.76 44.09
CA ASP E 216 -21.48 -24.05 44.06
C ASP E 216 -20.07 -23.96 44.65
N ILE E 217 -19.50 -25.11 44.95
CA ILE E 217 -18.11 -25.26 45.38
C ILE E 217 -17.42 -26.21 44.40
N TYR E 218 -16.35 -25.75 43.77
CA TYR E 218 -15.75 -26.44 42.64
C TYR E 218 -14.47 -27.16 43.02
N MET E 219 -14.36 -28.44 42.63
CA MET E 219 -13.08 -29.11 42.78
C MET E 219 -12.76 -29.95 41.56
N PRO E 220 -11.65 -29.66 40.85
CA PRO E 220 -11.32 -30.46 39.67
C PRO E 220 -10.82 -31.85 40.03
N ILE E 221 -11.08 -32.87 39.19
CA ILE E 221 -10.48 -34.19 39.35
C ILE E 221 -10.07 -34.67 37.94
N THR E 222 -9.73 -33.75 37.03
CA THR E 222 -9.25 -34.10 35.66
C THR E 222 -8.09 -33.17 35.52
N PRO E 223 -6.92 -33.61 35.00
CA PRO E 223 -5.73 -32.73 35.02
C PRO E 223 -5.84 -31.35 34.45
N MET E 224 -5.16 -30.41 35.07
CA MET E 224 -5.17 -29.05 34.58
C MET E 224 -4.29 -28.84 33.42
N PHE E 225 -3.56 -29.87 33.00
CA PHE E 225 -2.78 -29.75 31.77
C PHE E 225 -3.45 -30.39 30.57
N HIS E 226 -4.64 -30.97 30.72
CA HIS E 226 -5.19 -31.72 29.60
C HIS E 226 -5.93 -30.86 28.58
N VAL E 227 -7.04 -30.25 28.96
CA VAL E 227 -7.81 -29.48 27.98
C VAL E 227 -8.24 -28.13 28.55
N HIS E 228 -7.37 -27.50 29.33
CA HIS E 228 -7.71 -26.34 30.16
C HIS E 228 -8.53 -26.76 31.37
N ALA E 229 -8.42 -28.02 31.76
CA ALA E 229 -9.35 -28.61 32.72
C ALA E 229 -10.80 -28.36 32.32
N TRP E 230 -11.13 -28.66 31.07
CA TRP E 230 -12.45 -28.43 30.47
C TRP E 230 -12.90 -26.99 30.57
N GLY E 231 -11.97 -26.06 30.80
CA GLY E 231 -12.28 -24.66 30.96
C GLY E 231 -12.93 -24.31 32.26
N LEU E 232 -12.99 -25.24 33.21
CA LEU E 232 -13.78 -25.02 34.40
C LEU E 232 -13.11 -24.08 35.38
N PRO E 233 -11.75 -24.14 35.51
CA PRO E 233 -11.09 -23.15 36.33
C PRO E 233 -11.41 -21.71 35.91
N TYR E 234 -11.59 -21.38 34.66
CA TYR E 234 -11.98 -20.06 34.21
C TYR E 234 -13.42 -19.73 34.58
N MET E 235 -14.37 -20.64 34.37
CA MET E 235 -15.74 -20.42 34.72
C MET E 235 -15.96 -20.32 36.19
N ALA E 236 -15.25 -21.05 37.01
CA ALA E 236 -15.37 -20.92 38.45
C ALA E 236 -14.89 -19.57 38.92
N THR E 237 -13.74 -19.15 38.46
CA THR E 237 -13.25 -17.81 38.80
C THR E 237 -14.23 -16.74 38.38
N MET E 238 -14.72 -16.77 37.15
CA MET E 238 -15.74 -15.85 36.69
C MET E 238 -16.96 -15.84 37.63
N LEU E 239 -17.38 -16.99 38.18
CA LEU E 239 -18.54 -16.99 39.06
C LEU E 239 -18.19 -16.59 40.48
N GLY E 240 -16.92 -16.53 40.84
CA GLY E 240 -16.49 -16.17 42.17
C GLY E 240 -16.85 -17.17 43.25
N VAL E 241 -16.86 -18.44 42.92
CA VAL E 241 -17.24 -19.47 43.87
C VAL E 241 -15.99 -20.01 44.53
N LYS E 242 -16.19 -20.73 45.62
CA LYS E 242 -15.09 -21.36 46.33
C LYS E 242 -14.47 -22.46 45.46
N GLN E 243 -13.14 -22.56 45.42
CA GLN E 243 -12.41 -23.50 44.59
C GLN E 243 -11.48 -24.28 45.45
N VAL E 244 -11.58 -25.61 45.47
CA VAL E 244 -10.75 -26.52 46.23
C VAL E 244 -9.83 -27.29 45.27
N TYR E 245 -8.50 -27.27 45.44
CA TYR E 245 -7.54 -27.97 44.59
C TYR E 245 -6.92 -29.12 45.36
N PRO E 246 -7.07 -30.36 44.89
CA PRO E 246 -6.68 -31.50 45.69
C PRO E 246 -5.21 -31.86 45.60
N GLY E 247 -4.50 -31.35 44.61
CA GLY E 247 -3.11 -31.74 44.39
C GLY E 247 -3.01 -33.01 43.57
N LYS E 248 -2.33 -34.00 44.11
CA LYS E 248 -2.22 -35.31 43.48
C LYS E 248 -3.43 -36.15 43.86
N TYR E 249 -4.02 -36.83 42.86
CA TYR E 249 -5.29 -37.51 43.08
C TYR E 249 -5.04 -38.79 43.85
N VAL E 250 -5.48 -38.82 45.10
CA VAL E 250 -5.55 -40.03 45.90
C VAL E 250 -6.99 -40.18 46.38
N PRO E 251 -7.65 -41.32 46.16
CA PRO E 251 -9.09 -41.40 46.47
C PRO E 251 -9.46 -41.06 47.91
N ASP E 252 -8.68 -41.50 48.90
CA ASP E 252 -9.02 -41.16 50.28
C ASP E 252 -8.97 -39.66 50.50
N VAL E 253 -7.91 -39.01 50.01
CA VAL E 253 -7.79 -37.58 50.15
C VAL E 253 -8.93 -36.88 49.43
N LEU E 254 -9.29 -37.35 48.23
CA LEU E 254 -10.37 -36.74 47.48
C LEU E 254 -11.70 -36.86 48.22
N LEU E 255 -11.99 -38.04 48.78
CA LEU E 255 -13.24 -38.22 49.50
C LEU E 255 -13.30 -37.35 50.74
N ASN E 256 -12.17 -37.22 51.44
CA ASN E 256 -12.14 -36.31 52.57
C ASN E 256 -12.37 -34.88 52.15
N LEU E 257 -11.80 -34.46 51.02
CA LEU E 257 -11.99 -33.08 50.59
C LEU E 257 -13.44 -32.82 50.23
N ILE E 258 -14.09 -33.78 49.57
CA ILE E 258 -15.50 -33.65 49.26
C ILE E 258 -16.32 -33.53 50.54
N GLU E 259 -16.04 -34.36 51.53
CA GLU E 259 -16.82 -34.32 52.77
C GLU E 259 -16.57 -33.03 53.54
N GLN E 260 -15.32 -32.62 53.65
CA GLN E 260 -14.95 -31.55 54.57
C GLN E 260 -15.18 -30.17 53.97
N GLU E 261 -14.86 -29.98 52.70
CA GLU E 261 -15.06 -28.69 52.06
C GLU E 261 -16.42 -28.56 51.40
N LYS E 262 -17.22 -29.62 51.41
CA LYS E 262 -18.59 -29.61 50.88
C LYS E 262 -18.63 -29.26 49.40
N VAL E 263 -17.91 -30.06 48.61
CA VAL E 263 -17.82 -29.84 47.18
C VAL E 263 -19.14 -30.20 46.51
N THR E 264 -19.54 -29.42 45.51
CA THR E 264 -20.79 -29.67 44.82
C THR E 264 -20.68 -29.77 43.31
N PHE E 265 -19.52 -29.53 42.73
CA PHE E 265 -19.35 -29.62 41.28
C PHE E 265 -17.94 -30.08 40.96
N SER E 266 -17.83 -31.11 40.11
CA SER E 266 -16.53 -31.67 39.73
C SER E 266 -16.61 -32.17 38.31
N HIS E 267 -15.44 -32.48 37.76
CA HIS E 267 -15.31 -33.24 36.53
C HIS E 267 -14.27 -34.33 36.76
N CYS E 268 -14.45 -35.47 36.12
CA CYS E 268 -13.47 -36.54 36.20
C CYS E 268 -13.65 -37.47 35.01
N VAL E 269 -13.00 -38.62 35.06
CA VAL E 269 -13.06 -39.63 34.00
C VAL E 269 -13.55 -40.92 34.65
N PRO E 270 -14.05 -41.86 33.85
CA PRO E 270 -14.74 -43.03 34.45
C PRO E 270 -13.88 -43.82 35.41
N THR E 271 -12.57 -43.91 35.17
CA THR E 271 -11.72 -44.74 36.04
C THR E 271 -11.65 -44.18 37.46
N ILE E 272 -11.43 -42.88 37.58
CA ILE E 272 -11.34 -42.27 38.90
C ILE E 272 -12.67 -42.32 39.61
N LEU E 273 -13.77 -42.12 38.88
CA LEU E 273 -15.08 -42.22 39.49
C LEU E 273 -15.34 -43.63 40.00
N HIS E 274 -14.97 -44.64 39.24
CA HIS E 274 -15.11 -46.01 39.71
C HIS E 274 -14.28 -46.24 40.96
N LEU E 275 -13.07 -45.67 41.01
CA LEU E 275 -12.25 -45.80 42.21
C LEU E 275 -12.91 -45.13 43.41
N LEU E 276 -13.47 -43.94 43.22
CA LEU E 276 -14.11 -43.25 44.35
C LEU E 276 -15.32 -44.01 44.86
N LEU E 277 -16.16 -44.49 43.95
CA LEU E 277 -17.39 -45.15 44.39
C LEU E 277 -17.09 -46.52 45.01
N SER E 278 -16.06 -47.21 44.51
CA SER E 278 -15.74 -48.54 45.03
C SER E 278 -14.83 -48.50 46.25
N SER E 279 -14.44 -47.33 46.72
CA SER E 279 -13.66 -47.23 47.95
C SER E 279 -14.50 -47.60 49.16
N PRO E 280 -13.92 -48.20 50.19
CA PRO E 280 -14.69 -48.48 51.41
C PRO E 280 -15.08 -47.24 52.18
N LYS E 281 -14.19 -46.25 52.25
CA LYS E 281 -14.49 -45.02 52.96
C LYS E 281 -15.67 -44.27 52.35
N SER E 282 -16.04 -44.60 51.12
CA SER E 282 -17.15 -43.95 50.45
C SER E 282 -18.50 -44.52 50.83
N LYS E 283 -18.55 -45.59 51.63
CA LYS E 283 -19.83 -46.20 51.95
C LYS E 283 -20.63 -45.38 52.95
N ALA E 284 -19.98 -44.56 53.76
CA ALA E 284 -20.64 -43.79 54.80
C ALA E 284 -20.62 -42.30 54.47
N MET E 285 -20.63 -41.97 53.19
CA MET E 285 -20.50 -40.60 52.75
C MET E 285 -21.77 -40.15 52.04
N ASP E 286 -22.23 -38.95 52.36
CA ASP E 286 -23.36 -38.37 51.65
C ASP E 286 -22.93 -37.75 50.35
N PHE E 287 -23.57 -38.17 49.27
CA PHE E 287 -23.17 -37.80 47.92
C PHE E 287 -24.25 -37.03 47.18
N SER E 288 -25.32 -36.64 47.85
CA SER E 288 -26.55 -36.26 47.15
C SER E 288 -26.59 -34.78 46.82
N GLY E 289 -25.44 -34.12 46.87
CA GLY E 289 -25.39 -32.72 46.49
C GLY E 289 -24.26 -32.48 45.52
N TRP E 290 -23.74 -33.55 44.96
CA TRP E 290 -22.56 -33.55 44.12
C TRP E 290 -22.95 -33.80 42.66
N LYS E 291 -22.26 -33.12 41.74
CA LYS E 291 -22.62 -33.06 40.33
C LYS E 291 -21.43 -33.26 39.42
N VAL E 292 -20.85 -34.46 39.38
CA VAL E 292 -19.74 -34.71 38.48
C VAL E 292 -20.18 -34.79 37.01
N VAL E 293 -19.42 -34.15 36.13
CA VAL E 293 -19.53 -34.34 34.69
C VAL E 293 -18.38 -35.20 34.23
N ILE E 294 -18.67 -36.29 33.49
CA ILE E 294 -17.68 -37.26 33.05
C ILE E 294 -17.40 -37.10 31.59
N GLY E 295 -16.26 -36.56 31.25
CA GLY E 295 -15.85 -36.40 29.88
C GLY E 295 -14.59 -37.17 29.71
N GLY E 296 -14.05 -37.15 28.50
CA GLY E 296 -12.81 -37.81 28.23
C GLY E 296 -12.93 -39.22 27.75
N ALA E 297 -14.01 -39.95 28.03
CA ALA E 297 -14.09 -41.24 27.54
C ALA E 297 -15.52 -41.45 27.70
N ALA E 298 -16.01 -42.49 27.08
CA ALA E 298 -17.37 -42.83 27.20
C ALA E 298 -17.76 -43.27 28.57
N LEU E 299 -18.76 -42.64 29.16
CA LEU E 299 -19.29 -43.06 30.45
C LEU E 299 -20.10 -44.34 30.27
N PRO E 300 -19.72 -45.44 30.90
CA PRO E 300 -20.50 -46.68 30.75
C PRO E 300 -21.79 -46.69 31.56
N LYS E 301 -22.80 -47.34 30.99
CA LYS E 301 -24.13 -47.34 31.60
C LYS E 301 -24.11 -47.97 32.99
N ALA E 302 -23.25 -48.97 33.21
CA ALA E 302 -23.20 -49.61 34.52
C ALA E 302 -22.66 -48.66 35.58
N LEU E 303 -21.60 -47.92 35.25
CA LEU E 303 -21.08 -46.91 36.16
C LEU E 303 -22.10 -45.81 36.40
N CYS E 304 -22.78 -45.37 35.34
CA CYS E 304 -23.81 -44.35 35.50
C CYS E 304 -24.90 -44.82 36.44
N LYS E 305 -25.34 -46.07 36.29
CA LYS E 305 -26.38 -46.60 37.17
C LYS E 305 -25.90 -46.70 38.61
N SER E 306 -24.66 -47.16 38.81
CA SER E 306 -24.16 -47.29 40.17
C SER E 306 -24.04 -45.92 40.84
N ALA E 307 -23.64 -44.90 40.07
CA ALA E 307 -23.59 -43.55 40.61
C ALA E 307 -24.97 -42.97 40.88
N LEU E 308 -25.97 -43.20 40.09
CA LEU E 308 -27.29 -42.65 40.32
C LEU E 308 -27.98 -43.27 41.47
N GLU E 309 -27.55 -44.42 41.98
CA GLU E 309 -28.15 -44.95 43.19
C GLU E 309 -27.54 -44.40 44.47
N ARG E 310 -26.42 -43.71 44.38
CA ARG E 310 -25.89 -42.92 45.49
C ARG E 310 -26.42 -41.50 45.48
N ASP E 311 -27.30 -41.16 44.54
CA ASP E 311 -27.91 -39.84 44.44
C ASP E 311 -26.96 -38.80 43.88
N ILE E 312 -26.05 -39.21 42.99
CA ILE E 312 -25.10 -38.30 42.38
C ILE E 312 -25.70 -37.84 41.05
N ASP E 313 -25.63 -36.54 40.79
CA ASP E 313 -26.06 -35.97 39.51
C ASP E 313 -24.90 -36.12 38.54
N VAL E 314 -24.80 -37.31 37.91
CA VAL E 314 -23.75 -37.66 36.95
C VAL E 314 -24.23 -37.39 35.55
N PHE E 315 -23.41 -36.85 34.69
CA PHE E 315 -23.76 -36.59 33.31
C PHE E 315 -22.51 -36.58 32.53
N ALA E 316 -22.58 -36.81 31.23
CA ALA E 316 -21.44 -36.80 30.37
C ALA E 316 -21.22 -35.58 29.53
N GLY E 317 -20.01 -35.38 29.00
CA GLY E 317 -19.71 -34.28 28.11
C GLY E 317 -18.68 -34.73 27.09
N TYR E 318 -18.59 -33.98 26.01
CA TYR E 318 -17.78 -34.35 24.88
C TYR E 318 -16.89 -33.21 24.42
N GLY E 319 -15.63 -33.52 24.16
CA GLY E 319 -14.69 -32.56 23.60
C GLY E 319 -13.31 -33.13 23.46
N MET E 320 -12.44 -32.43 22.77
CA MET E 320 -11.13 -32.86 22.44
C MET E 320 -10.15 -31.77 22.58
N SER E 321 -8.87 -32.04 22.39
CA SER E 321 -7.82 -31.04 22.45
C SER E 321 -7.96 -29.96 21.40
N GLU E 322 -8.44 -30.29 20.22
CA GLU E 322 -8.58 -29.35 19.13
C GLU E 322 -9.80 -28.46 19.24
N THR E 323 -10.68 -28.71 20.19
CA THR E 323 -12.00 -28.09 20.19
C THR E 323 -12.42 -27.55 21.55
N GLY E 324 -11.73 -26.56 22.09
CA GLY E 324 -12.22 -25.84 23.24
C GLY E 324 -11.79 -26.19 24.64
N PRO E 325 -12.25 -27.28 25.30
CA PRO E 325 -12.70 -28.53 24.70
C PRO E 325 -14.14 -28.80 24.53
N ILE E 326 -15.08 -28.05 24.97
CA ILE E 326 -16.44 -28.55 25.09
C ILE E 326 -17.21 -28.33 23.80
N LEU E 327 -17.88 -29.36 23.34
CA LEU E 327 -18.76 -29.32 22.18
C LEU E 327 -20.19 -29.73 22.51
N SER E 328 -20.39 -30.65 23.44
CA SER E 328 -21.73 -31.12 23.77
C SER E 328 -21.77 -31.61 25.22
N ILE E 329 -22.94 -31.52 25.83
CA ILE E 329 -23.19 -32.00 27.18
C ILE E 329 -24.58 -32.61 27.22
N VAL E 330 -24.83 -33.56 28.10
CA VAL E 330 -26.11 -34.13 28.33
C VAL E 330 -26.90 -33.21 29.21
N GLN E 331 -28.05 -32.70 28.76
CA GLN E 331 -28.93 -31.91 29.61
C GLN E 331 -30.33 -32.50 29.52
N LEU E 332 -30.98 -32.72 30.66
CA LEU E 332 -32.20 -33.51 30.76
C LEU E 332 -33.40 -32.61 31.01
N THR E 333 -34.49 -32.84 30.27
CA THR E 333 -35.73 -32.09 30.45
C THR E 333 -36.50 -32.53 31.69
N PRO E 334 -37.38 -31.67 32.18
CA PRO E 334 -38.15 -32.11 33.33
C PRO E 334 -38.88 -33.44 33.22
N GLU E 335 -39.20 -33.89 32.03
CA GLU E 335 -39.87 -35.16 31.84
C GLU E 335 -38.88 -36.29 31.90
N GLN E 336 -37.69 -36.10 31.34
CA GLN E 336 -36.63 -37.09 31.39
C GLN E 336 -36.09 -37.29 32.79
N LEU E 337 -36.31 -36.34 33.68
CA LEU E 337 -35.97 -36.50 35.08
C LEU E 337 -36.99 -37.32 35.85
N GLU E 338 -38.14 -37.59 35.26
CA GLU E 338 -39.17 -38.43 35.89
C GLU E 338 -38.95 -39.91 35.64
N LEU E 339 -38.04 -40.28 34.75
CA LEU E 339 -37.80 -41.66 34.39
C LEU E 339 -37.06 -42.35 35.51
N ASP E 340 -37.05 -43.68 35.54
CA ASP E 340 -36.32 -44.42 36.56
C ASP E 340 -34.86 -44.60 36.15
N VAL E 341 -34.09 -45.20 37.04
CA VAL E 341 -32.63 -45.16 36.98
C VAL E 341 -32.09 -45.77 35.69
N ASP E 342 -32.85 -46.65 35.06
CA ASP E 342 -32.37 -47.26 33.82
C ASP E 342 -32.57 -46.37 32.61
N GLN E 343 -33.73 -45.82 32.47
CA GLN E 343 -33.93 -44.96 31.40
C GLN E 343 -33.07 -43.76 31.68
N GLN E 344 -32.84 -43.28 32.90
CA GLN E 344 -31.90 -42.22 33.22
C GLN E 344 -30.50 -42.58 32.76
N ALA E 345 -29.99 -43.72 33.20
CA ALA E 345 -28.63 -44.13 32.87
C ALA E 345 -28.40 -44.26 31.39
N GLU E 346 -29.45 -44.52 30.61
CA GLU E 346 -29.32 -44.50 29.16
C GLU E 346 -29.04 -43.09 28.65
N TYR E 347 -29.84 -42.13 29.07
CA TYR E 347 -29.68 -40.75 28.59
C TYR E 347 -28.40 -40.11 29.07
N ARG E 348 -28.07 -40.33 30.35
CA ARG E 348 -26.95 -39.65 30.95
C ARG E 348 -25.63 -40.10 30.35
N SER E 349 -25.58 -41.29 29.77
CA SER E 349 -24.37 -41.83 29.18
C SER E 349 -24.17 -41.44 27.73
N LYS E 350 -25.12 -40.73 27.13
CA LYS E 350 -24.94 -40.29 25.76
C LYS E 350 -23.88 -39.20 25.69
N THR E 351 -23.42 -38.91 24.48
CA THR E 351 -22.42 -37.87 24.31
C THR E 351 -23.00 -36.50 24.60
N GLY E 352 -24.27 -36.29 24.28
CA GLY E 352 -25.00 -35.11 24.67
C GLY E 352 -25.56 -34.36 23.47
N LYS E 353 -26.09 -33.19 23.76
CA LYS E 353 -26.46 -32.25 22.71
C LYS E 353 -25.44 -31.13 22.62
N LYS E 354 -25.33 -30.55 21.43
CA LYS E 354 -24.36 -29.49 21.22
C LYS E 354 -24.74 -28.22 21.99
N VAL E 355 -23.72 -27.48 22.39
CA VAL E 355 -23.86 -26.29 23.23
C VAL E 355 -24.09 -25.05 22.40
N ALA E 356 -24.32 -23.91 23.05
CA ALA E 356 -24.57 -22.68 22.33
C ALA E 356 -23.43 -22.37 21.36
N LEU E 357 -23.82 -22.05 20.13
CA LEU E 357 -22.91 -21.57 19.08
C LEU E 357 -22.08 -22.67 18.44
N VAL E 358 -22.58 -23.91 18.41
CA VAL E 358 -21.88 -25.05 17.84
C VAL E 358 -22.74 -25.63 16.73
N GLU E 359 -22.13 -26.04 15.62
CA GLU E 359 -22.88 -26.57 14.49
C GLU E 359 -23.00 -28.10 14.49
N ALA E 360 -21.90 -28.84 14.33
CA ALA E 360 -21.94 -30.29 14.54
C ALA E 360 -22.86 -31.03 13.56
N TYR E 361 -22.34 -31.29 12.37
CA TYR E 361 -22.95 -32.22 11.41
C TYR E 361 -22.29 -33.59 11.42
N ILE E 362 -22.99 -34.64 10.92
CA ILE E 362 -22.41 -36.01 10.73
C ILE E 362 -22.30 -36.13 9.22
N VAL E 363 -21.19 -36.59 8.69
CA VAL E 363 -20.94 -36.60 7.26
C VAL E 363 -20.33 -37.88 6.81
N ASP E 364 -20.30 -38.15 5.52
CA ASP E 364 -19.63 -39.33 4.97
C ASP E 364 -18.21 -38.98 4.49
N GLU E 365 -17.52 -39.86 3.79
CA GLU E 365 -16.12 -39.70 3.42
C GLU E 365 -15.92 -38.63 2.37
N ASP E 366 -16.94 -38.35 1.56
CA ASP E 366 -16.90 -37.33 0.54
C ASP E 366 -17.63 -36.08 1.02
N MET E 367 -17.89 -35.86 2.32
CA MET E 367 -18.40 -34.61 2.88
C MET E 367 -19.87 -34.36 2.51
N ASN E 368 -20.65 -35.43 2.46
CA ASN E 368 -22.10 -35.34 2.30
C ASN E 368 -22.73 -35.47 3.67
N LYS E 369 -23.78 -34.71 3.93
CA LYS E 369 -24.38 -34.65 5.25
C LYS E 369 -25.43 -35.74 5.39
N LEU E 370 -25.28 -36.57 6.39
CA LEU E 370 -26.12 -37.70 6.59
C LEU E 370 -27.29 -37.34 7.48
N PRO E 371 -28.43 -38.05 7.31
CA PRO E 371 -29.62 -37.69 8.10
C PRO E 371 -29.44 -38.00 9.58
N HIS E 372 -30.18 -37.26 10.40
CA HIS E 372 -30.19 -37.49 11.85
C HIS E 372 -31.35 -38.41 12.22
N ASP E 373 -31.32 -39.60 11.63
CA ASP E 373 -32.40 -40.56 11.76
C ASP E 373 -32.29 -41.38 13.04
N GLY E 374 -31.10 -41.48 13.63
CA GLY E 374 -30.95 -42.22 14.86
C GLY E 374 -30.08 -43.45 14.72
N GLU E 375 -29.72 -43.83 13.51
CA GLU E 375 -28.88 -44.98 13.26
C GLU E 375 -27.86 -44.81 12.14
N THR E 376 -28.05 -43.90 11.21
CA THR E 376 -27.05 -43.66 10.19
C THR E 376 -25.82 -43.00 10.81
N ALA E 377 -24.65 -43.61 10.63
CA ALA E 377 -23.44 -43.13 11.27
C ALA E 377 -22.52 -42.45 10.27
N GLY E 378 -21.70 -41.55 10.78
CA GLY E 378 -20.75 -40.82 9.97
C GLY E 378 -19.83 -40.05 10.89
N GLU E 379 -18.86 -39.39 10.31
CA GLU E 379 -17.90 -38.63 11.10
C GLU E 379 -18.48 -37.28 11.50
N ILE E 380 -18.24 -36.89 12.74
CA ILE E 380 -18.70 -35.61 13.26
C ILE E 380 -17.75 -34.52 12.80
N VAL E 381 -18.32 -33.45 12.24
CA VAL E 381 -17.56 -32.28 11.83
C VAL E 381 -18.23 -31.07 12.45
N VAL E 382 -17.45 -30.08 12.89
CA VAL E 382 -17.97 -29.02 13.73
C VAL E 382 -17.49 -27.65 13.27
N ARG E 383 -18.27 -26.65 13.67
CA ARG E 383 -17.88 -25.25 13.56
C ARG E 383 -18.25 -24.60 14.88
N ALA E 384 -17.32 -23.88 15.49
CA ALA E 384 -17.56 -23.25 16.77
C ALA E 384 -16.64 -22.06 16.92
N PRO E 385 -16.91 -21.20 17.89
CA PRO E 385 -16.07 -20.01 18.08
C PRO E 385 -14.73 -20.30 18.76
N TRP E 386 -14.44 -21.53 19.19
CA TRP E 386 -13.24 -21.80 19.95
C TRP E 386 -12.47 -23.03 19.47
N LEU E 387 -12.23 -23.13 18.17
CA LEU E 387 -11.51 -24.25 17.59
C LEU E 387 -10.12 -23.81 17.17
N THR E 388 -9.15 -24.69 17.28
CA THR E 388 -7.80 -24.36 16.82
C THR E 388 -7.77 -24.30 15.30
N PRO E 389 -7.17 -23.27 14.71
CA PRO E 389 -7.23 -23.14 13.24
C PRO E 389 -6.32 -24.09 12.50
N ASN E 390 -5.29 -24.60 13.16
CA ASN E 390 -4.34 -25.50 12.54
C ASN E 390 -3.49 -26.08 13.67
N TYR E 391 -2.56 -26.96 13.31
CA TYR E 391 -1.54 -27.43 14.22
C TYR E 391 -0.32 -26.53 14.12
N TYR E 392 0.28 -26.25 15.25
CA TYR E 392 1.40 -25.33 15.27
C TYR E 392 2.57 -25.87 14.44
N LYS E 393 3.10 -25.02 13.56
CA LYS E 393 4.24 -25.38 12.71
C LYS E 393 3.97 -26.61 11.85
N ASP E 394 2.79 -26.69 11.27
CA ASP E 394 2.35 -27.90 10.58
C ASP E 394 1.41 -27.53 9.45
N ASN E 395 1.60 -28.15 8.29
CA ASN E 395 0.85 -27.80 7.10
C ASN E 395 -0.01 -28.95 6.58
N LYS E 396 0.59 -30.09 6.29
CA LYS E 396 -0.19 -31.18 5.69
C LYS E 396 -1.23 -31.72 6.66
N ASN E 397 -0.86 -31.89 7.94
CA ASN E 397 -1.82 -32.36 8.94
C ASN E 397 -2.89 -31.31 9.19
N SER E 398 -2.51 -30.03 9.14
CA SER E 398 -3.49 -28.97 9.28
C SER E 398 -4.52 -28.97 8.16
N LYS E 399 -4.08 -29.22 6.93
CA LYS E 399 -5.02 -29.29 5.81
C LYS E 399 -6.04 -30.39 6.03
N ALA E 400 -5.60 -31.53 6.56
CA ALA E 400 -6.52 -32.64 6.80
C ALA E 400 -7.44 -32.36 7.97
N LEU E 401 -6.99 -31.55 8.93
CA LEU E 401 -7.84 -31.21 10.07
C LEU E 401 -9.06 -30.40 9.63
N TRP E 402 -8.90 -29.51 8.66
CA TRP E 402 -9.97 -28.61 8.24
C TRP E 402 -10.51 -28.92 6.85
N ARG E 403 -10.43 -30.18 6.42
CA ARG E 403 -10.86 -30.55 5.09
C ARG E 403 -12.35 -30.29 4.88
N GLY E 404 -12.68 -29.63 3.78
CA GLY E 404 -14.05 -29.34 3.43
C GLY E 404 -14.65 -28.16 4.12
N GLY E 405 -13.86 -27.35 4.82
CA GLY E 405 -14.37 -26.21 5.53
C GLY E 405 -14.94 -26.49 6.90
N TYR E 406 -14.76 -27.69 7.43
CA TYR E 406 -15.21 -28.07 8.76
C TYR E 406 -14.07 -28.74 9.50
N LEU E 407 -14.12 -28.71 10.82
CA LEU E 407 -13.11 -29.39 11.62
C LEU E 407 -13.50 -30.84 11.83
N HIS E 408 -12.58 -31.74 11.55
CA HIS E 408 -12.83 -33.18 11.59
C HIS E 408 -12.41 -33.71 12.95
N THR E 409 -13.37 -34.24 13.71
CA THR E 409 -13.07 -34.71 15.06
C THR E 409 -12.43 -36.09 15.08
N GLY E 410 -12.67 -36.90 14.06
CA GLY E 410 -12.19 -38.26 14.05
C GLY E 410 -13.06 -39.26 14.77
N ASP E 411 -14.28 -38.88 15.15
CA ASP E 411 -15.19 -39.78 15.86
C ASP E 411 -16.40 -40.06 15.01
N VAL E 412 -16.94 -41.27 15.11
CA VAL E 412 -18.04 -41.77 14.31
C VAL E 412 -19.25 -41.93 15.22
N ALA E 413 -20.34 -41.27 14.85
CA ALA E 413 -21.53 -41.21 15.69
C ALA E 413 -22.77 -41.08 14.81
N HIS E 414 -23.92 -41.35 15.42
CA HIS E 414 -25.21 -41.01 14.86
C HIS E 414 -25.92 -40.03 15.78
N ILE E 415 -26.82 -39.23 15.21
CA ILE E 415 -27.54 -38.20 15.92
C ILE E 415 -29.03 -38.51 15.85
N ASP E 416 -29.72 -38.31 16.97
CA ASP E 416 -31.17 -38.45 17.02
C ASP E 416 -31.87 -37.25 16.39
N ASP E 417 -33.15 -37.42 16.10
CA ASP E 417 -33.96 -36.33 15.59
C ASP E 417 -34.18 -35.25 16.65
N GLU E 418 -34.01 -35.57 17.92
CA GLU E 418 -34.08 -34.60 18.99
C GLU E 418 -32.72 -34.01 19.36
N GLY E 419 -31.64 -34.46 18.72
CA GLY E 419 -30.34 -33.84 18.88
C GLY E 419 -29.36 -34.59 19.73
N PHE E 420 -29.71 -35.77 20.24
CA PHE E 420 -28.76 -36.53 21.04
C PHE E 420 -27.73 -37.22 20.15
N ILE E 421 -26.46 -37.06 20.51
CA ILE E 421 -25.33 -37.60 19.76
C ILE E 421 -24.84 -38.82 20.51
N LYS E 422 -24.60 -39.90 19.78
CA LYS E 422 -24.07 -41.12 20.35
C LYS E 422 -22.82 -41.51 19.56
N ILE E 423 -21.65 -41.33 20.17
CA ILE E 423 -20.41 -41.70 19.51
C ILE E 423 -20.29 -43.22 19.48
N THR E 424 -20.01 -43.76 18.30
CA THR E 424 -20.01 -45.20 18.06
C THR E 424 -18.60 -45.77 17.93
N ASP E 425 -17.61 -45.06 17.39
CA ASP E 425 -16.25 -45.56 17.33
C ASP E 425 -15.37 -44.45 16.83
N ARG E 426 -14.14 -44.74 16.44
CA ARG E 426 -13.23 -43.82 15.79
C ARG E 426 -13.25 -44.07 14.28
N VAL E 427 -12.83 -43.05 13.54
CA VAL E 427 -12.78 -43.18 12.08
C VAL E 427 -11.73 -44.20 11.67
N LYS E 428 -10.56 -44.13 12.30
CA LYS E 428 -9.49 -45.06 11.97
C LYS E 428 -9.85 -46.49 12.38
N ASP E 429 -10.54 -46.65 13.49
CA ASP E 429 -10.81 -47.97 14.03
C ASP E 429 -11.93 -48.69 13.29
N MET E 430 -12.69 -48.01 12.44
CA MET E 430 -13.77 -48.64 11.71
C MET E 430 -13.21 -49.72 10.80
N ILE E 431 -13.84 -50.89 10.82
CA ILE E 431 -13.44 -51.99 9.95
C ILE E 431 -14.10 -51.79 8.60
N LYS E 432 -13.30 -51.83 7.54
CA LYS E 432 -13.79 -51.63 6.18
C LYS E 432 -13.95 -52.97 5.46
N ILE E 433 -14.68 -53.88 6.11
CA ILE E 433 -14.95 -55.19 5.51
C ILE E 433 -15.88 -55.00 4.32
N SER E 434 -15.66 -55.79 3.27
CA SER E 434 -16.53 -55.78 2.09
C SER E 434 -16.77 -54.37 1.62
N GLY E 435 -17.99 -53.86 1.83
CA GLY E 435 -18.31 -52.49 1.48
C GLY E 435 -18.84 -51.69 2.66
N GLU E 436 -19.01 -52.35 3.80
CA GLU E 436 -19.64 -51.76 4.97
C GLU E 436 -18.60 -51.25 5.97
N TRP E 437 -19.10 -50.67 7.05
CA TRP E 437 -18.32 -50.22 8.21
C TRP E 437 -18.99 -50.70 9.50
N VAL E 438 -18.52 -51.82 10.01
CA VAL E 438 -18.87 -52.23 11.37
C VAL E 438 -17.96 -51.50 12.34
N SER E 439 -18.48 -51.28 13.55
CA SER E 439 -17.72 -50.69 14.63
C SER E 439 -17.00 -51.74 15.41
N SER E 440 -15.70 -51.59 15.66
CA SER E 440 -15.01 -52.52 16.53
C SER E 440 -15.46 -52.41 17.98
N LEU E 441 -16.06 -51.27 18.37
CA LEU E 441 -16.43 -51.06 19.75
C LEU E 441 -17.55 -52.00 20.20
N GLU E 442 -18.58 -52.16 19.37
CA GLU E 442 -19.69 -53.02 19.78
C GLU E 442 -19.26 -54.47 19.87
N LEU E 443 -18.43 -54.91 18.92
CA LEU E 443 -17.91 -56.28 18.96
C LEU E 443 -17.04 -56.49 20.19
N GLU E 444 -16.15 -55.54 20.47
CA GLU E 444 -15.33 -55.63 21.67
C GLU E 444 -16.21 -55.71 22.91
N ASP E 445 -17.27 -54.91 22.96
CA ASP E 445 -18.14 -54.88 24.12
C ASP E 445 -18.87 -56.20 24.29
N ILE E 446 -19.30 -56.81 23.18
CA ILE E 446 -19.90 -58.14 23.23
C ILE E 446 -18.92 -59.16 23.77
N LEU E 447 -17.70 -59.19 23.22
CA LEU E 447 -16.74 -60.20 23.62
C LEU E 447 -16.33 -60.05 25.08
N HIS E 448 -16.19 -58.81 25.54
CA HIS E 448 -15.83 -58.58 26.94
C HIS E 448 -16.95 -58.94 27.89
N GLN E 449 -18.18 -59.05 27.42
CA GLN E 449 -19.28 -59.49 28.27
C GLN E 449 -19.08 -60.91 28.77
N HIS E 450 -18.19 -61.68 28.15
CA HIS E 450 -17.99 -63.07 28.55
C HIS E 450 -17.50 -63.13 29.99
N GLN E 451 -17.94 -64.16 30.71
CA GLN E 451 -17.58 -64.30 32.12
C GLN E 451 -16.14 -64.77 32.30
N SER E 452 -15.45 -65.13 31.22
CA SER E 452 -14.09 -65.65 31.30
C SER E 452 -13.06 -64.72 30.67
N VAL E 453 -13.42 -63.48 30.35
CA VAL E 453 -12.56 -62.56 29.62
C VAL E 453 -12.26 -61.34 30.50
N SER E 454 -11.00 -60.92 30.49
CA SER E 454 -10.58 -59.69 31.15
C SER E 454 -10.49 -58.52 30.19
N GLU E 455 -9.89 -58.72 29.02
CA GLU E 455 -9.88 -57.68 28.00
C GLU E 455 -9.91 -58.31 26.62
N VAL E 456 -10.40 -57.52 25.66
CA VAL E 456 -10.37 -57.88 24.25
C VAL E 456 -10.07 -56.63 23.45
N ALA E 457 -9.34 -56.81 22.36
CA ALA E 457 -9.17 -55.79 21.34
C ALA E 457 -9.68 -56.38 20.02
N VAL E 458 -10.25 -55.52 19.18
CA VAL E 458 -10.60 -55.88 17.82
C VAL E 458 -9.78 -55.02 16.88
N ILE E 459 -9.19 -55.61 15.82
CA ILE E 459 -8.34 -54.86 14.91
C ILE E 459 -8.73 -55.31 13.52
N GLY E 460 -8.22 -54.65 12.48
CA GLY E 460 -8.48 -55.07 11.11
C GLY E 460 -7.32 -55.88 10.60
N MET E 461 -7.52 -57.20 10.48
CA MET E 461 -6.70 -58.03 9.58
C MET E 461 -7.24 -57.86 8.16
N PRO E 462 -6.45 -58.23 7.12
CA PRO E 462 -6.97 -58.16 5.76
C PRO E 462 -7.57 -59.43 5.22
N HIS E 463 -8.15 -59.36 4.03
CA HIS E 463 -8.65 -60.54 3.37
C HIS E 463 -8.68 -60.08 1.95
N ASN E 464 -8.38 -60.96 1.02
CA ASN E 464 -8.48 -60.60 -0.38
C ASN E 464 -9.97 -60.65 -0.78
N LYS E 465 -10.78 -61.50 -0.14
CA LYS E 465 -12.17 -61.68 -0.58
C LYS E 465 -13.13 -60.68 0.05
N TRP E 466 -12.97 -60.41 1.34
CA TRP E 466 -13.80 -59.43 2.07
C TRP E 466 -12.94 -58.22 2.53
N GLY E 467 -11.80 -57.91 1.90
CA GLY E 467 -11.07 -56.70 2.28
C GLY E 467 -10.67 -56.55 3.76
N GLU E 468 -10.94 -55.43 4.43
CA GLU E 468 -10.46 -55.23 5.83
C GLU E 468 -11.43 -55.99 6.69
N VAL E 469 -11.11 -57.15 7.23
CA VAL E 469 -12.03 -58.04 7.91
C VAL E 469 -11.63 -58.08 9.39
N PRO E 470 -12.56 -58.46 10.26
CA PRO E 470 -12.31 -58.36 11.70
C PRO E 470 -11.33 -59.39 12.23
N LEU E 471 -10.72 -59.07 13.37
CA LEU E 471 -9.87 -60.00 14.11
C LEU E 471 -9.87 -59.61 15.59
N ALA E 472 -9.71 -60.61 16.45
CA ALA E 472 -9.83 -60.44 17.89
C ALA E 472 -8.54 -60.84 18.58
N LEU E 473 -8.18 -60.11 19.64
CA LEU E 473 -7.23 -60.55 20.65
C LEU E 473 -7.94 -60.58 22.00
N VAL E 474 -7.81 -61.69 22.71
CA VAL E 474 -8.49 -61.89 23.99
C VAL E 474 -7.45 -62.24 25.06
N THR E 475 -7.66 -61.72 26.26
CA THR E 475 -6.85 -62.05 27.42
C THR E 475 -7.75 -62.65 28.50
N LEU E 476 -7.34 -63.80 29.04
CA LEU E 476 -8.12 -64.54 30.02
C LEU E 476 -7.74 -64.15 31.45
N LYS E 477 -8.59 -64.57 32.39
CA LYS E 477 -8.51 -64.15 33.78
C LYS E 477 -7.68 -65.16 34.57
N GLU E 478 -7.75 -65.08 35.90
CA GLU E 478 -6.99 -65.98 36.75
C GLU E 478 -7.36 -67.43 36.47
N ASP E 479 -6.41 -68.19 35.92
CA ASP E 479 -6.58 -69.62 35.65
C ASP E 479 -7.82 -69.88 34.80
N ALA E 480 -8.04 -69.03 33.79
CA ALA E 480 -9.19 -69.12 32.92
C ALA E 480 -8.74 -69.48 31.51
N GLN E 481 -9.35 -70.50 30.92
CA GLN E 481 -8.94 -71.02 29.60
C GLN E 481 -10.20 -71.34 28.79
N VAL E 482 -10.47 -70.51 27.78
CA VAL E 482 -11.55 -70.72 26.83
C VAL E 482 -10.98 -70.57 25.43
N THR E 483 -11.16 -71.59 24.59
CA THR E 483 -10.50 -71.64 23.29
C THR E 483 -11.09 -70.62 22.33
N GLU E 484 -10.35 -70.44 21.19
CA GLU E 484 -10.80 -69.59 20.12
C GLU E 484 -12.10 -70.03 19.50
N LYS E 485 -12.32 -71.32 19.33
CA LYS E 485 -13.54 -71.85 18.71
C LYS E 485 -14.74 -71.61 19.61
N GLU E 486 -14.56 -71.81 20.92
CA GLU E 486 -15.62 -71.53 21.88
C GLU E 486 -16.01 -70.05 21.85
N LEU E 487 -15.01 -69.16 21.80
CA LEU E 487 -15.29 -67.73 21.71
C LEU E 487 -16.05 -67.41 20.43
N LEU E 488 -15.58 -68.01 19.33
CA LEU E 488 -16.29 -67.83 18.06
C LEU E 488 -17.75 -68.19 18.27
N GLY E 489 -18.08 -69.37 18.80
CA GLY E 489 -19.47 -69.78 18.97
C GLY E 489 -20.24 -68.81 19.85
N PHE E 490 -19.64 -68.40 20.97
CA PHE E 490 -20.28 -67.45 21.87
C PHE E 490 -20.67 -66.18 21.12
N ALA E 491 -19.76 -65.65 20.30
CA ALA E 491 -20.09 -64.45 19.53
C ALA E 491 -21.13 -64.74 18.47
N LYS E 492 -21.00 -65.86 17.76
CA LYS E 492 -21.90 -66.20 16.67
C LYS E 492 -23.31 -66.41 17.18
N ASP E 493 -23.48 -66.59 18.49
CA ASP E 493 -24.82 -66.67 19.06
C ASP E 493 -25.66 -65.47 18.66
N PHE E 494 -25.15 -64.26 18.92
CA PHE E 494 -26.00 -63.07 18.94
C PHE E 494 -26.63 -62.83 17.57
N ILE E 495 -27.64 -61.97 17.53
CA ILE E 495 -28.35 -61.70 16.29
C ILE E 495 -28.55 -60.20 16.12
N ASN E 496 -29.19 -59.80 15.01
CA ASN E 496 -29.40 -58.40 14.68
C ASN E 496 -28.11 -57.66 14.34
N LYS E 497 -27.45 -58.06 13.25
CA LYS E 497 -26.30 -57.33 12.73
C LYS E 497 -26.25 -57.51 11.22
N GLY E 498 -25.32 -56.80 10.58
CA GLY E 498 -25.29 -56.68 9.13
C GLY E 498 -24.46 -57.67 8.37
N ILE E 499 -23.86 -57.17 7.25
CA ILE E 499 -22.92 -57.95 6.47
C ILE E 499 -23.54 -59.29 6.02
N LEU E 500 -22.85 -60.41 6.18
CA LEU E 500 -23.31 -61.77 5.89
C LEU E 500 -23.87 -62.38 7.17
N ALA E 501 -25.07 -62.94 7.10
CA ALA E 501 -25.69 -63.50 8.29
C ALA E 501 -25.76 -62.45 9.37
N ARG E 502 -24.92 -62.49 10.44
CA ARG E 502 -24.75 -61.37 11.35
C ARG E 502 -23.24 -61.19 11.56
N GLU E 503 -22.36 -61.24 10.57
CA GLU E 503 -20.88 -61.18 10.76
C GLU E 503 -20.26 -62.17 11.72
N ALA E 504 -20.40 -63.47 11.47
CA ALA E 504 -19.60 -64.45 12.21
C ALA E 504 -19.03 -65.50 11.26
N LEU E 505 -17.96 -65.13 10.56
CA LEU E 505 -17.06 -66.11 9.95
C LEU E 505 -15.62 -65.63 9.91
N LEU E 506 -15.31 -64.43 10.41
CA LEU E 506 -14.00 -63.82 10.26
C LEU E 506 -13.45 -63.41 11.62
N LEU E 507 -14.08 -63.89 12.72
CA LEU E 507 -13.71 -63.40 14.07
C LEU E 507 -12.27 -63.66 14.41
N LYS E 508 -11.70 -64.80 14.05
CA LYS E 508 -10.25 -64.99 14.10
C LYS E 508 -9.65 -64.68 15.48
N VAL E 509 -10.40 -65.04 16.52
CA VAL E 509 -10.04 -64.65 17.88
C VAL E 509 -8.72 -65.29 18.27
N LYS E 510 -7.85 -64.50 18.91
CA LYS E 510 -6.59 -65.02 19.43
C LYS E 510 -6.43 -64.62 20.88
N ILE E 511 -5.95 -65.56 21.69
CA ILE E 511 -5.69 -65.32 23.11
C ILE E 511 -4.26 -64.83 23.24
N VAL E 512 -4.09 -63.68 23.86
CA VAL E 512 -2.78 -63.06 24.03
C VAL E 512 -2.60 -62.67 25.49
N ASP E 513 -1.41 -62.93 26.03
CA ASP E 513 -1.13 -62.61 27.43
C ASP E 513 -1.40 -61.14 27.72
N GLU E 514 -1.02 -60.26 26.81
CA GLU E 514 -1.13 -58.82 27.03
C GLU E 514 -1.55 -58.13 25.75
N ILE E 515 -2.06 -56.91 25.90
CA ILE E 515 -2.35 -56.05 24.76
C ILE E 515 -1.54 -54.77 24.94
N ALA E 516 -0.80 -54.39 23.90
CA ALA E 516 0.07 -53.22 23.98
C ALA E 516 -0.72 -51.99 24.41
N LYS E 517 -0.18 -51.30 25.41
CA LYS E 517 -0.84 -50.14 25.99
C LYS E 517 0.13 -48.96 26.01
N THR E 518 -0.41 -47.75 25.78
CA THR E 518 0.42 -46.59 25.72
C THR E 518 0.71 -46.18 27.16
N SER E 519 1.50 -45.14 27.31
CA SER E 519 1.75 -44.55 28.62
C SER E 519 0.50 -43.92 29.23
N VAL E 520 -0.50 -43.60 28.42
CA VAL E 520 -1.75 -43.02 28.89
C VAL E 520 -2.66 -44.14 29.39
N GLY E 521 -2.36 -45.37 29.00
CA GLY E 521 -3.14 -46.51 29.43
C GLY E 521 -4.15 -46.95 28.41
N LYS E 522 -4.12 -46.33 27.23
CA LYS E 522 -5.02 -46.65 26.14
C LYS E 522 -4.34 -47.69 25.25
N VAL E 523 -5.11 -48.73 24.88
CA VAL E 523 -4.55 -49.81 24.09
C VAL E 523 -3.95 -49.26 22.80
N ASP E 524 -2.72 -49.64 22.42
CA ASP E 524 -2.08 -49.10 21.20
C ASP E 524 -2.59 -49.83 19.95
N LYS E 525 -3.58 -49.31 19.23
CA LYS E 525 -4.08 -50.05 18.08
C LYS E 525 -3.02 -50.06 16.97
N LYS E 526 -2.16 -49.05 16.89
CA LYS E 526 -1.18 -48.97 15.82
C LYS E 526 -0.14 -50.07 15.96
N GLU E 527 0.46 -50.19 17.15
CA GLU E 527 1.40 -51.28 17.41
C GLU E 527 0.72 -52.63 17.42
N LEU E 528 -0.54 -52.71 17.85
CA LEU E 528 -1.24 -53.99 17.81
C LEU E 528 -1.35 -54.52 16.38
N ARG E 529 -1.61 -53.64 15.41
CA ARG E 529 -1.73 -54.05 13.98
C ARG E 529 -0.32 -54.10 13.35
N LYS E 530 0.68 -53.47 13.94
CA LYS E 530 2.05 -53.69 13.49
C LYS E 530 2.57 -55.08 13.85
N LEU E 531 2.36 -55.51 15.11
CA LEU E 531 2.91 -56.79 15.56
C LEU E 531 2.27 -57.96 14.81
N HIS E 532 0.95 -58.04 14.83
CA HIS E 532 0.25 -59.22 14.36
C HIS E 532 0.19 -59.33 12.85
N LEU E 533 0.68 -58.32 12.14
CA LEU E 533 0.55 -58.24 10.68
C LEU E 533 1.08 -56.91 10.18
N TYR F 4 4.80 -16.45 -12.17
CA TYR F 4 5.99 -15.61 -12.08
C TYR F 4 6.16 -14.95 -13.41
N VAL F 5 6.10 -13.63 -13.45
CA VAL F 5 6.35 -12.91 -14.69
C VAL F 5 7.72 -12.26 -14.59
N ASN F 6 8.58 -12.65 -15.53
CA ASN F 6 9.86 -12.02 -15.63
C ASN F 6 10.13 -11.35 -16.89
N ASP F 7 10.70 -10.15 -16.83
CA ASP F 7 11.26 -9.56 -18.04
C ASP F 7 12.59 -10.21 -18.36
N PRO F 8 12.81 -10.54 -19.64
CA PRO F 8 14.07 -11.15 -20.02
C PRO F 8 15.33 -10.41 -19.70
N SER F 9 15.26 -9.11 -19.51
CA SER F 9 16.41 -8.32 -19.10
C SER F 9 16.90 -8.71 -17.70
N ASN F 10 15.97 -8.96 -16.79
CA ASN F 10 16.32 -9.24 -15.40
C ASN F 10 16.75 -10.69 -15.26
N TYR F 11 18.04 -10.93 -15.32
CA TYR F 11 18.60 -12.28 -15.33
C TYR F 11 18.52 -12.86 -13.93
N GLN F 12 17.97 -14.07 -13.82
CA GLN F 12 17.90 -14.82 -12.58
C GLN F 12 18.93 -15.94 -12.61
N LEU F 13 19.63 -16.13 -11.50
CA LEU F 13 20.64 -17.17 -11.39
C LEU F 13 20.00 -18.49 -10.96
N LEU F 14 19.75 -19.37 -11.91
CA LEU F 14 19.05 -20.62 -11.64
C LEU F 14 19.96 -21.79 -11.99
N ILE F 15 19.62 -22.96 -11.45
CA ILE F 15 20.44 -24.17 -11.64
C ILE F 15 20.33 -24.69 -13.07
N LYS F 16 19.22 -24.40 -13.74
CA LYS F 16 19.08 -24.82 -15.13
C LYS F 16 20.09 -24.11 -16.02
N ASN F 17 20.44 -22.86 -15.71
CA ASN F 17 21.50 -22.19 -16.45
C ASN F 17 22.83 -22.88 -16.24
N LEU F 18 23.02 -23.48 -15.08
CA LEU F 18 24.20 -24.27 -14.82
C LEU F 18 24.24 -25.51 -15.71
N LEU F 19 23.08 -26.13 -15.92
CA LEU F 19 23.05 -27.31 -16.78
C LEU F 19 23.12 -27.00 -18.27
N PHE F 20 22.42 -25.95 -18.73
CA PHE F 20 22.26 -25.66 -20.15
C PHE F 20 23.09 -24.48 -20.65
N SER F 21 23.80 -23.78 -19.77
CA SER F 21 24.73 -22.73 -20.16
C SER F 21 26.07 -23.00 -19.51
N PRO F 22 26.70 -24.12 -19.82
CA PRO F 22 27.90 -24.54 -19.10
C PRO F 22 29.13 -23.78 -19.56
N VAL F 23 30.25 -24.11 -18.93
CA VAL F 23 31.55 -23.69 -19.44
C VAL F 23 31.92 -24.51 -20.68
N ALA F 24 31.61 -25.80 -20.66
CA ALA F 24 31.88 -26.66 -21.80
C ALA F 24 30.84 -27.76 -21.84
N PHE F 25 30.38 -28.10 -23.05
CA PHE F 25 29.46 -29.21 -23.25
C PHE F 25 29.96 -30.07 -24.40
N ASN F 26 30.27 -31.33 -24.10
CA ASN F 26 30.59 -32.33 -25.11
C ASN F 26 29.55 -33.43 -25.04
N PRO F 27 28.64 -33.55 -26.05
CA PRO F 27 27.60 -34.58 -25.87
C PRO F 27 28.06 -36.03 -25.89
N GLU F 28 29.31 -36.32 -26.22
CA GLU F 28 29.87 -37.66 -26.20
C GLU F 28 30.73 -37.93 -24.98
N GLN F 29 30.83 -37.00 -24.05
CA GLN F 29 31.53 -37.24 -22.80
C GLN F 29 30.60 -38.16 -22.06
N GLU F 30 31.03 -38.94 -21.07
CA GLU F 30 30.25 -39.98 -20.43
C GLU F 30 30.16 -39.84 -18.92
N ILE F 31 29.02 -40.25 -18.39
CA ILE F 31 28.76 -40.49 -16.99
C ILE F 31 28.82 -42.00 -16.77
N VAL F 32 29.64 -42.44 -15.83
CA VAL F 32 29.88 -43.86 -15.58
C VAL F 32 29.43 -44.19 -14.17
N TYR F 33 28.49 -45.11 -13.99
CA TYR F 33 28.13 -45.69 -12.69
C TYR F 33 28.73 -47.04 -12.50
N ALA F 34 29.96 -47.05 -11.98
CA ALA F 34 30.65 -48.17 -11.38
C ALA F 34 30.92 -49.24 -12.42
N ASN F 35 30.37 -50.44 -12.32
CA ASN F 35 30.37 -51.39 -13.44
C ASN F 35 28.97 -51.66 -13.90
N HIS F 36 28.10 -50.70 -13.67
CA HIS F 36 26.66 -50.91 -13.79
C HIS F 36 26.11 -50.29 -15.05
N ARG F 37 26.41 -49.02 -15.29
CA ARG F 37 25.80 -48.29 -16.37
C ARG F 37 26.81 -47.28 -16.87
N ARG F 38 26.59 -46.78 -18.08
CA ARG F 38 27.50 -45.84 -18.71
C ARG F 38 26.75 -45.19 -19.85
N HIS F 39 26.67 -43.86 -19.85
CA HIS F 39 25.98 -43.17 -20.93
C HIS F 39 26.54 -41.78 -21.11
N SER F 40 26.26 -41.15 -22.25
CA SER F 40 26.85 -39.87 -22.57
C SER F 40 26.06 -38.70 -21.99
N TYR F 41 26.60 -37.48 -22.13
CA TYR F 41 25.94 -36.28 -21.63
C TYR F 41 24.64 -35.97 -22.34
N LYS F 42 24.48 -36.36 -23.58
CA LYS F 42 23.24 -36.21 -24.30
C LYS F 42 22.18 -37.09 -23.69
N THR F 43 22.45 -38.32 -23.31
CA THR F 43 21.52 -39.16 -22.59
C THR F 43 21.22 -38.59 -21.22
N PHE F 44 22.20 -38.01 -20.54
CA PHE F 44 21.99 -37.41 -19.23
C PHE F 44 21.01 -36.23 -19.31
N HIS F 45 21.16 -35.35 -20.28
CA HIS F 45 20.17 -34.27 -20.46
C HIS F 45 18.78 -34.84 -20.76
N ASP F 46 18.70 -35.84 -21.65
CA ASP F 46 17.40 -36.46 -21.96
C ASP F 46 16.76 -37.06 -20.71
N ARG F 47 17.55 -37.73 -19.89
CA ARG F 47 17.03 -38.35 -18.68
C ARG F 47 16.58 -37.31 -17.68
N VAL F 48 17.26 -36.17 -17.61
CA VAL F 48 16.82 -35.11 -16.71
C VAL F 48 15.45 -34.59 -17.12
N ARG F 49 15.25 -34.41 -18.43
CA ARG F 49 13.92 -33.98 -18.90
C ARG F 49 12.86 -35.05 -18.65
N GLN F 50 13.20 -36.32 -18.86
CA GLN F 50 12.27 -37.41 -18.55
C GLN F 50 11.90 -37.41 -17.07
N PHE F 51 12.87 -37.21 -16.21
CA PHE F 51 12.62 -37.19 -14.77
C PHE F 51 11.72 -36.03 -14.39
N ALA F 52 11.88 -34.89 -15.05
CA ALA F 52 10.96 -33.77 -14.82
C ALA F 52 9.54 -34.15 -15.24
N ASN F 53 9.40 -34.82 -16.39
CA ASN F 53 8.09 -35.29 -16.80
C ASN F 53 7.49 -36.24 -15.77
N ALA F 54 8.27 -37.18 -15.28
CA ALA F 54 7.77 -38.17 -14.34
C ALA F 54 7.36 -37.51 -13.03
N LEU F 55 8.15 -36.57 -12.54
CA LEU F 55 7.80 -35.88 -11.30
C LEU F 55 6.53 -35.07 -11.46
N THR F 56 6.38 -34.39 -12.60
CA THR F 56 5.15 -33.64 -12.84
C THR F 56 3.95 -34.56 -12.87
N LYS F 57 4.08 -35.72 -13.50
CA LYS F 57 2.98 -36.67 -13.56
C LYS F 57 2.56 -37.15 -12.17
N MET F 58 3.48 -37.22 -11.22
CA MET F 58 3.15 -37.66 -9.86
C MET F 58 2.52 -36.57 -9.01
N GLY F 59 2.30 -35.37 -9.53
CA GLY F 59 1.73 -34.31 -8.74
C GLY F 59 2.72 -33.48 -7.96
N VAL F 60 4.00 -33.54 -8.29
CA VAL F 60 4.98 -32.69 -7.62
C VAL F 60 4.93 -31.29 -8.20
N LYS F 61 4.84 -30.29 -7.33
CA LYS F 61 4.63 -28.91 -7.72
C LYS F 61 5.83 -28.05 -7.28
N LYS F 62 5.75 -26.76 -7.51
CA LYS F 62 6.77 -25.89 -7.17
C LYS F 62 7.09 -25.93 -5.73
N GLY F 63 6.23 -25.90 -4.76
CA GLY F 63 6.72 -25.85 -3.40
C GLY F 63 7.05 -27.16 -2.75
N ASP F 64 6.96 -28.29 -3.45
CA ASP F 64 6.96 -29.59 -2.81
C ASP F 64 8.36 -30.04 -2.43
N THR F 65 8.43 -31.13 -1.68
CA THR F 65 9.69 -31.69 -1.20
C THR F 65 9.80 -33.14 -1.62
N VAL F 66 10.89 -33.48 -2.29
CA VAL F 66 11.22 -34.84 -2.66
C VAL F 66 12.46 -35.24 -1.90
N ALA F 67 12.41 -36.37 -1.21
CA ALA F 67 13.50 -36.82 -0.37
C ALA F 67 14.20 -37.99 -1.05
N VAL F 68 15.51 -38.04 -0.94
CA VAL F 68 16.33 -39.05 -1.61
C VAL F 68 17.15 -39.78 -0.56
N MET F 69 17.22 -41.12 -0.58
CA MET F 69 18.02 -41.96 0.28
C MET F 69 18.73 -43.04 -0.55
N ASP F 70 19.91 -42.74 -1.13
CA ASP F 70 20.70 -43.66 -1.91
C ASP F 70 22.17 -43.45 -1.80
N TYR F 71 23.02 -44.32 -2.36
CA TYR F 71 24.45 -44.10 -2.47
C TYR F 71 24.77 -43.16 -3.63
N ASP F 72 26.07 -42.93 -3.88
CA ASP F 72 26.49 -42.08 -4.98
C ASP F 72 26.33 -42.79 -6.31
N SER F 73 25.50 -42.24 -7.17
CA SER F 73 25.19 -42.87 -8.45
C SER F 73 24.73 -41.78 -9.41
N HIS F 74 24.46 -42.20 -10.64
CA HIS F 74 23.94 -41.30 -11.66
C HIS F 74 22.55 -40.81 -11.30
N ARG F 75 21.77 -41.62 -10.58
CA ARG F 75 20.43 -41.21 -10.18
C ARG F 75 20.50 -40.04 -9.21
N TYR F 76 21.45 -40.08 -8.29
CA TYR F 76 21.63 -38.97 -7.38
C TYR F 76 22.02 -37.71 -8.13
N LEU F 77 22.85 -37.83 -9.16
CA LEU F 77 23.22 -36.68 -9.97
C LEU F 77 22.01 -36.12 -10.71
N GLU F 78 21.13 -36.99 -11.20
CA GLU F 78 19.91 -36.51 -11.85
C GLU F 78 18.98 -35.82 -10.87
N CYS F 79 18.94 -36.28 -9.62
CA CYS F 79 18.10 -35.62 -8.63
C CYS F 79 18.65 -34.23 -8.28
N TYR F 80 19.96 -34.03 -8.37
CA TYR F 80 20.59 -32.74 -8.09
C TYR F 80 20.13 -31.67 -9.05
N PHE F 81 19.64 -32.05 -10.22
CA PHE F 81 19.21 -31.09 -11.23
C PHE F 81 17.70 -31.09 -11.40
N ALA F 82 17.10 -32.25 -11.64
CA ALA F 82 15.69 -32.29 -12.01
C ALA F 82 14.80 -31.71 -10.93
N ILE F 83 14.95 -32.08 -9.65
CA ILE F 83 14.07 -31.68 -8.54
C ILE F 83 14.09 -30.16 -8.38
N PRO F 84 15.30 -29.52 -8.33
CA PRO F 84 15.29 -28.06 -8.24
C PRO F 84 14.82 -27.35 -9.50
N MET F 85 15.09 -27.85 -10.67
CA MET F 85 14.70 -27.21 -11.89
C MET F 85 13.21 -27.17 -12.11
N ILE F 86 12.43 -28.08 -11.56
CA ILE F 86 10.99 -28.02 -11.57
C ILE F 86 10.50 -27.08 -10.50
N GLY F 87 11.36 -26.54 -9.64
CA GLY F 87 10.93 -25.68 -8.58
C GLY F 87 10.72 -26.37 -7.25
N ALA F 88 10.85 -27.69 -7.19
CA ALA F 88 10.74 -28.40 -5.93
C ALA F 88 12.01 -28.31 -5.11
N LYS F 89 11.98 -28.93 -3.94
CA LYS F 89 13.05 -28.79 -2.94
C LYS F 89 13.60 -30.18 -2.66
N LEU F 90 14.90 -30.34 -2.84
CA LEU F 90 15.58 -31.63 -2.68
C LEU F 90 16.01 -31.77 -1.23
N HIS F 91 15.40 -32.70 -0.51
CA HIS F 91 15.79 -32.99 0.87
C HIS F 91 16.71 -34.20 0.85
N MET F 92 17.98 -33.98 1.20
CA MET F 92 18.98 -35.03 1.16
C MET F 92 19.03 -35.70 2.52
N ILE F 93 18.65 -36.97 2.57
CA ILE F 93 18.54 -37.71 3.82
C ILE F 93 19.88 -38.33 4.18
N ASN F 94 20.30 -38.09 5.42
CA ASN F 94 21.54 -38.63 5.97
C ASN F 94 21.27 -40.04 6.47
N VAL F 95 21.70 -41.04 5.71
CA VAL F 95 21.37 -42.43 6.04
C VAL F 95 22.23 -42.99 7.16
N ARG F 96 23.23 -42.26 7.63
CA ARG F 96 24.03 -42.74 8.74
C ARG F 96 23.48 -42.32 10.09
N LEU F 97 22.44 -41.49 10.11
CA LEU F 97 21.73 -41.21 11.35
C LEU F 97 20.94 -42.44 11.79
N SER F 98 20.54 -42.44 13.06
CA SER F 98 19.72 -43.52 13.55
C SER F 98 18.30 -43.41 13.00
N PRO F 99 17.55 -44.51 12.99
CA PRO F 99 16.19 -44.47 12.45
C PRO F 99 15.28 -43.42 13.09
N GLU F 100 15.40 -43.18 14.40
CA GLU F 100 14.57 -42.18 15.06
C GLU F 100 14.89 -40.77 14.57
N GLN F 101 16.17 -40.46 14.38
CA GLN F 101 16.56 -39.15 13.84
C GLN F 101 16.08 -38.99 12.41
N ILE F 102 16.18 -40.06 11.62
CA ILE F 102 15.74 -40.02 10.23
C ILE F 102 14.25 -39.74 10.18
N LEU F 103 13.49 -40.44 11.03
CA LEU F 103 12.06 -40.21 11.11
C LEU F 103 11.76 -38.79 11.52
N TYR F 104 12.51 -38.26 12.49
CA TYR F 104 12.30 -36.87 12.87
C TYR F 104 12.49 -35.93 11.69
N THR F 105 13.55 -36.11 10.90
CA THR F 105 13.83 -35.15 9.83
C THR F 105 12.82 -35.27 8.70
N ILE F 106 12.33 -36.49 8.44
CA ILE F 106 11.27 -36.65 7.45
C ILE F 106 10.00 -35.95 7.90
N ASP F 107 9.64 -36.09 9.17
CA ASP F 107 8.47 -35.40 9.70
C ASP F 107 8.65 -33.88 9.65
N HIS F 108 9.84 -33.40 10.01
CA HIS F 108 10.10 -31.97 10.07
C HIS F 108 10.06 -31.34 8.68
N ALA F 109 10.68 -31.98 7.69
CA ALA F 109 10.70 -31.44 6.34
C ALA F 109 9.39 -31.58 5.60
N GLU F 110 8.55 -32.55 5.97
CA GLU F 110 7.27 -32.80 5.31
C GLU F 110 7.46 -33.16 3.83
N ASP F 111 8.13 -34.28 3.62
CA ASP F 111 8.39 -34.76 2.27
C ASP F 111 7.13 -35.35 1.64
N ASP F 112 6.93 -35.11 0.34
CA ASP F 112 5.82 -35.67 -0.39
C ASP F 112 6.18 -37.02 -1.00
N ILE F 113 7.37 -37.19 -1.58
CA ILE F 113 7.77 -38.44 -2.22
C ILE F 113 9.14 -38.81 -1.69
N ILE F 114 9.39 -40.11 -1.57
CA ILE F 114 10.67 -40.62 -1.10
C ILE F 114 11.22 -41.60 -2.13
N LEU F 115 12.41 -41.30 -2.64
CA LEU F 115 13.20 -42.19 -3.47
C LEU F 115 14.20 -42.90 -2.57
N ILE F 116 14.13 -44.22 -2.51
CA ILE F 116 14.92 -44.95 -1.53
C ILE F 116 15.53 -46.18 -2.17
N HIS F 117 16.79 -46.44 -1.87
CA HIS F 117 17.47 -47.62 -2.36
C HIS F 117 16.98 -48.86 -1.63
N GLU F 118 17.01 -49.99 -2.33
CA GLU F 118 16.44 -51.22 -1.79
C GLU F 118 17.15 -51.63 -0.51
N GLU F 119 18.46 -51.48 -0.43
CA GLU F 119 19.17 -51.93 0.77
C GLU F 119 19.10 -50.93 1.91
N PHE F 120 18.29 -49.90 1.88
CA PHE F 120 17.99 -49.06 3.02
C PHE F 120 16.55 -49.34 3.34
N LEU F 121 15.86 -50.28 2.71
CA LEU F 121 14.50 -50.60 3.10
C LEU F 121 14.32 -51.15 4.50
N PRO F 122 15.35 -51.77 5.10
CA PRO F 122 15.19 -52.17 6.50
C PRO F 122 15.15 -51.02 7.51
N ILE F 123 15.77 -49.88 7.28
CA ILE F 123 15.67 -48.72 8.16
C ILE F 123 14.25 -48.26 7.98
N LEU F 124 13.75 -48.23 6.75
CA LEU F 124 12.40 -47.72 6.58
C LEU F 124 11.37 -48.59 7.28
N ASP F 125 11.57 -49.90 7.31
CA ASP F 125 10.53 -50.80 7.79
C ASP F 125 10.14 -50.46 9.22
N GLN F 126 11.08 -49.89 9.98
CA GLN F 126 10.82 -49.64 11.39
C GLN F 126 10.40 -48.22 11.69
N ILE F 127 10.25 -47.36 10.69
CA ILE F 127 9.76 -46.01 10.92
C ILE F 127 8.61 -45.73 9.96
N LYS F 128 8.19 -46.67 9.13
CA LYS F 128 7.17 -46.39 8.13
C LYS F 128 5.82 -46.24 8.77
N GLY F 129 5.57 -46.89 9.91
CA GLY F 129 4.28 -46.69 10.55
C GLY F 129 4.05 -45.28 11.07
N ARG F 130 5.10 -44.50 11.22
CA ARG F 130 4.94 -43.18 11.80
C ARG F 130 5.10 -42.05 10.79
N ILE F 131 5.19 -42.35 9.50
CA ILE F 131 5.30 -41.30 8.49
C ILE F 131 3.92 -40.94 7.96
N ASP F 132 3.66 -39.64 7.84
CA ASP F 132 2.30 -39.20 7.55
C ASP F 132 2.20 -38.47 6.23
N THR F 133 3.24 -37.75 5.85
CA THR F 133 3.15 -36.82 4.73
C THR F 133 3.49 -37.44 3.40
N VAL F 134 3.99 -38.67 3.36
CA VAL F 134 4.58 -39.22 2.14
C VAL F 134 3.52 -40.01 1.40
N THR F 135 3.31 -39.67 0.14
CA THR F 135 2.32 -40.35 -0.69
C THR F 135 2.90 -41.43 -1.58
N ARG F 136 4.18 -41.35 -1.94
CA ARG F 136 4.80 -42.34 -2.78
C ARG F 136 6.20 -42.71 -2.41
N TYR F 137 6.52 -44.00 -2.48
CA TYR F 137 7.86 -44.53 -2.27
C TYR F 137 8.35 -45.18 -3.55
N VAL F 138 9.48 -44.72 -4.07
CA VAL F 138 10.07 -45.25 -5.28
C VAL F 138 11.33 -46.02 -4.89
N VAL F 139 11.33 -47.32 -5.15
CA VAL F 139 12.43 -48.19 -4.77
C VAL F 139 13.44 -48.24 -5.91
N LEU F 140 14.69 -47.95 -5.57
CA LEU F 140 15.79 -47.90 -6.52
C LEU F 140 16.62 -49.17 -6.42
N ARG F 141 16.96 -49.74 -7.55
CA ARG F 141 17.76 -50.96 -7.61
C ARG F 141 18.89 -50.76 -8.60
N ASP F 142 19.89 -51.63 -8.52
CA ASP F 142 21.05 -51.53 -9.39
C ASP F 142 20.93 -52.39 -10.65
N ASP F 143 19.74 -52.92 -10.94
CA ASP F 143 19.46 -53.69 -12.15
C ASP F 143 18.22 -53.10 -12.83
N GLU F 144 17.66 -53.86 -13.77
CA GLU F 144 16.49 -53.38 -14.51
C GLU F 144 15.24 -53.24 -13.64
N GLU F 145 15.21 -53.83 -12.46
CA GLU F 145 13.99 -53.80 -11.68
C GLU F 145 13.82 -52.50 -10.91
N CYS F 146 14.68 -51.51 -11.10
CA CYS F 146 14.53 -50.22 -10.49
C CYS F 146 13.21 -49.60 -10.85
N GLU F 147 12.51 -49.04 -9.86
CA GLU F 147 11.27 -48.33 -10.15
C GLU F 147 11.54 -46.98 -10.78
N TYR F 148 12.66 -46.34 -10.50
CA TYR F 148 13.02 -45.10 -11.12
C TYR F 148 13.25 -45.28 -12.59
N GLU F 149 13.92 -46.33 -13.00
CA GLU F 149 14.13 -46.54 -14.42
C GLU F 149 12.81 -46.79 -15.13
N ARG F 150 11.90 -47.55 -14.52
CA ARG F 150 10.62 -47.78 -15.13
C ARG F 150 9.84 -46.48 -15.23
N LEU F 151 9.85 -45.64 -14.21
CA LEU F 151 9.17 -44.35 -14.30
C LEU F 151 9.74 -43.49 -15.41
N LEU F 152 11.07 -43.49 -15.55
CA LEU F 152 11.69 -42.65 -16.58
C LEU F 152 11.41 -43.16 -17.98
N GLU F 153 11.34 -44.47 -18.18
CA GLU F 153 11.17 -45.02 -19.52
C GLU F 153 9.88 -44.57 -20.19
N GLN F 154 8.81 -44.35 -19.44
CA GLN F 154 7.52 -44.03 -20.04
C GLN F 154 7.28 -42.54 -20.16
N GLU F 155 8.32 -41.73 -20.16
CA GLU F 155 8.19 -40.29 -20.30
C GLU F 155 8.87 -39.84 -21.59
N SER F 156 8.52 -38.64 -22.02
CA SER F 156 9.16 -38.06 -23.19
C SER F 156 10.41 -37.30 -22.77
N THR F 157 11.32 -37.17 -23.73
CA THR F 157 12.57 -36.47 -23.56
C THR F 157 12.43 -34.96 -23.75
N GLU F 158 11.21 -34.44 -23.72
CA GLU F 158 10.97 -33.01 -23.91
C GLU F 158 10.39 -32.40 -22.65
N TYR F 159 10.83 -31.20 -22.31
CA TYR F 159 10.32 -30.50 -21.15
C TYR F 159 10.82 -29.06 -21.19
N ASN F 160 9.92 -28.11 -20.95
CA ASN F 160 10.25 -26.69 -20.89
C ASN F 160 10.34 -26.27 -19.43
N PHE F 161 11.55 -25.98 -18.97
CA PHE F 161 11.77 -25.69 -17.56
C PHE F 161 11.38 -24.26 -17.22
N PRO F 162 10.65 -24.05 -16.13
CA PRO F 162 10.14 -22.71 -15.83
C PRO F 162 11.23 -21.72 -15.41
N ASP F 163 10.84 -20.45 -15.42
CA ASP F 163 11.63 -19.37 -14.85
C ASP F 163 10.93 -18.90 -13.58
N PHE F 164 11.66 -18.88 -12.47
CA PHE F 164 11.14 -18.35 -11.23
C PHE F 164 12.21 -17.46 -10.62
N ASP F 165 11.89 -16.90 -9.46
CA ASP F 165 12.83 -16.06 -8.74
C ASP F 165 14.06 -16.85 -8.31
N GLU F 166 15.22 -16.20 -8.33
CA GLU F 166 16.47 -16.86 -7.99
C GLU F 166 16.57 -17.16 -6.50
N ASN F 167 15.66 -16.65 -5.69
CA ASN F 167 15.68 -16.86 -4.26
C ASN F 167 14.76 -17.98 -3.80
N THR F 168 14.29 -18.80 -4.71
CA THR F 168 13.55 -19.99 -4.38
C THR F 168 14.40 -21.06 -3.81
N VAL F 169 13.97 -21.72 -2.73
CA VAL F 169 14.81 -22.72 -2.07
C VAL F 169 14.99 -23.94 -2.97
N ALA F 170 16.22 -24.43 -3.04
CA ALA F 170 16.59 -25.54 -3.90
C ALA F 170 16.86 -26.83 -3.14
N THR F 171 17.62 -26.78 -2.05
CA THR F 171 18.01 -27.97 -1.34
C THR F 171 17.88 -27.76 0.16
N THR F 172 17.78 -28.86 0.90
CA THR F 172 17.82 -28.84 2.34
C THR F 172 18.43 -30.15 2.85
N PHE F 173 19.09 -30.06 3.99
CA PHE F 173 19.57 -31.24 4.70
C PHE F 173 19.75 -30.87 6.15
N TYR F 174 19.91 -31.88 6.99
CA TYR F 174 19.88 -31.73 8.43
C TYR F 174 21.21 -32.10 9.05
N THR F 175 21.64 -31.32 10.03
CA THR F 175 22.92 -31.51 10.68
C THR F 175 22.70 -31.69 12.17
N THR F 176 23.35 -32.71 12.74
CA THR F 176 23.11 -33.03 14.15
C THR F 176 23.77 -32.01 15.08
N GLY F 177 25.07 -31.80 14.94
CA GLY F 177 25.69 -30.72 15.69
C GLY F 177 25.58 -30.91 17.20
N THR F 178 25.35 -29.80 17.89
CA THR F 178 25.39 -29.76 19.35
C THR F 178 24.03 -29.49 19.99
N THR F 179 22.96 -29.46 19.21
CA THR F 179 21.64 -29.26 19.78
C THR F 179 21.01 -30.62 20.11
N GLY F 180 19.78 -30.57 20.62
CA GLY F 180 19.09 -31.78 21.02
C GLY F 180 18.37 -32.51 19.91
N PHE F 181 18.13 -31.84 18.79
CA PHE F 181 17.54 -32.44 17.60
C PHE F 181 18.34 -31.96 16.39
N PRO F 182 18.28 -32.68 15.27
CA PRO F 182 18.94 -32.20 14.06
C PRO F 182 18.37 -30.87 13.59
N LYS F 183 19.24 -30.04 13.02
CA LYS F 183 18.84 -28.74 12.50
C LYS F 183 18.84 -28.77 10.99
N GLY F 184 17.91 -28.05 10.38
CA GLY F 184 17.77 -28.06 8.93
C GLY F 184 18.32 -26.79 8.32
N VAL F 185 19.22 -26.96 7.36
CA VAL F 185 19.81 -25.87 6.60
C VAL F 185 19.21 -25.91 5.21
N PHE F 186 19.21 -24.79 4.52
CA PHE F 186 18.66 -24.73 3.18
C PHE F 186 19.41 -23.68 2.36
N PHE F 187 19.39 -23.85 1.05
CA PHE F 187 20.09 -22.97 0.14
C PHE F 187 19.19 -22.68 -1.05
N THR F 188 19.40 -21.54 -1.68
CA THR F 188 18.62 -21.17 -2.84
C THR F 188 19.37 -21.47 -4.13
N HIS F 189 18.69 -21.26 -5.26
CA HIS F 189 19.32 -21.41 -6.57
C HIS F 189 20.48 -20.46 -6.72
N ARG F 190 20.29 -19.20 -6.34
CA ARG F 190 21.33 -18.20 -6.46
C ARG F 190 22.57 -18.60 -5.67
N GLN F 191 22.39 -19.10 -4.45
CA GLN F 191 23.51 -19.48 -3.61
C GLN F 191 24.32 -20.63 -4.20
N LEU F 192 23.65 -21.63 -4.76
CA LEU F 192 24.36 -22.76 -5.34
C LEU F 192 25.10 -22.35 -6.60
N VAL F 193 24.46 -21.56 -7.45
CA VAL F 193 25.13 -21.06 -8.65
C VAL F 193 26.36 -20.25 -8.28
N LEU F 194 26.25 -19.40 -7.26
CA LEU F 194 27.37 -18.56 -6.89
C LEU F 194 28.48 -19.35 -6.22
N HIS F 195 28.11 -20.40 -5.48
CA HIS F 195 29.13 -21.28 -4.92
C HIS F 195 29.93 -21.95 -6.02
N THR F 196 29.24 -22.40 -7.07
CA THR F 196 29.92 -23.00 -8.21
C THR F 196 30.88 -22.02 -8.87
N MET F 197 30.48 -20.89 -9.31
CA MET F 197 31.41 -19.95 -9.85
C MET F 197 32.43 -19.42 -8.94
N GLY F 198 32.19 -19.24 -7.65
CA GLY F 198 33.25 -18.81 -6.77
C GLY F 198 34.35 -19.83 -6.61
N ILE F 199 33.98 -21.09 -6.42
CA ILE F 199 35.02 -22.10 -6.26
C ILE F 199 35.76 -22.34 -7.57
N LEU F 200 35.04 -22.30 -8.70
CA LEU F 200 35.74 -22.45 -9.97
C LEU F 200 36.73 -21.31 -10.19
N SER F 201 36.37 -20.08 -9.82
CA SER F 201 37.33 -18.98 -9.86
C SER F 201 38.51 -19.19 -8.94
N THR F 202 38.31 -19.75 -7.75
CA THR F 202 39.42 -19.94 -6.83
C THR F 202 40.35 -21.07 -7.28
N ILE F 203 39.84 -22.30 -7.37
CA ILE F 203 40.76 -23.40 -7.62
C ILE F 203 41.01 -23.61 -9.11
N GLY F 204 40.24 -22.95 -9.97
CA GLY F 204 40.53 -23.06 -11.39
C GLY F 204 41.72 -22.25 -11.85
N THR F 205 42.04 -21.18 -11.14
CA THR F 205 43.07 -20.25 -11.56
C THR F 205 44.41 -20.48 -10.90
N ASN F 206 44.60 -21.50 -10.09
CA ASN F 206 45.86 -21.78 -9.52
C ASN F 206 46.88 -22.03 -10.56
N ALA F 207 48.11 -21.63 -10.33
CA ALA F 207 49.12 -21.71 -11.38
C ALA F 207 49.38 -23.16 -11.80
N SER F 208 49.83 -24.00 -10.87
CA SER F 208 50.18 -25.37 -11.24
C SER F 208 49.91 -26.44 -10.19
N GLN F 209 49.29 -26.22 -9.04
CA GLN F 209 49.03 -27.23 -8.05
C GLN F 209 47.60 -27.20 -7.67
N GLY F 210 46.98 -28.31 -7.52
CA GLY F 210 45.67 -28.44 -6.94
C GLY F 210 44.57 -27.70 -7.68
N ARG F 211 44.51 -27.83 -8.99
CA ARG F 211 43.54 -27.12 -9.79
C ARG F 211 42.59 -28.12 -10.44
N LEU F 212 41.33 -27.72 -10.53
CA LEU F 212 40.30 -28.45 -11.25
C LEU F 212 40.09 -27.76 -12.59
N HIS F 213 40.19 -28.51 -13.68
CA HIS F 213 40.03 -27.94 -15.00
C HIS F 213 39.25 -28.89 -15.90
N GLN F 214 39.11 -28.49 -17.16
CA GLN F 214 38.23 -29.16 -18.10
C GLN F 214 38.78 -30.49 -18.61
N GLY F 215 40.04 -30.78 -18.37
CA GLY F 215 40.59 -32.06 -18.76
C GLY F 215 40.59 -33.12 -17.70
N ASP F 216 39.98 -32.89 -16.54
CA ASP F 216 40.01 -33.81 -15.41
C ASP F 216 38.92 -34.86 -15.52
N ILE F 217 39.06 -35.91 -14.72
CA ILE F 217 38.05 -36.95 -14.55
C ILE F 217 37.69 -37.03 -13.08
N TYR F 218 36.42 -36.85 -12.76
CA TYR F 218 35.98 -36.64 -11.38
C TYR F 218 35.32 -37.88 -10.80
N MET F 219 35.74 -38.25 -9.58
CA MET F 219 35.01 -39.30 -8.88
C MET F 219 34.86 -38.96 -7.41
N PRO F 220 33.63 -38.81 -6.92
CA PRO F 220 33.43 -38.49 -5.50
C PRO F 220 33.77 -39.66 -4.57
N ILE F 221 34.27 -39.41 -3.37
CA ILE F 221 34.44 -40.45 -2.35
C ILE F 221 33.99 -39.83 -1.01
N THR F 222 33.04 -38.88 -1.01
CA THR F 222 32.48 -38.28 0.22
C THR F 222 31.02 -38.27 -0.11
N PRO F 223 30.12 -38.67 0.83
CA PRO F 223 28.70 -38.81 0.45
C PRO F 223 28.00 -37.68 -0.22
N MET F 224 27.12 -38.01 -1.15
CA MET F 224 26.35 -36.99 -1.84
C MET F 224 25.25 -36.46 -1.04
N PHE F 225 25.01 -36.99 0.15
CA PHE F 225 24.01 -36.39 1.02
C PHE F 225 24.61 -35.50 2.09
N HIS F 226 25.93 -35.33 2.15
CA HIS F 226 26.48 -34.60 3.28
C HIS F 226 26.46 -33.08 3.11
N VAL F 227 27.20 -32.54 2.16
CA VAL F 227 27.25 -31.08 2.02
C VAL F 227 27.10 -30.65 0.58
N HIS F 228 26.24 -31.33 -0.18
CA HIS F 228 26.18 -31.22 -1.63
C HIS F 228 27.36 -31.92 -2.28
N ALA F 229 27.96 -32.87 -1.59
CA ALA F 229 29.25 -33.42 -1.98
C ALA F 229 30.26 -32.32 -2.26
N TRP F 230 30.39 -31.38 -1.32
CA TRP F 230 31.26 -30.21 -1.42
C TRP F 230 30.98 -29.37 -2.66
N GLY F 231 29.80 -29.54 -3.26
CA GLY F 231 29.43 -28.82 -4.46
C GLY F 231 30.13 -29.31 -5.71
N LEU F 232 30.84 -30.43 -5.64
CA LEU F 232 31.69 -30.82 -6.75
C LEU F 232 30.90 -31.42 -7.90
N PRO F 233 29.81 -32.18 -7.62
CA PRO F 233 28.97 -32.62 -8.70
C PRO F 233 28.45 -31.47 -9.57
N TYR F 234 28.16 -30.30 -9.06
CA TYR F 234 27.75 -29.15 -9.84
C TYR F 234 28.90 -28.58 -10.66
N MET F 235 30.09 -28.41 -10.09
CA MET F 235 31.23 -27.92 -10.79
C MET F 235 31.70 -28.85 -11.85
N ALA F 236 31.64 -30.14 -11.67
CA ALA F 236 32.03 -31.09 -12.70
C ALA F 236 31.09 -31.00 -13.89
N THR F 237 29.80 -31.00 -13.63
CA THR F 237 28.83 -30.86 -14.70
C THR F 237 29.06 -29.56 -15.46
N MET F 238 29.19 -28.43 -14.78
CA MET F 238 29.50 -27.16 -15.41
C MET F 238 30.75 -27.28 -16.30
N LEU F 239 31.80 -28.02 -15.90
CA LEU F 239 32.97 -28.12 -16.74
C LEU F 239 32.83 -29.15 -17.85
N GLY F 240 31.80 -29.99 -17.82
CA GLY F 240 31.59 -31.00 -18.83
C GLY F 240 32.63 -32.09 -18.86
N VAL F 241 33.16 -32.46 -17.72
CA VAL F 241 34.20 -33.47 -17.66
C VAL F 241 33.55 -34.83 -17.38
N LYS F 242 34.32 -35.88 -17.59
CA LYS F 242 33.86 -37.23 -17.30
C LYS F 242 33.66 -37.41 -15.81
N GLN F 243 32.57 -38.05 -15.39
CA GLN F 243 32.20 -38.25 -14.00
C GLN F 243 31.99 -39.70 -13.74
N VAL F 244 32.71 -40.30 -12.81
CA VAL F 244 32.62 -41.70 -12.42
C VAL F 244 31.98 -41.80 -11.03
N TYR F 245 30.89 -42.56 -10.83
CA TYR F 245 30.21 -42.71 -9.55
C TYR F 245 30.42 -44.12 -9.05
N PRO F 246 31.03 -44.30 -7.87
CA PRO F 246 31.43 -45.63 -7.45
C PRO F 246 30.34 -46.43 -6.78
N GLY F 247 29.27 -45.80 -6.35
CA GLY F 247 28.21 -46.49 -5.59
C GLY F 247 28.54 -46.55 -4.11
N LYS F 248 28.58 -47.75 -3.56
CA LYS F 248 28.96 -47.96 -2.18
C LYS F 248 30.47 -48.06 -2.08
N TYR F 249 31.05 -47.37 -1.10
CA TYR F 249 32.52 -47.26 -1.04
C TYR F 249 33.09 -48.57 -0.52
N VAL F 250 33.78 -49.28 -1.40
CA VAL F 250 34.61 -50.42 -1.03
C VAL F 250 36.00 -50.16 -1.58
N PRO F 251 37.05 -50.23 -0.75
CA PRO F 251 38.38 -49.82 -1.24
C PRO F 251 38.87 -50.54 -2.47
N ASP F 252 38.65 -51.84 -2.60
CA ASP F 252 39.10 -52.54 -3.81
C ASP F 252 38.39 -52.01 -5.04
N VAL F 253 37.08 -51.84 -4.94
CA VAL F 253 36.32 -51.31 -6.07
C VAL F 253 36.78 -49.90 -6.40
N LEU F 254 37.04 -49.08 -5.37
CA LEU F 254 37.49 -47.72 -5.60
C LEU F 254 38.84 -47.68 -6.31
N LEU F 255 39.78 -48.51 -5.86
CA LEU F 255 41.10 -48.54 -6.49
C LEU F 255 41.01 -49.00 -7.93
N ASN F 256 40.17 -49.99 -8.19
CA ASN F 256 39.97 -50.42 -9.57
C ASN F 256 39.38 -49.30 -10.41
N LEU F 257 38.43 -48.54 -9.86
CA LEU F 257 37.84 -47.47 -10.66
C LEU F 257 38.86 -46.39 -10.97
N ILE F 258 39.71 -46.06 -9.98
CA ILE F 258 40.76 -45.09 -10.24
C ILE F 258 41.70 -45.58 -11.32
N GLU F 259 42.10 -46.86 -11.27
CA GLU F 259 43.03 -47.37 -12.27
C GLU F 259 42.39 -47.44 -13.65
N GLN F 260 41.15 -47.92 -13.73
CA GLN F 260 40.54 -48.25 -15.00
C GLN F 260 39.94 -47.03 -15.70
N GLU F 261 39.28 -46.17 -14.96
CA GLU F 261 38.68 -44.98 -15.56
C GLU F 261 39.62 -43.79 -15.55
N LYS F 262 40.80 -43.92 -14.98
CA LYS F 262 41.83 -42.87 -14.97
C LYS F 262 41.35 -41.61 -14.29
N VAL F 263 40.94 -41.74 -13.03
CA VAL F 263 40.41 -40.62 -12.26
C VAL F 263 41.56 -39.68 -11.89
N THR F 264 41.29 -38.37 -11.92
CA THR F 264 42.30 -37.39 -11.60
C THR F 264 41.90 -36.37 -10.55
N PHE F 265 40.66 -36.39 -10.06
CA PHE F 265 40.21 -35.45 -9.05
C PHE F 265 39.17 -36.10 -8.16
N SER F 266 39.37 -36.02 -6.85
CA SER F 266 38.46 -36.63 -5.89
C SER F 266 38.41 -35.78 -4.63
N HIS F 267 37.44 -36.10 -3.78
CA HIS F 267 37.41 -35.61 -2.41
C HIS F 267 37.10 -36.80 -1.50
N CYS F 268 37.65 -36.79 -0.30
CA CYS F 268 37.36 -37.84 0.66
C CYS F 268 37.67 -37.31 2.06
N VAL F 269 37.67 -38.22 3.03
CA VAL F 269 37.96 -37.90 4.43
C VAL F 269 39.13 -38.76 4.86
N PRO F 270 39.84 -38.38 5.92
CA PRO F 270 41.10 -39.05 6.25
C PRO F 270 40.98 -40.56 6.42
N THR F 271 39.86 -41.05 6.96
CA THR F 271 39.75 -42.49 7.22
C THR F 271 39.75 -43.30 5.92
N ILE F 272 38.98 -42.87 4.94
CA ILE F 272 38.91 -43.59 3.68
C ILE F 272 40.23 -43.50 2.93
N LEU F 273 40.89 -42.34 3.00
CA LEU F 273 42.20 -42.22 2.37
C LEU F 273 43.21 -43.14 3.02
N HIS F 274 43.20 -43.25 4.34
CA HIS F 274 44.08 -44.19 5.01
C HIS F 274 43.79 -45.62 4.59
N LEU F 275 42.50 -45.95 4.43
CA LEU F 275 42.15 -47.29 3.95
C LEU F 275 42.67 -47.54 2.54
N LEU F 276 42.54 -46.57 1.65
CA LEU F 276 43.01 -46.76 0.28
C LEU F 276 44.51 -46.92 0.23
N LEU F 277 45.25 -46.08 0.95
CA LEU F 277 46.71 -46.13 0.88
C LEU F 277 47.25 -47.38 1.56
N SER F 278 46.60 -47.85 2.62
CA SER F 278 47.08 -49.02 3.35
C SER F 278 46.58 -50.34 2.75
N SER F 279 45.80 -50.30 1.69
CA SER F 279 45.37 -51.53 1.03
C SER F 279 46.57 -52.19 0.34
N PRO F 280 46.59 -53.52 0.26
CA PRO F 280 47.68 -54.19 -0.48
C PRO F 280 47.58 -53.98 -1.99
N LYS F 281 46.38 -53.98 -2.55
CA LYS F 281 46.21 -53.77 -3.98
C LYS F 281 46.71 -52.39 -4.42
N SER F 282 46.90 -51.47 -3.49
CA SER F 282 47.36 -50.13 -3.80
C SER F 282 48.87 -50.04 -3.95
N LYS F 283 49.60 -51.12 -3.68
CA LYS F 283 51.06 -51.04 -3.74
C LYS F 283 51.58 -51.00 -5.16
N ALA F 284 50.82 -51.51 -6.12
CA ALA F 284 51.25 -51.60 -7.51
C ALA F 284 50.46 -50.65 -8.39
N MET F 285 50.01 -49.55 -7.82
CA MET F 285 49.14 -48.63 -8.53
C MET F 285 49.83 -47.28 -8.70
N ASP F 286 49.72 -46.72 -9.90
CA ASP F 286 50.24 -45.39 -10.15
C ASP F 286 49.26 -44.33 -9.67
N PHE F 287 49.76 -43.43 -8.82
CA PHE F 287 48.92 -42.45 -8.16
C PHE F 287 49.30 -41.03 -8.51
N SER F 288 50.17 -40.82 -9.48
CA SER F 288 50.87 -39.54 -9.61
C SER F 288 50.11 -38.56 -10.49
N GLY F 289 48.84 -38.82 -10.74
CA GLY F 289 48.04 -37.90 -11.51
C GLY F 289 46.73 -37.60 -10.81
N TRP F 290 46.68 -37.95 -9.53
CA TRP F 290 45.48 -37.90 -8.71
C TRP F 290 45.59 -36.76 -7.71
N LYS F 291 44.47 -36.08 -7.47
CA LYS F 291 44.41 -34.84 -6.69
C LYS F 291 43.27 -34.83 -5.69
N VAL F 292 43.35 -35.66 -4.64
CA VAL F 292 42.31 -35.65 -3.62
C VAL F 292 42.39 -34.40 -2.73
N VAL F 293 41.24 -33.80 -2.47
CA VAL F 293 41.07 -32.78 -1.45
C VAL F 293 40.40 -33.41 -0.23
N ILE F 294 40.99 -33.23 0.96
CA ILE F 294 40.52 -33.85 2.19
C ILE F 294 39.85 -32.83 3.07
N GLY F 295 38.54 -32.88 3.15
CA GLY F 295 37.80 -31.99 4.00
C GLY F 295 37.07 -32.82 4.98
N GLY F 296 36.32 -32.18 5.85
CA GLY F 296 35.52 -32.90 6.81
C GLY F 296 36.18 -33.15 8.12
N ALA F 297 37.51 -33.19 8.22
CA ALA F 297 38.08 -33.42 9.45
C ALA F 297 39.43 -32.95 9.18
N ALA F 298 40.19 -32.77 10.22
CA ALA F 298 41.53 -32.37 10.08
C ALA F 298 42.40 -33.40 9.42
N LEU F 299 43.08 -33.06 8.36
CA LEU F 299 44.03 -33.96 7.71
C LEU F 299 45.29 -34.06 8.58
N PRO F 300 45.65 -35.23 9.09
CA PRO F 300 46.85 -35.34 9.90
C PRO F 300 48.14 -35.33 9.08
N LYS F 301 49.18 -34.75 9.69
CA LYS F 301 50.44 -34.56 8.98
C LYS F 301 51.06 -35.89 8.57
N ALA F 302 50.86 -36.94 9.37
CA ALA F 302 51.43 -38.24 9.03
C ALA F 302 50.76 -38.83 7.79
N LEU F 303 49.44 -38.73 7.70
CA LEU F 303 48.73 -39.16 6.51
C LEU F 303 49.13 -38.32 5.30
N CYS F 304 49.25 -37.01 5.48
CA CYS F 304 49.66 -36.15 4.39
C CYS F 304 51.04 -36.55 3.88
N LYS F 305 51.98 -36.83 4.78
CA LYS F 305 53.31 -37.23 4.37
C LYS F 305 53.28 -38.57 3.65
N SER F 306 52.51 -39.53 4.15
CA SER F 306 52.46 -40.84 3.50
C SER F 306 51.86 -40.72 2.10
N ALA F 307 50.87 -39.85 1.93
CA ALA F 307 50.30 -39.62 0.61
C ALA F 307 51.25 -38.89 -0.32
N LEU F 308 52.04 -37.93 0.12
CA LEU F 308 52.93 -37.22 -0.75
C LEU F 308 54.08 -38.03 -1.18
N GLU F 309 54.40 -39.17 -0.56
CA GLU F 309 55.44 -40.04 -1.08
C GLU F 309 54.96 -41.00 -2.15
N ARG F 310 53.66 -41.14 -2.34
CA ARG F 310 53.10 -41.82 -3.50
C ARG F 310 52.86 -40.89 -4.66
N ASP F 311 53.22 -39.61 -4.53
CA ASP F 311 53.09 -38.61 -5.57
C ASP F 311 51.65 -38.15 -5.76
N ILE F 312 50.87 -38.12 -4.68
CA ILE F 312 49.49 -37.69 -4.72
C ILE F 312 49.46 -36.21 -4.37
N ASP F 313 48.72 -35.42 -5.14
CA ASP F 313 48.51 -34.00 -4.85
C ASP F 313 47.38 -33.90 -3.86
N VAL F 314 47.71 -34.06 -2.56
CA VAL F 314 46.76 -34.03 -1.43
C VAL F 314 46.70 -32.63 -0.86
N PHE F 315 45.54 -32.13 -0.51
CA PHE F 315 45.40 -30.83 0.08
C PHE F 315 44.15 -30.84 0.87
N ALA F 316 44.02 -29.97 1.84
CA ALA F 316 42.84 -29.88 2.65
C ALA F 316 41.87 -28.76 2.34
N GLY F 317 40.62 -28.86 2.81
CA GLY F 317 39.64 -27.81 2.64
C GLY F 317 38.75 -27.78 3.86
N TYR F 318 38.06 -26.66 4.02
CA TYR F 318 37.28 -26.39 5.22
C TYR F 318 35.87 -25.93 4.87
N GLY F 319 34.90 -26.48 5.57
CA GLY F 319 33.51 -26.06 5.43
C GLY F 319 32.58 -26.89 6.28
N MET F 320 31.35 -26.45 6.41
CA MET F 320 30.36 -27.05 7.25
C MET F 320 29.05 -27.09 6.58
N SER F 321 28.05 -27.69 7.21
CA SER F 321 26.70 -27.75 6.68
C SER F 321 26.05 -26.39 6.52
N GLU F 322 26.34 -25.45 7.40
CA GLU F 322 25.75 -24.13 7.37
C GLU F 322 26.38 -23.21 6.34
N THR F 323 27.49 -23.61 5.72
CA THR F 323 28.30 -22.70 4.96
C THR F 323 28.72 -23.22 3.59
N GLY F 324 27.77 -23.47 2.69
CA GLY F 324 28.13 -23.73 1.31
C GLY F 324 28.27 -25.15 0.78
N PRO F 325 29.33 -25.93 1.06
CA PRO F 325 30.16 -25.88 2.24
C PRO F 325 31.47 -25.19 2.21
N ILE F 326 32.01 -24.72 1.14
CA ILE F 326 33.43 -24.39 1.13
C ILE F 326 33.68 -22.97 1.60
N LEU F 327 34.62 -22.81 2.49
CA LEU F 327 35.08 -21.52 2.99
C LEU F 327 36.56 -21.28 2.74
N SER F 328 37.39 -22.31 2.77
CA SER F 328 38.82 -22.14 2.59
C SER F 328 39.43 -23.42 2.03
N ILE F 329 40.52 -23.28 1.29
CA ILE F 329 41.28 -24.38 0.72
C ILE F 329 42.76 -24.04 0.82
N VAL F 330 43.63 -25.02 0.92
CA VAL F 330 45.04 -24.86 0.87
C VAL F 330 45.47 -24.69 -0.55
N GLN F 331 46.11 -23.56 -0.92
CA GLN F 331 46.67 -23.39 -2.25
C GLN F 331 48.12 -22.94 -2.09
N LEU F 332 49.03 -23.58 -2.81
CA LEU F 332 50.47 -23.45 -2.59
C LEU F 332 51.12 -22.63 -3.69
N THR F 333 51.98 -21.68 -3.31
CA THR F 333 52.71 -20.86 -4.27
C THR F 333 53.86 -21.62 -4.91
N PRO F 334 54.32 -21.14 -6.08
CA PRO F 334 55.45 -21.85 -6.65
C PRO F 334 56.67 -22.05 -5.78
N GLU F 335 56.88 -21.23 -4.77
CA GLU F 335 58.00 -21.39 -3.88
C GLU F 335 57.72 -22.45 -2.84
N GLN F 336 56.49 -22.51 -2.35
CA GLN F 336 56.08 -23.52 -1.40
C GLN F 336 56.05 -24.91 -2.01
N LEU F 337 55.99 -25.00 -3.33
CA LEU F 337 56.10 -26.28 -4.02
C LEU F 337 57.54 -26.76 -4.15
N GLU F 338 58.52 -25.89 -3.85
CA GLU F 338 59.92 -26.27 -3.87
C GLU F 338 60.39 -26.91 -2.58
N LEU F 339 59.59 -26.87 -1.52
CA LEU F 339 59.96 -27.37 -0.22
C LEU F 339 59.93 -28.88 -0.25
N ASP F 340 60.56 -29.55 0.72
CA ASP F 340 60.54 -31.00 0.80
C ASP F 340 59.29 -31.48 1.54
N VAL F 341 59.14 -32.80 1.59
CA VAL F 341 57.86 -33.42 1.94
C VAL F 341 57.40 -33.03 3.34
N ASP F 342 58.32 -32.62 4.21
CA ASP F 342 57.91 -32.24 5.56
C ASP F 342 57.37 -30.82 5.62
N GLN F 343 58.05 -29.90 5.03
CA GLN F 343 57.56 -28.61 5.03
C GLN F 343 56.31 -28.64 4.18
N GLN F 344 56.18 -29.43 3.10
CA GLN F 344 54.95 -29.59 2.34
C GLN F 344 53.83 -30.09 3.23
N ALA F 345 54.05 -31.20 3.92
CA ALA F 345 53.03 -31.82 4.75
C ALA F 345 52.53 -30.88 5.83
N GLU F 346 53.37 -29.95 6.27
CA GLU F 346 52.91 -28.92 7.21
C GLU F 346 51.88 -28.01 6.56
N TYR F 347 52.19 -27.47 5.39
CA TYR F 347 51.29 -26.53 4.73
C TYR F 347 50.02 -27.19 4.26
N ARG F 348 50.14 -28.40 3.69
CA ARG F 348 49.00 -29.04 3.07
C ARG F 348 47.95 -29.45 4.09
N SER F 349 48.35 -29.62 5.35
CA SER F 349 47.45 -30.02 6.41
C SER F 349 46.74 -28.85 7.08
N LYS F 350 47.07 -27.62 6.73
CA LYS F 350 46.39 -26.48 7.31
C LYS F 350 44.95 -26.41 6.80
N THR F 351 44.14 -25.60 7.47
CA THR F 351 42.75 -25.46 7.06
C THR F 351 42.66 -24.73 5.71
N GLY F 352 43.56 -23.80 5.47
CA GLY F 352 43.70 -23.16 4.18
C GLY F 352 43.54 -21.65 4.26
N LYS F 353 43.50 -21.05 3.08
CA LYS F 353 43.12 -19.65 2.96
C LYS F 353 41.70 -19.53 2.45
N LYS F 354 41.04 -18.43 2.80
CA LYS F 354 39.67 -18.22 2.38
C LYS F 354 39.56 -18.01 0.88
N VAL F 355 38.44 -18.41 0.31
CA VAL F 355 38.20 -18.40 -1.12
C VAL F 355 37.61 -17.08 -1.56
N ALA F 356 37.41 -16.91 -2.87
CA ALA F 356 36.86 -15.67 -3.38
C ALA F 356 35.53 -15.35 -2.72
N LEU F 357 35.40 -14.10 -2.26
CA LEU F 357 34.16 -13.53 -1.74
C LEU F 357 33.83 -13.98 -0.32
N VAL F 358 34.83 -14.32 0.48
CA VAL F 358 34.65 -14.79 1.85
C VAL F 358 35.40 -13.84 2.77
N GLU F 359 34.81 -13.51 3.92
CA GLU F 359 35.43 -12.58 4.86
C GLU F 359 36.27 -13.25 5.95
N ALA F 360 35.66 -14.01 6.85
CA ALA F 360 36.42 -14.85 7.79
C ALA F 360 37.33 -14.05 8.73
N TYR F 361 36.73 -13.54 9.80
CA TYR F 361 37.47 -12.98 10.95
C TYR F 361 37.57 -13.97 12.11
N ILE F 362 38.55 -13.77 13.03
CA ILE F 362 38.66 -14.56 14.30
C ILE F 362 38.27 -13.56 15.37
N VAL F 363 37.43 -13.93 16.30
CA VAL F 363 36.88 -12.99 17.27
C VAL F 363 36.87 -13.58 18.65
N ASP F 364 36.67 -12.76 19.67
CA ASP F 364 36.52 -13.24 21.05
C ASP F 364 35.05 -13.41 21.45
N GLU F 365 34.73 -13.64 22.70
CA GLU F 365 33.37 -13.95 23.15
C GLU F 365 32.45 -12.75 23.06
N ASP F 366 32.99 -11.53 23.14
CA ASP F 366 32.23 -10.32 23.03
C ASP F 366 32.36 -9.72 21.65
N MET F 367 32.79 -10.46 20.60
CA MET F 367 32.76 -10.03 19.20
C MET F 367 33.79 -8.94 18.90
N ASN F 368 34.95 -9.03 19.54
CA ASN F 368 36.09 -8.19 19.23
C ASN F 368 37.00 -8.96 18.31
N LYS F 369 37.59 -8.28 17.33
CA LYS F 369 38.39 -8.93 16.30
C LYS F 369 39.83 -9.07 16.76
N LEU F 370 40.34 -10.28 16.79
CA LEU F 370 41.63 -10.56 17.28
C LEU F 370 42.66 -10.48 16.17
N PRO F 371 43.92 -10.15 16.53
CA PRO F 371 44.94 -10.00 15.49
C PRO F 371 45.29 -11.33 14.82
N HIS F 372 45.75 -11.22 13.58
CA HIS F 372 46.22 -12.39 12.82
C HIS F 372 47.73 -12.56 12.98
N ASP F 373 48.12 -12.72 14.25
CA ASP F 373 49.53 -12.76 14.61
C ASP F 373 50.13 -14.15 14.43
N GLY F 374 49.31 -15.19 14.41
CA GLY F 374 49.82 -16.53 14.22
C GLY F 374 49.64 -17.43 15.41
N GLU F 375 49.23 -16.88 16.54
CA GLU F 375 49.02 -17.66 17.74
C GLU F 375 47.81 -17.25 18.58
N THR F 376 47.32 -16.02 18.45
CA THR F 376 46.10 -15.63 19.17
C THR F 376 44.91 -16.37 18.58
N ALA F 377 44.17 -17.08 19.41
CA ALA F 377 43.06 -17.90 18.94
C ALA F 377 41.72 -17.28 19.30
N GLY F 378 40.71 -17.60 18.50
CA GLY F 378 39.37 -17.11 18.72
C GLY F 378 38.44 -17.85 17.78
N GLU F 379 37.16 -17.56 17.89
CA GLU F 379 36.17 -18.25 17.07
C GLU F 379 36.12 -17.61 15.68
N ILE F 380 36.03 -18.46 14.67
CA ILE F 380 35.92 -18.01 13.28
C ILE F 380 34.49 -17.59 12.99
N VAL F 381 34.33 -16.40 12.43
CA VAL F 381 33.03 -15.89 12.00
C VAL F 381 33.18 -15.44 10.56
N VAL F 382 32.14 -15.66 9.75
CA VAL F 382 32.27 -15.52 8.31
C VAL F 382 31.11 -14.76 7.71
N ARG F 383 31.37 -14.21 6.54
CA ARG F 383 30.36 -13.63 5.67
C ARG F 383 30.67 -14.12 4.26
N ALA F 384 29.69 -14.66 3.57
CA ALA F 384 29.89 -15.19 2.24
C ALA F 384 28.57 -15.16 1.49
N PRO F 385 28.62 -15.33 0.17
CA PRO F 385 27.38 -15.32 -0.62
C PRO F 385 26.54 -16.58 -0.52
N TRP F 386 27.00 -17.63 0.18
CA TRP F 386 26.29 -18.89 0.19
C TRP F 386 26.10 -19.49 1.57
N LEU F 387 25.65 -18.70 2.53
CA LEU F 387 25.44 -19.15 3.89
C LEU F 387 23.95 -19.28 4.16
N THR F 388 23.57 -20.26 4.98
CA THR F 388 22.16 -20.41 5.34
C THR F 388 21.75 -19.26 6.28
N PRO F 389 20.62 -18.62 6.04
CA PRO F 389 20.26 -17.45 6.85
C PRO F 389 19.76 -17.80 8.24
N ASN F 390 19.29 -19.01 8.44
CA ASN F 390 18.77 -19.45 9.73
C ASN F 390 18.60 -20.97 9.64
N TYR F 391 18.15 -21.56 10.73
CA TYR F 391 17.72 -22.95 10.75
C TYR F 391 16.24 -23.03 10.45
N TYR F 392 15.86 -24.00 9.65
CA TYR F 392 14.47 -24.11 9.23
C TYR F 392 13.56 -24.31 10.44
N LYS F 393 12.48 -23.52 10.51
CA LYS F 393 11.48 -23.60 11.57
C LYS F 393 12.10 -23.43 12.95
N ASP F 394 13.01 -22.48 13.10
CA ASP F 394 13.79 -22.35 14.32
C ASP F 394 14.14 -20.89 14.55
N ASN F 395 14.00 -20.42 15.79
CA ASN F 395 14.20 -19.02 16.10
C ASN F 395 15.34 -18.78 17.07
N LYS F 396 15.32 -19.40 18.24
CA LYS F 396 16.36 -19.11 19.23
C LYS F 396 17.73 -19.60 18.77
N ASN F 397 17.80 -20.79 18.17
CA ASN F 397 19.06 -21.29 17.66
C ASN F 397 19.53 -20.46 16.47
N SER F 398 18.59 -19.99 15.66
CA SER F 398 18.94 -19.12 14.54
C SER F 398 19.55 -17.81 15.01
N LYS F 399 19.00 -17.23 16.09
CA LYS F 399 19.57 -15.99 16.62
C LYS F 399 21.02 -16.19 17.05
N ALA F 400 21.31 -17.34 17.65
CA ALA F 400 22.67 -17.61 18.10
C ALA F 400 23.60 -17.90 16.93
N LEU F 401 23.05 -18.44 15.84
CA LEU F 401 23.87 -18.71 14.65
C LEU F 401 24.43 -17.41 14.05
N TRP F 402 23.64 -16.35 14.05
CA TRP F 402 24.01 -15.10 13.39
C TRP F 402 24.28 -13.97 14.38
N ARG F 403 24.71 -14.29 15.59
CA ARG F 403 24.95 -13.28 16.61
C ARG F 403 26.03 -12.30 16.19
N GLY F 404 25.74 -11.01 16.34
CA GLY F 404 26.67 -9.96 16.02
C GLY F 404 26.78 -9.61 14.56
N GLY F 405 25.89 -10.11 13.72
CA GLY F 405 25.95 -9.85 12.29
C GLY F 405 26.89 -10.73 11.50
N TYR F 406 27.43 -11.79 12.09
CA TYR F 406 28.30 -12.73 11.42
C TYR F 406 27.83 -14.13 11.72
N LEU F 407 28.18 -15.07 10.85
CA LEU F 407 27.83 -16.46 11.08
C LEU F 407 28.91 -17.13 11.92
N HIS F 408 28.48 -17.80 12.98
CA HIS F 408 29.40 -18.40 13.95
C HIS F 408 29.62 -19.86 13.58
N THR F 409 30.86 -20.21 13.26
CA THR F 409 31.15 -21.57 12.82
C THR F 409 31.27 -22.55 13.97
N GLY F 410 31.62 -22.09 15.16
CA GLY F 410 31.86 -22.97 16.28
C GLY F 410 33.25 -23.55 16.35
N ASP F 411 34.19 -23.08 15.54
CA ASP F 411 35.55 -23.59 15.54
C ASP F 411 36.51 -22.51 16.00
N VAL F 412 37.57 -22.93 16.68
CA VAL F 412 38.55 -22.05 17.30
C VAL F 412 39.86 -22.22 16.55
N ALA F 413 40.39 -21.11 16.04
CA ALA F 413 41.57 -21.13 15.18
C ALA F 413 42.35 -19.84 15.35
N HIS F 414 43.59 -19.86 14.90
CA HIS F 414 44.39 -18.67 14.69
C HIS F 414 44.73 -18.54 13.22
N ILE F 415 44.99 -17.32 12.78
CA ILE F 415 45.28 -16.99 11.39
C ILE F 415 46.67 -16.38 11.31
N ASP F 416 47.42 -16.79 10.29
CA ASP F 416 48.72 -16.20 10.01
C ASP F 416 48.59 -14.83 9.37
N ASP F 417 49.70 -14.09 9.37
CA ASP F 417 49.74 -12.80 8.69
C ASP F 417 49.65 -12.94 7.19
N GLU F 418 49.97 -14.13 6.66
CA GLU F 418 49.81 -14.40 5.24
C GLU F 418 48.47 -15.04 4.90
N GLY F 419 47.62 -15.31 5.88
CA GLY F 419 46.26 -15.75 5.64
C GLY F 419 45.98 -17.21 5.89
N PHE F 420 46.96 -17.98 6.36
CA PHE F 420 46.71 -19.38 6.63
C PHE F 420 45.96 -19.55 7.94
N ILE F 421 44.89 -20.34 7.90
CA ILE F 421 44.02 -20.58 9.04
C ILE F 421 44.35 -21.96 9.59
N LYS F 422 44.50 -22.06 10.90
CA LYS F 422 44.77 -23.33 11.56
C LYS F 422 43.72 -23.52 12.64
N ILE F 423 42.79 -24.44 12.41
CA ILE F 423 41.76 -24.72 13.39
C ILE F 423 42.37 -25.48 14.56
N THR F 424 42.11 -25.00 15.77
CA THR F 424 42.75 -25.52 16.97
C THR F 424 41.80 -26.37 17.82
N ASP F 425 40.49 -26.10 17.88
CA ASP F 425 39.56 -26.94 18.60
C ASP F 425 38.17 -26.48 18.31
N ARG F 426 37.18 -26.91 19.07
CA ARG F 426 35.80 -26.42 19.03
C ARG F 426 35.58 -25.41 20.16
N VAL F 427 34.57 -24.58 19.98
CA VAL F 427 34.25 -23.59 21.01
C VAL F 427 33.75 -24.28 22.27
N LYS F 428 32.88 -25.26 22.10
CA LYS F 428 32.34 -25.98 23.25
C LYS F 428 33.41 -26.80 23.95
N ASP F 429 34.34 -27.37 23.19
CA ASP F 429 35.33 -28.26 23.77
C ASP F 429 36.45 -27.54 24.50
N MET F 430 36.57 -26.23 24.35
CA MET F 430 37.61 -25.47 25.02
C MET F 430 37.44 -25.58 26.52
N ILE F 431 38.53 -25.86 27.22
CA ILE F 431 38.51 -25.94 28.68
C ILE F 431 38.66 -24.54 29.24
N LYS F 432 37.75 -24.15 30.13
CA LYS F 432 37.75 -22.82 30.73
C LYS F 432 38.36 -22.87 32.12
N ILE F 433 39.56 -23.43 32.21
CA ILE F 433 40.27 -23.49 33.49
C ILE F 433 40.69 -22.08 33.88
N SER F 434 40.65 -21.80 35.18
CA SER F 434 41.09 -20.51 35.73
C SER F 434 40.50 -19.36 34.91
N GLY F 435 41.34 -18.69 34.12
CA GLY F 435 40.88 -17.63 33.26
C GLY F 435 41.22 -17.86 31.80
N GLU F 436 41.96 -18.93 31.52
CA GLU F 436 42.47 -19.22 30.19
C GLU F 436 41.59 -20.20 29.44
N TRP F 437 41.99 -20.47 28.19
CA TRP F 437 41.39 -21.49 27.33
C TRP F 437 42.49 -22.34 26.70
N VAL F 438 42.74 -23.49 27.31
CA VAL F 438 43.55 -24.51 26.67
C VAL F 438 42.67 -25.31 25.72
N SER F 439 43.28 -25.86 24.66
CA SER F 439 42.62 -26.73 23.73
C SER F 439 42.69 -28.15 24.18
N SER F 440 41.58 -28.88 24.23
CA SER F 440 41.64 -30.30 24.52
C SER F 440 42.31 -31.10 23.41
N LEU F 441 42.37 -30.55 22.20
CA LEU F 441 42.91 -31.30 21.07
C LEU F 441 44.41 -31.54 21.21
N GLU F 442 45.17 -30.51 21.61
CA GLU F 442 46.62 -30.70 21.71
C GLU F 442 46.96 -31.66 22.84
N LEU F 443 46.25 -31.58 23.95
CA LEU F 443 46.47 -32.51 25.05
C LEU F 443 46.12 -33.92 24.65
N GLU F 444 44.98 -34.10 23.97
CA GLU F 444 44.61 -35.42 23.47
C GLU F 444 45.68 -35.96 22.53
N ASP F 445 46.21 -35.10 21.67
CA ASP F 445 47.21 -35.52 20.70
C ASP F 445 48.50 -35.95 21.40
N ILE F 446 48.89 -35.21 22.44
CA ILE F 446 50.04 -35.60 23.25
C ILE F 446 49.83 -36.96 23.88
N LEU F 447 48.68 -37.14 24.54
CA LEU F 447 48.45 -38.39 25.27
C LEU F 447 48.38 -39.57 24.33
N HIS F 448 47.77 -39.40 23.15
CA HIS F 448 47.69 -40.48 22.19
C HIS F 448 49.03 -40.83 21.59
N GLN F 449 50.02 -39.94 21.67
CA GLN F 449 51.35 -40.26 21.19
C GLN F 449 51.98 -41.41 21.97
N HIS F 450 51.45 -41.73 23.14
CA HIS F 450 52.03 -42.79 23.95
C HIS F 450 51.99 -44.11 23.20
N GLN F 451 53.02 -44.94 23.40
CA GLN F 451 53.11 -46.22 22.69
C GLN F 451 52.16 -47.26 23.26
N SER F 452 51.51 -46.97 24.38
CA SER F 452 50.62 -47.92 25.04
C SER F 452 49.15 -47.50 25.00
N VAL F 453 48.79 -46.49 24.20
CA VAL F 453 47.45 -45.93 24.19
C VAL F 453 46.83 -46.12 22.82
N SER F 454 45.55 -46.53 22.80
CA SER F 454 44.76 -46.62 21.57
C SER F 454 43.90 -45.38 21.36
N GLU F 455 43.21 -44.90 22.39
CA GLU F 455 42.47 -43.67 22.27
C GLU F 455 42.46 -42.94 23.60
N VAL F 456 42.29 -41.62 23.52
CA VAL F 456 42.10 -40.76 24.68
C VAL F 456 41.05 -39.72 24.34
N ALA F 457 40.26 -39.35 25.34
CA ALA F 457 39.40 -38.18 25.28
C ALA F 457 39.79 -37.26 26.41
N VAL F 458 39.67 -35.96 26.18
CA VAL F 458 39.83 -34.96 27.23
C VAL F 458 38.49 -34.24 27.39
N ILE F 459 38.03 -34.03 28.63
CA ILE F 459 36.73 -33.41 28.87
C ILE F 459 36.94 -32.41 29.98
N GLY F 460 35.96 -31.56 30.29
CA GLY F 460 36.05 -30.64 31.39
C GLY F 460 35.35 -31.21 32.59
N MET F 461 36.11 -31.65 33.59
CA MET F 461 35.61 -31.78 34.96
C MET F 461 35.64 -30.40 35.61
N PRO F 462 34.91 -30.19 36.73
CA PRO F 462 34.99 -28.90 37.42
C PRO F 462 35.97 -28.83 38.55
N HIS F 463 36.15 -27.65 39.13
CA HIS F 463 36.98 -27.49 40.29
C HIS F 463 36.45 -26.20 40.84
N ASN F 464 36.41 -26.08 42.15
CA ASN F 464 36.00 -24.83 42.75
C ASN F 464 37.18 -23.86 42.69
N LYS F 465 38.43 -24.35 42.71
CA LYS F 465 39.58 -23.45 42.79
C LYS F 465 40.06 -22.98 41.43
N TRP F 466 40.09 -23.87 40.45
CA TRP F 466 40.51 -23.54 39.06
C TRP F 466 39.32 -23.72 38.09
N GLY F 467 38.07 -23.64 38.54
CA GLY F 467 36.95 -23.69 37.57
C GLY F 467 36.89 -24.89 36.63
N GLU F 468 36.74 -24.72 35.31
CA GLU F 468 36.57 -25.89 34.39
C GLU F 468 37.95 -26.42 34.17
N VAL F 469 38.36 -27.52 34.76
CA VAL F 469 39.74 -28.02 34.75
C VAL F 469 39.76 -29.32 33.95
N PRO F 470 40.92 -29.70 33.46
CA PRO F 470 41.01 -30.83 32.52
C PRO F 470 40.79 -32.18 33.19
N LEU F 471 40.40 -33.16 32.37
CA LEU F 471 40.30 -34.55 32.78
C LEU F 471 40.46 -35.46 31.57
N ALA F 472 41.01 -36.65 31.79
CA ALA F 472 41.37 -37.57 30.72
C ALA F 472 40.63 -38.89 30.89
N LEU F 473 40.22 -39.48 29.76
CA LEU F 473 39.86 -40.88 29.67
C LEU F 473 40.80 -41.56 28.67
N VAL F 474 41.38 -42.68 29.06
CA VAL F 474 42.34 -43.40 28.24
C VAL F 474 41.90 -44.84 28.07
N THR F 475 42.11 -45.38 26.87
CA THR F 475 41.85 -46.79 26.57
C THR F 475 43.15 -47.44 26.11
N LEU F 476 43.48 -48.59 26.71
CA LEU F 476 44.73 -49.28 26.44
C LEU F 476 44.57 -50.33 25.35
N LYS F 477 45.70 -50.82 24.87
CA LYS F 477 45.76 -51.68 23.69
C LYS F 477 45.73 -53.15 24.13
N GLU F 478 46.07 -54.05 23.21
CA GLU F 478 46.05 -55.48 23.51
C GLU F 478 46.99 -55.79 24.67
N ASP F 479 46.41 -56.19 25.80
CA ASP F 479 47.19 -56.61 26.98
C ASP F 479 48.15 -55.52 27.42
N ALA F 480 47.69 -54.26 27.38
CA ALA F 480 48.51 -53.10 27.73
C ALA F 480 47.95 -52.47 29.00
N GLN F 481 48.83 -52.24 29.99
CA GLN F 481 48.43 -51.70 31.29
C GLN F 481 49.45 -50.66 31.74
N VAL F 482 49.04 -49.39 31.70
CA VAL F 482 49.83 -48.28 32.21
C VAL F 482 48.94 -47.44 33.12
N THR F 483 49.38 -47.23 34.35
CA THR F 483 48.54 -46.61 35.36
C THR F 483 48.34 -45.12 35.09
N GLU F 484 47.36 -44.56 35.85
CA GLU F 484 47.08 -43.15 35.80
C GLU F 484 48.25 -42.29 36.21
N LYS F 485 49.00 -42.67 37.22
CA LYS F 485 50.14 -41.89 37.71
C LYS F 485 51.26 -41.87 36.67
N GLU F 486 51.51 -43.02 36.04
CA GLU F 486 52.49 -43.08 34.97
C GLU F 486 52.10 -42.17 33.81
N LEU F 487 50.83 -42.18 33.42
CA LEU F 487 50.37 -41.30 32.36
C LEU F 487 50.56 -39.84 32.76
N LEU F 488 50.19 -39.53 34.01
CA LEU F 488 50.39 -38.18 34.51
C LEU F 488 51.85 -37.80 34.29
N GLY F 489 52.83 -38.60 34.75
CA GLY F 489 54.23 -38.26 34.61
C GLY F 489 54.64 -38.08 33.15
N PHE F 490 54.20 -39.00 32.29
CA PHE F 490 54.50 -38.89 30.86
C PHE F 490 54.04 -37.54 30.32
N ALA F 491 52.82 -37.11 30.67
CA ALA F 491 52.34 -35.82 30.19
C ALA F 491 53.13 -34.67 30.83
N LYS F 492 53.37 -34.77 32.14
CA LYS F 492 54.04 -33.69 32.86
C LYS F 492 55.45 -33.49 32.35
N ASP F 493 55.98 -34.47 31.61
CA ASP F 493 57.29 -34.29 31.00
C ASP F 493 57.34 -33.02 30.16
N PHE F 494 56.40 -32.87 29.22
CA PHE F 494 56.56 -31.91 28.14
C PHE F 494 56.65 -30.49 28.68
N ILE F 495 57.09 -29.56 27.83
CA ILE F 495 57.27 -28.17 28.25
C ILE F 495 56.68 -27.23 27.21
N ASN F 496 56.76 -25.92 27.47
CA ASN F 496 56.19 -24.90 26.59
C ASN F 496 54.67 -24.91 26.57
N LYS F 497 54.05 -24.63 27.71
CA LYS F 497 52.60 -24.43 27.79
C LYS F 497 52.29 -23.43 28.89
N GLY F 498 51.01 -23.06 28.98
CA GLY F 498 50.59 -21.95 29.82
C GLY F 498 50.18 -22.27 31.24
N ILE F 499 49.16 -21.48 31.72
CA ILE F 499 48.56 -21.74 33.02
C ILE F 499 49.62 -21.74 34.13
N LEU F 500 49.61 -22.73 35.03
CA LEU F 500 50.59 -22.96 36.10
C LEU F 500 51.64 -23.93 35.60
N ALA F 501 52.91 -23.56 35.78
CA ALA F 501 53.99 -24.41 35.28
C ALA F 501 53.79 -24.68 33.80
N ARG F 502 53.36 -25.88 33.36
CA ARG F 502 52.90 -26.11 31.99
C ARG F 502 51.58 -26.89 32.10
N GLU F 503 50.62 -26.59 32.97
CA GLU F 503 49.39 -27.41 33.17
C GLU F 503 49.55 -28.89 33.43
N ALA F 504 50.24 -29.27 34.51
CA ALA F 504 50.21 -30.67 34.95
C ALA F 504 50.00 -30.74 36.45
N LEU F 505 48.76 -30.55 36.88
CA LEU F 505 48.32 -31.01 38.20
C LEU F 505 46.86 -31.44 38.23
N LEU F 506 46.14 -31.37 37.10
CA LEU F 506 44.71 -31.59 37.06
C LEU F 506 44.37 -32.66 36.02
N LEU F 507 45.39 -33.39 35.52
CA LEU F 507 45.17 -34.34 34.40
C LEU F 507 44.15 -35.39 34.71
N LYS F 508 44.12 -35.95 35.91
CA LYS F 508 42.99 -36.77 36.38
C LYS F 508 42.67 -37.92 35.42
N VAL F 509 43.71 -38.50 34.84
CA VAL F 509 43.55 -39.49 33.77
C VAL F 509 42.82 -40.71 34.31
N LYS F 510 41.87 -41.22 33.53
CA LYS F 510 41.17 -42.44 33.89
C LYS F 510 41.18 -43.40 32.71
N ILE F 511 41.42 -44.68 33.00
CA ILE F 511 41.42 -45.72 31.99
C ILE F 511 40.00 -46.27 31.89
N VAL F 512 39.46 -46.27 30.69
CA VAL F 512 38.09 -46.71 30.43
C VAL F 512 38.09 -47.68 29.26
N ASP F 513 37.34 -48.77 29.40
CA ASP F 513 37.28 -49.77 28.34
C ASP F 513 36.88 -49.16 27.01
N GLU F 514 35.92 -48.24 27.03
CA GLU F 514 35.38 -47.67 25.81
C GLU F 514 35.11 -46.19 26.01
N ILE F 515 34.99 -45.47 24.91
CA ILE F 515 34.56 -44.08 24.91
C ILE F 515 33.30 -43.98 24.06
N ALA F 516 32.25 -43.38 24.61
CA ALA F 516 30.97 -43.30 23.91
C ALA F 516 31.15 -42.66 22.54
N LYS F 517 30.61 -43.31 21.52
CA LYS F 517 30.74 -42.86 20.15
C LYS F 517 29.37 -42.77 19.50
N THR F 518 29.19 -41.76 18.64
CA THR F 518 27.92 -41.57 18.01
C THR F 518 27.81 -42.56 16.87
N SER F 519 26.68 -42.55 16.20
CA SER F 519 26.50 -43.34 14.99
C SER F 519 27.40 -42.90 13.84
N VAL F 520 27.91 -41.66 13.88
CA VAL F 520 28.80 -41.14 12.85
C VAL F 520 30.22 -41.62 13.14
N GLY F 521 30.46 -42.06 14.37
CA GLY F 521 31.77 -42.55 14.75
C GLY F 521 32.60 -41.53 15.48
N LYS F 522 32.00 -40.38 15.78
CA LYS F 522 32.65 -39.31 16.51
C LYS F 522 32.37 -39.47 17.99
N VAL F 523 33.43 -39.34 18.80
CA VAL F 523 33.28 -39.55 20.24
C VAL F 523 32.21 -38.61 20.79
N ASP F 524 31.26 -39.09 21.59
CA ASP F 524 30.16 -38.25 22.13
C ASP F 524 30.65 -37.44 23.33
N LYS F 525 31.07 -36.18 23.17
CA LYS F 525 31.58 -35.45 24.33
C LYS F 525 30.43 -35.15 25.30
N LYS F 526 29.20 -35.00 24.80
CA LYS F 526 28.07 -34.65 25.66
C LYS F 526 27.75 -35.78 26.63
N GLU F 527 27.59 -37.00 26.11
CA GLU F 527 27.37 -38.17 26.95
C GLU F 527 28.59 -38.49 27.80
N LEU F 528 29.80 -38.25 27.28
CA LEU F 528 30.99 -38.50 28.08
C LEU F 528 31.00 -37.65 29.34
N ARG F 529 30.57 -36.39 29.25
CA ARG F 529 30.53 -35.48 30.43
C ARG F 529 29.22 -35.71 31.20
N LYS F 530 28.20 -36.32 30.61
CA LYS F 530 27.04 -36.75 31.38
C LYS F 530 27.35 -37.92 32.29
N LEU F 531 28.03 -38.95 31.77
CA LEU F 531 28.28 -40.16 32.56
C LEU F 531 29.20 -39.88 33.73
N HIS F 532 30.37 -39.29 33.46
CA HIS F 532 31.42 -39.18 34.46
C HIS F 532 31.16 -38.10 35.49
N LEU F 533 30.09 -37.32 35.32
CA LEU F 533 29.83 -36.15 36.14
C LEU F 533 28.62 -35.39 35.63
#